data_8SP2
#
_entry.id   8SP2
#
_cell.length_a   103.530
_cell.length_b   107.880
_cell.length_c   114.510
_cell.angle_alpha   93.429
_cell.angle_beta   97.625
_cell.angle_gamma   98.105
#
_symmetry.space_group_name_H-M   'P 1'
#
loop_
_entity.id
_entity.type
_entity.pdbx_description
1 polymer 'metformin hydrolase subunit B'
2 polymer 'metformin hydrolase subunit A'
3 non-polymer 'NICKEL (II) ION'
4 water water
#
loop_
_entity_poly.entity_id
_entity_poly.type
_entity_poly.pdbx_seq_one_letter_code
_entity_poly.pdbx_strand_id
1 'polypeptide(L)'
;MNPAKSYAHLFSPLGGDAGDNYRAPGLITFLRSAHVPLNAEALKACGAKYAFVGVPFDEGNIGKPGSEDAPREFRLITQE
YFSYWFEYNVDLHGKAVDCGDVSMPKVSPEVAHERIYRAVREVLKSGLIPIICGGDRSISITAARALSDHIGPQKKMGYM
HFGAQLDMADSWAGERNLAPCAMARITELPNLDIRNVAHLGARNAMNPKDHIDLSKERGLQYDSMFDLFDAGIYPLVERS
IDRVWSGTDAQYLGFNFNVMDSSTAPGVTSTEPGGLESREMMRIVDMIAKRGGVSVIDLTELCPIFDISGTAARLAACVI
MRLMASLAAQDGDVIDDKLRRTDLVAAE
;
A,B,C,D,E,F,K,L
2 'polypeptide(L)'
;MGLDRKTETAKWQFTPHQHRGPAEQFGENDHIYSPKLHNGSFKSRGLATFMGAPYCPPDRHKIREMGAKICFLAVPWDQG
QIVRAGASQGAAALRDATTQYFPYMFEYDVDLLSFFRVVDCGDVPTVPGNNIKSQEYTADYVTECLEGGAKVILFGGDHS
LPIPGAKALSRFTGSGKMGYLHVDCHLDAAPDWAGNLITNCSGAPRALDLPNCNARNMAHMGSRNGLNPKDWWDFYVDNE
IRVVTMSEMIERGLEVCANEIFERVKKDTDSLYFTWDTDSIDISCMPGNSAPECYGLKGREVIQLARIAGRHGCDILDIV
EFCPYFDPSQIGAKMTVNMIYHYLGSRAQTLRQQGKQPENLYFQ
;
G,H,I,J
#
loop_
_chem_comp.id
_chem_comp.type
_chem_comp.name
_chem_comp.formula
NI non-polymer 'NICKEL (II) ION' 'Ni 2'
#
# COMPACT_ATOMS: atom_id res chain seq x y z
N SER A 6 -11.17 -11.08 40.97
CA SER A 6 -11.66 -11.88 39.82
C SER A 6 -10.49 -12.24 38.90
N TYR A 7 -10.45 -13.51 38.48
CA TYR A 7 -9.31 -14.04 37.76
C TYR A 7 -9.77 -14.82 36.52
N ALA A 8 -10.78 -14.27 35.83
CA ALA A 8 -11.39 -14.96 34.69
C ALA A 8 -10.42 -15.05 33.52
N HIS A 9 -9.52 -14.06 33.41
CA HIS A 9 -8.60 -13.96 32.30
C HIS A 9 -7.52 -15.04 32.38
N LEU A 10 -7.27 -15.62 33.56
CA LEU A 10 -6.32 -16.72 33.70
C LEU A 10 -6.81 -17.98 33.02
N PHE A 11 -8.11 -18.07 32.74
CA PHE A 11 -8.72 -19.36 32.43
C PHE A 11 -9.48 -19.29 31.12
N SER A 12 -9.79 -20.48 30.58
CA SER A 12 -10.56 -20.56 29.34
C SER A 12 -11.80 -19.68 29.49
N PRO A 13 -12.15 -18.87 28.47
CA PRO A 13 -13.28 -17.93 28.58
C PRO A 13 -14.65 -18.63 28.73
N LEU A 14 -15.56 -17.98 29.47
CA LEU A 14 -16.80 -18.59 29.91
C LEU A 14 -17.89 -18.54 28.83
N GLY A 15 -18.04 -17.38 28.18
CA GLY A 15 -19.01 -17.20 27.11
C GLY A 15 -20.40 -16.83 27.61
N GLY A 16 -21.13 -16.07 26.78
CA GLY A 16 -22.50 -15.66 27.10
C GLY A 16 -22.78 -14.24 26.62
N ALA A 24 -18.55 -0.51 22.93
CA ALA A 24 -18.00 0.87 22.96
C ALA A 24 -16.67 0.90 22.22
N PRO A 25 -16.20 2.08 21.74
CA PRO A 25 -14.95 2.15 20.98
C PRO A 25 -13.71 2.00 21.86
N GLY A 26 -12.91 0.97 21.56
CA GLY A 26 -11.68 0.72 22.29
C GLY A 26 -10.53 1.60 21.81
N LEU A 27 -9.36 1.35 22.41
CA LEU A 27 -8.08 1.81 21.88
C LEU A 27 -7.20 0.60 21.65
N ILE A 28 -6.22 0.75 20.77
CA ILE A 28 -5.18 -0.25 20.61
C ILE A 28 -4.12 0.05 21.65
N THR A 29 -3.97 -0.84 22.62
CA THR A 29 -3.01 -0.66 23.69
C THR A 29 -2.16 -1.91 23.86
N PHE A 30 -0.90 -1.70 24.25
CA PHE A 30 0.00 -2.76 24.67
C PHE A 30 -0.72 -3.74 25.59
N LEU A 31 -0.95 -4.96 25.09
CA LEU A 31 -1.46 -6.07 25.91
C LEU A 31 -2.90 -5.82 26.38
N ARG A 32 -3.64 -4.97 25.65
CA ARG A 32 -4.97 -4.54 26.06
C ARG A 32 -4.89 -3.88 27.43
N SER A 33 -3.78 -3.19 27.68
CA SER A 33 -3.57 -2.39 28.86
C SER A 33 -4.62 -1.30 28.97
N ALA A 34 -4.85 -0.81 30.19
CA ALA A 34 -5.53 0.46 30.38
C ALA A 34 -4.66 1.55 29.78
N HIS A 35 -5.30 2.59 29.21
CA HIS A 35 -4.59 3.84 28.96
C HIS A 35 -4.44 4.57 30.29
N VAL A 36 -3.28 5.20 30.49
CA VAL A 36 -3.05 6.09 31.61
C VAL A 36 -2.21 7.25 31.08
N PRO A 37 -2.61 8.51 31.29
CA PRO A 37 -1.86 9.64 30.75
C PRO A 37 -0.41 9.68 31.22
N LEU A 38 0.43 10.40 30.46
CA LEU A 38 1.85 10.53 30.76
C LEU A 38 2.03 11.50 31.93
N ASN A 39 1.72 10.99 33.13
CA ASN A 39 1.64 11.80 34.33
C ASN A 39 2.15 10.97 35.52
N ALA A 40 3.14 11.50 36.24
CA ALA A 40 3.78 10.74 37.31
C ALA A 40 2.77 10.33 38.38
N GLU A 41 1.79 11.21 38.69
CA GLU A 41 0.83 10.94 39.77
C GLU A 41 -0.13 9.81 39.37
N ALA A 42 -0.69 9.92 38.16
CA ALA A 42 -1.60 8.91 37.62
C ALA A 42 -0.89 7.55 37.53
N LEU A 43 0.37 7.56 37.07
CA LEU A 43 1.11 6.33 36.81
C LEU A 43 1.41 5.62 38.13
N LYS A 44 1.85 6.37 39.13
CA LYS A 44 2.11 5.84 40.46
C LYS A 44 0.85 5.20 41.04
N ALA A 45 -0.32 5.79 40.77
CA ALA A 45 -1.58 5.36 41.36
C ALA A 45 -2.14 4.12 40.68
N CYS A 46 -1.85 3.91 39.38
CA CYS A 46 -2.57 2.92 38.58
C CYS A 46 -2.25 1.49 39.03
N GLY A 47 -1.06 1.29 39.60
CA GLY A 47 -0.66 0.03 40.22
C GLY A 47 0.07 -0.91 39.25
N ALA A 48 0.54 -0.39 38.13
CA ALA A 48 1.31 -1.16 37.15
C ALA A 48 2.81 -0.91 37.38
N LYS A 49 3.61 -1.87 36.92
CA LYS A 49 5.06 -1.83 37.05
C LYS A 49 5.69 -1.24 35.78
N TYR A 50 4.99 -1.34 34.64
CA TYR A 50 5.52 -0.91 33.36
C TYR A 50 4.54 0.04 32.67
N ALA A 51 5.10 1.02 31.94
CA ALA A 51 4.32 1.91 31.10
C ALA A 51 4.84 1.86 29.66
N PHE A 52 4.00 1.37 28.74
CA PHE A 52 4.33 1.42 27.33
C PHE A 52 4.25 2.84 26.79
N VAL A 53 5.29 3.26 26.07
CA VAL A 53 5.40 4.61 25.53
C VAL A 53 5.78 4.51 24.06
N GLY A 54 4.87 4.90 23.16
CA GLY A 54 5.12 4.75 21.75
C GLY A 54 5.87 5.97 21.26
N VAL A 55 6.82 5.78 20.35
CA VAL A 55 7.62 6.90 19.86
C VAL A 55 7.77 6.71 18.36
N PRO A 56 6.74 7.05 17.58
CA PRO A 56 6.78 6.91 16.14
C PRO A 56 7.59 8.03 15.48
N PHE A 57 8.86 8.14 15.88
CA PHE A 57 9.78 9.11 15.31
C PHE A 57 10.78 8.38 14.41
N ASP A 58 10.94 8.83 13.16
CA ASP A 58 11.84 8.16 12.23
C ASP A 58 12.83 9.15 11.59
N GLU A 59 13.05 10.30 12.20
CA GLU A 59 13.82 11.34 11.53
C GLU A 59 15.31 11.26 11.87
N GLY A 60 15.72 10.31 12.72
CA GLY A 60 17.13 9.93 12.80
C GLY A 60 17.47 8.73 11.92
N ASN A 61 16.56 8.30 11.05
CA ASN A 61 16.76 7.06 10.31
C ASN A 61 17.53 7.36 9.03
N ILE A 62 18.71 6.75 8.89
CA ILE A 62 19.55 6.87 7.70
C ILE A 62 19.26 5.77 6.67
N GLY A 63 18.37 4.83 7.03
CA GLY A 63 18.13 3.66 6.20
C GLY A 63 16.73 3.70 5.57
N LYS A 64 16.17 2.53 5.29
CA LYS A 64 14.91 2.42 4.59
C LYS A 64 13.79 2.84 5.54
N PRO A 65 12.75 3.53 5.03
CA PRO A 65 11.62 3.96 5.86
C PRO A 65 10.66 2.84 6.22
N GLY A 66 9.95 3.05 7.35
CA GLY A 66 8.89 2.15 7.80
C GLY A 66 8.73 2.06 9.33
N SER A 67 9.74 2.46 10.11
CA SER A 67 9.71 2.23 11.56
C SER A 67 8.61 3.03 12.26
N GLU A 68 8.03 4.01 11.55
CA GLU A 68 7.04 4.90 12.16
C GLU A 68 5.79 4.11 12.50
N ASP A 69 5.58 2.98 11.82
CA ASP A 69 4.39 2.20 12.02
C ASP A 69 4.59 1.09 13.06
N ALA A 70 5.81 0.97 13.59
CA ALA A 70 6.12 -0.15 14.48
C ALA A 70 5.26 -0.12 15.75
N PRO A 71 5.11 1.02 16.45
CA PRO A 71 4.34 1.06 17.71
C PRO A 71 2.91 0.54 17.57
N ARG A 72 2.23 0.92 16.49
CA ARG A 72 0.88 0.42 16.24
C ARG A 72 0.92 -1.09 15.98
N GLU A 73 1.82 -1.53 15.11
CA GLU A 73 1.87 -2.92 14.69
C GLU A 73 2.30 -3.80 15.85
N PHE A 74 3.20 -3.28 16.68
CA PHE A 74 3.61 -4.00 17.88
C PHE A 74 2.40 -4.21 18.79
N ARG A 75 1.71 -3.11 19.11
CA ARG A 75 0.55 -3.19 20.00
C ARG A 75 -0.44 -4.24 19.49
N LEU A 76 -0.76 -4.22 18.19
CA LEU A 76 -1.78 -5.10 17.65
C LEU A 76 -1.43 -6.56 17.94
N ILE A 77 -0.19 -6.95 17.68
CA ILE A 77 0.20 -8.35 17.87
C ILE A 77 0.04 -8.73 19.34
N THR A 78 0.34 -7.80 20.26
CA THR A 78 0.26 -8.10 21.67
C THR A 78 -1.18 -8.32 22.15
N GLN A 79 -2.17 -7.79 21.43
CA GLN A 79 -3.57 -7.92 21.82
C GLN A 79 -4.01 -9.38 21.75
N GLU A 80 -3.32 -10.19 20.94
CA GLU A 80 -3.72 -11.56 20.67
C GLU A 80 -3.39 -12.48 21.85
N TYR A 81 -2.46 -12.09 22.71
CA TYR A 81 -1.88 -13.01 23.67
C TYR A 81 -2.68 -12.99 24.97
N PHE A 82 -2.96 -14.18 25.51
CA PHE A 82 -3.40 -14.31 26.88
C PHE A 82 -2.30 -13.79 27.81
N SER A 83 -2.69 -13.45 29.04
CA SER A 83 -1.82 -12.73 29.94
C SER A 83 -1.14 -13.71 30.90
N TYR A 84 -1.52 -14.99 30.83
CA TYR A 84 -0.94 -15.97 31.75
C TYR A 84 0.07 -16.82 31.03
N TRP A 85 1.27 -16.93 31.64
CA TRP A 85 2.39 -17.64 31.08
C TRP A 85 2.70 -18.87 31.93
N PHE A 86 2.25 -20.05 31.50
CA PHE A 86 2.32 -21.24 32.35
C PHE A 86 3.77 -21.59 32.66
N GLU A 87 4.67 -21.28 31.73
CA GLU A 87 6.07 -21.61 31.87
C GLU A 87 6.64 -20.90 33.09
N TYR A 88 6.07 -19.75 33.49
CA TYR A 88 6.58 -18.98 34.61
C TYR A 88 5.59 -18.91 35.77
N ASN A 89 4.37 -19.41 35.56
CA ASN A 89 3.32 -19.31 36.57
C ASN A 89 3.07 -17.84 36.91
N VAL A 90 3.07 -16.97 35.90
CA VAL A 90 2.93 -15.54 36.13
C VAL A 90 1.80 -15.04 35.25
N ASP A 91 1.09 -14.02 35.74
CA ASP A 91 0.05 -13.34 35.00
C ASP A 91 0.47 -11.87 34.82
N LEU A 92 0.33 -11.36 33.59
CA LEU A 92 0.78 -10.01 33.26
C LEU A 92 -0.37 -9.01 33.35
N HIS A 93 -1.60 -9.49 33.54
CA HIS A 93 -2.73 -8.60 33.65
C HIS A 93 -2.43 -7.55 34.71
N GLY A 94 -2.60 -6.27 34.32
CA GLY A 94 -2.46 -5.14 35.22
C GLY A 94 -1.03 -4.68 35.40
N LYS A 95 -0.06 -5.48 34.90
CA LYS A 95 1.34 -5.21 35.17
C LYS A 95 1.84 -4.05 34.33
N ALA A 96 1.14 -3.75 33.22
CA ALA A 96 1.53 -2.66 32.36
C ALA A 96 0.32 -1.77 32.08
N VAL A 97 0.61 -0.51 31.75
CA VAL A 97 -0.36 0.37 31.14
C VAL A 97 0.26 0.97 29.87
N ASP A 98 -0.59 1.52 29.01
CA ASP A 98 -0.15 2.17 27.79
C ASP A 98 -0.38 3.67 27.92
N CYS A 99 0.69 4.47 27.77
CA CYS A 99 0.59 5.92 27.84
C CYS A 99 0.40 6.55 26.45
N GLY A 100 0.11 5.72 25.44
CA GLY A 100 -0.08 6.23 24.09
C GLY A 100 1.24 6.62 23.45
N ASP A 101 1.21 7.52 22.47
CA ASP A 101 2.38 7.95 21.73
C ASP A 101 2.80 9.35 22.17
N VAL A 102 4.11 9.56 22.32
CA VAL A 102 4.67 10.89 22.52
C VAL A 102 4.27 11.75 21.34
N SER A 103 3.54 12.83 21.61
CA SER A 103 3.18 13.81 20.60
C SER A 103 4.43 14.56 20.15
N MET A 104 4.80 14.43 18.87
CA MET A 104 6.02 15.03 18.35
C MET A 104 5.69 15.70 17.02
N PRO A 105 6.34 16.84 16.70
CA PRO A 105 6.17 17.46 15.38
C PRO A 105 7.01 16.76 14.33
N LYS A 106 6.58 16.89 13.07
CA LYS A 106 7.38 16.48 11.93
C LYS A 106 8.32 17.63 11.54
N VAL A 107 9.53 17.26 11.08
CA VAL A 107 10.49 18.18 10.49
C VAL A 107 11.05 19.13 11.55
N SER A 108 10.98 18.73 12.83
CA SER A 108 11.71 19.43 13.87
C SER A 108 12.23 18.42 14.89
N PRO A 109 13.35 17.72 14.58
CA PRO A 109 13.82 16.64 15.44
C PRO A 109 14.22 17.13 16.84
N GLU A 110 14.81 18.33 16.92
CA GLU A 110 15.27 18.89 18.19
C GLU A 110 14.12 18.90 19.19
N VAL A 111 12.94 19.33 18.74
CA VAL A 111 11.79 19.49 19.61
C VAL A 111 11.21 18.11 19.91
N ALA A 112 11.21 17.22 18.91
CA ALA A 112 10.71 15.87 19.09
C ALA A 112 11.50 15.18 20.19
N HIS A 113 12.83 15.25 20.12
CA HIS A 113 13.70 14.67 21.13
C HIS A 113 13.40 15.26 22.51
N GLU A 114 13.24 16.58 22.61
CA GLU A 114 12.88 17.23 23.86
C GLU A 114 11.61 16.59 24.44
N ARG A 115 10.62 16.30 23.59
CA ARG A 115 9.36 15.75 24.08
C ARG A 115 9.52 14.29 24.49
N ILE A 116 10.41 13.56 23.83
CA ILE A 116 10.71 12.18 24.22
C ILE A 116 11.38 12.22 25.59
N TYR A 117 12.38 13.11 25.72
CA TYR A 117 13.09 13.31 26.97
C TYR A 117 12.09 13.47 28.13
N ARG A 118 11.19 14.44 27.99
CA ARG A 118 10.25 14.77 29.05
C ARG A 118 9.35 13.59 29.36
N ALA A 119 8.88 12.88 28.34
CA ALA A 119 7.97 11.76 28.55
C ALA A 119 8.67 10.66 29.35
N VAL A 120 9.96 10.41 29.06
CA VAL A 120 10.69 9.36 29.75
C VAL A 120 10.99 9.78 31.19
N ARG A 121 11.41 11.03 31.42
CA ARG A 121 11.63 11.58 32.76
C ARG A 121 10.37 11.39 33.60
N GLU A 122 9.21 11.68 33.02
CA GLU A 122 7.95 11.57 33.73
C GLU A 122 7.72 10.13 34.18
N VAL A 123 7.84 9.15 33.28
CA VAL A 123 7.55 7.77 33.66
C VAL A 123 8.53 7.33 34.75
N LEU A 124 9.79 7.76 34.66
CA LEU A 124 10.78 7.41 35.65
C LEU A 124 10.43 8.04 37.01
N LYS A 125 9.94 9.29 37.00
CA LYS A 125 9.43 9.91 38.22
C LYS A 125 8.36 9.04 38.88
N SER A 126 7.50 8.39 38.09
CA SER A 126 6.41 7.59 38.62
C SER A 126 6.93 6.36 39.37
N GLY A 127 8.20 6.01 39.15
CA GLY A 127 8.75 4.76 39.68
C GLY A 127 8.52 3.56 38.77
N LEU A 128 7.83 3.75 37.63
CA LEU A 128 7.46 2.64 36.76
C LEU A 128 8.53 2.48 35.68
N ILE A 129 8.59 1.28 35.10
CA ILE A 129 9.58 0.98 34.06
C ILE A 129 8.98 1.38 32.71
N PRO A 130 9.55 2.35 31.98
CA PRO A 130 9.09 2.67 30.62
C PRO A 130 9.51 1.54 29.68
N ILE A 131 8.57 1.13 28.81
CA ILE A 131 8.86 0.28 27.68
C ILE A 131 8.68 1.14 26.43
N ILE A 132 9.79 1.51 25.82
CA ILE A 132 9.80 2.52 24.78
C ILE A 132 9.92 1.86 23.40
N CYS A 133 8.88 2.01 22.56
CA CYS A 133 8.86 1.37 21.26
C CYS A 133 9.00 2.40 20.14
N GLY A 134 10.15 2.33 19.43
CA GLY A 134 10.40 3.16 18.26
C GLY A 134 9.64 2.64 17.04
N GLY A 135 9.82 3.32 15.90
CA GLY A 135 10.71 4.46 15.74
C GLY A 135 12.17 4.07 15.55
N ASP A 136 13.02 5.06 15.21
CA ASP A 136 14.41 4.75 14.90
C ASP A 136 15.25 4.71 16.19
N ARG A 137 16.46 4.18 16.01
CA ARG A 137 17.40 3.86 17.07
C ARG A 137 17.86 5.11 17.83
N SER A 138 17.85 6.28 17.19
CA SER A 138 18.31 7.50 17.83
C SER A 138 17.45 7.89 19.03
N ILE A 139 16.22 7.35 19.14
CA ILE A 139 15.39 7.71 20.28
C ILE A 139 16.00 7.14 21.56
N SER A 140 16.93 6.20 21.42
CA SER A 140 17.58 5.60 22.57
C SER A 140 18.57 6.59 23.19
N ILE A 141 19.13 7.48 22.36
CA ILE A 141 20.05 8.49 22.85
C ILE A 141 19.37 9.29 23.96
N THR A 142 18.16 9.77 23.69
CA THR A 142 17.54 10.72 24.61
C THR A 142 16.79 9.99 25.72
N ALA A 143 16.43 8.71 25.52
CA ALA A 143 15.83 7.94 26.59
C ALA A 143 16.90 7.56 27.61
N ALA A 144 18.09 7.27 27.11
CA ALA A 144 19.22 6.96 27.97
C ALA A 144 19.66 8.21 28.73
N ARG A 145 19.66 9.37 28.06
CA ARG A 145 20.03 10.62 28.71
C ARG A 145 19.02 10.92 29.83
N ALA A 146 17.75 10.59 29.60
CA ALA A 146 16.72 10.80 30.60
C ALA A 146 16.99 9.97 31.85
N LEU A 147 17.47 8.73 31.68
CA LEU A 147 17.76 7.87 32.82
C LEU A 147 18.98 8.39 33.55
N SER A 148 19.97 8.84 32.78
CA SER A 148 21.22 9.36 33.32
C SER A 148 20.93 10.54 34.26
N ASP A 149 20.14 11.50 33.77
CA ASP A 149 19.74 12.66 34.54
C ASP A 149 18.83 12.27 35.70
N HIS A 150 17.95 11.27 35.50
CA HIS A 150 17.00 10.88 36.53
C HIS A 150 17.68 10.26 37.74
N ILE A 151 18.82 9.58 37.55
CA ILE A 151 19.52 8.98 38.67
C ILE A 151 20.55 9.97 39.24
N GLY A 152 20.88 11.01 38.47
CA GLY A 152 21.78 12.06 38.93
C GLY A 152 23.23 11.60 39.03
N PRO A 153 24.20 12.52 39.27
CA PRO A 153 25.61 12.18 39.24
C PRO A 153 26.09 11.36 40.44
N GLN A 154 25.22 11.17 41.43
CA GLN A 154 25.55 10.33 42.58
C GLN A 154 25.59 8.85 42.18
N LYS A 155 24.87 8.48 41.11
CA LYS A 155 24.54 7.08 40.87
C LYS A 155 25.35 6.51 39.71
N LYS A 156 25.31 5.18 39.61
CA LYS A 156 25.97 4.44 38.55
C LYS A 156 24.92 3.76 37.68
N MET A 157 25.02 4.00 36.37
CA MET A 157 24.11 3.44 35.40
C MET A 157 24.82 2.31 34.64
N GLY A 158 24.06 1.26 34.30
CA GLY A 158 24.50 0.22 33.38
C GLY A 158 23.67 0.26 32.09
N TYR A 159 24.29 -0.11 30.95
CA TYR A 159 23.65 -0.09 29.64
C TYR A 159 23.94 -1.40 28.91
N MET A 160 22.88 -2.08 28.44
CA MET A 160 23.04 -3.25 27.58
C MET A 160 22.12 -3.11 26.37
N HIS A 161 22.71 -3.22 25.18
CA HIS A 161 21.98 -3.12 23.92
C HIS A 161 22.28 -4.33 23.04
N PHE A 162 21.25 -4.92 22.44
CA PHE A 162 21.42 -5.98 21.48
C PHE A 162 21.22 -5.39 20.09
N GLY A 163 22.16 -5.65 19.18
CA GLY A 163 22.01 -5.28 17.78
C GLY A 163 23.21 -5.70 16.94
N ALA A 164 22.98 -5.73 15.61
CA ALA A 164 23.98 -6.12 14.64
C ALA A 164 24.92 -4.96 14.32
N GLN A 165 24.58 -3.73 14.72
CA GLN A 165 25.32 -2.53 14.38
C GLN A 165 25.84 -1.84 15.64
N LEU A 166 27.11 -1.43 15.62
CA LEU A 166 27.70 -0.82 16.81
C LEU A 166 27.11 0.57 17.03
N ASP A 167 26.81 1.29 15.93
CA ASP A 167 26.26 2.64 16.00
C ASP A 167 27.21 3.53 16.79
N MET A 168 28.49 3.50 16.40
CA MET A 168 29.53 4.25 17.06
C MET A 168 30.11 5.26 16.06
N ALA A 169 29.24 5.93 15.30
CA ALA A 169 29.63 7.09 14.49
C ALA A 169 29.70 8.33 15.39
N ASP A 170 30.93 8.83 15.58
CA ASP A 170 31.12 10.13 16.22
C ASP A 170 30.21 11.15 15.54
N SER A 171 30.24 11.14 14.21
CA SER A 171 29.27 11.89 13.44
C SER A 171 28.93 11.15 12.14
N TRP A 172 27.74 11.45 11.59
CA TRP A 172 27.23 10.84 10.38
C TRP A 172 26.61 11.95 9.52
N ALA A 173 27.15 12.14 8.31
CA ALA A 173 26.76 13.23 7.42
C ALA A 173 26.92 14.59 8.10
N GLY A 174 27.95 14.74 8.95
CA GLY A 174 28.15 15.96 9.70
C GLY A 174 27.15 16.12 10.83
N GLU A 175 26.30 15.10 11.08
CA GLU A 175 25.34 15.20 12.16
C GLU A 175 25.80 14.34 13.35
N ARG A 176 25.19 14.53 14.52
CA ARG A 176 25.70 13.94 15.75
C ARG A 176 24.65 13.13 16.52
N ASN A 177 23.38 13.19 16.12
CA ASN A 177 22.33 12.53 16.88
C ASN A 177 21.46 11.65 15.99
N LEU A 178 22.04 11.13 14.91
CA LEU A 178 21.34 10.19 14.05
C LEU A 178 21.46 8.76 14.61
N ALA A 179 20.72 7.79 14.02
CA ALA A 179 20.69 6.44 14.55
C ALA A 179 22.08 5.84 14.71
N PRO A 180 22.96 5.91 13.69
CA PRO A 180 24.27 5.29 13.81
C PRO A 180 25.28 6.04 14.69
N CYS A 181 24.80 7.11 15.35
CA CYS A 181 25.57 7.85 16.34
C CYS A 181 25.21 7.42 17.76
N ALA A 182 24.18 6.57 17.90
CA ALA A 182 23.47 6.41 19.15
C ALA A 182 24.41 5.96 20.27
N MET A 183 25.32 5.04 19.95
CA MET A 183 26.22 4.47 20.93
C MET A 183 27.34 5.46 21.28
N ALA A 184 27.80 6.23 20.27
CA ALA A 184 28.80 7.26 20.48
C ALA A 184 28.31 8.31 21.47
N ARG A 185 27.00 8.63 21.44
CA ARG A 185 26.44 9.60 22.38
C ARG A 185 26.21 8.95 23.73
N ILE A 186 25.65 7.74 23.74
CA ILE A 186 25.25 7.11 25.00
C ILE A 186 26.47 6.84 25.87
N THR A 187 27.62 6.51 25.26
CA THR A 187 28.82 6.22 26.02
C THR A 187 29.55 7.50 26.45
N GLU A 188 28.96 8.69 26.20
CA GLU A 188 29.49 9.94 26.73
C GLU A 188 28.70 10.38 27.96
N LEU A 189 27.70 9.59 28.38
CA LEU A 189 26.93 9.97 29.54
C LEU A 189 27.81 9.86 30.79
N PRO A 190 27.84 10.90 31.64
CA PRO A 190 28.85 11.03 32.70
C PRO A 190 28.85 9.93 33.75
N ASN A 191 27.67 9.40 34.11
CA ASN A 191 27.53 8.38 35.15
C ASN A 191 27.40 6.98 34.54
N LEU A 192 27.80 6.81 33.29
CA LEU A 192 27.80 5.49 32.67
C LEU A 192 29.24 5.14 32.33
N ASP A 193 29.84 4.30 33.16
CA ASP A 193 31.20 3.87 32.95
C ASP A 193 31.21 2.84 31.81
N ILE A 194 32.18 2.99 30.90
CA ILE A 194 32.29 2.13 29.73
C ILE A 194 32.31 0.66 30.18
N ARG A 195 32.86 0.40 31.38
CA ARG A 195 32.96 -0.96 31.89
C ARG A 195 31.59 -1.53 32.23
N ASN A 196 30.58 -0.66 32.40
CA ASN A 196 29.21 -1.08 32.69
C ASN A 196 28.33 -1.07 31.43
N VAL A 197 28.97 -1.10 30.25
CA VAL A 197 28.27 -1.01 28.98
C VAL A 197 28.46 -2.33 28.23
N ALA A 198 27.35 -2.90 27.74
CA ALA A 198 27.41 -4.11 26.95
C ALA A 198 26.77 -3.86 25.60
N HIS A 199 27.36 -4.43 24.55
CA HIS A 199 26.75 -4.40 23.24
C HIS A 199 26.92 -5.75 22.56
N LEU A 200 25.80 -6.43 22.24
CA LEU A 200 25.84 -7.83 21.83
C LEU A 200 25.21 -8.01 20.45
N GLY A 201 25.99 -8.56 19.53
CA GLY A 201 25.47 -9.16 18.32
C GLY A 201 26.05 -8.56 17.04
N ALA A 202 27.05 -7.67 17.18
CA ALA A 202 27.55 -6.92 16.04
C ALA A 202 28.11 -7.89 15.00
N ARG A 203 27.71 -7.69 13.75
CA ARG A 203 28.23 -8.53 12.69
C ARG A 203 27.93 -7.82 11.37
N ASN A 204 28.51 -8.44 10.30
CA ASN A 204 28.38 -8.02 8.92
C ASN A 204 28.88 -6.59 8.79
N ALA A 205 28.69 -5.99 7.60
CA ALA A 205 29.54 -4.91 7.16
C ALA A 205 28.93 -3.52 7.39
N MET A 206 27.85 -3.40 8.19
CA MET A 206 27.29 -2.09 8.53
C MET A 206 27.93 -1.61 9.83
N ASN A 207 29.24 -1.50 9.76
CA ASN A 207 30.08 -1.36 10.93
C ASN A 207 31.40 -0.81 10.41
N PRO A 208 31.41 0.49 10.00
CA PRO A 208 32.57 1.06 9.34
C PRO A 208 33.74 1.18 10.32
N LYS A 209 34.95 1.38 9.76
CA LYS A 209 36.18 1.30 10.51
C LYS A 209 36.19 2.32 11.64
N ASP A 210 35.58 3.50 11.48
CA ASP A 210 35.62 4.49 12.55
C ASP A 210 34.81 4.00 13.75
N HIS A 211 33.81 3.13 13.54
CA HIS A 211 33.01 2.63 14.65
C HIS A 211 33.88 1.73 15.53
N ILE A 212 34.71 0.92 14.87
CA ILE A 212 35.67 0.04 15.52
C ILE A 212 36.73 0.90 16.23
N ASP A 213 37.36 1.84 15.50
CA ASP A 213 38.39 2.73 16.05
C ASP A 213 37.91 3.37 17.34
N LEU A 214 36.74 4.02 17.30
CA LEU A 214 36.24 4.72 18.48
C LEU A 214 35.98 3.72 19.60
N SER A 215 35.51 2.52 19.26
CA SER A 215 35.19 1.50 20.24
C SER A 215 36.45 1.12 21.03
N LYS A 216 37.55 0.87 20.29
CA LYS A 216 38.85 0.57 20.87
C LYS A 216 39.31 1.75 21.73
N GLU A 217 39.29 2.95 21.15
CA GLU A 217 39.71 4.15 21.83
C GLU A 217 39.03 4.27 23.19
N ARG A 218 37.72 3.99 23.26
CA ARG A 218 36.99 4.20 24.49
C ARG A 218 36.91 2.92 25.32
N GLY A 219 37.36 1.79 24.78
CA GLY A 219 37.25 0.52 25.48
C GLY A 219 35.81 0.01 25.61
N LEU A 220 35.01 0.16 24.55
CA LEU A 220 33.74 -0.54 24.45
C LEU A 220 34.02 -2.02 24.26
N GLN A 221 33.60 -2.85 25.22
CA GLN A 221 33.90 -4.27 25.18
C GLN A 221 32.72 -4.99 24.54
N TYR A 222 32.51 -4.76 23.24
CA TYR A 222 31.34 -5.30 22.58
C TYR A 222 31.54 -6.80 22.35
N ASP A 223 30.43 -7.54 22.38
CA ASP A 223 30.42 -8.97 22.09
C ASP A 223 29.90 -9.15 20.67
N SER A 224 30.80 -9.22 19.70
CA SER A 224 30.42 -9.46 18.33
C SER A 224 29.70 -10.82 18.23
N MET A 225 28.96 -11.04 17.14
CA MET A 225 28.22 -12.28 17.01
C MET A 225 29.20 -13.43 16.88
N PHE A 226 30.34 -13.19 16.20
CA PHE A 226 31.38 -14.21 16.08
C PHE A 226 31.94 -14.58 17.46
N ASP A 227 32.27 -13.58 18.30
CA ASP A 227 32.65 -13.81 19.68
C ASP A 227 31.62 -14.70 20.36
N LEU A 228 30.33 -14.36 20.19
CA LEU A 228 29.27 -15.06 20.88
C LEU A 228 29.19 -16.52 20.40
N PHE A 229 29.14 -16.74 19.09
CA PHE A 229 29.11 -18.12 18.58
C PHE A 229 30.32 -18.92 19.07
N ASP A 230 31.51 -18.31 19.06
CA ASP A 230 32.74 -18.99 19.44
C ASP A 230 32.63 -19.50 20.87
N ALA A 231 31.97 -18.72 21.73
CA ALA A 231 31.86 -19.00 23.16
C ALA A 231 30.60 -19.81 23.50
N GLY A 232 29.82 -20.26 22.50
CA GLY A 232 28.54 -20.90 22.79
C GLY A 232 27.47 -19.93 23.30
N ILE A 233 27.71 -18.63 23.14
CA ILE A 233 26.78 -17.55 23.42
C ILE A 233 26.68 -17.31 24.91
N TYR A 234 26.06 -18.22 25.66
CA TYR A 234 25.55 -17.87 26.98
C TYR A 234 26.68 -17.55 27.97
N PRO A 235 27.80 -18.31 27.97
CA PRO A 235 28.97 -17.97 28.81
C PRO A 235 29.44 -16.52 28.70
N LEU A 236 29.40 -15.98 27.48
CA LEU A 236 29.90 -14.63 27.24
C LEU A 236 28.84 -13.61 27.62
N VAL A 237 27.57 -13.95 27.35
CA VAL A 237 26.46 -13.07 27.72
C VAL A 237 26.45 -12.88 29.25
N GLU A 238 26.63 -13.98 29.98
CA GLU A 238 26.59 -13.93 31.45
C GLU A 238 27.64 -12.96 31.97
N ARG A 239 28.85 -13.01 31.41
CA ARG A 239 29.92 -12.10 31.77
C ARG A 239 29.49 -10.65 31.60
N SER A 240 28.82 -10.36 30.47
CA SER A 240 28.45 -8.99 30.13
C SER A 240 27.23 -8.53 30.92
N ILE A 241 26.33 -9.45 31.27
CA ILE A 241 25.26 -9.16 32.21
C ILE A 241 25.85 -8.72 33.54
N ASP A 242 26.91 -9.39 33.98
CA ASP A 242 27.50 -9.09 35.27
C ASP A 242 28.12 -7.70 35.24
N ARG A 243 28.86 -7.39 34.17
CA ARG A 243 29.45 -6.07 34.03
C ARG A 243 28.40 -4.97 34.07
N VAL A 244 27.16 -5.25 33.61
CA VAL A 244 26.13 -4.22 33.47
C VAL A 244 25.36 -4.08 34.78
N TRP A 245 25.09 -5.20 35.47
CA TRP A 245 24.21 -5.20 36.64
C TRP A 245 24.97 -5.13 37.97
N SER A 246 26.20 -5.66 38.04
CA SER A 246 26.95 -5.65 39.30
C SER A 246 27.52 -4.26 39.58
N GLY A 247 27.05 -3.65 40.67
CA GLY A 247 27.57 -2.39 41.14
C GLY A 247 26.92 -1.18 40.46
N THR A 248 25.72 -1.37 39.86
CA THR A 248 25.01 -0.27 39.24
C THR A 248 23.69 -0.07 39.96
N ASP A 249 23.21 1.18 39.93
CA ASP A 249 21.97 1.58 40.57
C ASP A 249 20.78 1.43 39.62
N ALA A 250 21.02 1.65 38.32
CA ALA A 250 19.97 1.55 37.31
C ALA A 250 20.54 0.96 36.01
N GLN A 251 19.70 0.24 35.27
CA GLN A 251 20.13 -0.44 34.05
C GLN A 251 19.18 -0.14 32.90
N TYR A 252 19.80 0.17 31.75
CA TYR A 252 19.09 0.40 30.50
C TYR A 252 19.28 -0.85 29.63
N LEU A 253 18.16 -1.37 29.12
CA LEU A 253 18.19 -2.53 28.24
C LEU A 253 17.49 -2.15 26.93
N GLY A 254 18.21 -2.31 25.82
CA GLY A 254 17.67 -1.94 24.52
C GLY A 254 17.88 -3.02 23.46
N PHE A 255 16.99 -3.05 22.47
CA PHE A 255 16.93 -4.06 21.44
C PHE A 255 16.68 -3.41 20.10
N ASN A 256 17.62 -3.64 19.17
CA ASN A 256 17.35 -3.58 17.75
C ASN A 256 17.24 -5.04 17.34
N PHE A 257 16.09 -5.47 16.82
CA PHE A 257 15.89 -6.90 16.59
C PHE A 257 16.58 -7.39 15.33
N ASN A 258 17.40 -6.54 14.71
CA ASN A 258 18.35 -7.09 13.74
C ASN A 258 19.50 -7.80 14.46
N VAL A 259 19.55 -7.75 15.81
CA VAL A 259 20.38 -8.74 16.50
C VAL A 259 20.02 -10.17 16.06
N MET A 260 18.75 -10.39 15.72
CA MET A 260 18.24 -11.74 15.46
C MET A 260 18.63 -12.11 14.04
N ASP A 261 18.68 -13.41 13.77
CA ASP A 261 18.81 -13.93 12.43
C ASP A 261 17.69 -13.36 11.58
N SER A 262 18.00 -13.05 10.31
CA SER A 262 17.04 -12.58 9.35
C SER A 262 15.76 -13.42 9.32
N SER A 263 15.93 -14.73 9.43
CA SER A 263 14.83 -15.69 9.37
C SER A 263 13.77 -15.37 10.42
N THR A 264 14.19 -14.97 11.63
CA THR A 264 13.21 -14.64 12.67
C THR A 264 12.94 -13.15 12.76
N ALA A 265 13.63 -12.32 11.97
CA ALA A 265 13.44 -10.88 12.06
C ALA A 265 13.66 -10.25 10.69
N PRO A 266 12.79 -10.54 9.71
CA PRO A 266 12.82 -9.82 8.43
C PRO A 266 12.34 -8.37 8.57
N GLY A 267 11.29 -8.18 9.37
CA GLY A 267 10.61 -6.90 9.45
C GLY A 267 11.31 -5.96 10.40
N VAL A 268 12.53 -5.57 10.03
CA VAL A 268 13.34 -4.60 10.76
C VAL A 268 13.98 -3.71 9.71
N THR A 269 14.42 -2.53 10.14
CA THR A 269 14.97 -1.50 9.25
C THR A 269 16.13 -2.06 8.43
N SER A 270 16.98 -2.85 9.09
CA SER A 270 18.19 -3.33 8.46
C SER A 270 18.44 -4.78 8.87
N THR A 271 17.77 -5.75 8.22
CA THR A 271 17.89 -7.15 8.61
C THR A 271 19.33 -7.56 8.50
N GLU A 272 19.75 -8.57 9.25
CA GLU A 272 21.11 -9.10 9.11
C GLU A 272 21.09 -10.63 9.22
N PRO A 273 21.59 -11.39 8.21
CA PRO A 273 21.71 -12.84 8.33
C PRO A 273 22.73 -13.27 9.40
N GLY A 274 22.58 -14.50 9.94
CA GLY A 274 23.59 -15.10 10.81
C GLY A 274 23.60 -14.55 12.25
N GLY A 275 22.41 -14.35 12.83
CA GLY A 275 22.27 -13.78 14.17
C GLY A 275 21.64 -14.80 15.11
N LEU A 276 21.15 -14.27 16.25
CA LEU A 276 20.53 -15.08 17.27
C LEU A 276 19.26 -15.73 16.73
N GLU A 277 18.97 -16.95 17.21
CA GLU A 277 17.69 -17.59 16.92
C GLU A 277 16.79 -17.38 18.14
N SER A 278 15.48 -17.57 17.95
CA SER A 278 14.45 -17.21 18.91
C SER A 278 14.69 -17.83 20.28
N ARG A 279 14.90 -19.15 20.34
CA ARG A 279 15.14 -19.86 21.59
C ARG A 279 16.38 -19.33 22.31
N GLU A 280 17.38 -18.81 21.57
CA GLU A 280 18.58 -18.28 22.17
C GLU A 280 18.29 -16.96 22.88
N MET A 281 17.50 -16.11 22.23
CA MET A 281 17.14 -14.83 22.85
C MET A 281 16.25 -15.08 24.07
N MET A 282 15.41 -16.13 24.04
CA MET A 282 14.56 -16.51 25.17
C MET A 282 15.41 -16.87 26.39
N ARG A 283 16.44 -17.68 26.15
CA ARG A 283 17.34 -18.07 27.21
C ARG A 283 18.02 -16.82 27.76
N ILE A 284 18.48 -15.95 26.87
CA ILE A 284 19.14 -14.73 27.27
C ILE A 284 18.24 -13.85 28.15
N VAL A 285 16.97 -13.75 27.79
CA VAL A 285 15.99 -13.03 28.57
C VAL A 285 15.94 -13.55 30.01
N ASP A 286 15.89 -14.86 30.20
CA ASP A 286 15.87 -15.45 31.54
C ASP A 286 17.15 -15.16 32.32
N MET A 287 18.30 -15.16 31.63
CA MET A 287 19.58 -14.85 32.24
C MET A 287 19.58 -13.40 32.73
N ILE A 288 18.97 -12.49 31.97
CA ILE A 288 18.89 -11.10 32.38
C ILE A 288 17.97 -11.00 33.60
N ALA A 289 16.86 -11.75 33.56
CA ALA A 289 15.81 -11.59 34.56
C ALA A 289 16.29 -12.04 35.93
N LYS A 290 17.27 -12.94 35.97
CA LYS A 290 17.83 -13.41 37.23
C LYS A 290 18.38 -12.27 38.07
N ARG A 291 18.70 -11.12 37.48
CA ARG A 291 19.27 -10.01 38.24
C ARG A 291 18.19 -9.14 38.87
N GLY A 292 16.91 -9.48 38.63
CA GLY A 292 15.81 -8.97 39.43
C GLY A 292 15.47 -7.49 39.19
N GLY A 293 15.73 -6.95 38.01
CA GLY A 293 15.16 -5.66 37.65
C GLY A 293 15.82 -5.01 36.44
N VAL A 294 15.09 -4.01 35.87
CA VAL A 294 15.58 -3.10 34.85
C VAL A 294 14.94 -1.74 35.09
N SER A 295 15.57 -0.67 34.59
CA SER A 295 15.05 0.68 34.77
C SER A 295 14.28 1.16 33.55
N VAL A 296 14.74 0.77 32.35
CA VAL A 296 14.17 1.18 31.07
C VAL A 296 14.38 0.03 30.08
N ILE A 297 13.32 -0.26 29.30
CA ILE A 297 13.33 -1.24 28.22
C ILE A 297 12.98 -0.50 26.94
N ASP A 298 13.83 -0.67 25.91
CA ASP A 298 13.61 -0.02 24.62
C ASP A 298 13.65 -1.09 23.53
N LEU A 299 12.85 -0.90 22.47
CA LEU A 299 12.99 -1.64 21.24
C LEU A 299 12.78 -0.66 20.09
N THR A 300 13.75 -0.58 19.17
CA THR A 300 13.66 0.31 18.03
C THR A 300 13.88 -0.45 16.74
N GLU A 301 13.50 0.19 15.62
CA GLU A 301 13.84 -0.21 14.26
C GLU A 301 13.09 -1.46 13.82
N LEU A 302 11.94 -1.78 14.46
CA LEU A 302 10.97 -2.65 13.81
C LEU A 302 10.46 -1.93 12.55
N CYS A 303 10.19 -2.69 11.49
CA CYS A 303 9.87 -2.05 10.22
C CYS A 303 8.86 -2.94 9.48
N PRO A 304 7.58 -2.83 9.86
CA PRO A 304 6.51 -3.71 9.37
C PRO A 304 6.39 -3.93 7.86
N ILE A 305 6.72 -2.92 7.05
CA ILE A 305 6.55 -3.04 5.61
C ILE A 305 7.47 -4.16 5.08
N PHE A 306 8.49 -4.58 5.85
CA PHE A 306 9.41 -5.61 5.36
C PHE A 306 9.14 -6.96 6.00
N ASP A 307 8.06 -7.09 6.80
CA ASP A 307 7.89 -8.26 7.65
C ASP A 307 7.24 -9.39 6.85
N ILE A 308 7.45 -10.62 7.31
CA ILE A 308 6.88 -11.78 6.67
C ILE A 308 5.88 -12.40 7.64
N SER A 309 4.57 -12.19 7.39
CA SER A 309 3.52 -12.69 8.27
C SER A 309 3.77 -12.32 9.73
N GLY A 310 4.17 -11.08 9.98
CA GLY A 310 4.31 -10.55 11.33
C GLY A 310 5.47 -11.16 12.11
N THR A 311 6.42 -11.84 11.45
CA THR A 311 7.39 -12.68 12.16
C THR A 311 8.22 -11.85 13.15
N ALA A 312 8.80 -10.74 12.68
CA ALA A 312 9.68 -9.91 13.52
C ALA A 312 8.90 -9.31 14.69
N ALA A 313 7.77 -8.67 14.39
CA ALA A 313 6.97 -8.01 15.41
C ALA A 313 6.49 -9.03 16.44
N ARG A 314 6.18 -10.25 15.99
CA ARG A 314 5.69 -11.30 16.87
C ARG A 314 6.83 -11.79 17.76
N LEU A 315 8.05 -11.83 17.22
CA LEU A 315 9.17 -12.24 18.03
C LEU A 315 9.47 -11.15 19.06
N ALA A 316 9.48 -9.89 18.61
CA ALA A 316 9.72 -8.79 19.53
C ALA A 316 8.75 -8.87 20.70
N ALA A 317 7.46 -9.01 20.39
CA ALA A 317 6.42 -9.10 21.40
C ALA A 317 6.68 -10.25 22.37
N CYS A 318 7.04 -11.43 21.84
CA CYS A 318 7.21 -12.59 22.68
C CYS A 318 8.44 -12.40 23.56
N VAL A 319 9.43 -11.63 23.08
CA VAL A 319 10.63 -11.37 23.86
C VAL A 319 10.29 -10.39 24.99
N ILE A 320 9.58 -9.31 24.68
CA ILE A 320 9.26 -8.31 25.68
C ILE A 320 8.36 -8.91 26.76
N MET A 321 7.41 -9.77 26.39
CA MET A 321 6.45 -10.30 27.36
C MET A 321 7.10 -11.38 28.22
N ARG A 322 8.03 -12.17 27.65
CA ARG A 322 8.68 -13.19 28.45
C ARG A 322 9.63 -12.53 29.44
N LEU A 323 10.26 -11.44 29.04
CA LEU A 323 11.07 -10.66 29.97
C LEU A 323 10.22 -10.22 31.15
N MET A 324 9.01 -9.74 30.88
CA MET A 324 8.12 -9.30 31.95
C MET A 324 7.82 -10.49 32.85
N ALA A 325 7.41 -11.61 32.23
CA ALA A 325 7.03 -12.81 32.94
C ALA A 325 8.19 -13.34 33.79
N SER A 326 9.40 -13.26 33.21
CA SER A 326 10.58 -13.83 33.82
C SER A 326 11.02 -13.01 35.04
N LEU A 327 10.93 -11.67 34.92
CA LEU A 327 11.26 -10.78 36.02
C LEU A 327 10.29 -11.00 37.18
N ALA A 328 9.01 -11.19 36.85
CA ALA A 328 8.00 -11.45 37.86
C ALA A 328 8.33 -12.74 38.60
N ALA A 329 8.72 -13.79 37.87
CA ALA A 329 8.98 -15.08 38.50
C ALA A 329 10.15 -14.92 39.48
N GLN A 330 11.17 -14.15 39.07
CA GLN A 330 12.36 -13.93 39.88
C GLN A 330 12.01 -13.17 41.17
N ASP A 331 11.02 -12.28 41.09
CA ASP A 331 10.59 -11.48 42.21
C ASP A 331 9.57 -12.24 43.05
N GLY A 332 9.31 -13.51 42.73
CA GLY A 332 8.37 -14.34 43.47
C GLY A 332 6.90 -14.00 43.19
N ASP A 333 6.63 -13.06 42.26
CA ASP A 333 5.30 -12.54 42.03
C ASP A 333 4.51 -13.49 41.12
N VAL A 334 4.30 -14.72 41.60
CA VAL A 334 3.64 -15.78 40.85
C VAL A 334 2.16 -15.85 41.27
N ILE A 335 1.43 -16.78 40.65
CA ILE A 335 0.01 -16.93 40.89
C ILE A 335 -0.20 -18.11 41.82
N ASP A 336 -1.20 -17.96 42.70
CA ASP A 336 -1.59 -18.98 43.67
C ASP A 336 -1.91 -20.27 42.94
N ASP A 337 -1.16 -21.33 43.25
CA ASP A 337 -1.33 -22.63 42.64
C ASP A 337 -2.76 -23.14 42.85
N LYS A 338 -3.39 -22.78 43.97
CA LYS A 338 -4.63 -23.41 44.42
C LYS A 338 -5.85 -22.84 43.69
N LEU A 339 -5.68 -21.71 43.03
CA LEU A 339 -6.72 -21.06 42.25
C LEU A 339 -7.20 -21.99 41.12
N ARG A 340 -8.52 -22.08 40.93
CA ARG A 340 -9.11 -22.95 39.93
C ARG A 340 -10.18 -22.17 39.18
N ARG A 341 -10.63 -22.74 38.04
CA ARG A 341 -11.52 -22.06 37.12
C ARG A 341 -12.92 -21.84 37.70
N THR A 342 -13.71 -22.91 37.86
CA THR A 342 -15.15 -22.78 38.08
C THR A 342 -15.41 -22.42 39.54
N ASP A 343 -14.94 -21.23 39.93
CA ASP A 343 -15.04 -20.75 41.30
C ASP A 343 -16.33 -19.94 41.45
N SER B 6 -53.64 17.57 -25.09
CA SER B 6 -54.23 16.46 -25.88
C SER B 6 -53.19 15.92 -26.86
N TYR B 7 -53.29 14.61 -27.15
CA TYR B 7 -52.23 13.88 -27.83
C TYR B 7 -52.81 13.05 -28.98
N ALA B 8 -53.82 13.58 -29.68
CA ALA B 8 -54.47 12.85 -30.76
C ALA B 8 -53.53 12.70 -31.95
N HIS B 9 -52.61 13.66 -32.09
CA HIS B 9 -51.68 13.69 -33.21
C HIS B 9 -50.65 12.56 -33.11
N LEU B 10 -50.42 12.00 -31.91
CA LEU B 10 -49.48 10.91 -31.73
C LEU B 10 -49.97 9.63 -32.41
N PHE B 11 -51.29 9.56 -32.69
CA PHE B 11 -51.93 8.29 -33.04
C PHE B 11 -52.68 8.42 -34.35
N SER B 12 -52.98 7.26 -34.96
CA SER B 12 -53.72 7.25 -36.20
C SER B 12 -55.00 8.06 -35.98
N PRO B 13 -55.45 8.87 -36.97
CA PRO B 13 -56.58 9.79 -36.77
C PRO B 13 -57.89 9.08 -36.43
N LEU B 14 -58.66 9.71 -35.52
CA LEU B 14 -59.92 9.19 -35.00
C LEU B 14 -61.03 9.34 -36.05
N GLY B 15 -60.98 10.44 -36.81
CA GLY B 15 -61.88 10.65 -37.93
C GLY B 15 -63.21 11.26 -37.51
N GLY B 16 -63.19 12.55 -37.16
CA GLY B 16 -64.38 13.26 -36.70
C GLY B 16 -65.23 13.77 -37.85
N ALA B 24 -61.17 27.82 -42.23
CA ALA B 24 -60.62 29.19 -42.28
C ALA B 24 -59.33 29.16 -43.09
N PRO B 25 -58.88 30.31 -43.65
CA PRO B 25 -57.71 30.33 -44.52
C PRO B 25 -56.47 29.93 -43.74
N GLY B 26 -55.72 28.97 -44.29
CA GLY B 26 -54.49 28.50 -43.67
C GLY B 26 -53.31 29.45 -43.92
N LEU B 27 -52.17 29.06 -43.37
CA LEU B 27 -50.88 29.58 -43.75
C LEU B 27 -49.94 28.39 -43.88
N ILE B 28 -48.99 28.47 -44.81
CA ILE B 28 -47.97 27.44 -44.97
C ILE B 28 -46.87 27.75 -43.97
N THR B 29 -46.70 26.84 -43.00
CA THR B 29 -45.69 26.98 -41.98
C THR B 29 -44.88 25.69 -41.86
N PHE B 30 -43.61 25.86 -41.49
CA PHE B 30 -42.75 24.76 -41.06
C PHE B 30 -43.49 23.84 -40.10
N LEU B 31 -43.77 22.61 -40.56
CA LEU B 31 -44.25 21.54 -39.72
C LEU B 31 -45.69 21.80 -39.26
N ARG B 32 -46.43 22.63 -40.00
CA ARG B 32 -47.75 23.09 -39.57
C ARG B 32 -47.64 23.75 -38.20
N SER B 33 -46.50 24.39 -37.93
CA SER B 33 -46.31 25.17 -36.73
C SER B 33 -47.31 26.32 -36.66
N ALA B 34 -47.53 26.82 -35.45
CA ALA B 34 -48.13 28.14 -35.27
C ALA B 34 -47.15 29.16 -35.84
N HIS B 35 -47.70 30.23 -36.45
CA HIS B 35 -46.93 31.43 -36.71
C HIS B 35 -46.77 32.17 -35.40
N VAL B 36 -45.60 32.81 -35.23
CA VAL B 36 -45.36 33.73 -34.12
C VAL B 36 -44.49 34.85 -34.68
N PRO B 37 -44.84 36.13 -34.50
CA PRO B 37 -44.07 37.23 -35.11
C PRO B 37 -42.61 37.19 -34.64
N LEU B 38 -41.75 37.88 -35.41
CA LEU B 38 -40.33 37.93 -35.14
C LEU B 38 -40.08 38.88 -33.98
N ASN B 39 -40.38 38.40 -32.77
CA ASN B 39 -40.48 39.22 -31.58
C ASN B 39 -39.98 38.42 -30.37
N ALA B 40 -38.97 38.95 -29.66
CA ALA B 40 -38.29 38.21 -28.60
C ALA B 40 -39.28 37.73 -27.55
N GLU B 41 -40.22 38.61 -27.16
CA GLU B 41 -41.10 38.35 -26.03
C GLU B 41 -42.14 37.31 -26.41
N ALA B 42 -42.76 37.46 -27.60
CA ALA B 42 -43.74 36.50 -28.07
C ALA B 42 -43.09 35.14 -28.22
N LEU B 43 -41.85 35.11 -28.73
CA LEU B 43 -41.14 33.87 -29.01
C LEU B 43 -40.85 33.14 -27.70
N LYS B 44 -40.29 33.87 -26.74
CA LYS B 44 -40.01 33.36 -25.40
C LYS B 44 -41.26 32.80 -24.74
N ALA B 45 -42.42 33.44 -24.96
CA ALA B 45 -43.67 33.03 -24.33
C ALA B 45 -44.29 31.79 -25.00
N CYS B 46 -44.05 31.59 -26.32
CA CYS B 46 -44.81 30.62 -27.07
C CYS B 46 -44.46 29.20 -26.64
N GLY B 47 -43.23 29.02 -26.12
CA GLY B 47 -42.83 27.78 -25.49
C GLY B 47 -42.33 26.76 -26.50
N ALA B 48 -41.82 27.25 -27.63
CA ALA B 48 -41.11 26.42 -28.59
C ALA B 48 -39.63 26.57 -28.34
N LYS B 49 -38.86 25.60 -28.86
CA LYS B 49 -37.41 25.59 -28.76
C LYS B 49 -36.78 26.16 -30.04
N TYR B 50 -37.52 26.06 -31.16
CA TYR B 50 -37.00 26.46 -32.46
C TYR B 50 -37.93 27.47 -33.12
N ALA B 51 -37.36 28.45 -33.80
CA ALA B 51 -38.12 29.34 -34.68
C ALA B 51 -37.60 29.21 -36.12
N PHE B 52 -38.47 28.76 -37.03
CA PHE B 52 -38.16 28.75 -38.45
C PHE B 52 -38.19 30.17 -39.01
N VAL B 53 -37.15 30.52 -39.77
CA VAL B 53 -37.07 31.81 -40.43
C VAL B 53 -36.78 31.58 -41.90
N GLY B 54 -37.71 31.94 -42.77
CA GLY B 54 -37.46 31.86 -44.20
C GLY B 54 -36.66 33.07 -44.65
N VAL B 55 -35.70 32.87 -45.55
CA VAL B 55 -34.88 33.93 -46.07
C VAL B 55 -34.78 33.73 -47.58
N PRO B 56 -35.85 34.06 -48.34
CA PRO B 56 -35.83 33.93 -49.80
C PRO B 56 -34.98 35.03 -50.47
N PHE B 57 -33.70 35.07 -50.15
CA PHE B 57 -32.76 36.03 -50.72
C PHE B 57 -31.77 35.30 -51.61
N ASP B 58 -31.59 35.76 -52.86
CA ASP B 58 -30.83 35.01 -53.84
C ASP B 58 -29.79 35.90 -54.54
N GLU B 59 -29.51 37.08 -53.97
CA GLU B 59 -28.71 38.06 -54.71
C GLU B 59 -27.22 37.91 -54.41
N GLY B 60 -26.83 36.98 -53.56
CA GLY B 60 -25.43 36.59 -53.45
C GLY B 60 -25.08 35.38 -54.30
N ASN B 61 -26.07 34.88 -55.08
CA ASN B 61 -25.90 33.64 -55.84
C ASN B 61 -25.16 33.91 -57.14
N ILE B 62 -24.01 33.27 -57.31
CA ILE B 62 -23.23 33.36 -58.53
C ILE B 62 -23.57 32.25 -59.52
N GLY B 63 -24.49 31.34 -59.15
CA GLY B 63 -24.75 30.15 -59.97
C GLY B 63 -26.13 30.21 -60.65
N LYS B 64 -26.73 29.03 -60.90
CA LYS B 64 -28.05 28.98 -61.51
C LYS B 64 -29.08 29.50 -60.51
N PRO B 65 -30.07 30.27 -60.97
CA PRO B 65 -31.16 30.74 -60.11
C PRO B 65 -32.17 29.67 -59.69
N GLY B 66 -32.86 29.94 -58.58
CA GLY B 66 -33.99 29.15 -58.11
C GLY B 66 -34.12 29.08 -56.59
N SER B 67 -33.08 29.43 -55.82
CA SER B 67 -33.11 29.21 -54.37
C SER B 67 -34.13 30.07 -53.63
N GLU B 68 -34.69 31.09 -54.30
CA GLU B 68 -35.67 31.97 -53.71
C GLU B 68 -36.97 31.20 -53.36
N ASP B 69 -37.22 30.10 -54.06
CA ASP B 69 -38.45 29.35 -53.84
C ASP B 69 -38.25 28.26 -52.78
N ALA B 70 -37.04 28.14 -52.23
CA ALA B 70 -36.73 27.00 -51.37
C ALA B 70 -37.54 27.05 -50.07
N PRO B 71 -37.63 28.21 -49.37
CA PRO B 71 -38.39 28.27 -48.12
C PRO B 71 -39.83 27.79 -48.26
N ARG B 72 -40.52 28.20 -49.33
CA ARG B 72 -41.87 27.73 -49.60
C ARG B 72 -41.89 26.21 -49.78
N GLU B 73 -41.02 25.70 -50.66
CA GLU B 73 -41.04 24.30 -51.01
C GLU B 73 -40.62 23.45 -49.82
N PHE B 74 -39.65 23.94 -49.06
CA PHE B 74 -39.25 23.27 -47.83
C PHE B 74 -40.44 23.13 -46.88
N ARG B 75 -41.11 24.25 -46.57
CA ARG B 75 -42.26 24.22 -45.68
C ARG B 75 -43.27 23.19 -46.18
N LEU B 76 -43.61 23.21 -47.47
CA LEU B 76 -44.69 22.35 -47.99
C LEU B 76 -44.39 20.90 -47.64
N ILE B 77 -43.15 20.45 -47.89
CA ILE B 77 -42.83 19.04 -47.70
C ILE B 77 -42.96 18.68 -46.23
N THR B 78 -42.65 19.64 -45.34
CA THR B 78 -42.71 19.38 -43.91
C THR B 78 -44.16 19.20 -43.43
N GLN B 79 -45.15 19.71 -44.18
CA GLN B 79 -46.55 19.66 -43.76
C GLN B 79 -47.04 18.21 -43.78
N GLU B 80 -46.36 17.37 -44.56
CA GLU B 80 -46.84 16.03 -44.82
C GLU B 80 -46.47 15.08 -43.68
N TYR B 81 -45.53 15.48 -42.82
CA TYR B 81 -44.97 14.57 -41.82
C TYR B 81 -45.77 14.64 -40.52
N PHE B 82 -46.10 13.47 -39.96
CA PHE B 82 -46.58 13.41 -38.59
C PHE B 82 -45.45 13.82 -37.67
N SER B 83 -45.80 14.22 -36.45
CA SER B 83 -44.88 14.90 -35.57
C SER B 83 -44.16 13.91 -34.66
N TYR B 84 -44.59 12.64 -34.68
CA TYR B 84 -44.07 11.65 -33.77
C TYR B 84 -43.10 10.70 -34.47
N TRP B 85 -41.90 10.57 -33.90
CA TRP B 85 -40.82 9.78 -34.47
C TRP B 85 -40.55 8.57 -33.60
N PHE B 86 -41.03 7.39 -34.03
CA PHE B 86 -41.00 6.21 -33.18
C PHE B 86 -39.56 5.82 -32.88
N GLU B 87 -38.65 6.13 -33.80
CA GLU B 87 -37.24 5.79 -33.64
C GLU B 87 -36.66 6.50 -32.43
N TYR B 88 -37.19 7.68 -32.08
CA TYR B 88 -36.64 8.46 -30.98
C TYR B 88 -37.61 8.58 -29.80
N ASN B 89 -38.85 8.11 -29.96
CA ASN B 89 -39.88 8.28 -28.96
C ASN B 89 -40.06 9.77 -28.65
N VAL B 90 -40.03 10.60 -29.69
CA VAL B 90 -40.12 12.04 -29.51
C VAL B 90 -41.27 12.56 -30.35
N ASP B 91 -41.93 13.61 -29.83
CA ASP B 91 -42.95 14.33 -30.55
C ASP B 91 -42.46 15.76 -30.75
N LEU B 92 -42.60 16.24 -32.00
CA LEU B 92 -42.08 17.56 -32.37
C LEU B 92 -43.17 18.62 -32.28
N HIS B 93 -44.43 18.19 -32.09
CA HIS B 93 -45.53 19.13 -31.96
C HIS B 93 -45.18 20.17 -30.90
N GLY B 94 -45.25 21.46 -31.28
CA GLY B 94 -45.07 22.55 -30.34
C GLY B 94 -43.61 22.95 -30.18
N LYS B 95 -42.69 22.13 -30.71
CA LYS B 95 -41.26 22.34 -30.47
C LYS B 95 -40.75 23.47 -31.36
N ALA B 96 -41.44 23.75 -32.48
CA ALA B 96 -41.04 24.83 -33.35
C ALA B 96 -42.21 25.77 -33.62
N VAL B 97 -41.89 27.03 -33.92
CA VAL B 97 -42.83 27.94 -34.55
C VAL B 97 -42.21 28.47 -35.84
N ASP B 98 -43.05 29.08 -36.68
CA ASP B 98 -42.61 29.69 -37.93
C ASP B 98 -42.76 31.20 -37.79
N CYS B 99 -41.66 31.94 -37.95
CA CYS B 99 -41.68 33.39 -37.90
C CYS B 99 -41.92 34.02 -39.27
N GLY B 100 -42.22 33.18 -40.27
CA GLY B 100 -42.48 33.69 -41.60
C GLY B 100 -41.17 34.00 -42.32
N ASP B 101 -41.25 34.81 -43.36
CA ASP B 101 -40.09 35.18 -44.15
C ASP B 101 -39.62 36.56 -43.68
N VAL B 102 -38.29 36.73 -43.58
CA VAL B 102 -37.68 38.03 -43.39
C VAL B 102 -38.10 38.89 -44.56
N SER B 103 -38.83 39.96 -44.28
CA SER B 103 -39.20 40.94 -45.28
C SER B 103 -37.94 41.68 -45.75
N MET B 104 -37.60 41.52 -47.03
CA MET B 104 -36.36 42.06 -47.58
C MET B 104 -36.64 42.71 -48.92
N PRO B 105 -35.92 43.80 -49.28
CA PRO B 105 -36.07 44.41 -50.59
C PRO B 105 -35.23 43.69 -51.64
N LYS B 106 -35.58 43.91 -52.90
CA LYS B 106 -34.79 43.44 -54.03
C LYS B 106 -33.85 44.56 -54.49
N VAL B 107 -32.70 44.16 -55.06
CA VAL B 107 -31.72 45.05 -55.67
C VAL B 107 -31.12 45.99 -54.63
N SER B 108 -31.24 45.63 -53.35
CA SER B 108 -30.56 46.33 -52.28
C SER B 108 -30.04 45.34 -51.24
N PRO B 109 -28.93 44.63 -51.55
CA PRO B 109 -28.43 43.59 -50.67
C PRO B 109 -28.01 44.09 -49.29
N GLU B 110 -27.41 45.28 -49.23
CA GLU B 110 -26.92 45.81 -47.95
C GLU B 110 -28.08 45.88 -46.95
N VAL B 111 -29.24 46.34 -47.40
CA VAL B 111 -30.39 46.49 -46.53
C VAL B 111 -31.00 45.11 -46.26
N ALA B 112 -30.97 44.24 -47.28
CA ALA B 112 -31.45 42.87 -47.12
C ALA B 112 -30.69 42.19 -45.99
N HIS B 113 -29.35 42.25 -46.05
CA HIS B 113 -28.49 41.65 -45.04
C HIS B 113 -28.79 42.25 -43.66
N GLU B 114 -28.94 43.58 -43.60
CA GLU B 114 -29.23 44.25 -42.34
C GLU B 114 -30.49 43.64 -41.72
N ARG B 115 -31.48 43.34 -42.56
CA ARG B 115 -32.76 42.84 -42.06
C ARG B 115 -32.63 41.39 -41.62
N ILE B 116 -31.78 40.61 -42.32
CA ILE B 116 -31.46 39.25 -41.91
C ILE B 116 -30.82 39.28 -40.53
N TYR B 117 -29.81 40.15 -40.38
CA TYR B 117 -29.09 40.32 -39.13
C TYR B 117 -30.06 40.52 -37.98
N ARG B 118 -30.96 41.50 -38.14
CA ARG B 118 -31.88 41.91 -37.09
C ARG B 118 -32.80 40.74 -36.74
N ALA B 119 -33.26 40.03 -37.76
CA ALA B 119 -34.14 38.89 -37.56
C ALA B 119 -33.46 37.83 -36.69
N VAL B 120 -32.19 37.56 -36.96
CA VAL B 120 -31.49 36.48 -36.28
C VAL B 120 -31.27 36.89 -34.82
N ARG B 121 -30.76 38.12 -34.63
CA ARG B 121 -30.55 38.70 -33.31
C ARG B 121 -31.82 38.54 -32.47
N GLU B 122 -32.97 38.89 -33.04
CA GLU B 122 -34.22 38.87 -32.30
C GLU B 122 -34.55 37.44 -31.88
N VAL B 123 -34.41 36.48 -32.82
CA VAL B 123 -34.68 35.09 -32.47
C VAL B 123 -33.74 34.66 -31.36
N LEU B 124 -32.45 35.01 -31.48
CA LEU B 124 -31.47 34.63 -30.49
C LEU B 124 -31.79 35.29 -29.15
N LYS B 125 -32.25 36.56 -29.14
CA LYS B 125 -32.69 37.23 -27.93
C LYS B 125 -33.71 36.35 -27.19
N SER B 126 -34.62 35.71 -27.93
CA SER B 126 -35.70 34.95 -27.30
C SER B 126 -35.17 33.71 -26.57
N GLY B 127 -33.96 33.26 -26.93
CA GLY B 127 -33.43 32.02 -26.40
C GLY B 127 -33.88 30.80 -27.19
N LEU B 128 -34.60 31.02 -28.30
CA LEU B 128 -34.96 29.94 -29.20
C LEU B 128 -33.84 29.76 -30.23
N ILE B 129 -33.80 28.56 -30.80
CA ILE B 129 -32.85 28.24 -31.87
C ILE B 129 -33.47 28.66 -33.19
N PRO B 130 -32.86 29.59 -33.95
CA PRO B 130 -33.31 29.88 -35.31
C PRO B 130 -32.95 28.72 -36.25
N ILE B 131 -33.94 28.28 -37.05
CA ILE B 131 -33.70 27.42 -38.20
C ILE B 131 -33.87 28.29 -39.44
N ILE B 132 -32.76 28.59 -40.11
CA ILE B 132 -32.70 29.61 -41.13
C ILE B 132 -32.63 28.94 -42.50
N CYS B 133 -33.68 29.10 -43.33
CA CYS B 133 -33.77 28.45 -44.62
C CYS B 133 -33.62 29.46 -45.76
N GLY B 134 -32.49 29.38 -46.48
CA GLY B 134 -32.27 30.19 -47.67
C GLY B 134 -33.04 29.65 -48.86
N GLY B 135 -32.88 30.27 -50.03
CA GLY B 135 -31.97 31.38 -50.27
C GLY B 135 -30.54 30.93 -50.50
N ASP B 136 -29.65 31.89 -50.86
CA ASP B 136 -28.28 31.54 -51.19
C ASP B 136 -27.43 31.52 -49.92
N ARG B 137 -26.23 30.95 -50.09
CA ARG B 137 -25.29 30.62 -49.02
C ARG B 137 -24.74 31.87 -48.32
N SER B 138 -24.75 33.04 -48.99
CA SER B 138 -24.23 34.25 -48.37
C SER B 138 -25.05 34.65 -47.15
N ILE B 139 -26.30 34.18 -47.03
CA ILE B 139 -27.09 34.54 -45.85
C ILE B 139 -26.42 33.98 -44.59
N SER B 140 -25.53 32.99 -44.74
CA SER B 140 -24.87 32.38 -43.60
C SER B 140 -23.81 33.33 -43.02
N ILE B 141 -23.23 34.20 -43.86
CA ILE B 141 -22.27 35.18 -43.40
C ILE B 141 -22.90 36.03 -42.28
N THR B 142 -24.10 36.56 -42.53
CA THR B 142 -24.64 37.56 -41.63
C THR B 142 -25.43 36.87 -40.51
N ALA B 143 -25.81 35.59 -40.70
CA ALA B 143 -26.46 34.85 -39.63
C ALA B 143 -25.41 34.42 -38.59
N ALA B 144 -24.23 34.06 -39.09
CA ALA B 144 -23.09 33.73 -38.24
C ALA B 144 -22.61 34.96 -37.49
N ARG B 145 -22.58 36.11 -38.16
CA ARG B 145 -22.19 37.35 -37.49
C ARG B 145 -23.19 37.64 -36.36
N ALA B 146 -24.48 37.36 -36.59
CA ALA B 146 -25.48 37.64 -35.58
C ALA B 146 -25.28 36.76 -34.34
N LEU B 147 -24.80 35.52 -34.51
CA LEU B 147 -24.54 34.67 -33.36
C LEU B 147 -23.29 35.19 -32.64
N SER B 148 -22.29 35.60 -33.43
CA SER B 148 -21.03 36.11 -32.93
C SER B 148 -21.27 37.28 -31.97
N ASP B 149 -22.10 38.23 -32.42
CA ASP B 149 -22.40 39.42 -31.66
C ASP B 149 -23.27 39.05 -30.45
N HIS B 150 -24.24 38.16 -30.66
CA HIS B 150 -25.20 37.80 -29.61
C HIS B 150 -24.47 37.25 -28.39
N ILE B 151 -23.48 36.38 -28.62
CA ILE B 151 -22.79 35.75 -27.52
C ILE B 151 -21.77 36.73 -26.92
N GLY B 152 -21.28 37.67 -27.73
CA GLY B 152 -20.39 38.72 -27.25
C GLY B 152 -18.94 38.27 -27.21
N PRO B 153 -17.97 39.22 -27.04
CA PRO B 153 -16.55 38.90 -27.22
C PRO B 153 -15.94 38.10 -26.07
N GLN B 154 -16.70 37.87 -25.00
CA GLN B 154 -16.20 37.08 -23.87
C GLN B 154 -16.52 35.59 -24.04
N LYS B 155 -17.39 35.24 -24.98
CA LYS B 155 -17.73 33.84 -25.21
C LYS B 155 -17.03 33.31 -26.46
N LYS B 156 -17.01 31.97 -26.60
CA LYS B 156 -16.39 31.30 -27.73
C LYS B 156 -17.46 30.57 -28.55
N MET B 157 -17.40 30.76 -29.88
CA MET B 157 -18.32 30.16 -30.82
C MET B 157 -17.64 29.01 -31.57
N GLY B 158 -18.41 27.94 -31.87
CA GLY B 158 -18.00 26.92 -32.82
C GLY B 158 -18.87 26.96 -34.08
N TYR B 159 -18.29 26.59 -35.24
CA TYR B 159 -18.97 26.61 -36.54
C TYR B 159 -18.70 25.29 -37.27
N MET B 160 -19.79 24.63 -37.72
CA MET B 160 -19.68 23.45 -38.56
C MET B 160 -20.61 23.60 -39.76
N HIS B 161 -20.04 23.48 -40.96
CA HIS B 161 -20.80 23.54 -42.20
C HIS B 161 -20.52 22.30 -43.04
N PHE B 162 -21.59 21.73 -43.61
CA PHE B 162 -21.46 20.66 -44.58
C PHE B 162 -21.69 21.26 -45.98
N GLY B 163 -20.73 21.06 -46.89
CA GLY B 163 -20.94 21.32 -48.32
C GLY B 163 -19.82 20.80 -49.22
N ALA B 164 -20.09 20.71 -50.54
CA ALA B 164 -19.12 20.28 -51.55
C ALA B 164 -18.12 21.39 -51.92
N GLN B 165 -18.40 22.64 -51.49
CA GLN B 165 -17.64 23.81 -51.92
C GLN B 165 -17.10 24.55 -50.69
N LEU B 166 -15.83 24.93 -50.72
CA LEU B 166 -15.21 25.50 -49.54
C LEU B 166 -15.72 26.90 -49.30
N ASP B 167 -16.02 27.63 -50.39
CA ASP B 167 -16.52 28.99 -50.33
C ASP B 167 -15.52 29.86 -49.58
N MET B 168 -14.25 29.79 -50.00
CA MET B 168 -13.15 30.50 -49.37
C MET B 168 -12.55 31.50 -50.36
N ALA B 169 -13.43 32.21 -51.08
CA ALA B 169 -13.01 33.34 -51.90
C ALA B 169 -12.86 34.59 -51.01
N ASP B 170 -11.62 35.04 -50.84
CA ASP B 170 -11.35 36.32 -50.20
C ASP B 170 -12.22 37.39 -50.86
N SER B 171 -12.21 37.38 -52.20
CA SER B 171 -13.16 38.15 -52.98
C SER B 171 -13.51 37.40 -54.27
N TRP B 172 -14.69 37.73 -54.81
CA TRP B 172 -15.24 37.13 -56.02
C TRP B 172 -15.84 38.25 -56.88
N ALA B 173 -15.33 38.39 -58.09
CA ALA B 173 -15.72 39.47 -58.98
C ALA B 173 -15.54 40.84 -58.33
N GLY B 174 -14.47 41.03 -57.54
CA GLY B 174 -14.27 42.26 -56.80
C GLY B 174 -15.21 42.42 -55.61
N GLU B 175 -16.06 41.43 -55.36
CA GLU B 175 -17.06 41.54 -54.30
C GLU B 175 -16.63 40.66 -53.13
N ARG B 176 -17.19 40.86 -51.93
CA ARG B 176 -16.63 40.26 -50.73
C ARG B 176 -17.68 39.59 -49.85
N ASN B 177 -18.97 39.69 -50.22
CA ASN B 177 -20.00 39.06 -49.41
C ASN B 177 -20.93 38.22 -50.29
N LEU B 178 -20.38 37.68 -51.39
CA LEU B 178 -21.11 36.74 -52.22
C LEU B 178 -21.06 35.34 -51.61
N ALA B 179 -21.85 34.40 -52.16
CA ALA B 179 -21.93 33.05 -51.61
C ALA B 179 -20.56 32.40 -51.56
N PRO B 180 -19.72 32.45 -52.62
CA PRO B 180 -18.43 31.78 -52.58
C PRO B 180 -17.37 32.42 -51.69
N CYS B 181 -17.72 33.53 -50.99
CA CYS B 181 -16.86 34.15 -50.01
C CYS B 181 -17.28 33.80 -48.58
N ALA B 182 -18.36 33.02 -48.42
CA ALA B 182 -19.05 32.92 -47.13
C ALA B 182 -18.10 32.43 -46.04
N MET B 183 -17.22 31.48 -46.39
CA MET B 183 -16.32 30.87 -45.43
C MET B 183 -15.17 31.82 -45.08
N ALA B 184 -14.72 32.59 -46.08
CA ALA B 184 -13.69 33.60 -45.89
C ALA B 184 -14.16 34.66 -44.89
N ARG B 185 -15.44 35.03 -44.93
CA ARG B 185 -15.94 36.02 -44.00
C ARG B 185 -16.10 35.36 -42.63
N ILE B 186 -16.75 34.18 -42.59
CA ILE B 186 -17.17 33.61 -41.32
C ILE B 186 -15.93 33.32 -40.44
N THR B 187 -14.82 32.91 -41.07
CA THR B 187 -13.62 32.57 -40.34
C THR B 187 -12.84 33.83 -39.90
N GLU B 188 -13.37 35.04 -40.15
CA GLU B 188 -12.76 36.27 -39.65
C GLU B 188 -13.50 36.78 -38.42
N LEU B 189 -14.57 36.10 -38.00
CA LEU B 189 -15.29 36.50 -36.81
C LEU B 189 -14.35 36.39 -35.59
N PRO B 190 -14.29 37.43 -34.73
CA PRO B 190 -13.25 37.52 -33.71
C PRO B 190 -13.32 36.47 -32.59
N ASN B 191 -14.54 36.03 -32.22
CA ASN B 191 -14.73 35.01 -31.20
C ASN B 191 -14.94 33.62 -31.82
N LEU B 192 -14.53 33.43 -33.08
CA LEU B 192 -14.57 32.11 -33.69
C LEU B 192 -13.15 31.70 -34.02
N ASP B 193 -12.57 30.86 -33.17
CA ASP B 193 -11.24 30.34 -33.39
C ASP B 193 -11.29 29.32 -34.54
N ILE B 194 -10.33 29.42 -35.48
CA ILE B 194 -10.24 28.49 -36.59
C ILE B 194 -10.26 27.03 -36.11
N ARG B 195 -9.76 26.77 -34.89
CA ARG B 195 -9.70 25.42 -34.35
C ARG B 195 -11.08 24.88 -34.03
N ASN B 196 -12.06 25.77 -33.86
CA ASN B 196 -13.43 25.35 -33.57
C ASN B 196 -14.31 25.40 -34.83
N VAL B 197 -13.68 25.37 -36.01
CA VAL B 197 -14.38 25.47 -37.27
C VAL B 197 -14.23 24.14 -38.00
N ALA B 198 -15.36 23.58 -38.47
CA ALA B 198 -15.33 22.36 -39.27
C ALA B 198 -16.03 22.62 -40.60
N HIS B 199 -15.48 22.03 -41.66
CA HIS B 199 -16.09 22.07 -42.98
C HIS B 199 -15.99 20.69 -43.63
N LEU B 200 -17.14 20.06 -43.92
CA LEU B 200 -17.17 18.66 -44.33
C LEU B 200 -17.85 18.49 -45.69
N GLY B 201 -17.13 17.86 -46.64
CA GLY B 201 -17.71 17.36 -47.86
C GLY B 201 -17.09 17.87 -49.14
N ALA B 202 -16.05 18.71 -49.06
CA ALA B 202 -15.51 19.37 -50.24
C ALA B 202 -15.03 18.34 -51.25
N ARG B 203 -15.42 18.55 -52.50
CA ARG B 203 -14.99 17.68 -53.57
C ARG B 203 -15.28 18.38 -54.90
N ASN B 204 -14.69 17.78 -55.94
CA ASN B 204 -14.87 18.15 -57.32
C ASN B 204 -14.34 19.58 -57.50
N ALA B 205 -14.53 20.14 -58.70
CA ALA B 205 -13.68 21.21 -59.16
C ALA B 205 -14.30 22.60 -58.97
N MET B 206 -15.33 22.76 -58.11
CA MET B 206 -15.85 24.09 -57.78
C MET B 206 -15.14 24.61 -56.54
N ASN B 207 -13.81 24.65 -56.63
CA ASN B 207 -12.96 24.80 -55.47
C ASN B 207 -11.63 25.33 -56.01
N PRO B 208 -11.58 26.64 -56.37
CA PRO B 208 -10.44 27.18 -57.08
C PRO B 208 -9.23 27.23 -56.16
N LYS B 209 -8.03 27.37 -56.76
CA LYS B 209 -6.78 27.30 -56.04
C LYS B 209 -6.74 28.30 -54.89
N ASP B 210 -7.27 29.51 -55.06
CA ASP B 210 -7.17 30.48 -53.98
C ASP B 210 -7.96 30.04 -52.76
N HIS B 211 -9.01 29.22 -52.95
CA HIS B 211 -9.78 28.73 -51.82
C HIS B 211 -8.91 27.81 -50.97
N ILE B 212 -8.10 26.98 -51.64
CA ILE B 212 -7.15 26.08 -51.00
C ILE B 212 -6.08 26.90 -50.28
N ASP B 213 -5.42 27.82 -51.01
CA ASP B 213 -4.38 28.68 -50.49
C ASP B 213 -4.81 29.34 -49.19
N LEU B 214 -5.97 30.01 -49.19
CA LEU B 214 -6.41 30.74 -48.01
C LEU B 214 -6.76 29.76 -46.88
N SER B 215 -7.29 28.57 -47.23
CA SER B 215 -7.59 27.55 -46.23
C SER B 215 -6.32 27.18 -45.46
N LYS B 216 -5.23 26.94 -46.22
CA LYS B 216 -3.95 26.59 -45.63
C LYS B 216 -3.40 27.76 -44.82
N GLU B 217 -3.43 28.96 -45.41
CA GLU B 217 -2.97 30.15 -44.72
C GLU B 217 -3.61 30.26 -43.34
N ARG B 218 -4.93 30.01 -43.24
CA ARG B 218 -5.61 30.27 -41.98
C ARG B 218 -5.66 29.01 -41.11
N GLY B 219 -5.28 27.86 -41.68
CA GLY B 219 -5.42 26.58 -41.00
C GLY B 219 -6.88 26.13 -40.87
N LEU B 220 -7.68 26.30 -41.95
CA LEU B 220 -8.98 25.63 -42.00
C LEU B 220 -8.75 24.14 -42.18
N GLN B 221 -9.15 23.33 -41.21
CA GLN B 221 -8.88 21.90 -41.24
C GLN B 221 -10.08 21.18 -41.87
N TYR B 222 -10.29 21.36 -43.17
CA TYR B 222 -11.51 20.89 -43.78
C TYR B 222 -11.40 19.36 -43.99
N ASP B 223 -12.56 18.68 -43.91
CA ASP B 223 -12.66 17.25 -44.13
C ASP B 223 -13.25 17.03 -45.51
N SER B 224 -12.40 16.92 -46.50
CA SER B 224 -12.84 16.79 -47.87
C SER B 224 -13.55 15.43 -48.00
N MET B 225 -14.30 15.24 -49.08
CA MET B 225 -15.09 14.02 -49.18
C MET B 225 -14.14 12.84 -49.29
N PHE B 226 -13.01 13.03 -50.00
CA PHE B 226 -12.03 11.95 -50.12
C PHE B 226 -11.46 11.59 -48.74
N ASP B 227 -11.07 12.60 -47.93
CA ASP B 227 -10.62 12.34 -46.56
C ASP B 227 -11.68 11.50 -45.86
N LEU B 228 -12.97 11.87 -46.02
CA LEU B 228 -14.05 11.21 -45.28
C LEU B 228 -14.20 9.76 -45.73
N PHE B 229 -14.26 9.52 -47.05
CA PHE B 229 -14.36 8.16 -47.56
C PHE B 229 -13.20 7.31 -47.06
N ASP B 230 -11.98 7.86 -47.09
CA ASP B 230 -10.76 7.13 -46.73
C ASP B 230 -10.82 6.70 -45.27
N ALA B 231 -11.48 7.51 -44.43
CA ALA B 231 -11.56 7.29 -43.00
C ALA B 231 -12.81 6.49 -42.61
N GLY B 232 -13.65 6.07 -43.56
CA GLY B 232 -14.92 5.44 -43.25
C GLY B 232 -15.95 6.42 -42.68
N ILE B 233 -15.69 7.72 -42.92
CA ILE B 233 -16.55 8.84 -42.63
C ILE B 233 -16.58 9.14 -41.13
N TYR B 234 -17.18 8.25 -40.34
CA TYR B 234 -17.69 8.62 -39.03
C TYR B 234 -16.56 8.94 -38.07
N PRO B 235 -15.44 8.18 -38.07
CA PRO B 235 -14.28 8.50 -37.24
C PRO B 235 -13.78 9.93 -37.41
N LEU B 236 -13.80 10.45 -38.64
CA LEU B 236 -13.28 11.77 -38.88
C LEU B 236 -14.32 12.84 -38.51
N VAL B 237 -15.60 12.55 -38.77
CA VAL B 237 -16.67 13.45 -38.35
C VAL B 237 -16.65 13.63 -36.83
N GLU B 238 -16.51 12.53 -36.09
CA GLU B 238 -16.49 12.61 -34.63
C GLU B 238 -15.39 13.56 -34.14
N ARG B 239 -14.20 13.47 -34.75
CA ARG B 239 -13.07 14.33 -34.43
C ARG B 239 -13.45 15.79 -34.59
N SER B 240 -14.12 16.09 -35.71
CA SER B 240 -14.46 17.46 -36.05
C SER B 240 -15.66 17.97 -35.23
N ILE B 241 -16.59 17.09 -34.87
CA ILE B 241 -17.63 17.43 -33.91
C ILE B 241 -17.00 17.88 -32.59
N ASP B 242 -15.95 17.15 -32.15
CA ASP B 242 -15.33 17.46 -30.87
C ASP B 242 -14.68 18.83 -30.93
N ARG B 243 -13.96 19.11 -32.02
CA ARG B 243 -13.31 20.40 -32.17
C ARG B 243 -14.33 21.54 -32.11
N VAL B 244 -15.56 21.29 -32.58
CA VAL B 244 -16.55 22.35 -32.72
C VAL B 244 -17.29 22.57 -31.39
N TRP B 245 -17.60 21.47 -30.68
CA TRP B 245 -18.46 21.53 -29.51
C TRP B 245 -17.68 21.59 -28.18
N SER B 246 -16.48 21.01 -28.13
CA SER B 246 -15.71 21.02 -26.89
C SER B 246 -15.02 22.36 -26.72
N GLY B 247 -15.40 23.08 -25.66
CA GLY B 247 -14.75 24.32 -25.26
C GLY B 247 -15.47 25.56 -25.79
N THR B 248 -16.69 25.39 -26.31
CA THR B 248 -17.41 26.50 -26.93
C THR B 248 -18.71 26.74 -26.21
N ASP B 249 -19.15 28.00 -26.26
CA ASP B 249 -20.37 28.45 -25.60
C ASP B 249 -21.56 28.35 -26.53
N ALA B 250 -21.35 28.56 -27.83
CA ALA B 250 -22.41 28.44 -28.82
C ALA B 250 -21.87 27.80 -30.10
N GLN B 251 -22.75 27.10 -30.83
CA GLN B 251 -22.34 26.37 -32.02
C GLN B 251 -23.33 26.63 -33.16
N TYR B 252 -22.75 26.94 -34.32
CA TYR B 252 -23.48 27.14 -35.56
C TYR B 252 -23.36 25.88 -36.42
N LEU B 253 -24.50 25.35 -36.89
CA LEU B 253 -24.53 24.22 -37.78
C LEU B 253 -25.23 24.62 -39.08
N GLY B 254 -24.52 24.47 -40.21
CA GLY B 254 -25.06 24.85 -41.50
C GLY B 254 -24.90 23.76 -42.55
N PHE B 255 -25.80 23.79 -43.55
CA PHE B 255 -25.91 22.76 -44.56
C PHE B 255 -26.15 23.37 -45.93
N ASN B 256 -25.27 23.02 -46.87
CA ASN B 256 -25.59 23.07 -48.27
C ASN B 256 -25.74 21.61 -48.68
N PHE B 257 -26.94 21.22 -49.12
CA PHE B 257 -27.21 19.80 -49.35
C PHE B 257 -26.57 19.29 -50.64
N ASN B 258 -25.76 20.10 -51.32
CA ASN B 258 -24.84 19.49 -52.29
C ASN B 258 -23.69 18.78 -51.59
N VAL B 259 -23.60 18.81 -50.24
CA VAL B 259 -22.77 17.81 -49.55
C VAL B 259 -23.21 16.40 -49.94
N MET B 260 -24.50 16.22 -50.26
CA MET B 260 -25.04 14.89 -50.49
C MET B 260 -24.72 14.51 -51.94
N ASP B 261 -24.71 13.21 -52.21
CA ASP B 261 -24.61 12.67 -53.55
C ASP B 261 -25.75 13.26 -54.37
N SER B 262 -25.46 13.59 -55.63
CA SER B 262 -26.46 14.11 -56.56
C SER B 262 -27.75 13.31 -56.52
N SER B 263 -27.63 11.99 -56.41
CA SER B 263 -28.76 11.06 -56.45
C SER B 263 -29.77 11.41 -55.37
N THR B 264 -29.30 11.81 -54.18
CA THR B 264 -30.24 12.23 -53.14
C THR B 264 -30.42 13.74 -53.05
N ALA B 265 -29.73 14.51 -53.87
CA ALA B 265 -29.85 15.97 -53.79
C ALA B 265 -29.67 16.58 -55.17
N PRO B 266 -30.57 16.30 -56.13
CA PRO B 266 -30.54 16.97 -57.43
C PRO B 266 -30.97 18.43 -57.33
N GLY B 267 -31.98 18.66 -56.50
CA GLY B 267 -32.60 19.98 -56.42
C GLY B 267 -31.85 20.92 -55.52
N VAL B 268 -30.62 21.23 -55.92
CA VAL B 268 -29.77 22.19 -55.22
C VAL B 268 -29.08 23.04 -56.28
N THR B 269 -28.55 24.19 -55.86
CA THR B 269 -28.03 25.20 -56.77
C THR B 269 -26.89 24.63 -57.61
N SER B 270 -26.08 23.77 -57.00
CA SER B 270 -24.92 23.22 -57.67
C SER B 270 -24.75 21.74 -57.26
N THR B 271 -25.50 20.83 -57.87
CA THR B 271 -25.38 19.43 -57.47
C THR B 271 -23.97 18.90 -57.69
N GLU B 272 -23.57 17.94 -56.88
CA GLU B 272 -22.23 17.39 -57.01
C GLU B 272 -22.35 15.86 -56.90
N PRO B 273 -21.90 15.08 -57.91
CA PRO B 273 -21.79 13.63 -57.74
C PRO B 273 -20.78 13.24 -56.67
N GLY B 274 -20.94 12.06 -56.05
CA GLY B 274 -19.88 11.47 -55.25
C GLY B 274 -19.84 11.94 -53.79
N GLY B 275 -21.03 12.18 -53.20
CA GLY B 275 -21.11 12.74 -51.86
C GLY B 275 -21.78 11.77 -50.89
N LEU B 276 -22.25 12.33 -49.77
CA LEU B 276 -22.89 11.58 -48.72
C LEU B 276 -24.18 10.94 -49.22
N GLU B 277 -24.49 9.74 -48.72
CA GLU B 277 -25.81 9.17 -48.95
C GLU B 277 -26.69 9.42 -47.71
N SER B 278 -28.00 9.25 -47.88
CA SER B 278 -29.01 9.67 -46.92
C SER B 278 -28.77 9.08 -45.53
N ARG B 279 -28.56 7.75 -45.45
CA ARG B 279 -28.34 7.07 -44.18
C ARG B 279 -27.06 7.55 -43.51
N GLU B 280 -26.06 8.01 -44.30
CA GLU B 280 -24.82 8.51 -43.71
C GLU B 280 -25.07 9.84 -43.00
N MET B 281 -25.85 10.71 -43.61
CA MET B 281 -26.14 12.02 -42.99
C MET B 281 -27.06 11.83 -41.78
N MET B 282 -27.90 10.78 -41.79
CA MET B 282 -28.78 10.51 -40.65
C MET B 282 -27.92 10.11 -39.45
N ARG B 283 -26.93 9.24 -39.71
CA ARG B 283 -26.03 8.80 -38.66
C ARG B 283 -25.26 10.02 -38.14
N ILE B 284 -24.76 10.86 -39.05
CA ILE B 284 -24.01 12.04 -38.65
C ILE B 284 -24.85 12.96 -37.75
N VAL B 285 -26.13 13.13 -38.09
CA VAL B 285 -27.03 13.95 -37.29
C VAL B 285 -27.11 13.40 -35.87
N ASP B 286 -27.25 12.08 -35.69
CA ASP B 286 -27.27 11.52 -34.34
C ASP B 286 -25.97 11.79 -33.57
N MET B 287 -24.83 11.70 -34.25
CA MET B 287 -23.54 11.97 -33.66
C MET B 287 -23.44 13.42 -33.19
N ILE B 288 -23.99 14.36 -33.96
CA ILE B 288 -23.99 15.76 -33.53
C ILE B 288 -24.90 15.92 -32.31
N ALA B 289 -26.05 15.23 -32.32
CA ALA B 289 -27.09 15.46 -31.34
C ALA B 289 -26.65 14.98 -29.96
N LYS B 290 -25.71 14.05 -29.92
CA LYS B 290 -25.12 13.61 -28.65
C LYS B 290 -24.52 14.77 -27.85
N ARG B 291 -24.17 15.90 -28.47
CA ARG B 291 -23.54 16.98 -27.74
C ARG B 291 -24.56 17.87 -27.04
N GLY B 292 -25.84 17.60 -27.25
CA GLY B 292 -26.87 18.12 -26.35
C GLY B 292 -27.19 19.58 -26.59
N GLY B 293 -26.98 20.07 -27.81
CA GLY B 293 -27.38 21.43 -28.12
C GLY B 293 -26.73 22.00 -29.37
N VAL B 294 -27.44 22.96 -29.97
CA VAL B 294 -26.93 23.76 -31.08
C VAL B 294 -27.60 25.13 -31.00
N SER B 295 -26.94 26.17 -31.52
CA SER B 295 -27.39 27.54 -31.31
C SER B 295 -28.17 28.07 -32.50
N VAL B 296 -27.71 27.69 -33.71
CA VAL B 296 -28.29 28.12 -34.96
C VAL B 296 -28.20 26.96 -35.95
N ILE B 297 -29.29 26.72 -36.69
CA ILE B 297 -29.31 25.73 -37.77
C ILE B 297 -29.64 26.46 -39.05
N ASP B 298 -28.76 26.35 -40.06
CA ASP B 298 -29.01 26.93 -41.37
C ASP B 298 -29.06 25.82 -42.43
N LEU B 299 -29.85 26.04 -43.47
CA LEU B 299 -29.76 25.26 -44.70
C LEU B 299 -29.99 26.23 -45.86
N THR B 300 -29.06 26.24 -46.82
CA THR B 300 -29.14 27.13 -47.97
C THR B 300 -28.92 26.34 -49.26
N GLU B 301 -29.30 26.99 -50.37
CA GLU B 301 -29.03 26.57 -51.74
C GLU B 301 -29.85 25.35 -52.15
N LEU B 302 -30.99 25.15 -51.49
CA LEU B 302 -32.01 24.31 -52.09
C LEU B 302 -32.51 25.02 -53.35
N CYS B 303 -32.83 24.25 -54.40
CA CYS B 303 -33.13 24.86 -55.68
C CYS B 303 -34.20 24.03 -56.39
N PRO B 304 -35.47 24.21 -56.00
CA PRO B 304 -36.56 23.35 -56.45
C PRO B 304 -36.71 23.11 -57.96
N ILE B 305 -36.40 24.10 -58.78
CA ILE B 305 -36.57 23.98 -60.22
C ILE B 305 -35.73 22.83 -60.76
N PHE B 306 -34.70 22.39 -60.02
CA PHE B 306 -33.84 21.32 -60.51
C PHE B 306 -34.13 19.99 -59.84
N ASP B 307 -35.20 19.90 -59.02
CA ASP B 307 -35.38 18.78 -58.12
C ASP B 307 -36.09 17.67 -58.88
N ILE B 308 -35.93 16.44 -58.41
CA ILE B 308 -36.56 15.29 -59.03
C ILE B 308 -37.54 14.71 -58.01
N SER B 309 -38.84 15.01 -58.19
CA SER B 309 -39.89 14.62 -57.27
C SER B 309 -39.60 15.09 -55.84
N GLY B 310 -39.08 16.31 -55.70
CA GLY B 310 -38.80 16.88 -54.39
C GLY B 310 -37.75 16.10 -53.57
N THR B 311 -36.87 15.33 -54.22
CA THR B 311 -35.95 14.47 -53.50
C THR B 311 -35.05 15.27 -52.55
N ALA B 312 -34.41 16.35 -53.05
CA ALA B 312 -33.50 17.15 -52.25
C ALA B 312 -34.23 17.80 -51.07
N ALA B 313 -35.32 18.50 -51.38
CA ALA B 313 -36.12 19.18 -50.37
C ALA B 313 -36.60 18.19 -49.30
N ARG B 314 -36.98 16.98 -49.73
CA ARG B 314 -37.52 15.99 -48.82
C ARG B 314 -36.39 15.44 -47.94
N LEU B 315 -35.17 15.35 -48.50
CA LEU B 315 -34.05 14.89 -47.72
C LEU B 315 -33.70 15.95 -46.69
N ALA B 316 -33.62 17.20 -47.14
CA ALA B 316 -33.30 18.30 -46.26
C ALA B 316 -34.27 18.28 -45.07
N ALA B 317 -35.56 18.13 -45.37
CA ALA B 317 -36.61 18.16 -44.34
C ALA B 317 -36.40 17.03 -43.34
N CYS B 318 -36.09 15.83 -43.84
CA CYS B 318 -35.95 14.68 -42.97
C CYS B 318 -34.68 14.86 -42.13
N VAL B 319 -33.68 15.60 -42.64
CA VAL B 319 -32.45 15.81 -41.90
C VAL B 319 -32.70 16.83 -40.79
N ILE B 320 -33.39 17.93 -41.10
CA ILE B 320 -33.64 18.95 -40.09
C ILE B 320 -34.53 18.36 -38.99
N MET B 321 -35.51 17.51 -39.36
CA MET B 321 -36.50 17.07 -38.39
C MET B 321 -35.90 15.97 -37.52
N ARG B 322 -34.99 15.17 -38.08
CA ARG B 322 -34.35 14.12 -37.30
C ARG B 322 -33.36 14.75 -36.32
N LEU B 323 -32.69 15.81 -36.75
CA LEU B 323 -31.84 16.56 -35.84
C LEU B 323 -32.66 17.02 -34.64
N MET B 324 -33.86 17.57 -34.88
CA MET B 324 -34.68 18.06 -33.78
C MET B 324 -35.08 16.89 -32.90
N ALA B 325 -35.57 15.80 -33.53
CA ALA B 325 -35.96 14.60 -32.79
C ALA B 325 -34.80 14.06 -31.95
N SER B 326 -33.58 14.05 -32.52
CA SER B 326 -32.44 13.42 -31.89
C SER B 326 -31.93 14.26 -30.74
N LEU B 327 -31.99 15.59 -30.87
CA LEU B 327 -31.61 16.49 -29.79
C LEU B 327 -32.56 16.32 -28.61
N ALA B 328 -33.85 16.17 -28.91
CA ALA B 328 -34.85 15.96 -27.89
C ALA B 328 -34.58 14.64 -27.17
N ALA B 329 -34.26 13.58 -27.93
CA ALA B 329 -34.05 12.27 -27.32
C ALA B 329 -32.86 12.34 -26.35
N GLN B 330 -31.79 13.05 -26.76
CA GLN B 330 -30.58 13.21 -25.96
C GLN B 330 -30.90 13.95 -24.66
N ASP B 331 -31.85 14.89 -24.71
CA ASP B 331 -32.21 15.70 -23.57
C ASP B 331 -33.26 14.98 -22.71
N GLY B 332 -33.63 13.74 -23.06
CA GLY B 332 -34.59 12.96 -22.31
C GLY B 332 -36.04 13.40 -22.56
N ASP B 333 -36.24 14.39 -23.44
CA ASP B 333 -37.56 14.95 -23.73
C ASP B 333 -38.36 13.99 -24.62
N VAL B 334 -38.67 12.81 -24.07
CA VAL B 334 -39.40 11.75 -24.77
C VAL B 334 -40.87 11.78 -24.34
N ILE B 335 -41.64 10.83 -24.86
CA ILE B 335 -43.07 10.73 -24.61
C ILE B 335 -43.31 9.54 -23.69
N ASP B 336 -44.27 9.72 -22.77
CA ASP B 336 -44.71 8.70 -21.83
C ASP B 336 -45.16 7.46 -22.62
N ASP B 337 -44.47 6.34 -22.39
CA ASP B 337 -44.74 5.08 -23.07
C ASP B 337 -46.17 4.58 -22.80
N LYS B 338 -46.75 4.95 -21.64
CA LYS B 338 -47.99 4.37 -21.17
C LYS B 338 -49.21 4.97 -21.89
N LEU B 339 -49.02 6.12 -22.53
CA LEU B 339 -50.08 6.82 -23.23
C LEU B 339 -50.69 5.88 -24.29
N ARG B 340 -52.01 5.95 -24.51
CA ARG B 340 -52.65 5.08 -25.47
C ARG B 340 -53.65 5.86 -26.33
N ARG B 341 -54.04 5.24 -27.46
CA ARG B 341 -55.00 5.82 -28.38
C ARG B 341 -56.39 5.82 -27.76
N THR B 342 -56.63 4.92 -26.79
CA THR B 342 -57.88 4.92 -26.02
C THR B 342 -57.94 6.13 -25.07
N ASP B 343 -57.22 7.22 -25.40
CA ASP B 343 -57.34 8.51 -24.72
C ASP B 343 -57.91 9.56 -25.67
N SER C 6 -31.06 -29.71 -13.52
CA SER C 6 -30.85 -29.57 -14.99
C SER C 6 -30.70 -28.10 -15.36
N TYR C 7 -31.49 -27.24 -14.71
CA TYR C 7 -31.40 -25.79 -14.84
C TYR C 7 -31.47 -25.13 -13.45
N ALA C 8 -31.05 -25.84 -12.40
CA ALA C 8 -31.15 -25.35 -11.04
C ALA C 8 -30.23 -24.16 -10.84
N HIS C 9 -29.09 -24.19 -11.56
CA HIS C 9 -28.03 -23.20 -11.46
C HIS C 9 -28.50 -21.82 -11.92
N LEU C 10 -29.51 -21.75 -12.79
CA LEU C 10 -30.03 -20.46 -13.25
C LEU C 10 -30.61 -19.64 -12.09
N PHE C 11 -30.79 -20.27 -10.91
CA PHE C 11 -31.42 -19.61 -9.78
C PHE C 11 -30.57 -19.79 -8.53
N SER C 12 -30.90 -18.97 -7.51
CA SER C 12 -30.22 -19.04 -6.23
C SER C 12 -30.26 -20.48 -5.69
N PRO C 13 -29.24 -20.90 -4.92
CA PRO C 13 -29.13 -22.29 -4.47
C PRO C 13 -30.20 -22.74 -3.46
N LEU C 14 -30.57 -24.03 -3.54
CA LEU C 14 -31.57 -24.64 -2.66
C LEU C 14 -30.97 -24.93 -1.29
N GLY C 15 -29.70 -25.31 -1.24
CA GLY C 15 -29.09 -25.77 -0.01
C GLY C 15 -29.19 -27.30 0.14
N GLY C 16 -29.67 -27.76 1.30
CA GLY C 16 -29.76 -29.19 1.58
C GLY C 16 -28.43 -29.76 2.02
N ALA C 24 -15.18 -35.87 -3.97
CA ALA C 24 -14.13 -36.37 -4.89
C ALA C 24 -13.15 -35.23 -5.18
N PRO C 25 -11.86 -35.53 -5.48
CA PRO C 25 -10.84 -34.49 -5.67
C PRO C 25 -10.96 -33.77 -7.01
N GLY C 26 -11.28 -32.47 -6.96
CA GLY C 26 -11.62 -31.71 -8.15
C GLY C 26 -10.42 -31.43 -9.04
N LEU C 27 -10.70 -30.90 -10.24
CA LEU C 27 -9.71 -30.23 -11.06
C LEU C 27 -10.17 -28.79 -11.25
N ILE C 28 -9.19 -27.90 -11.39
CA ILE C 28 -9.44 -26.50 -11.65
C ILE C 28 -9.72 -26.34 -13.15
N THR C 29 -10.95 -25.94 -13.48
CA THR C 29 -11.33 -25.79 -14.88
C THR C 29 -11.94 -24.42 -15.13
N PHE C 30 -11.77 -23.96 -16.37
CA PHE C 30 -12.43 -22.77 -16.88
C PHE C 30 -13.94 -22.84 -16.63
N LEU C 31 -14.44 -21.98 -15.73
CA LEU C 31 -15.87 -21.82 -15.50
C LEU C 31 -16.46 -23.09 -14.90
N ARG C 32 -15.63 -23.84 -14.15
CA ARG C 32 -16.01 -25.12 -13.56
C ARG C 32 -16.50 -26.07 -14.66
N SER C 33 -15.87 -25.96 -15.84
CA SER C 33 -16.21 -26.77 -16.98
C SER C 33 -15.93 -28.25 -16.72
N ALA C 34 -16.52 -29.10 -17.55
CA ALA C 34 -16.06 -30.47 -17.67
C ALA C 34 -14.68 -30.45 -18.32
N HIS C 35 -13.80 -31.35 -17.86
CA HIS C 35 -12.58 -31.65 -18.59
C HIS C 35 -12.92 -32.65 -19.70
N VAL C 36 -12.43 -32.34 -20.91
CA VAL C 36 -12.55 -33.19 -22.08
C VAL C 36 -11.14 -33.29 -22.68
N PRO C 37 -10.62 -34.49 -23.01
CA PRO C 37 -9.26 -34.60 -23.51
C PRO C 37 -9.09 -33.80 -24.80
N LEU C 38 -7.84 -33.53 -25.16
CA LEU C 38 -7.53 -32.72 -26.33
C LEU C 38 -7.68 -33.62 -27.55
N ASN C 39 -8.94 -33.89 -27.92
CA ASN C 39 -9.29 -34.96 -28.85
C ASN C 39 -10.50 -34.52 -29.67
N ALA C 40 -10.34 -34.49 -31.00
CA ALA C 40 -11.33 -33.87 -31.85
C ALA C 40 -12.70 -34.54 -31.67
N GLU C 41 -12.72 -35.87 -31.57
CA GLU C 41 -13.95 -36.67 -31.57
C GLU C 41 -14.72 -36.45 -30.26
N ALA C 42 -14.00 -36.50 -29.13
CA ALA C 42 -14.60 -36.28 -27.82
C ALA C 42 -15.16 -34.86 -27.74
N LEU C 43 -14.44 -33.91 -28.35
CA LEU C 43 -14.84 -32.51 -28.34
C LEU C 43 -16.19 -32.32 -29.03
N LYS C 44 -16.39 -32.89 -30.24
CA LYS C 44 -17.68 -32.79 -30.91
C LYS C 44 -18.79 -33.41 -30.05
N ALA C 45 -18.49 -34.54 -29.41
CA ALA C 45 -19.48 -35.35 -28.71
C ALA C 45 -19.91 -34.69 -27.40
N CYS C 46 -19.06 -33.82 -26.83
CA CYS C 46 -19.42 -33.10 -25.61
C CYS C 46 -20.44 -31.99 -25.94
N GLY C 47 -20.39 -31.47 -27.17
CA GLY C 47 -21.39 -30.49 -27.62
C GLY C 47 -21.24 -29.13 -26.93
N ALA C 48 -20.01 -28.75 -26.61
CA ALA C 48 -19.70 -27.38 -26.23
C ALA C 48 -19.27 -26.62 -27.47
N LYS C 49 -19.36 -25.29 -27.42
CA LYS C 49 -18.96 -24.47 -28.54
C LYS C 49 -17.53 -23.96 -28.35
N TYR C 50 -17.05 -23.86 -27.10
CA TYR C 50 -15.70 -23.37 -26.82
C TYR C 50 -14.89 -24.41 -26.07
N ALA C 51 -13.59 -24.48 -26.35
CA ALA C 51 -12.66 -25.32 -25.58
C ALA C 51 -11.51 -24.47 -25.05
N PHE C 52 -11.39 -24.41 -23.73
CA PHE C 52 -10.29 -23.71 -23.09
C PHE C 52 -9.01 -24.54 -23.20
N VAL C 53 -7.95 -23.87 -23.64
CA VAL C 53 -6.63 -24.48 -23.74
C VAL C 53 -5.66 -23.58 -23.01
N GLY C 54 -5.13 -24.06 -21.88
CA GLY C 54 -4.10 -23.33 -21.16
C GLY C 54 -2.75 -23.57 -21.83
N VAL C 55 -1.91 -22.53 -21.88
CA VAL C 55 -0.61 -22.63 -22.51
C VAL C 55 0.38 -21.88 -21.63
N PRO C 56 0.83 -22.53 -20.53
CA PRO C 56 1.74 -21.89 -19.60
C PRO C 56 3.16 -21.85 -20.13
N PHE C 57 3.34 -21.26 -21.33
CA PHE C 57 4.65 -21.11 -21.95
C PHE C 57 5.11 -19.65 -21.83
N ASP C 58 6.34 -19.44 -21.33
CA ASP C 58 6.80 -18.09 -21.07
C ASP C 58 8.14 -17.82 -21.76
N GLU C 59 8.58 -18.69 -22.68
CA GLU C 59 9.97 -18.61 -23.14
C GLU C 59 10.18 -17.70 -24.35
N GLY C 60 9.10 -17.16 -24.96
CA GLY C 60 9.25 -16.00 -25.83
C GLY C 60 9.13 -14.64 -25.09
N ASN C 61 9.09 -14.61 -23.75
CA ASN C 61 8.87 -13.36 -23.01
C ASN C 61 10.20 -12.65 -22.87
N ILE C 62 10.29 -11.44 -23.42
CA ILE C 62 11.47 -10.62 -23.29
C ILE C 62 11.40 -9.70 -22.07
N GLY C 63 10.29 -9.74 -21.30
CA GLY C 63 10.08 -8.75 -20.23
C GLY C 63 10.17 -9.34 -18.83
N LYS C 64 9.40 -8.80 -17.88
CA LYS C 64 9.39 -9.33 -16.52
C LYS C 64 8.69 -10.69 -16.53
N PRO C 65 9.16 -11.63 -15.69
CA PRO C 65 8.52 -12.94 -15.59
C PRO C 65 7.21 -12.92 -14.82
N GLY C 66 6.33 -13.89 -15.11
CA GLY C 66 5.12 -14.10 -14.33
C GLY C 66 4.03 -14.85 -15.09
N SER C 67 4.00 -14.76 -16.42
CA SER C 67 2.82 -15.15 -17.18
C SER C 67 2.61 -16.66 -17.20
N GLU C 68 3.54 -17.47 -16.68
CA GLU C 68 3.32 -18.91 -16.73
C GLU C 68 2.27 -19.31 -15.68
N ASP C 69 1.99 -18.43 -14.71
CA ASP C 69 0.97 -18.70 -13.72
C ASP C 69 -0.40 -18.19 -14.16
N ALA C 70 -0.51 -17.55 -15.33
CA ALA C 70 -1.75 -16.89 -15.71
C ALA C 70 -2.90 -17.90 -15.91
N PRO C 71 -2.69 -19.02 -16.64
CA PRO C 71 -3.77 -20.00 -16.87
C PRO C 71 -4.44 -20.51 -15.58
N ARG C 72 -3.63 -20.80 -14.55
CA ARG C 72 -4.19 -21.23 -13.29
C ARG C 72 -4.96 -20.09 -12.65
N GLU C 73 -4.36 -18.90 -12.57
CA GLU C 73 -5.03 -17.78 -11.90
C GLU C 73 -6.30 -17.39 -12.65
N PHE C 74 -6.23 -17.40 -13.99
CA PHE C 74 -7.40 -17.09 -14.78
C PHE C 74 -8.53 -18.05 -14.42
N ARG C 75 -8.25 -19.37 -14.48
CA ARG C 75 -9.27 -20.37 -14.21
C ARG C 75 -9.91 -20.09 -12.84
N LEU C 76 -9.08 -19.88 -11.82
CA LEU C 76 -9.56 -19.71 -10.45
C LEU C 76 -10.61 -18.59 -10.39
N ILE C 77 -10.33 -17.42 -10.99
CA ILE C 77 -11.26 -16.32 -10.92
C ILE C 77 -12.58 -16.70 -11.60
N THR C 78 -12.52 -17.46 -12.71
CA THR C 78 -13.71 -17.80 -13.46
C THR C 78 -14.65 -18.72 -12.67
N GLN C 79 -14.10 -19.49 -11.71
CA GLN C 79 -14.91 -20.46 -10.99
C GLN C 79 -15.87 -19.77 -10.02
N GLU C 80 -15.60 -18.51 -9.69
CA GLU C 80 -16.41 -17.75 -8.75
C GLU C 80 -17.71 -17.28 -9.37
N TYR C 81 -17.81 -17.34 -10.70
CA TYR C 81 -18.91 -16.72 -11.43
C TYR C 81 -20.04 -17.72 -11.65
N PHE C 82 -21.27 -17.27 -11.42
CA PHE C 82 -22.44 -17.94 -11.93
C PHE C 82 -22.38 -17.95 -13.44
N SER C 83 -23.12 -18.87 -14.06
CA SER C 83 -23.07 -19.05 -15.49
C SER C 83 -24.18 -18.27 -16.18
N TYR C 84 -25.11 -17.66 -15.42
CA TYR C 84 -26.24 -16.99 -16.02
C TYR C 84 -26.04 -15.48 -15.94
N TRP C 85 -26.16 -14.83 -17.10
CA TRP C 85 -25.92 -13.40 -17.24
C TRP C 85 -27.25 -12.72 -17.54
N PHE C 86 -27.80 -12.01 -16.56
CA PHE C 86 -29.12 -11.41 -16.72
C PHE C 86 -29.09 -10.34 -17.81
N GLU C 87 -27.94 -9.69 -17.99
CA GLU C 87 -27.81 -8.64 -18.99
C GLU C 87 -28.04 -9.20 -20.39
N TYR C 88 -27.74 -10.48 -20.62
CA TYR C 88 -27.84 -11.07 -21.96
C TYR C 88 -28.96 -12.11 -22.01
N ASN C 89 -29.51 -12.45 -20.84
CA ASN C 89 -30.47 -13.52 -20.74
C ASN C 89 -29.87 -14.80 -21.35
N VAL C 90 -28.60 -15.08 -21.02
CA VAL C 90 -27.87 -16.23 -21.56
C VAL C 90 -27.28 -17.03 -20.41
N ASP C 91 -27.18 -18.34 -20.63
CA ASP C 91 -26.53 -19.27 -19.71
C ASP C 91 -25.32 -19.87 -20.40
N LEU C 92 -24.16 -19.82 -19.72
CA LEU C 92 -22.92 -20.28 -20.30
C LEU C 92 -22.67 -21.73 -19.88
N HIS C 93 -23.46 -22.26 -18.94
CA HIS C 93 -23.23 -23.62 -18.49
C HIS C 93 -23.20 -24.54 -19.70
N GLY C 94 -22.11 -25.30 -19.83
CA GLY C 94 -21.97 -26.34 -20.84
C GLY C 94 -21.55 -25.79 -22.20
N LYS C 95 -21.41 -24.46 -22.31
CA LYS C 95 -21.03 -23.86 -23.58
C LYS C 95 -19.53 -24.00 -23.80
N ALA C 96 -18.78 -24.25 -22.73
CA ALA C 96 -17.33 -24.44 -22.83
C ALA C 96 -16.91 -25.69 -22.10
N VAL C 97 -15.80 -26.28 -22.56
CA VAL C 97 -15.09 -27.31 -21.84
C VAL C 97 -13.64 -26.86 -21.64
N ASP C 98 -12.96 -27.50 -20.69
CA ASP C 98 -11.55 -27.25 -20.43
C ASP C 98 -10.75 -28.46 -20.92
N CYS C 99 -9.78 -28.24 -21.82
CA CYS C 99 -8.93 -29.31 -22.31
C CYS C 99 -7.62 -29.39 -21.51
N GLY C 100 -7.54 -28.69 -20.39
CA GLY C 100 -6.32 -28.68 -19.58
C GLY C 100 -5.25 -27.80 -20.19
N ASP C 101 -3.99 -28.07 -19.82
CA ASP C 101 -2.84 -27.35 -20.32
C ASP C 101 -2.15 -28.19 -21.39
N VAL C 102 -1.65 -27.52 -22.43
CA VAL C 102 -0.82 -28.18 -23.42
C VAL C 102 0.41 -28.70 -22.67
N SER C 103 0.71 -29.99 -22.87
CA SER C 103 1.91 -30.59 -22.35
C SER C 103 3.11 -30.07 -23.15
N MET C 104 4.02 -29.36 -22.49
CA MET C 104 5.12 -28.70 -23.18
C MET C 104 6.41 -28.92 -22.39
N PRO C 105 7.54 -29.15 -23.08
CA PRO C 105 8.83 -29.20 -22.42
C PRO C 105 9.42 -27.80 -22.20
N LYS C 106 10.24 -27.67 -21.15
CA LYS C 106 10.98 -26.46 -20.88
C LYS C 106 12.30 -26.48 -21.65
N VAL C 107 12.79 -25.29 -22.02
CA VAL C 107 14.09 -25.08 -22.64
C VAL C 107 14.16 -25.73 -24.02
N SER C 108 13.01 -25.98 -24.65
CA SER C 108 12.98 -26.36 -26.05
C SER C 108 11.75 -25.76 -26.72
N PRO C 109 11.79 -24.44 -27.06
CA PRO C 109 10.64 -23.76 -27.66
C PRO C 109 10.12 -24.38 -28.96
N GLU C 110 11.04 -24.90 -29.79
CA GLU C 110 10.66 -25.45 -31.09
C GLU C 110 9.63 -26.55 -30.88
N VAL C 111 9.89 -27.44 -29.91
CA VAL C 111 9.00 -28.55 -29.61
C VAL C 111 7.77 -28.02 -28.89
N ALA C 112 7.97 -27.05 -27.99
CA ALA C 112 6.87 -26.38 -27.31
C ALA C 112 5.88 -25.84 -28.34
N HIS C 113 6.36 -25.05 -29.29
CA HIS C 113 5.52 -24.45 -30.32
C HIS C 113 4.81 -25.54 -31.12
N GLU C 114 5.54 -26.59 -31.53
CA GLU C 114 4.96 -27.70 -32.28
C GLU C 114 3.75 -28.23 -31.52
N ARG C 115 3.85 -28.36 -30.19
CA ARG C 115 2.77 -28.93 -29.41
C ARG C 115 1.59 -27.95 -29.27
N ILE C 116 1.86 -26.65 -29.25
CA ILE C 116 0.82 -25.63 -29.29
C ILE C 116 0.04 -25.80 -30.60
N TYR C 117 0.80 -25.84 -31.70
CA TYR C 117 0.26 -25.98 -33.04
C TYR C 117 -0.73 -27.13 -33.09
N ARG C 118 -0.26 -28.31 -32.66
CA ARG C 118 -1.02 -29.54 -32.73
C ARG C 118 -2.30 -29.41 -31.89
N ALA C 119 -2.19 -28.81 -30.70
CA ALA C 119 -3.32 -28.69 -29.81
C ALA C 119 -4.41 -27.82 -30.46
N VAL C 120 -4.00 -26.75 -31.13
CA VAL C 120 -4.96 -25.80 -31.70
C VAL C 120 -5.62 -26.45 -32.92
N ARG C 121 -4.82 -27.13 -33.75
CA ARG C 121 -5.34 -27.86 -34.90
C ARG C 121 -6.40 -28.85 -34.46
N GLU C 122 -6.12 -29.62 -33.41
CA GLU C 122 -7.07 -30.58 -32.90
C GLU C 122 -8.38 -29.88 -32.53
N VAL C 123 -8.29 -28.78 -31.78
CA VAL C 123 -9.48 -28.07 -31.33
C VAL C 123 -10.23 -27.59 -32.57
N LEU C 124 -9.51 -27.08 -33.56
CA LEU C 124 -10.15 -26.52 -34.74
C LEU C 124 -10.79 -27.66 -35.56
N LYS C 125 -10.12 -28.81 -35.64
CA LYS C 125 -10.71 -29.98 -36.28
C LYS C 125 -12.10 -30.26 -35.71
N SER C 126 -12.27 -30.09 -34.39
CA SER C 126 -13.51 -30.44 -33.73
C SER C 126 -14.65 -29.50 -34.15
N GLY C 127 -14.31 -28.31 -34.66
CA GLY C 127 -15.31 -27.29 -34.96
C GLY C 127 -15.63 -26.42 -33.74
N LEU C 128 -14.94 -26.62 -32.62
CA LEU C 128 -15.12 -25.77 -31.46
C LEU C 128 -14.16 -24.58 -31.53
N ILE C 129 -14.54 -23.50 -30.83
CA ILE C 129 -13.75 -22.29 -30.76
C ILE C 129 -12.73 -22.46 -29.62
N PRO C 130 -11.40 -22.49 -29.91
CA PRO C 130 -10.40 -22.54 -28.86
C PRO C 130 -10.31 -21.19 -28.16
N ILE C 131 -10.30 -21.21 -26.83
CA ILE C 131 -9.96 -20.06 -26.00
C ILE C 131 -8.58 -20.33 -25.43
N ILE C 132 -7.56 -19.63 -25.95
CA ILE C 132 -6.17 -19.93 -25.67
C ILE C 132 -5.63 -18.94 -24.65
N CYS C 133 -5.24 -19.42 -23.45
CA CYS C 133 -4.74 -18.56 -22.39
C CYS C 133 -3.25 -18.76 -22.18
N GLY C 134 -2.45 -17.73 -22.52
CA GLY C 134 -1.02 -17.70 -22.25
C GLY C 134 -0.77 -17.43 -20.78
N GLY C 135 0.51 -17.33 -20.38
CA GLY C 135 1.67 -17.45 -21.27
C GLY C 135 1.97 -16.17 -22.05
N ASP C 136 3.07 -16.20 -22.82
CA ASP C 136 3.54 -15.00 -23.50
C ASP C 136 2.88 -14.91 -24.88
N ARG C 137 3.00 -13.72 -25.44
CA ARG C 137 2.32 -13.27 -26.66
C ARG C 137 2.77 -14.06 -27.89
N SER C 138 3.99 -14.63 -27.86
CA SER C 138 4.49 -15.36 -29.02
C SER C 138 3.64 -16.59 -29.31
N ILE C 139 2.88 -17.11 -28.33
CA ILE C 139 2.05 -18.27 -28.58
C ILE C 139 0.99 -17.93 -29.63
N SER C 140 0.71 -16.63 -29.84
CA SER C 140 -0.27 -16.22 -30.83
C SER C 140 0.23 -16.51 -32.25
N ILE C 141 1.56 -16.45 -32.46
CA ILE C 141 2.16 -16.75 -33.74
C ILE C 141 1.72 -18.12 -34.22
N THR C 142 1.88 -19.15 -33.40
CA THR C 142 1.65 -20.52 -33.85
C THR C 142 0.18 -20.90 -33.75
N ALA C 143 -0.61 -20.19 -32.92
CA ALA C 143 -2.05 -20.43 -32.87
C ALA C 143 -2.71 -19.84 -34.10
N ALA C 144 -2.19 -18.69 -34.54
CA ALA C 144 -2.68 -18.04 -35.74
C ALA C 144 -2.29 -18.86 -36.98
N ARG C 145 -1.08 -19.42 -36.98
CA ARG C 145 -0.64 -20.26 -38.08
C ARG C 145 -1.53 -21.50 -38.16
N ALA C 146 -1.94 -22.03 -37.01
CA ALA C 146 -2.79 -23.21 -36.96
C ALA C 146 -4.15 -22.93 -37.60
N LEU C 147 -4.69 -21.71 -37.40
CA LEU C 147 -5.96 -21.37 -38.00
C LEU C 147 -5.79 -21.16 -39.50
N SER C 148 -4.64 -20.59 -39.86
CA SER C 148 -4.30 -20.30 -41.25
C SER C 148 -4.30 -21.59 -42.06
N ASP C 149 -3.59 -22.60 -41.55
CA ASP C 149 -3.47 -23.89 -42.21
C ASP C 149 -4.81 -24.61 -42.16
N HIS C 150 -5.52 -24.52 -41.04
CA HIS C 150 -6.78 -25.24 -40.85
C HIS C 150 -7.84 -24.84 -41.86
N ILE C 151 -7.84 -23.58 -42.31
CA ILE C 151 -8.83 -23.15 -43.28
C ILE C 151 -8.30 -23.33 -44.69
N GLY C 152 -6.96 -23.36 -44.85
CA GLY C 152 -6.33 -23.71 -46.11
C GLY C 152 -6.17 -22.52 -47.05
N PRO C 153 -5.43 -22.70 -48.18
CA PRO C 153 -5.03 -21.59 -49.03
C PRO C 153 -6.16 -20.98 -49.87
N GLN C 154 -7.34 -21.61 -49.88
CA GLN C 154 -8.47 -21.12 -50.65
C GLN C 154 -9.41 -20.27 -49.78
N LYS C 155 -9.17 -20.21 -48.46
CA LYS C 155 -9.99 -19.42 -47.56
C LYS C 155 -9.27 -18.12 -47.20
N LYS C 156 -10.05 -17.15 -46.68
CA LYS C 156 -9.52 -15.87 -46.23
C LYS C 156 -9.68 -15.76 -44.71
N MET C 157 -8.58 -15.42 -44.04
CA MET C 157 -8.54 -15.23 -42.60
C MET C 157 -8.54 -13.74 -42.26
N GLY C 158 -9.19 -13.39 -41.15
CA GLY C 158 -9.06 -12.06 -40.56
C GLY C 158 -8.40 -12.13 -39.18
N TYR C 159 -7.74 -11.03 -38.78
CA TYR C 159 -6.99 -10.97 -37.52
C TYR C 159 -7.23 -9.63 -36.84
N MET C 160 -7.64 -9.71 -35.56
CA MET C 160 -7.78 -8.52 -34.73
C MET C 160 -7.12 -8.79 -33.39
N HIS C 161 -6.23 -7.88 -32.98
CA HIS C 161 -5.56 -7.95 -31.70
C HIS C 161 -5.66 -6.61 -30.96
N PHE C 162 -5.99 -6.67 -29.67
CA PHE C 162 -5.95 -5.50 -28.80
C PHE C 162 -4.65 -5.51 -28.00
N GLY C 163 -3.95 -4.36 -27.95
CA GLY C 163 -2.73 -4.28 -27.15
C GLY C 163 -2.03 -2.93 -27.29
N ALA C 164 -1.17 -2.64 -26.30
CA ALA C 164 -0.46 -1.37 -26.25
C ALA C 164 0.78 -1.40 -27.12
N GLN C 165 1.19 -2.60 -27.57
CA GLN C 165 2.44 -2.78 -28.29
C GLN C 165 2.18 -3.38 -29.70
N LEU C 166 2.89 -2.87 -30.70
CA LEU C 166 2.63 -3.33 -32.06
C LEU C 166 3.20 -4.74 -32.23
N ASP C 167 4.34 -5.01 -31.57
CA ASP C 167 5.00 -6.31 -31.71
C ASP C 167 5.32 -6.57 -33.19
N MET C 168 5.95 -5.58 -33.83
CA MET C 168 6.28 -5.66 -35.25
C MET C 168 7.80 -5.62 -35.42
N ALA C 169 8.52 -6.36 -34.56
CA ALA C 169 9.94 -6.59 -34.74
C ALA C 169 10.14 -7.71 -35.78
N ASP C 170 10.71 -7.34 -36.94
CA ASP C 170 11.14 -8.30 -37.93
C ASP C 170 11.98 -9.36 -37.25
N SER C 171 12.90 -8.89 -36.41
CA SER C 171 13.64 -9.78 -35.52
C SER C 171 14.01 -9.00 -34.26
N TRP C 172 14.23 -9.74 -33.17
CA TRP C 172 14.52 -9.18 -31.85
C TRP C 172 15.65 -10.02 -31.24
N ALA C 173 16.77 -9.36 -30.92
CA ALA C 173 17.97 -10.05 -30.48
C ALA C 173 18.36 -11.15 -31.48
N GLY C 174 18.24 -10.87 -32.78
CA GLY C 174 18.57 -11.83 -33.83
C GLY C 174 17.58 -12.97 -33.92
N GLU C 175 16.53 -12.95 -33.07
CA GLU C 175 15.58 -14.04 -33.01
C GLU C 175 14.30 -13.61 -33.74
N ARG C 176 13.43 -14.56 -34.13
CA ARG C 176 12.35 -14.20 -35.03
C ARG C 176 10.96 -14.62 -34.54
N ASN C 177 10.89 -15.33 -33.40
CA ASN C 177 9.62 -15.82 -32.89
C ASN C 177 9.41 -15.43 -31.42
N LEU C 178 10.05 -14.34 -30.99
CA LEU C 178 9.80 -13.80 -29.67
C LEU C 178 8.49 -13.00 -29.64
N ALA C 179 8.02 -12.65 -28.44
CA ALA C 179 6.73 -11.99 -28.31
C ALA C 179 6.69 -10.67 -29.10
N PRO C 180 7.73 -9.82 -29.08
CA PRO C 180 7.71 -8.60 -29.88
C PRO C 180 7.86 -8.81 -31.40
N CYS C 181 7.89 -10.08 -31.84
CA CYS C 181 7.90 -10.44 -33.24
C CYS C 181 6.54 -10.91 -33.72
N ALA C 182 5.58 -11.01 -32.79
CA ALA C 182 4.37 -11.77 -33.07
C ALA C 182 3.64 -11.23 -34.28
N MET C 183 3.58 -9.90 -34.41
CA MET C 183 2.77 -9.29 -35.45
C MET C 183 3.50 -9.37 -36.80
N ALA C 184 4.83 -9.21 -36.77
CA ALA C 184 5.64 -9.36 -37.95
C ALA C 184 5.50 -10.77 -38.56
N ARG C 185 5.35 -11.81 -37.74
CA ARG C 185 5.18 -13.16 -38.26
C ARG C 185 3.73 -13.35 -38.72
N ILE C 186 2.76 -12.92 -37.90
CA ILE C 186 1.37 -13.20 -38.21
C ILE C 186 0.97 -12.51 -39.53
N THR C 187 1.52 -11.32 -39.82
CA THR C 187 1.15 -10.60 -41.03
C THR C 187 1.89 -11.13 -42.26
N GLU C 188 2.65 -12.23 -42.12
CA GLU C 188 3.24 -12.92 -43.27
C GLU C 188 2.42 -14.15 -43.65
N LEU C 189 1.36 -14.45 -42.89
CA LEU C 189 0.53 -15.62 -43.16
C LEU C 189 -0.12 -15.48 -44.53
N PRO C 190 -0.08 -16.52 -45.37
CA PRO C 190 -0.37 -16.37 -46.79
C PRO C 190 -1.83 -16.03 -47.10
N ASN C 191 -2.77 -16.55 -46.31
CA ASN C 191 -4.19 -16.27 -46.49
C ASN C 191 -4.69 -15.17 -45.54
N LEU C 192 -3.79 -14.35 -45.00
CA LEU C 192 -4.19 -13.21 -44.19
C LEU C 192 -3.79 -11.91 -44.88
N ASP C 193 -4.76 -11.27 -45.54
CA ASP C 193 -4.51 -10.04 -46.25
C ASP C 193 -4.38 -8.91 -45.23
N ILE C 194 -3.38 -8.05 -45.41
CA ILE C 194 -3.12 -6.98 -44.46
C ILE C 194 -4.39 -6.13 -44.26
N ARG C 195 -5.21 -6.05 -45.30
CA ARG C 195 -6.45 -5.25 -45.25
C ARG C 195 -7.46 -5.89 -44.30
N ASN C 196 -7.30 -7.19 -43.99
CA ASN C 196 -8.17 -7.85 -43.02
C ASN C 196 -7.50 -7.94 -41.63
N VAL C 197 -6.54 -7.05 -41.34
CA VAL C 197 -5.80 -7.11 -40.08
C VAL C 197 -6.10 -5.82 -39.30
N ALA C 198 -6.47 -5.99 -38.03
CA ALA C 198 -6.70 -4.85 -37.15
C ALA C 198 -5.84 -4.98 -35.89
N HIS C 199 -5.29 -3.86 -35.45
CA HIS C 199 -4.52 -3.78 -34.22
C HIS C 199 -4.89 -2.51 -33.45
N LEU C 200 -5.42 -2.67 -32.22
CA LEU C 200 -6.03 -1.55 -31.50
C LEU C 200 -5.37 -1.34 -30.14
N GLY C 201 -4.93 -0.09 -29.91
CA GLY C 201 -4.57 0.38 -28.58
C GLY C 201 -3.11 0.81 -28.41
N ALA C 202 -2.32 0.76 -29.50
CA ALA C 202 -0.90 1.02 -29.40
C ALA C 202 -0.66 2.43 -28.83
N ARG C 203 0.26 2.51 -27.86
CA ARG C 203 0.55 3.78 -27.23
C ARG C 203 1.82 3.57 -26.43
N ASN C 204 2.37 4.71 -26.05
CA ASN C 204 3.52 4.85 -25.18
C ASN C 204 4.74 4.28 -25.89
N ALA C 205 5.84 4.15 -25.14
CA ALA C 205 7.15 4.12 -25.78
C ALA C 205 7.71 2.72 -25.93
N MET C 206 6.91 1.66 -25.74
CA MET C 206 7.39 0.32 -26.03
C MET C 206 7.00 -0.06 -27.44
N ASN C 207 7.47 0.77 -28.36
CA ASN C 207 7.04 0.73 -29.75
C ASN C 207 8.17 1.35 -30.57
N PRO C 208 9.25 0.58 -30.83
CA PRO C 208 10.46 1.13 -31.44
C PRO C 208 10.19 1.48 -32.91
N LYS C 209 11.05 2.35 -33.46
CA LYS C 209 10.84 2.93 -34.78
C LYS C 209 10.71 1.86 -35.86
N ASP C 210 11.43 0.75 -35.75
CA ASP C 210 11.32 -0.29 -36.78
C ASP C 210 9.94 -0.92 -36.79
N HIS C 211 9.24 -0.92 -35.64
CA HIS C 211 7.88 -1.45 -35.61
C HIS C 211 6.96 -0.56 -36.45
N ILE C 212 7.15 0.76 -36.34
CA ILE C 212 6.44 1.74 -37.13
C ILE C 212 6.79 1.58 -38.62
N ASP C 213 8.09 1.61 -38.94
CA ASP C 213 8.59 1.45 -40.31
C ASP C 213 7.96 0.23 -40.98
N LEU C 214 8.07 -0.94 -40.36
CA LEU C 214 7.55 -2.15 -40.99
C LEU C 214 6.03 -2.07 -41.16
N SER C 215 5.33 -1.45 -40.18
CA SER C 215 3.89 -1.27 -40.27
C SER C 215 3.51 -0.47 -41.52
N LYS C 216 4.19 0.66 -41.75
CA LYS C 216 4.02 1.50 -42.92
C LYS C 216 4.34 0.71 -44.18
N GLU C 217 5.50 0.06 -44.21
CA GLU C 217 5.94 -0.70 -45.37
C GLU C 217 4.87 -1.72 -45.76
N ARG C 218 4.22 -2.40 -44.79
CA ARG C 218 3.27 -3.44 -45.14
C ARG C 218 1.83 -2.91 -45.20
N GLY C 219 1.62 -1.65 -44.81
CA GLY C 219 0.28 -1.07 -44.74
C GLY C 219 -0.57 -1.63 -43.60
N LEU C 220 0.04 -1.88 -42.44
CA LEU C 220 -0.73 -2.26 -41.26
C LEU C 220 -1.44 -1.01 -40.75
N GLN C 221 -2.79 -1.03 -40.76
CA GLN C 221 -3.59 0.15 -40.46
C GLN C 221 -4.00 0.12 -39.00
N TYR C 222 -3.03 0.24 -38.09
CA TYR C 222 -3.28 0.04 -36.67
C TYR C 222 -4.00 1.27 -36.10
N ASP C 223 -4.86 1.05 -35.10
CA ASP C 223 -5.60 2.11 -34.44
C ASP C 223 -4.91 2.40 -33.11
N SER C 224 -3.94 3.30 -33.13
CA SER C 224 -3.30 3.72 -31.92
C SER C 224 -4.35 4.22 -30.93
N MET C 225 -3.99 4.28 -29.65
CA MET C 225 -4.90 4.76 -28.65
C MET C 225 -5.27 6.22 -28.96
N PHE C 226 -4.31 7.02 -29.47
CA PHE C 226 -4.59 8.42 -29.77
C PHE C 226 -5.56 8.53 -30.94
N ASP C 227 -5.40 7.67 -31.96
CA ASP C 227 -6.35 7.59 -33.06
C ASP C 227 -7.75 7.34 -32.49
N LEU C 228 -7.84 6.41 -31.54
CA LEU C 228 -9.11 6.02 -30.95
C LEU C 228 -9.72 7.18 -30.17
N PHE C 229 -8.96 7.81 -29.28
CA PHE C 229 -9.46 8.99 -28.55
C PHE C 229 -9.98 10.04 -29.53
N ASP C 230 -9.23 10.33 -30.59
CA ASP C 230 -9.61 11.35 -31.55
C ASP C 230 -10.96 11.04 -32.19
N ALA C 231 -11.27 9.74 -32.42
CA ALA C 231 -12.47 9.30 -33.12
C ALA C 231 -13.61 8.97 -32.15
N GLY C 232 -13.45 9.20 -30.84
CA GLY C 232 -14.46 8.81 -29.85
C GLY C 232 -14.55 7.30 -29.65
N ILE C 233 -13.49 6.60 -30.05
CA ILE C 233 -13.23 5.19 -29.86
C ILE C 233 -14.12 4.41 -30.80
N TYR C 234 -15.43 4.34 -30.50
CA TYR C 234 -16.27 3.28 -31.04
C TYR C 234 -16.36 3.36 -32.56
N PRO C 235 -16.57 4.53 -33.18
CA PRO C 235 -16.62 4.63 -34.65
C PRO C 235 -15.39 4.06 -35.37
N LEU C 236 -14.22 4.20 -34.76
CA LEU C 236 -13.00 3.66 -35.37
C LEU C 236 -12.90 2.15 -35.17
N VAL C 237 -13.30 1.67 -34.00
CA VAL C 237 -13.33 0.23 -33.73
C VAL C 237 -14.30 -0.44 -34.71
N GLU C 238 -15.47 0.16 -34.91
CA GLU C 238 -16.45 -0.37 -35.86
C GLU C 238 -15.83 -0.56 -37.25
N ARG C 239 -15.09 0.45 -37.74
CA ARG C 239 -14.41 0.38 -39.03
C ARG C 239 -13.46 -0.82 -39.09
N SER C 240 -12.73 -1.05 -37.99
CA SER C 240 -11.71 -2.09 -37.98
C SER C 240 -12.36 -3.48 -37.84
N ILE C 241 -13.46 -3.58 -37.10
CA ILE C 241 -14.23 -4.82 -37.03
C ILE C 241 -14.71 -5.20 -38.43
N ASP C 242 -15.20 -4.20 -39.16
CA ASP C 242 -15.71 -4.38 -40.50
C ASP C 242 -14.62 -4.96 -41.41
N ARG C 243 -13.44 -4.33 -41.40
CA ARG C 243 -12.35 -4.78 -42.27
C ARG C 243 -11.95 -6.23 -41.98
N VAL C 244 -12.11 -6.67 -40.72
CA VAL C 244 -11.61 -7.98 -40.30
C VAL C 244 -12.64 -9.07 -40.62
N TRP C 245 -13.93 -8.74 -40.46
CA TRP C 245 -14.98 -9.74 -40.57
C TRP C 245 -15.60 -9.79 -41.97
N SER C 246 -15.65 -8.66 -42.69
CA SER C 246 -16.29 -8.63 -44.00
C SER C 246 -15.39 -9.25 -45.05
N GLY C 247 -15.87 -10.35 -45.64
CA GLY C 247 -15.18 -11.00 -46.73
C GLY C 247 -14.15 -12.01 -46.26
N THR C 248 -14.25 -12.46 -45.01
CA THR C 248 -13.34 -13.46 -44.47
C THR C 248 -14.11 -14.68 -43.99
N ASP C 249 -13.43 -15.82 -44.00
CA ASP C 249 -14.04 -17.11 -43.69
C ASP C 249 -13.81 -17.46 -42.23
N ALA C 250 -12.67 -17.01 -41.67
CA ALA C 250 -12.34 -17.22 -40.28
C ALA C 250 -11.68 -15.96 -39.70
N GLN C 251 -11.88 -15.73 -38.40
CA GLN C 251 -11.34 -14.55 -37.74
C GLN C 251 -10.70 -14.95 -36.40
N TYR C 252 -9.47 -14.47 -36.24
CA TYR C 252 -8.68 -14.61 -35.03
C TYR C 252 -8.82 -13.33 -34.20
N LEU C 253 -9.20 -13.49 -32.92
CA LEU C 253 -9.30 -12.38 -31.98
C LEU C 253 -8.34 -12.64 -30.83
N GLY C 254 -7.42 -11.69 -30.58
CA GLY C 254 -6.47 -11.79 -29.49
C GLY C 254 -6.43 -10.54 -28.61
N PHE C 255 -6.03 -10.75 -27.34
CA PHE C 255 -6.00 -9.71 -26.33
C PHE C 255 -4.68 -9.79 -25.56
N ASN C 256 -3.99 -8.66 -25.51
CA ASN C 256 -3.05 -8.35 -24.45
C ASN C 256 -3.75 -7.27 -23.63
N PHE C 257 -4.02 -7.55 -22.36
CA PHE C 257 -4.85 -6.66 -21.58
C PHE C 257 -4.07 -5.43 -21.11
N ASN C 258 -2.85 -5.23 -21.61
CA ASN C 258 -2.24 -3.93 -21.45
C ASN C 258 -2.87 -2.96 -22.44
N VAL C 259 -3.78 -3.44 -23.30
CA VAL C 259 -4.61 -2.45 -23.99
C VAL C 259 -5.38 -1.57 -22.98
N MET C 260 -5.66 -2.12 -21.79
CA MET C 260 -6.50 -1.46 -20.82
C MET C 260 -5.64 -0.45 -20.05
N ASP C 261 -6.29 0.54 -19.48
CA ASP C 261 -5.64 1.46 -18.58
C ASP C 261 -5.03 0.65 -17.44
N SER C 262 -3.82 1.06 -16.99
CA SER C 262 -3.13 0.40 -15.90
C SER C 262 -4.06 0.16 -14.71
N SER C 263 -4.91 1.14 -14.39
CA SER C 263 -5.85 1.05 -13.28
C SER C 263 -6.66 -0.25 -13.34
N THR C 264 -7.11 -0.66 -14.53
CA THR C 264 -7.88 -1.90 -14.61
C THR C 264 -7.04 -3.09 -15.03
N ALA C 265 -5.75 -2.90 -15.34
CA ALA C 265 -4.93 -4.02 -15.75
C ALA C 265 -3.50 -3.85 -15.22
N PRO C 266 -3.29 -3.83 -13.88
CA PRO C 266 -1.92 -3.83 -13.34
C PRO C 266 -1.21 -5.18 -13.57
N GLY C 267 -1.97 -6.27 -13.39
CA GLY C 267 -1.41 -7.61 -13.44
C GLY C 267 -1.22 -8.12 -14.86
N VAL C 268 -0.35 -7.44 -15.60
CA VAL C 268 0.02 -7.85 -16.94
C VAL C 268 1.51 -7.66 -17.07
N THR C 269 2.15 -8.31 -18.05
CA THR C 269 3.61 -8.31 -18.07
C THR C 269 4.16 -6.90 -18.31
N SER C 270 3.45 -6.08 -19.09
CA SER C 270 3.91 -4.71 -19.34
C SER C 270 2.74 -3.73 -19.26
N THR C 271 2.33 -3.35 -18.05
CA THR C 271 1.20 -2.44 -17.89
C THR C 271 1.46 -1.12 -18.61
N GLU C 272 0.41 -0.40 -18.95
CA GLU C 272 0.52 0.80 -19.75
C GLU C 272 -0.55 1.79 -19.27
N PRO C 273 -0.20 2.97 -18.72
CA PRO C 273 -1.20 3.98 -18.40
C PRO C 273 -1.86 4.54 -19.68
N GLY C 274 -3.08 5.05 -19.54
CA GLY C 274 -3.68 5.81 -20.64
C GLY C 274 -4.40 4.97 -21.70
N GLY C 275 -5.04 3.87 -21.28
CA GLY C 275 -5.67 2.95 -22.22
C GLY C 275 -7.17 2.87 -21.93
N LEU C 276 -7.79 1.77 -22.41
CA LEU C 276 -9.22 1.57 -22.38
C LEU C 276 -9.67 1.42 -20.94
N GLU C 277 -10.88 1.89 -20.64
CA GLU C 277 -11.46 1.59 -19.34
C GLU C 277 -12.37 0.37 -19.52
N SER C 278 -12.71 -0.28 -18.41
CA SER C 278 -13.45 -1.53 -18.42
C SER C 278 -14.78 -1.42 -19.19
N ARG C 279 -15.53 -0.33 -19.00
CA ARG C 279 -16.84 -0.18 -19.63
C ARG C 279 -16.68 -0.02 -21.14
N GLU C 280 -15.55 0.55 -21.57
CA GLU C 280 -15.26 0.76 -22.98
C GLU C 280 -15.01 -0.58 -23.64
N MET C 281 -14.24 -1.45 -23.00
CA MET C 281 -13.96 -2.76 -23.58
C MET C 281 -15.25 -3.59 -23.62
N MET C 282 -16.16 -3.40 -22.65
CA MET C 282 -17.42 -4.13 -22.62
C MET C 282 -18.27 -3.75 -23.83
N ARG C 283 -18.34 -2.43 -24.13
CA ARG C 283 -19.05 -1.93 -25.30
C ARG C 283 -18.45 -2.56 -26.56
N ILE C 284 -17.10 -2.58 -26.63
CA ILE C 284 -16.38 -3.11 -27.76
C ILE C 284 -16.69 -4.60 -27.96
N VAL C 285 -16.78 -5.35 -26.87
CA VAL C 285 -17.11 -6.77 -26.93
C VAL C 285 -18.48 -6.97 -27.61
N ASP C 286 -19.48 -6.15 -27.26
CA ASP C 286 -20.80 -6.29 -27.86
C ASP C 286 -20.73 -5.97 -29.36
N MET C 287 -19.90 -4.98 -29.72
CA MET C 287 -19.73 -4.61 -31.11
C MET C 287 -19.11 -5.78 -31.89
N ILE C 288 -18.15 -6.50 -31.30
CA ILE C 288 -17.56 -7.65 -31.97
C ILE C 288 -18.61 -8.75 -32.14
N ALA C 289 -19.44 -8.96 -31.12
CA ALA C 289 -20.39 -10.06 -31.09
C ALA C 289 -21.48 -9.90 -32.16
N LYS C 290 -21.79 -8.67 -32.55
CA LYS C 290 -22.75 -8.42 -33.61
C LYS C 290 -22.36 -9.09 -34.91
N ARG C 291 -21.08 -9.49 -35.09
CA ARG C 291 -20.68 -10.09 -36.36
C ARG C 291 -20.93 -11.61 -36.37
N GLY C 292 -21.51 -12.14 -35.29
CA GLY C 292 -22.10 -13.46 -35.31
C GLY C 292 -21.07 -14.59 -35.41
N GLY C 293 -19.85 -14.38 -34.88
CA GLY C 293 -18.91 -15.49 -34.78
C GLY C 293 -17.44 -15.07 -34.73
N VAL C 294 -16.62 -15.98 -34.19
CA VAL C 294 -15.17 -15.85 -34.18
C VAL C 294 -14.60 -17.26 -34.16
N SER C 295 -13.39 -17.43 -34.71
CA SER C 295 -12.81 -18.74 -34.92
C SER C 295 -11.88 -19.15 -33.78
N VAL C 296 -11.09 -18.18 -33.27
CA VAL C 296 -10.15 -18.41 -32.20
C VAL C 296 -10.14 -17.17 -31.30
N ILE C 297 -10.11 -17.40 -29.97
CA ILE C 297 -9.96 -16.35 -28.97
C ILE C 297 -8.67 -16.61 -28.20
N ASP C 298 -7.75 -15.64 -28.17
CA ASP C 298 -6.54 -15.74 -27.36
C ASP C 298 -6.51 -14.58 -26.36
N LEU C 299 -5.89 -14.84 -25.20
CA LEU C 299 -5.47 -13.81 -24.26
C LEU C 299 -4.09 -14.21 -23.76
N THR C 300 -3.13 -13.26 -23.80
CA THR C 300 -1.78 -13.51 -23.36
C THR C 300 -1.29 -12.39 -22.45
N GLU C 301 -0.22 -12.68 -21.70
CA GLU C 301 0.58 -11.70 -20.97
C GLU C 301 -0.17 -11.22 -19.72
N LEU C 302 -1.16 -11.97 -19.23
CA LEU C 302 -1.55 -11.80 -17.84
C LEU C 302 -0.36 -12.18 -16.96
N CYS C 303 -0.18 -11.47 -15.85
CA CYS C 303 1.04 -11.63 -15.06
C CYS C 303 0.66 -11.43 -13.60
N PRO C 304 0.12 -12.48 -12.97
CA PRO C 304 -0.42 -12.40 -11.60
C PRO C 304 0.46 -11.82 -10.49
N ILE C 305 1.78 -11.95 -10.59
CA ILE C 305 2.66 -11.45 -9.53
C ILE C 305 2.56 -9.93 -9.44
N PHE C 306 2.04 -9.27 -10.48
CA PHE C 306 1.94 -7.82 -10.49
C PHE C 306 0.51 -7.33 -10.26
N ASP C 307 -0.43 -8.26 -10.00
CA ASP C 307 -1.83 -7.90 -9.96
C ASP C 307 -2.20 -7.28 -8.61
N ILE C 308 -3.27 -6.48 -8.61
CA ILE C 308 -3.72 -5.79 -7.41
C ILE C 308 -5.10 -6.32 -7.07
N SER C 309 -5.17 -7.28 -6.13
CA SER C 309 -6.40 -7.99 -5.80
C SER C 309 -7.07 -8.60 -7.03
N GLY C 310 -6.25 -9.17 -7.90
CA GLY C 310 -6.75 -9.91 -9.05
C GLY C 310 -7.48 -9.04 -10.06
N THR C 311 -7.27 -7.72 -10.04
CA THR C 311 -7.99 -6.82 -10.94
C THR C 311 -7.85 -7.20 -12.43
N ALA C 312 -6.62 -7.38 -12.93
CA ALA C 312 -6.39 -7.68 -14.34
C ALA C 312 -7.01 -9.01 -14.74
N ALA C 313 -6.73 -10.04 -13.95
CA ALA C 313 -7.25 -11.38 -14.19
C ALA C 313 -8.79 -11.35 -14.21
N ARG C 314 -9.37 -10.58 -13.29
CA ARG C 314 -10.80 -10.52 -13.14
C ARG C 314 -11.39 -9.77 -14.33
N LEU C 315 -10.68 -8.76 -14.83
CA LEU C 315 -11.20 -8.02 -15.96
C LEU C 315 -11.13 -8.91 -17.21
N ALA C 316 -10.01 -9.57 -17.39
CA ALA C 316 -9.87 -10.54 -18.46
C ALA C 316 -11.05 -11.52 -18.45
N ALA C 317 -11.33 -12.10 -17.28
CA ALA C 317 -12.37 -13.11 -17.14
C ALA C 317 -13.73 -12.55 -17.54
N CYS C 318 -14.03 -11.34 -17.07
CA CYS C 318 -15.31 -10.73 -17.34
C CYS C 318 -15.42 -10.44 -18.84
N VAL C 319 -14.29 -10.12 -19.49
CA VAL C 319 -14.31 -9.79 -20.90
C VAL C 319 -14.49 -11.06 -21.75
N ILE C 320 -13.78 -12.13 -21.42
CA ILE C 320 -13.93 -13.37 -22.17
C ILE C 320 -15.35 -13.92 -22.03
N MET C 321 -15.91 -13.86 -20.81
CA MET C 321 -17.18 -14.52 -20.53
C MET C 321 -18.32 -13.69 -21.10
N ARG C 322 -18.14 -12.36 -21.12
CA ARG C 322 -19.16 -11.46 -21.64
C ARG C 322 -19.21 -11.57 -23.17
N LEU C 323 -18.05 -11.75 -23.80
CA LEU C 323 -18.00 -12.02 -25.23
C LEU C 323 -18.76 -13.31 -25.54
N MET C 324 -18.61 -14.33 -24.70
CA MET C 324 -19.30 -15.60 -24.93
C MET C 324 -20.80 -15.34 -24.79
N ALA C 325 -21.18 -14.62 -23.73
CA ALA C 325 -22.58 -14.33 -23.46
C ALA C 325 -23.17 -13.49 -24.58
N SER C 326 -22.37 -12.60 -25.14
CA SER C 326 -22.86 -11.65 -26.13
C SER C 326 -23.05 -12.35 -27.47
N LEU C 327 -22.12 -13.25 -27.82
CA LEU C 327 -22.23 -14.07 -29.03
C LEU C 327 -23.47 -14.95 -28.96
N ALA C 328 -23.77 -15.50 -27.78
CA ALA C 328 -24.93 -16.34 -27.58
C ALA C 328 -26.21 -15.52 -27.76
N ALA C 329 -26.24 -14.29 -27.23
CA ALA C 329 -27.44 -13.48 -27.34
C ALA C 329 -27.69 -13.17 -28.82
N GLN C 330 -26.61 -12.87 -29.55
CA GLN C 330 -26.66 -12.57 -30.98
C GLN C 330 -27.20 -13.77 -31.76
N ASP C 331 -26.86 -14.98 -31.31
CA ASP C 331 -27.19 -16.22 -31.99
C ASP C 331 -28.60 -16.69 -31.61
N GLY C 332 -29.29 -15.94 -30.74
CA GLY C 332 -30.63 -16.31 -30.30
C GLY C 332 -30.63 -17.38 -29.21
N ASP C 333 -29.43 -17.80 -28.77
CA ASP C 333 -29.27 -18.94 -27.87
C ASP C 333 -29.49 -18.52 -26.42
N VAL C 334 -30.74 -18.13 -26.12
CA VAL C 334 -31.11 -17.52 -24.84
C VAL C 334 -31.87 -18.55 -24.00
N ILE C 335 -32.37 -18.10 -22.84
CA ILE C 335 -33.15 -18.95 -21.95
C ILE C 335 -34.61 -18.56 -22.03
N ASP C 336 -35.49 -19.55 -21.88
CA ASP C 336 -36.92 -19.33 -21.76
C ASP C 336 -37.20 -18.50 -20.51
N ASP C 337 -37.74 -17.29 -20.69
CA ASP C 337 -37.99 -16.38 -19.57
C ASP C 337 -39.05 -16.95 -18.62
N LYS C 338 -39.90 -17.87 -19.10
CA LYS C 338 -41.03 -18.38 -18.33
C LYS C 338 -40.59 -19.40 -17.28
N LEU C 339 -39.38 -19.96 -17.46
CA LEU C 339 -38.73 -20.85 -16.51
C LEU C 339 -38.72 -20.20 -15.12
N ARG C 340 -38.98 -20.98 -14.05
CA ARG C 340 -38.97 -20.43 -12.71
C ARG C 340 -38.19 -21.33 -11.76
N ARG C 341 -37.82 -20.78 -10.58
CA ARG C 341 -36.84 -21.39 -9.71
C ARG C 341 -37.27 -22.80 -9.31
N THR C 342 -38.39 -22.88 -8.59
CA THR C 342 -38.90 -24.15 -8.11
C THR C 342 -39.39 -24.94 -9.32
N ASP C 343 -38.45 -25.62 -10.00
CA ASP C 343 -38.75 -26.42 -11.17
C ASP C 343 -37.94 -27.73 -11.10
N SER D 6 -76.16 -2.43 -80.72
CA SER D 6 -76.53 -1.48 -79.63
C SER D 6 -75.73 -0.19 -79.76
N TYR D 7 -76.31 0.90 -79.24
CA TYR D 7 -75.81 2.25 -79.45
C TYR D 7 -75.61 2.93 -78.10
N ALA D 8 -75.09 2.18 -77.13
CA ALA D 8 -74.89 2.67 -75.78
C ALA D 8 -73.76 3.69 -75.75
N HIS D 9 -72.85 3.59 -76.73
CA HIS D 9 -71.68 4.45 -76.80
C HIS D 9 -72.06 5.89 -77.15
N LEU D 10 -73.22 6.08 -77.80
CA LEU D 10 -73.69 7.41 -78.14
C LEU D 10 -74.14 8.21 -76.91
N PHE D 11 -74.29 7.55 -75.75
CA PHE D 11 -75.07 8.13 -74.68
C PHE D 11 -74.30 8.06 -73.36
N SER D 12 -74.75 8.85 -72.38
CA SER D 12 -74.18 8.80 -71.04
C SER D 12 -74.10 7.34 -70.62
N PRO D 13 -73.00 6.94 -69.92
CA PRO D 13 -72.84 5.56 -69.47
C PRO D 13 -73.84 5.15 -68.38
N LEU D 14 -74.23 3.87 -68.39
CA LEU D 14 -75.26 3.36 -67.48
C LEU D 14 -74.62 3.00 -66.14
N GLY D 15 -73.38 2.53 -66.17
CA GLY D 15 -72.67 2.15 -64.95
C GLY D 15 -73.30 0.92 -64.26
N GLY D 16 -73.07 0.79 -62.95
CA GLY D 16 -73.55 -0.34 -62.18
C GLY D 16 -72.65 -1.56 -62.34
N ALA D 24 -59.74 -7.82 -68.67
CA ALA D 24 -58.83 -8.48 -69.63
C ALA D 24 -57.74 -7.50 -70.05
N PRO D 25 -56.57 -7.98 -70.53
CA PRO D 25 -55.43 -7.11 -70.85
C PRO D 25 -55.71 -6.04 -71.91
N GLY D 26 -54.77 -5.08 -72.00
CA GLY D 26 -55.01 -3.81 -72.68
C GLY D 26 -54.53 -3.81 -74.14
N LEU D 27 -55.24 -3.03 -74.95
CA LEU D 27 -54.83 -2.72 -76.31
C LEU D 27 -54.89 -1.19 -76.43
N ILE D 28 -53.75 -0.54 -76.66
CA ILE D 28 -53.75 0.90 -76.90
C ILE D 28 -53.96 1.12 -78.39
N THR D 29 -55.18 1.56 -78.74
CA THR D 29 -55.55 1.69 -80.13
C THR D 29 -56.20 3.03 -80.40
N PHE D 30 -56.01 3.51 -81.64
CA PHE D 30 -56.66 4.72 -82.13
C PHE D 30 -58.17 4.64 -81.87
N LEU D 31 -58.65 5.47 -80.92
CA LEU D 31 -60.07 5.63 -80.66
C LEU D 31 -60.67 4.34 -80.09
N ARG D 32 -59.86 3.58 -79.35
CA ARG D 32 -60.26 2.31 -78.77
C ARG D 32 -60.83 1.38 -79.85
N SER D 33 -60.33 1.50 -81.08
CA SER D 33 -60.81 0.70 -82.19
C SER D 33 -60.31 -0.72 -82.03
N ALA D 34 -60.87 -1.65 -82.81
CA ALA D 34 -60.38 -3.03 -82.81
C ALA D 34 -59.01 -3.07 -83.48
N HIS D 35 -58.10 -3.93 -82.99
CA HIS D 35 -56.95 -4.29 -83.79
C HIS D 35 -57.40 -5.19 -84.93
N VAL D 36 -56.92 -4.89 -86.13
CA VAL D 36 -57.15 -5.74 -87.29
C VAL D 36 -55.83 -5.85 -88.03
N PRO D 37 -55.33 -7.07 -88.30
CA PRO D 37 -53.97 -7.24 -88.82
C PRO D 37 -53.78 -6.54 -90.16
N LEU D 38 -52.50 -6.37 -90.52
CA LEU D 38 -52.12 -5.60 -91.70
C LEU D 38 -52.29 -6.49 -92.93
N ASN D 39 -53.55 -6.63 -93.36
CA ASN D 39 -53.98 -7.68 -94.27
C ASN D 39 -55.19 -7.21 -95.06
N ALA D 40 -55.10 -7.17 -96.39
CA ALA D 40 -56.15 -6.60 -97.21
C ALA D 40 -57.50 -7.26 -96.95
N GLU D 41 -57.51 -8.61 -96.84
CA GLU D 41 -58.75 -9.38 -96.75
C GLU D 41 -59.44 -9.17 -95.39
N ALA D 42 -58.66 -9.22 -94.30
CA ALA D 42 -59.18 -8.96 -92.97
C ALA D 42 -59.74 -7.53 -92.88
N LEU D 43 -59.01 -6.57 -93.48
CA LEU D 43 -59.38 -5.16 -93.43
C LEU D 43 -60.71 -4.94 -94.15
N LYS D 44 -60.81 -5.47 -95.38
CA LYS D 44 -62.04 -5.38 -96.16
C LYS D 44 -63.23 -5.96 -95.38
N ALA D 45 -62.97 -7.02 -94.60
CA ALA D 45 -64.02 -7.73 -93.87
C ALA D 45 -64.49 -6.95 -92.63
N CYS D 46 -63.62 -6.15 -92.01
CA CYS D 46 -63.87 -5.66 -90.66
C CYS D 46 -64.99 -4.61 -90.61
N GLY D 47 -65.25 -3.93 -91.73
CA GLY D 47 -66.39 -3.01 -91.82
C GLY D 47 -66.00 -1.55 -91.58
N ALA D 48 -64.71 -1.24 -91.50
CA ALA D 48 -64.26 0.12 -91.23
C ALA D 48 -63.88 0.83 -92.52
N LYS D 49 -63.86 2.17 -92.46
CA LYS D 49 -63.48 3.02 -93.58
C LYS D 49 -62.01 3.43 -93.48
N TYR D 50 -61.45 3.44 -92.25
CA TYR D 50 -60.10 3.93 -92.02
C TYR D 50 -59.28 2.90 -91.26
N ALA D 51 -57.99 2.78 -91.60
CA ALA D 51 -57.07 1.92 -90.89
C ALA D 51 -55.88 2.73 -90.38
N PHE D 52 -55.77 2.84 -89.05
CA PHE D 52 -54.68 3.55 -88.42
C PHE D 52 -53.41 2.70 -88.50
N VAL D 53 -52.33 3.33 -88.95
CA VAL D 53 -51.06 2.66 -89.09
C VAL D 53 -49.99 3.51 -88.40
N GLY D 54 -49.41 2.97 -87.33
CA GLY D 54 -48.31 3.63 -86.65
C GLY D 54 -47.01 3.37 -87.40
N VAL D 55 -46.15 4.38 -87.46
CA VAL D 55 -44.87 4.27 -88.12
C VAL D 55 -43.85 5.00 -87.25
N PRO D 56 -43.42 4.39 -86.13
CA PRO D 56 -42.46 5.03 -85.24
C PRO D 56 -41.08 4.97 -85.88
N PHE D 57 -40.97 5.50 -87.10
CA PHE D 57 -39.71 5.53 -87.82
C PHE D 57 -39.11 6.93 -87.67
N ASP D 58 -37.83 6.96 -87.27
CA ASP D 58 -37.17 8.10 -86.66
C ASP D 58 -36.04 8.62 -87.54
N GLU D 59 -35.58 7.80 -88.51
CA GLU D 59 -34.21 7.89 -88.96
C GLU D 59 -34.06 8.72 -90.23
N GLY D 60 -35.14 9.27 -90.77
CA GLY D 60 -35.04 10.41 -91.67
C GLY D 60 -35.05 11.78 -90.96
N ASN D 61 -35.04 11.84 -89.62
CA ASN D 61 -35.24 13.10 -88.92
C ASN D 61 -33.89 13.82 -88.80
N ILE D 62 -33.80 15.03 -89.32
CA ILE D 62 -32.56 15.81 -89.22
C ILE D 62 -32.57 16.72 -87.99
N GLY D 63 -33.69 16.76 -87.27
CA GLY D 63 -33.87 17.72 -86.19
C GLY D 63 -33.77 17.09 -84.82
N LYS D 64 -34.51 17.64 -83.85
CA LYS D 64 -34.47 17.12 -82.51
C LYS D 64 -35.20 15.78 -82.46
N PRO D 65 -34.72 14.83 -81.65
CA PRO D 65 -35.41 13.56 -81.44
C PRO D 65 -36.65 13.66 -80.58
N GLY D 66 -37.56 12.70 -80.79
CA GLY D 66 -38.75 12.51 -79.98
C GLY D 66 -39.94 11.91 -80.73
N SER D 67 -39.99 12.04 -82.07
CA SER D 67 -41.18 11.68 -82.81
C SER D 67 -41.44 10.18 -82.81
N GLU D 68 -40.49 9.35 -82.38
CA GLU D 68 -40.72 7.91 -82.31
C GLU D 68 -41.85 7.56 -81.34
N ASP D 69 -42.08 8.42 -80.36
CA ASP D 69 -43.10 8.19 -79.35
C ASP D 69 -44.44 8.78 -79.75
N ALA D 70 -44.55 9.37 -80.95
CA ALA D 70 -45.76 10.10 -81.31
C ALA D 70 -46.94 9.15 -81.46
N PRO D 71 -46.81 8.02 -82.19
CA PRO D 71 -47.92 7.07 -82.37
C PRO D 71 -48.57 6.62 -81.07
N ARG D 72 -47.77 6.28 -80.06
CA ARG D 72 -48.29 5.84 -78.79
C ARG D 72 -49.03 6.99 -78.11
N GLU D 73 -48.37 8.15 -78.05
CA GLU D 73 -48.92 9.33 -77.38
C GLU D 73 -50.19 9.77 -78.09
N PHE D 74 -50.19 9.71 -79.43
CA PHE D 74 -51.38 10.09 -80.18
C PHE D 74 -52.55 9.17 -79.79
N ARG D 75 -52.33 7.85 -79.86
CA ARG D 75 -53.38 6.88 -79.54
C ARG D 75 -53.96 7.19 -78.16
N LEU D 76 -53.09 7.38 -77.16
CA LEU D 76 -53.54 7.60 -75.79
C LEU D 76 -54.55 8.74 -75.70
N ILE D 77 -54.25 9.88 -76.31
CA ILE D 77 -55.14 11.02 -76.23
C ILE D 77 -56.49 10.67 -76.85
N THR D 78 -56.50 9.90 -77.94
CA THR D 78 -57.74 9.58 -78.64
C THR D 78 -58.65 8.67 -77.81
N GLN D 79 -58.10 7.92 -76.83
CA GLN D 79 -58.91 7.04 -75.98
C GLN D 79 -59.92 7.84 -75.16
N GLU D 80 -59.61 9.11 -74.89
CA GLU D 80 -60.34 9.92 -73.95
C GLU D 80 -61.66 10.42 -74.54
N TYR D 81 -61.77 10.42 -75.88
CA TYR D 81 -62.90 11.04 -76.55
C TYR D 81 -64.03 10.03 -76.75
N PHE D 82 -65.27 10.50 -76.57
CA PHE D 82 -66.43 9.79 -77.06
C PHE D 82 -66.35 9.73 -78.59
N SER D 83 -67.13 8.81 -79.14
CA SER D 83 -67.13 8.56 -80.55
C SER D 83 -68.17 9.42 -81.25
N TYR D 84 -69.02 10.12 -80.47
CA TYR D 84 -70.14 10.83 -81.07
C TYR D 84 -69.88 12.34 -81.05
N TRP D 85 -70.05 12.96 -82.22
CA TRP D 85 -69.76 14.38 -82.41
C TRP D 85 -71.05 15.10 -82.72
N PHE D 86 -71.60 15.83 -81.73
CA PHE D 86 -72.91 16.41 -81.89
C PHE D 86 -72.90 17.48 -82.99
N GLU D 87 -71.76 18.13 -83.18
CA GLU D 87 -71.66 19.19 -84.18
C GLU D 87 -71.89 18.64 -85.59
N TYR D 88 -71.58 17.36 -85.81
CA TYR D 88 -71.76 16.75 -87.12
C TYR D 88 -72.89 15.71 -87.10
N ASN D 89 -73.41 15.41 -85.91
CA ASN D 89 -74.33 14.31 -85.67
C ASN D 89 -73.80 13.05 -86.34
N VAL D 90 -72.53 12.73 -86.04
CA VAL D 90 -71.87 11.56 -86.59
C VAL D 90 -71.28 10.74 -85.45
N ASP D 91 -71.23 9.42 -85.63
CA ASP D 91 -70.56 8.52 -84.73
C ASP D 91 -69.36 7.93 -85.46
N LEU D 92 -68.20 7.88 -84.78
CA LEU D 92 -66.99 7.35 -85.36
C LEU D 92 -66.78 5.90 -84.94
N HIS D 93 -67.59 5.41 -84.00
CA HIS D 93 -67.48 4.02 -83.59
C HIS D 93 -67.62 3.15 -84.84
N GLY D 94 -66.66 2.24 -85.00
CA GLY D 94 -66.65 1.30 -86.10
C GLY D 94 -65.94 1.84 -87.35
N LYS D 95 -65.76 3.16 -87.45
CA LYS D 95 -65.33 3.78 -88.68
C LYS D 95 -63.84 3.56 -88.90
N ALA D 96 -63.09 3.28 -87.82
CA ALA D 96 -61.67 3.03 -87.94
C ALA D 96 -61.30 1.75 -87.21
N VAL D 97 -60.18 1.16 -87.65
CA VAL D 97 -59.51 0.11 -86.92
C VAL D 97 -58.03 0.48 -86.84
N ASP D 98 -57.33 -0.16 -85.90
CA ASP D 98 -55.90 0.05 -85.69
C ASP D 98 -55.15 -1.19 -86.19
N CYS D 99 -54.20 -1.00 -87.11
CA CYS D 99 -53.40 -2.09 -87.63
C CYS D 99 -52.12 -2.28 -86.84
N GLY D 100 -51.95 -1.51 -85.75
CA GLY D 100 -50.71 -1.51 -85.00
C GLY D 100 -49.61 -0.73 -85.72
N ASP D 101 -48.36 -1.04 -85.35
CA ASP D 101 -47.17 -0.34 -85.84
C ASP D 101 -46.47 -1.23 -86.86
N VAL D 102 -46.07 -0.64 -87.99
CA VAL D 102 -45.32 -1.34 -89.02
C VAL D 102 -44.00 -1.80 -88.39
N SER D 103 -43.77 -3.12 -88.43
CA SER D 103 -42.54 -3.66 -87.88
C SER D 103 -41.37 -3.27 -88.78
N MET D 104 -40.41 -2.53 -88.21
CA MET D 104 -39.28 -2.03 -88.95
C MET D 104 -38.01 -2.31 -88.16
N PRO D 105 -36.88 -2.60 -88.84
CA PRO D 105 -35.58 -2.63 -88.17
C PRO D 105 -35.08 -1.22 -87.89
N LYS D 106 -34.25 -1.06 -86.85
CA LYS D 106 -33.54 0.18 -86.64
C LYS D 106 -32.18 0.10 -87.34
N VAL D 107 -31.71 1.24 -87.85
CA VAL D 107 -30.40 1.37 -88.46
C VAL D 107 -30.39 0.65 -89.81
N SER D 108 -31.58 0.45 -90.38
CA SER D 108 -31.71 -0.02 -91.76
C SER D 108 -32.87 0.69 -92.43
N PRO D 109 -32.73 2.00 -92.78
CA PRO D 109 -33.83 2.76 -93.36
C PRO D 109 -34.40 2.18 -94.65
N GLU D 110 -33.52 1.65 -95.51
CA GLU D 110 -33.93 1.17 -96.82
C GLU D 110 -34.98 0.07 -96.62
N VAL D 111 -34.73 -0.84 -95.66
CA VAL D 111 -35.65 -1.93 -95.38
C VAL D 111 -36.87 -1.41 -94.63
N ALA D 112 -36.66 -0.47 -93.71
CA ALA D 112 -37.77 0.18 -93.00
C ALA D 112 -38.75 0.80 -93.99
N HIS D 113 -38.23 1.58 -94.95
CA HIS D 113 -39.07 2.21 -95.94
C HIS D 113 -39.82 1.16 -96.76
N GLU D 114 -39.13 0.08 -97.16
CA GLU D 114 -39.74 -1.01 -97.91
C GLU D 114 -40.96 -1.51 -97.14
N ARG D 115 -40.84 -1.65 -95.81
CA ARG D 115 -41.91 -2.18 -94.99
C ARG D 115 -43.09 -1.19 -94.90
N ILE D 116 -42.79 0.11 -94.90
CA ILE D 116 -43.84 1.12 -94.89
C ILE D 116 -44.61 1.03 -96.20
N TYR D 117 -43.86 0.99 -97.31
CA TYR D 117 -44.40 0.85 -98.65
C TYR D 117 -45.41 -0.30 -98.68
N ARG D 118 -44.96 -1.49 -98.26
CA ARG D 118 -45.78 -2.70 -98.33
C ARG D 118 -47.05 -2.53 -97.48
N ALA D 119 -46.88 -1.96 -96.29
CA ALA D 119 -47.99 -1.80 -95.35
C ALA D 119 -49.05 -0.89 -95.93
N VAL D 120 -48.62 0.18 -96.62
CA VAL D 120 -49.55 1.16 -97.17
C VAL D 120 -50.25 0.55 -98.39
N ARG D 121 -49.50 -0.13 -99.26
CA ARG D 121 -50.06 -0.85 -100.40
C ARG D 121 -51.14 -1.81 -99.93
N GLU D 122 -50.85 -2.55 -98.85
CA GLU D 122 -51.81 -3.51 -98.31
C GLU D 122 -53.09 -2.80 -97.91
N VAL D 123 -52.96 -1.67 -97.20
CA VAL D 123 -54.14 -0.97 -96.71
C VAL D 123 -54.94 -0.48 -97.91
N LEU D 124 -54.23 0.06 -98.90
CA LEU D 124 -54.89 0.63 -100.07
C LEU D 124 -55.61 -0.48 -100.85
N LYS D 125 -55.00 -1.67 -100.92
CA LYS D 125 -55.65 -2.82 -101.55
C LYS D 125 -57.00 -3.10 -100.88
N SER D 126 -57.08 -2.95 -99.56
CA SER D 126 -58.29 -3.25 -98.82
C SER D 126 -59.44 -2.32 -99.22
N GLY D 127 -59.11 -1.19 -99.86
CA GLY D 127 -60.11 -0.16 -100.12
C GLY D 127 -60.26 0.85 -98.96
N LEU D 128 -59.60 0.61 -97.82
CA LEU D 128 -59.75 1.48 -96.66
C LEU D 128 -58.75 2.63 -96.72
N ILE D 129 -59.06 3.72 -96.04
CA ILE D 129 -58.23 4.91 -96.04
C ILE D 129 -57.19 4.75 -94.93
N PRO D 130 -55.89 4.65 -95.25
CA PRO D 130 -54.84 4.58 -94.23
C PRO D 130 -54.67 5.94 -93.54
N ILE D 131 -54.59 5.91 -92.21
CA ILE D 131 -54.23 7.07 -91.41
C ILE D 131 -52.84 6.80 -90.83
N ILE D 132 -51.83 7.49 -91.37
CA ILE D 132 -50.44 7.16 -91.15
C ILE D 132 -49.84 8.14 -90.17
N CYS D 133 -49.42 7.66 -88.99
CA CYS D 133 -48.91 8.50 -87.93
C CYS D 133 -47.43 8.24 -87.69
N GLY D 134 -46.60 9.25 -87.99
CA GLY D 134 -45.17 9.16 -87.76
C GLY D 134 -44.83 9.49 -86.31
N GLY D 135 -43.53 9.55 -85.98
CA GLY D 135 -42.44 9.36 -86.93
C GLY D 135 -42.12 10.61 -87.74
N ASP D 136 -41.02 10.56 -88.49
CA ASP D 136 -40.54 11.74 -89.19
C ASP D 136 -41.20 11.87 -90.55
N ARG D 137 -41.04 13.06 -91.14
CA ARG D 137 -41.78 13.51 -92.32
C ARG D 137 -41.36 12.72 -93.57
N SER D 138 -40.19 12.09 -93.54
CA SER D 138 -39.71 11.30 -94.67
C SER D 138 -40.63 10.11 -94.95
N ILE D 139 -41.41 9.64 -93.95
CA ILE D 139 -42.27 8.50 -94.17
C ILE D 139 -43.33 8.86 -95.22
N SER D 140 -43.54 10.15 -95.46
CA SER D 140 -44.55 10.57 -96.42
C SER D 140 -44.08 10.30 -97.85
N ILE D 141 -42.77 10.31 -98.08
CA ILE D 141 -42.18 10.02 -99.38
C ILE D 141 -42.69 8.66 -99.86
N THR D 142 -42.54 7.64 -99.01
CA THR D 142 -42.78 6.27 -99.43
C THR D 142 -44.26 5.92 -99.29
N ALA D 143 -45.02 6.66 -98.47
CA ALA D 143 -46.45 6.44 -98.40
C ALA D 143 -47.13 7.04 -99.62
N ALA D 144 -46.64 8.20 -100.07
CA ALA D 144 -47.16 8.84 -101.26
C ALA D 144 -46.78 8.03 -102.51
N ARG D 145 -45.59 7.45 -102.51
CA ARG D 145 -45.15 6.58 -103.60
C ARG D 145 -46.09 5.37 -103.67
N ALA D 146 -46.53 4.89 -102.50
CA ALA D 146 -47.44 3.75 -102.43
C ALA D 146 -48.79 4.08 -103.05
N LEU D 147 -49.26 5.32 -102.89
CA LEU D 147 -50.53 5.71 -103.46
C LEU D 147 -50.36 5.87 -104.97
N SER D 148 -49.19 6.38 -105.38
CA SER D 148 -48.89 6.61 -106.78
C SER D 148 -48.97 5.30 -107.55
N ASP D 149 -48.30 4.28 -107.01
CA ASP D 149 -48.23 2.96 -107.59
C ASP D 149 -49.62 2.30 -107.53
N HIS D 150 -50.34 2.52 -106.44
CA HIS D 150 -51.64 1.87 -106.24
C HIS D 150 -52.63 2.27 -107.32
N ILE D 151 -52.67 3.55 -107.67
CA ILE D 151 -53.68 4.02 -108.60
C ILE D 151 -53.22 3.79 -110.04
N GLY D 152 -51.90 3.68 -110.23
CA GLY D 152 -51.34 3.30 -111.52
C GLY D 152 -51.15 4.48 -112.47
N PRO D 153 -50.39 4.30 -113.58
CA PRO D 153 -50.03 5.41 -114.45
C PRO D 153 -51.16 5.95 -115.32
N GLN D 154 -52.33 5.29 -115.29
CA GLN D 154 -53.48 5.71 -116.06
C GLN D 154 -54.34 6.69 -115.26
N LYS D 155 -54.03 6.92 -113.98
CA LYS D 155 -54.88 7.71 -113.10
C LYS D 155 -54.12 8.92 -112.57
N LYS D 156 -54.87 9.92 -112.09
CA LYS D 156 -54.29 11.21 -111.68
C LYS D 156 -54.42 11.38 -110.16
N MET D 157 -53.28 11.69 -109.53
CA MET D 157 -53.20 11.86 -108.08
C MET D 157 -53.11 13.34 -107.73
N GLY D 158 -53.74 13.74 -106.62
CA GLY D 158 -53.53 15.06 -106.01
C GLY D 158 -52.87 14.96 -104.63
N TYR D 159 -52.07 15.99 -104.25
CA TYR D 159 -51.31 16.01 -103.01
C TYR D 159 -51.46 17.36 -102.32
N MET D 160 -51.87 17.33 -101.05
CA MET D 160 -51.91 18.53 -100.23
C MET D 160 -51.22 18.23 -98.90
N HIS D 161 -50.28 19.11 -98.55
CA HIS D 161 -49.60 19.04 -97.27
C HIS D 161 -49.66 20.39 -96.55
N PHE D 162 -49.89 20.35 -95.23
CA PHE D 162 -49.80 21.53 -94.39
C PHE D 162 -48.51 21.49 -93.60
N GLY D 163 -47.76 22.59 -93.58
CA GLY D 163 -46.53 22.67 -92.80
C GLY D 163 -45.77 23.97 -93.00
N ALA D 164 -44.87 24.25 -92.04
CA ALA D 164 -44.11 25.49 -92.00
C ALA D 164 -42.88 25.39 -92.90
N GLN D 165 -42.53 24.18 -93.36
CA GLN D 165 -41.29 23.93 -94.09
C GLN D 165 -41.63 23.32 -95.47
N LEU D 166 -40.95 23.79 -96.53
CA LEU D 166 -41.30 23.35 -97.87
C LEU D 166 -40.79 21.93 -98.08
N ASP D 167 -39.64 21.60 -97.47
CA ASP D 167 -39.03 20.28 -97.55
C ASP D 167 -38.73 19.96 -99.02
N MET D 168 -38.06 20.90 -99.69
CA MET D 168 -37.77 20.79 -101.12
C MET D 168 -36.27 20.76 -101.32
N ALA D 169 -35.55 20.00 -100.47
CA ALA D 169 -34.14 19.73 -100.68
C ALA D 169 -33.97 18.61 -101.70
N ASP D 170 -33.40 18.96 -102.87
CA ASP D 170 -33.05 17.96 -103.86
C ASP D 170 -32.18 16.90 -103.18
N SER D 171 -31.19 17.38 -102.43
CA SER D 171 -30.46 16.54 -101.49
C SER D 171 -30.07 17.29 -100.22
N TRP D 172 -29.88 16.51 -99.15
CA TRP D 172 -29.55 17.00 -97.82
C TRP D 172 -28.43 16.14 -97.23
N ALA D 173 -27.28 16.79 -96.93
CA ALA D 173 -26.09 16.07 -96.51
C ALA D 173 -25.79 14.94 -97.49
N GLY D 174 -25.87 15.25 -98.79
CA GLY D 174 -25.58 14.27 -99.83
C GLY D 174 -26.64 13.18 -99.94
N GLU D 175 -27.69 13.25 -99.11
CA GLU D 175 -28.69 12.19 -99.01
C GLU D 175 -29.97 12.67 -99.71
N ARG D 176 -30.89 11.74 -100.01
CA ARG D 176 -31.98 12.05 -100.92
C ARG D 176 -33.37 11.68 -100.38
N ASN D 177 -33.45 10.94 -99.26
CA ASN D 177 -34.75 10.58 -98.71
C ASN D 177 -34.90 10.98 -97.23
N LEU D 178 -34.22 12.06 -96.82
CA LEU D 178 -34.40 12.61 -95.49
C LEU D 178 -35.64 13.51 -95.48
N ALA D 179 -36.09 13.88 -94.28
CA ALA D 179 -37.36 14.58 -94.13
C ALA D 179 -37.38 15.87 -94.95
N PRO D 180 -36.33 16.71 -94.94
CA PRO D 180 -36.36 17.91 -95.76
C PRO D 180 -36.24 17.69 -97.28
N CYS D 181 -36.22 16.43 -97.71
CA CYS D 181 -36.27 16.06 -99.12
C CYS D 181 -37.67 15.62 -99.55
N ALA D 182 -38.60 15.57 -98.60
CA ALA D 182 -39.85 14.85 -98.81
C ALA D 182 -40.60 15.37 -100.02
N MET D 183 -40.63 16.69 -100.17
CA MET D 183 -41.45 17.33 -101.20
C MET D 183 -40.76 17.21 -102.56
N ALA D 184 -39.42 17.29 -102.54
CA ALA D 184 -38.62 17.11 -103.73
C ALA D 184 -38.83 15.71 -104.31
N ARG D 185 -39.00 14.68 -103.48
CA ARG D 185 -39.25 13.34 -103.98
C ARG D 185 -40.70 13.19 -104.43
N ILE D 186 -41.66 13.68 -103.62
CA ILE D 186 -43.07 13.46 -103.90
C ILE D 186 -43.47 14.14 -105.21
N THR D 187 -42.88 15.31 -105.52
CA THR D 187 -43.23 16.04 -106.72
C THR D 187 -42.53 15.48 -107.95
N GLU D 188 -41.78 14.38 -107.82
CA GLU D 188 -41.23 13.67 -108.98
C GLU D 188 -42.08 12.45 -109.33
N LEU D 189 -43.19 12.25 -108.62
CA LEU D 189 -44.03 11.09 -108.89
C LEU D 189 -44.72 11.24 -110.24
N PRO D 190 -44.69 10.20 -111.09
CA PRO D 190 -45.06 10.34 -112.50
C PRO D 190 -46.51 10.76 -112.75
N ASN D 191 -47.45 10.26 -111.94
CA ASN D 191 -48.87 10.56 -112.09
C ASN D 191 -49.33 11.66 -111.12
N LEU D 192 -48.39 12.46 -110.59
CA LEU D 192 -48.75 13.60 -109.77
C LEU D 192 -48.33 14.89 -110.47
N ASP D 193 -49.31 15.53 -111.10
CA ASP D 193 -49.07 16.78 -111.80
C ASP D 193 -48.85 17.89 -110.79
N ILE D 194 -47.83 18.73 -111.02
CA ILE D 194 -47.48 19.81 -110.09
C ILE D 194 -48.70 20.70 -109.86
N ARG D 195 -49.58 20.80 -110.86
CA ARG D 195 -50.79 21.62 -110.77
C ARG D 195 -51.78 21.03 -109.77
N ASN D 196 -51.63 19.74 -109.43
CA ASN D 196 -52.51 19.12 -108.45
C ASN D 196 -51.81 19.00 -107.09
N VAL D 197 -50.73 19.76 -106.89
CA VAL D 197 -49.99 19.74 -105.63
C VAL D 197 -50.24 21.04 -104.86
N ALA D 198 -50.59 20.92 -103.57
CA ALA D 198 -50.70 22.08 -102.69
C ALA D 198 -49.77 21.92 -101.49
N HIS D 199 -49.27 23.06 -101.00
CA HIS D 199 -48.46 23.11 -99.79
C HIS D 199 -48.77 24.41 -99.05
N LEU D 200 -49.28 24.33 -97.82
CA LEU D 200 -49.82 25.50 -97.13
C LEU D 200 -49.11 25.67 -95.79
N GLY D 201 -48.63 26.89 -95.56
CA GLY D 201 -48.22 27.35 -94.25
C GLY D 201 -46.75 27.71 -94.14
N ALA D 202 -45.99 27.65 -95.24
CA ALA D 202 -44.55 27.79 -95.15
C ALA D 202 -44.21 29.19 -94.63
N ARG D 203 -43.29 29.25 -93.67
CA ARG D 203 -42.93 30.51 -93.06
C ARG D 203 -41.64 30.30 -92.28
N ASN D 204 -41.05 31.44 -91.92
CA ASN D 204 -39.85 31.50 -91.10
C ASN D 204 -38.69 30.89 -91.85
N ALA D 205 -37.57 30.69 -91.13
CA ALA D 205 -36.28 30.58 -91.79
C ALA D 205 -35.80 29.14 -91.94
N MET D 206 -36.61 28.13 -91.63
CA MET D 206 -36.22 26.76 -91.97
C MET D 206 -36.67 26.47 -93.38
N ASN D 207 -36.18 27.27 -94.32
CA ASN D 207 -36.65 27.26 -95.69
C ASN D 207 -35.51 27.78 -96.57
N PRO D 208 -34.45 26.97 -96.79
CA PRO D 208 -33.25 27.44 -97.46
C PRO D 208 -33.53 27.80 -98.92
N LYS D 209 -32.64 28.61 -99.51
CA LYS D 209 -32.88 29.22 -100.82
C LYS D 209 -33.10 28.15 -101.89
N ASP D 210 -32.44 26.99 -101.79
CA ASP D 210 -32.59 25.98 -102.82
C ASP D 210 -33.99 25.40 -102.80
N HIS D 211 -34.69 25.46 -101.64
CA HIS D 211 -36.05 24.94 -101.59
C HIS D 211 -36.95 25.84 -102.41
N ILE D 212 -36.70 27.16 -102.35
CA ILE D 212 -37.43 28.15 -103.13
C ILE D 212 -37.11 27.96 -104.62
N ASP D 213 -35.80 27.94 -104.96
CA ASP D 213 -35.33 27.79 -106.32
C ASP D 213 -35.99 26.58 -106.98
N LEU D 214 -35.91 25.40 -106.34
CA LEU D 214 -36.46 24.19 -106.92
C LEU D 214 -37.98 24.31 -107.09
N SER D 215 -38.64 24.97 -106.11
CA SER D 215 -40.09 25.15 -106.16
C SER D 215 -40.48 25.93 -107.42
N LYS D 216 -39.77 27.04 -107.67
CA LYS D 216 -40.03 27.88 -108.83
C LYS D 216 -39.73 27.11 -110.10
N GLU D 217 -38.58 26.43 -110.12
CA GLU D 217 -38.18 25.62 -111.25
C GLU D 217 -39.29 24.65 -111.64
N ARG D 218 -39.91 23.97 -110.66
CA ARG D 218 -40.92 22.96 -110.98
C ARG D 218 -42.34 23.52 -110.99
N GLY D 219 -42.51 24.81 -110.64
CA GLY D 219 -43.83 25.39 -110.57
C GLY D 219 -44.66 24.93 -109.36
N LEU D 220 -44.03 24.71 -108.20
CA LEU D 220 -44.79 24.44 -106.98
C LEU D 220 -45.42 25.74 -106.50
N GLN D 221 -46.75 25.77 -106.52
CA GLN D 221 -47.50 26.96 -106.16
C GLN D 221 -47.87 26.86 -104.68
N TYR D 222 -46.86 26.97 -103.82
CA TYR D 222 -47.08 26.82 -102.39
C TYR D 222 -47.75 28.08 -101.86
N ASP D 223 -48.62 27.90 -100.86
CA ASP D 223 -49.27 29.01 -100.19
C ASP D 223 -48.52 29.25 -98.88
N SER D 224 -47.54 30.17 -98.90
CA SER D 224 -46.88 30.60 -97.69
C SER D 224 -47.90 31.17 -96.67
N MET D 225 -47.52 31.20 -95.40
CA MET D 225 -48.40 31.72 -94.36
C MET D 225 -48.70 33.19 -94.62
N PHE D 226 -47.72 33.94 -95.14
CA PHE D 226 -47.91 35.36 -95.47
C PHE D 226 -48.94 35.53 -96.59
N ASP D 227 -48.82 34.71 -97.64
CA ASP D 227 -49.82 34.69 -98.71
C ASP D 227 -51.20 34.44 -98.09
N LEU D 228 -51.29 33.49 -97.15
CA LEU D 228 -52.56 33.12 -96.55
C LEU D 228 -53.15 34.28 -95.74
N PHE D 229 -52.34 34.92 -94.91
CA PHE D 229 -52.82 36.06 -94.12
C PHE D 229 -53.32 37.16 -95.06
N ASP D 230 -52.60 37.41 -96.14
CA ASP D 230 -52.97 38.47 -97.08
C ASP D 230 -54.35 38.21 -97.69
N ALA D 231 -54.66 36.93 -97.90
CA ALA D 231 -55.88 36.50 -98.58
C ALA D 231 -57.02 36.24 -97.59
N GLY D 232 -56.81 36.44 -96.29
CA GLY D 232 -57.83 36.14 -95.30
C GLY D 232 -57.96 34.63 -95.09
N ILE D 233 -56.89 33.91 -95.46
CA ILE D 233 -56.70 32.48 -95.28
C ILE D 233 -57.60 31.71 -96.23
N TYR D 234 -58.90 31.69 -95.90
CA TYR D 234 -59.78 30.65 -96.42
C TYR D 234 -59.91 30.73 -97.94
N PRO D 235 -60.07 31.92 -98.57
CA PRO D 235 -60.17 32.01 -100.02
C PRO D 235 -58.99 31.38 -100.75
N LEU D 236 -57.77 31.51 -100.20
CA LEU D 236 -56.61 30.93 -100.86
C LEU D 236 -56.56 29.41 -100.65
N VAL D 237 -56.96 28.95 -99.47
CA VAL D 237 -57.06 27.52 -99.16
C VAL D 237 -58.05 26.85 -100.11
N GLU D 238 -59.20 27.49 -100.31
CA GLU D 238 -60.20 26.99 -101.25
C GLU D 238 -59.61 26.81 -102.64
N ARG D 239 -58.90 27.81 -103.15
CA ARG D 239 -58.24 27.71 -104.46
C ARG D 239 -57.39 26.44 -104.53
N SER D 240 -56.62 26.18 -103.47
CA SER D 240 -55.66 25.09 -103.47
C SER D 240 -56.35 23.74 -103.28
N ILE D 241 -57.43 23.70 -102.50
CA ILE D 241 -58.21 22.47 -102.41
C ILE D 241 -58.77 22.12 -103.79
N ASP D 242 -59.24 23.13 -104.52
CA ASP D 242 -59.81 22.94 -105.84
C ASP D 242 -58.77 22.29 -106.76
N ARG D 243 -57.56 22.87 -106.79
CA ARG D 243 -56.52 22.36 -107.66
C ARG D 243 -56.19 20.91 -107.34
N VAL D 244 -56.36 20.49 -106.08
CA VAL D 244 -55.90 19.17 -105.64
C VAL D 244 -56.98 18.12 -105.92
N TRP D 245 -58.25 18.49 -105.70
CA TRP D 245 -59.36 17.53 -105.75
C TRP D 245 -60.01 17.47 -107.14
N SER D 246 -60.16 18.62 -107.82
CA SER D 246 -60.91 18.72 -109.05
C SER D 246 -60.14 18.05 -110.18
N GLY D 247 -60.69 16.94 -110.70
CA GLY D 247 -60.13 16.23 -111.83
C GLY D 247 -58.99 15.29 -111.45
N THR D 248 -58.94 14.88 -110.16
CA THR D 248 -58.01 13.85 -109.73
C THR D 248 -58.81 12.66 -109.24
N ASP D 249 -58.17 11.49 -109.32
CA ASP D 249 -58.80 10.22 -108.97
C ASP D 249 -58.50 9.86 -107.52
N ALA D 250 -57.33 10.28 -107.00
CA ALA D 250 -56.97 10.03 -105.60
C ALA D 250 -56.27 11.25 -105.01
N GLN D 251 -56.48 11.50 -103.71
CA GLN D 251 -55.88 12.65 -103.04
C GLN D 251 -55.20 12.24 -101.73
N TYR D 252 -53.96 12.72 -101.59
CA TYR D 252 -53.13 12.51 -100.41
C TYR D 252 -53.14 13.79 -99.59
N LEU D 253 -53.47 13.66 -98.30
CA LEU D 253 -53.53 14.78 -97.39
C LEU D 253 -52.55 14.49 -96.24
N GLY D 254 -51.59 15.40 -96.07
CA GLY D 254 -50.57 15.28 -95.02
C GLY D 254 -50.50 16.53 -94.14
N PHE D 255 -50.11 16.31 -92.88
CA PHE D 255 -50.00 17.34 -91.87
C PHE D 255 -48.66 17.21 -91.16
N ASN D 256 -47.94 18.33 -91.13
CA ASN D 256 -46.94 18.59 -90.12
C ASN D 256 -47.53 19.68 -89.24
N PHE D 257 -47.77 19.39 -87.96
CA PHE D 257 -48.55 20.32 -87.16
C PHE D 257 -47.75 21.54 -86.72
N ASN D 258 -46.54 21.70 -87.26
CA ASN D 258 -45.87 22.98 -87.12
C ASN D 258 -46.44 23.99 -88.10
N VAL D 259 -47.43 23.57 -88.91
CA VAL D 259 -48.24 24.54 -89.62
C VAL D 259 -48.99 25.43 -88.62
N MET D 260 -49.29 24.89 -87.43
CA MET D 260 -50.06 25.62 -86.43
C MET D 260 -49.13 26.58 -85.71
N ASP D 261 -49.70 27.64 -85.15
CA ASP D 261 -48.99 28.55 -84.27
C ASP D 261 -48.39 27.74 -83.13
N SER D 262 -47.18 28.10 -82.71
CA SER D 262 -46.49 27.41 -81.63
C SER D 262 -47.39 27.25 -80.40
N SER D 263 -48.17 28.29 -80.04
CA SER D 263 -49.08 28.25 -78.90
C SER D 263 -49.96 27.00 -78.92
N THR D 264 -50.46 26.57 -80.08
CA THR D 264 -51.29 25.37 -80.12
C THR D 264 -50.53 24.13 -80.58
N ALA D 265 -49.26 24.28 -80.94
CA ALA D 265 -48.50 23.11 -81.35
C ALA D 265 -47.07 23.23 -80.86
N PRO D 266 -46.82 23.23 -79.52
CA PRO D 266 -45.46 23.22 -79.00
C PRO D 266 -44.75 21.88 -79.20
N GLY D 267 -45.53 20.79 -79.09
CA GLY D 267 -44.99 19.44 -79.09
C GLY D 267 -44.84 18.88 -80.49
N VAL D 268 -43.96 19.51 -81.25
CA VAL D 268 -43.64 19.08 -82.59
C VAL D 268 -42.14 19.23 -82.76
N THR D 269 -41.54 18.52 -83.73
CA THR D 269 -40.08 18.46 -83.75
C THR D 269 -39.48 19.85 -84.01
N SER D 270 -40.20 20.71 -84.77
CA SER D 270 -39.69 22.04 -85.08
C SER D 270 -40.85 23.04 -84.97
N THR D 271 -41.19 23.49 -83.75
CA THR D 271 -42.30 24.42 -83.61
C THR D 271 -42.03 25.70 -84.38
N GLU D 272 -43.08 26.39 -84.81
CA GLU D 272 -42.93 27.62 -85.55
C GLU D 272 -43.95 28.64 -85.04
N PRO D 273 -43.54 29.82 -84.54
CA PRO D 273 -44.50 30.88 -84.20
C PRO D 273 -45.15 31.41 -85.47
N GLY D 274 -46.35 31.99 -85.33
CA GLY D 274 -46.94 32.81 -86.39
C GLY D 274 -47.72 32.00 -87.44
N GLY D 275 -48.36 30.93 -86.99
CA GLY D 275 -49.05 29.98 -87.86
C GLY D 275 -50.55 29.99 -87.56
N LEU D 276 -51.23 28.94 -88.04
CA LEU D 276 -52.68 28.81 -87.93
C LEU D 276 -53.07 28.68 -86.46
N GLU D 277 -54.26 29.20 -86.12
CA GLU D 277 -54.85 28.91 -84.82
C GLU D 277 -55.77 27.70 -85.00
N SER D 278 -56.10 27.03 -83.90
CA SER D 278 -56.91 25.80 -83.91
C SER D 278 -58.23 25.98 -84.64
N ARG D 279 -58.96 27.09 -84.39
CA ARG D 279 -60.27 27.29 -85.00
C ARG D 279 -60.12 27.41 -86.51
N GLU D 280 -58.98 27.97 -86.97
CA GLU D 280 -58.71 28.13 -88.39
C GLU D 280 -58.51 26.78 -89.07
N MET D 281 -57.74 25.89 -88.44
CA MET D 281 -57.54 24.56 -89.00
C MET D 281 -58.86 23.77 -89.00
N MET D 282 -59.75 24.01 -88.02
CA MET D 282 -61.03 23.31 -87.93
C MET D 282 -61.91 23.71 -89.11
N ARG D 283 -61.93 25.01 -89.42
CA ARG D 283 -62.66 25.54 -90.57
C ARG D 283 -62.10 24.90 -91.84
N ILE D 284 -60.77 24.86 -91.95
CA ILE D 284 -60.12 24.27 -93.09
C ILE D 284 -60.49 22.79 -93.25
N VAL D 285 -60.59 22.05 -92.15
CA VAL D 285 -60.97 20.65 -92.21
C VAL D 285 -62.34 20.48 -92.87
N ASP D 286 -63.31 21.32 -92.50
CA ASP D 286 -64.65 21.24 -93.06
C ASP D 286 -64.59 21.55 -94.56
N MET D 287 -63.73 22.49 -94.95
CA MET D 287 -63.61 22.91 -96.33
C MET D 287 -63.04 21.77 -97.16
N ILE D 288 -62.12 20.99 -96.58
CA ILE D 288 -61.60 19.84 -97.27
C ILE D 288 -62.69 18.78 -97.47
N ALA D 289 -63.52 18.58 -96.43
CA ALA D 289 -64.49 17.51 -96.42
C ALA D 289 -65.61 17.76 -97.45
N LYS D 290 -65.88 19.03 -97.77
CA LYS D 290 -66.88 19.39 -98.77
C LYS D 290 -66.64 18.70 -100.11
N ARG D 291 -65.45 18.10 -100.33
CA ARG D 291 -65.14 17.50 -101.62
C ARG D 291 -65.41 16.00 -101.60
N GLY D 292 -66.10 15.48 -100.59
CA GLY D 292 -66.08 14.04 -100.37
C GLY D 292 -64.68 13.60 -99.98
N GLY D 293 -64.29 12.40 -100.41
CA GLY D 293 -63.28 11.62 -99.71
C GLY D 293 -61.84 12.12 -99.79
N VAL D 294 -61.00 11.22 -99.25
CA VAL D 294 -59.55 11.31 -99.18
C VAL D 294 -59.03 9.90 -99.39
N SER D 295 -57.82 9.75 -99.95
CA SER D 295 -57.25 8.44 -100.23
C SER D 295 -56.29 8.03 -99.12
N VAL D 296 -55.52 9.00 -98.59
CA VAL D 296 -54.55 8.77 -97.53
C VAL D 296 -54.53 10.02 -96.63
N ILE D 297 -54.46 9.79 -95.31
CA ILE D 297 -54.24 10.83 -94.31
C ILE D 297 -52.93 10.52 -93.59
N ASP D 298 -52.00 11.49 -93.57
CA ASP D 298 -50.76 11.36 -92.81
C ASP D 298 -50.66 12.51 -91.81
N LEU D 299 -50.00 12.26 -90.68
CA LEU D 299 -49.50 13.28 -89.78
C LEU D 299 -48.12 12.82 -89.31
N THR D 300 -47.13 13.70 -89.45
CA THR D 300 -45.77 13.43 -89.02
C THR D 300 -45.26 14.56 -88.11
N GLU D 301 -44.20 14.24 -87.36
CA GLU D 301 -43.36 15.18 -86.63
C GLU D 301 -44.05 15.71 -85.35
N LEU D 302 -45.08 15.02 -84.83
CA LEU D 302 -45.40 15.22 -83.42
C LEU D 302 -44.19 14.80 -82.59
N CYS D 303 -43.95 15.48 -81.48
CA CYS D 303 -42.73 15.27 -80.71
C CYS D 303 -43.04 15.49 -79.23
N PRO D 304 -43.64 14.48 -78.58
CA PRO D 304 -44.16 14.60 -77.21
C PRO D 304 -43.24 15.16 -76.11
N ILE D 305 -41.92 14.98 -76.24
CA ILE D 305 -40.99 15.49 -75.23
C ILE D 305 -41.07 17.02 -75.14
N PHE D 306 -41.57 17.70 -76.18
CA PHE D 306 -41.57 19.15 -76.16
C PHE D 306 -42.99 19.68 -75.94
N ASP D 307 -43.96 18.80 -75.64
CA ASP D 307 -45.35 19.22 -75.62
C ASP D 307 -45.69 19.86 -74.27
N ILE D 308 -46.75 20.65 -74.26
CA ILE D 308 -47.15 21.34 -73.04
C ILE D 308 -48.53 20.85 -72.66
N SER D 309 -48.60 19.91 -71.71
CA SER D 309 -49.83 19.21 -71.34
C SER D 309 -50.55 18.65 -72.56
N GLY D 310 -49.78 18.05 -73.46
CA GLY D 310 -50.36 17.33 -74.58
C GLY D 310 -51.06 18.26 -75.58
N THR D 311 -50.74 19.56 -75.59
CA THR D 311 -51.48 20.52 -76.38
C THR D 311 -51.44 20.14 -77.87
N ALA D 312 -50.23 19.92 -78.41
CA ALA D 312 -50.06 19.59 -79.83
C ALA D 312 -50.76 18.28 -80.19
N ALA D 313 -50.49 17.23 -79.41
CA ALA D 313 -51.04 15.92 -79.72
C ALA D 313 -52.57 15.95 -79.64
N ARG D 314 -53.10 16.75 -78.70
CA ARG D 314 -54.53 16.87 -78.51
C ARG D 314 -55.14 17.61 -79.70
N LEU D 315 -54.40 18.60 -80.25
CA LEU D 315 -54.92 19.31 -81.39
C LEU D 315 -54.91 18.40 -82.61
N ALA D 316 -53.79 17.70 -82.82
CA ALA D 316 -53.69 16.73 -83.90
C ALA D 316 -54.89 15.79 -83.86
N ALA D 317 -55.17 15.23 -82.67
CA ALA D 317 -56.26 14.28 -82.51
C ALA D 317 -57.59 14.92 -82.88
N CYS D 318 -57.88 16.13 -82.38
CA CYS D 318 -59.16 16.76 -82.69
C CYS D 318 -59.29 16.96 -84.19
N VAL D 319 -58.18 17.36 -84.83
CA VAL D 319 -58.19 17.65 -86.25
C VAL D 319 -58.45 16.36 -87.04
N ILE D 320 -57.75 15.27 -86.71
CA ILE D 320 -57.92 14.03 -87.45
C ILE D 320 -59.34 13.50 -87.28
N MET D 321 -59.88 13.55 -86.06
CA MET D 321 -61.18 12.96 -85.74
C MET D 321 -62.31 13.80 -86.34
N ARG D 322 -62.11 15.13 -86.36
CA ARG D 322 -63.10 16.05 -86.90
C ARG D 322 -63.17 15.91 -88.42
N LEU D 323 -62.03 15.69 -89.07
CA LEU D 323 -62.00 15.42 -90.49
C LEU D 323 -62.81 14.15 -90.78
N MET D 324 -62.62 13.12 -89.96
CA MET D 324 -63.38 11.89 -90.13
C MET D 324 -64.88 12.21 -89.98
N ALA D 325 -65.23 12.90 -88.89
CA ALA D 325 -66.61 13.26 -88.63
C ALA D 325 -67.18 14.11 -89.77
N SER D 326 -66.37 15.00 -90.33
CA SER D 326 -66.87 15.96 -91.29
C SER D 326 -67.08 15.30 -92.64
N LEU D 327 -66.18 14.39 -93.02
CA LEU D 327 -66.33 13.58 -94.22
C LEU D 327 -67.63 12.79 -94.13
N ALA D 328 -67.82 12.07 -93.02
CA ALA D 328 -69.01 11.27 -92.80
C ALA D 328 -70.26 12.14 -92.90
N ALA D 329 -70.23 13.38 -92.37
CA ALA D 329 -71.41 14.22 -92.46
C ALA D 329 -71.69 14.52 -93.93
N GLN D 330 -70.64 14.79 -94.72
CA GLN D 330 -70.87 15.10 -96.13
C GLN D 330 -71.34 13.87 -96.91
N ASP D 331 -71.02 12.67 -96.42
CA ASP D 331 -71.44 11.42 -97.06
C ASP D 331 -72.86 11.04 -96.63
N GLY D 332 -73.48 11.86 -95.77
CA GLY D 332 -74.80 11.56 -95.24
C GLY D 332 -74.80 10.47 -94.16
N ASP D 333 -73.61 10.00 -93.75
CA ASP D 333 -73.50 8.92 -92.77
C ASP D 333 -73.71 9.48 -91.36
N VAL D 334 -74.94 9.94 -91.12
CA VAL D 334 -75.37 10.55 -89.88
C VAL D 334 -76.11 9.50 -89.05
N ILE D 335 -76.40 9.81 -87.79
CA ILE D 335 -77.13 8.90 -86.94
C ILE D 335 -78.58 9.36 -86.82
N ASP D 336 -79.48 8.38 -86.66
CA ASP D 336 -80.90 8.63 -86.58
C ASP D 336 -81.22 9.55 -85.39
N ASP D 337 -81.83 10.70 -85.68
CA ASP D 337 -82.38 11.62 -84.67
C ASP D 337 -83.21 10.92 -83.59
N LYS D 338 -83.99 9.89 -83.98
CA LYS D 338 -85.05 9.36 -83.13
C LYS D 338 -84.49 8.47 -82.02
N LEU D 339 -83.24 8.00 -82.19
CA LEU D 339 -82.58 7.12 -81.24
C LEU D 339 -82.48 7.81 -79.87
N ARG D 340 -82.80 7.08 -78.78
CA ARG D 340 -82.77 7.63 -77.44
C ARG D 340 -82.03 6.68 -76.50
N ARG D 341 -81.65 7.19 -75.32
CA ARG D 341 -80.87 6.41 -74.36
C ARG D 341 -81.71 5.28 -73.75
N THR D 342 -83.03 5.46 -73.71
CA THR D 342 -83.93 4.51 -73.07
C THR D 342 -83.99 3.19 -73.84
N ASP D 343 -82.96 2.88 -74.63
CA ASP D 343 -82.95 1.69 -75.47
C ASP D 343 -81.94 0.68 -74.91
N SER E 6 6.32 -50.17 -14.94
CA SER E 6 7.33 -49.23 -15.49
C SER E 6 7.88 -48.35 -14.36
N TYR E 7 9.15 -47.95 -14.50
CA TYR E 7 9.86 -47.22 -13.47
C TYR E 7 10.43 -45.92 -14.04
N ALA E 8 9.74 -45.35 -15.04
CA ALA E 8 10.18 -44.15 -15.71
C ALA E 8 10.07 -42.95 -14.78
N HIS E 9 9.13 -43.03 -13.82
CA HIS E 9 8.88 -41.95 -12.88
C HIS E 9 10.05 -41.76 -11.90
N LEU E 10 10.88 -42.79 -11.70
CA LEU E 10 12.04 -42.70 -10.81
C LEU E 10 13.11 -41.76 -11.39
N PHE E 11 13.04 -41.47 -12.69
CA PHE E 11 14.18 -40.88 -13.38
C PHE E 11 13.75 -39.65 -14.16
N SER E 12 14.75 -38.84 -14.53
CA SER E 12 14.54 -37.72 -15.43
C SER E 12 13.71 -38.18 -16.62
N PRO E 13 12.76 -37.37 -17.12
CA PRO E 13 11.99 -37.74 -18.32
C PRO E 13 12.91 -37.83 -19.54
N LEU E 14 12.64 -38.84 -20.39
CA LEU E 14 13.46 -39.16 -21.55
C LEU E 14 13.16 -38.17 -22.67
N GLY E 15 11.91 -37.71 -22.72
CA GLY E 15 11.50 -36.75 -23.72
C GLY E 15 11.02 -37.47 -24.98
N GLY E 16 11.37 -36.91 -26.15
CA GLY E 16 10.59 -37.12 -27.36
C GLY E 16 9.26 -36.40 -27.26
N ALA E 24 -3.25 -36.46 -20.82
CA ALA E 24 -4.48 -36.54 -19.99
C ALA E 24 -4.33 -35.68 -18.74
N PRO E 25 -4.66 -34.36 -18.80
CA PRO E 25 -4.54 -33.47 -17.64
C PRO E 25 -5.11 -34.07 -16.35
N GLY E 26 -4.25 -34.19 -15.33
CA GLY E 26 -4.55 -34.94 -14.12
C GLY E 26 -5.35 -34.13 -13.12
N LEU E 27 -5.15 -34.42 -11.84
CA LEU E 27 -6.10 -34.09 -10.79
C LEU E 27 -5.36 -33.46 -9.61
N ILE E 28 -6.12 -32.78 -8.73
CA ILE E 28 -5.57 -32.29 -7.48
C ILE E 28 -5.59 -33.45 -6.47
N THR E 29 -4.50 -34.23 -6.42
CA THR E 29 -4.41 -35.33 -5.48
C THR E 29 -3.08 -35.29 -4.75
N PHE E 30 -3.15 -35.59 -3.46
CA PHE E 30 -1.98 -35.89 -2.65
C PHE E 30 -1.00 -36.74 -3.44
N LEU E 31 0.16 -36.17 -3.77
CA LEU E 31 1.28 -36.94 -4.30
C LEU E 31 1.01 -37.47 -5.71
N ARG E 32 0.09 -36.85 -6.46
CA ARG E 32 -0.33 -37.38 -7.74
C ARG E 32 -0.90 -38.79 -7.57
N SER E 33 -1.57 -39.03 -6.45
CA SER E 33 -2.20 -40.31 -6.17
C SER E 33 -3.39 -40.53 -7.11
N ALA E 34 -3.74 -41.80 -7.30
CA ALA E 34 -5.04 -42.13 -7.87
C ALA E 34 -6.12 -41.72 -6.89
N HIS E 35 -7.29 -41.34 -7.43
CA HIS E 35 -8.49 -41.22 -6.61
C HIS E 35 -9.05 -42.61 -6.38
N VAL E 36 -9.59 -42.83 -5.18
CA VAL E 36 -10.34 -44.03 -4.84
C VAL E 36 -11.45 -43.60 -3.90
N PRO E 37 -12.73 -43.96 -4.13
CA PRO E 37 -13.82 -43.48 -3.30
C PRO E 37 -13.63 -43.87 -1.84
N LEU E 38 -14.33 -43.16 -0.95
CA LEU E 38 -14.26 -43.41 0.48
C LEU E 38 -15.14 -44.62 0.80
N ASN E 39 -14.60 -45.80 0.45
CA ASN E 39 -15.32 -47.06 0.46
C ASN E 39 -14.36 -48.17 0.89
N ALA E 40 -14.68 -48.88 1.97
CA ALA E 40 -13.76 -49.84 2.55
C ALA E 40 -13.29 -50.87 1.52
N GLU E 41 -14.21 -51.35 0.66
CA GLU E 41 -13.94 -52.48 -0.23
C GLU E 41 -13.02 -52.03 -1.37
N ALA E 42 -13.33 -50.88 -1.97
CA ALA E 42 -12.48 -50.29 -3.00
C ALA E 42 -11.09 -50.00 -2.44
N LEU E 43 -11.04 -49.49 -1.20
CA LEU E 43 -9.78 -49.11 -0.58
C LEU E 43 -8.90 -50.35 -0.35
N LYS E 44 -9.49 -51.43 0.17
CA LYS E 44 -8.73 -52.67 0.34
C LYS E 44 -8.22 -53.20 -1.01
N ALA E 45 -9.02 -53.01 -2.08
CA ALA E 45 -8.69 -53.54 -3.40
C ALA E 45 -7.54 -52.79 -4.07
N CYS E 46 -7.40 -51.48 -3.76
CA CYS E 46 -6.54 -50.61 -4.55
C CYS E 46 -5.05 -50.94 -4.34
N GLY E 47 -4.69 -51.47 -3.17
CA GLY E 47 -3.33 -51.95 -2.92
C GLY E 47 -2.42 -50.93 -2.20
N ALA E 48 -2.97 -49.78 -1.80
CA ALA E 48 -2.22 -48.73 -1.13
C ALA E 48 -2.26 -48.92 0.38
N LYS E 49 -1.28 -48.31 1.04
CA LYS E 49 -1.12 -48.42 2.48
C LYS E 49 -1.75 -47.21 3.18
N TYR E 50 -1.89 -46.09 2.47
CA TYR E 50 -2.42 -44.85 3.05
C TYR E 50 -3.56 -44.29 2.20
N ALA E 51 -4.57 -43.72 2.85
CA ALA E 51 -5.66 -43.02 2.19
C ALA E 51 -5.76 -41.57 2.69
N PHE E 52 -5.50 -40.62 1.79
CA PHE E 52 -5.55 -39.21 2.12
C PHE E 52 -7.01 -38.76 2.15
N VAL E 53 -7.41 -38.12 3.24
CA VAL E 53 -8.73 -37.52 3.30
C VAL E 53 -8.62 -36.06 3.73
N GLY E 54 -9.11 -35.17 2.86
CA GLY E 54 -9.21 -33.76 3.20
C GLY E 54 -10.43 -33.50 4.07
N VAL E 55 -10.30 -32.56 5.02
CA VAL E 55 -11.40 -32.23 5.92
C VAL E 55 -11.42 -30.72 6.11
N PRO E 56 -11.88 -29.95 5.10
CA PRO E 56 -11.94 -28.48 5.20
C PRO E 56 -13.01 -27.99 6.16
N PHE E 57 -12.83 -28.32 7.45
CA PHE E 57 -13.75 -27.95 8.51
C PHE E 57 -13.06 -26.93 9.42
N ASP E 58 -13.72 -25.82 9.72
CA ASP E 58 -13.08 -24.63 10.26
C ASP E 58 -13.77 -24.19 11.57
N GLU E 59 -14.84 -24.89 11.99
CA GLU E 59 -15.83 -24.30 12.88
C GLU E 59 -15.53 -24.56 14.35
N GLY E 60 -14.51 -25.37 14.65
CA GLY E 60 -13.98 -25.47 16.00
C GLY E 60 -12.92 -24.39 16.31
N ASN E 61 -12.51 -23.64 15.29
CA ASN E 61 -11.39 -22.71 15.38
C ASN E 61 -11.86 -21.42 16.02
N ILE E 62 -11.26 -21.04 17.15
CA ILE E 62 -11.62 -19.81 17.82
C ILE E 62 -10.70 -18.65 17.41
N GLY E 63 -9.72 -18.94 16.54
CA GLY E 63 -8.70 -17.97 16.17
C GLY E 63 -8.85 -17.50 14.73
N LYS E 64 -7.70 -17.32 14.06
CA LYS E 64 -7.68 -16.66 12.77
C LYS E 64 -8.08 -17.67 11.69
N PRO E 65 -8.90 -17.25 10.71
CA PRO E 65 -9.43 -18.17 9.69
C PRO E 65 -8.40 -18.47 8.61
N GLY E 66 -8.62 -19.60 7.94
CA GLY E 66 -7.83 -19.94 6.76
C GLY E 66 -7.62 -21.44 6.60
N SER E 67 -7.87 -22.23 7.64
CA SER E 67 -7.48 -23.64 7.59
C SER E 67 -8.31 -24.43 6.57
N GLU E 68 -9.45 -23.92 6.10
CA GLU E 68 -10.27 -24.71 5.19
C GLU E 68 -9.63 -24.78 3.80
N ASP E 69 -8.66 -23.90 3.48
CA ASP E 69 -7.98 -23.96 2.20
C ASP E 69 -6.74 -24.84 2.27
N ALA E 70 -6.41 -25.37 3.45
CA ALA E 70 -5.19 -26.14 3.63
C ALA E 70 -5.18 -27.39 2.76
N PRO E 71 -6.25 -28.21 2.71
CA PRO E 71 -6.21 -29.46 1.95
C PRO E 71 -5.86 -29.24 0.49
N ARG E 72 -6.44 -28.20 -0.13
CA ARG E 72 -6.10 -27.87 -1.52
C ARG E 72 -4.61 -27.53 -1.61
N GLU E 73 -4.13 -26.58 -0.78
CA GLU E 73 -2.75 -26.13 -0.88
C GLU E 73 -1.78 -27.29 -0.59
N PHE E 74 -2.11 -28.09 0.43
CA PHE E 74 -1.26 -29.21 0.79
C PHE E 74 -1.11 -30.12 -0.42
N ARG E 75 -2.24 -30.49 -1.04
CA ARG E 75 -2.20 -31.31 -2.25
C ARG E 75 -1.25 -30.67 -3.26
N LEU E 76 -1.45 -29.38 -3.54
CA LEU E 76 -0.72 -28.73 -4.62
C LEU E 76 0.77 -28.80 -4.34
N ILE E 77 1.17 -28.50 -3.10
CA ILE E 77 2.58 -28.51 -2.74
C ILE E 77 3.17 -29.90 -3.03
N THR E 78 2.41 -30.96 -2.68
CA THR E 78 2.91 -32.32 -2.78
C THR E 78 3.22 -32.68 -4.23
N GLN E 79 2.47 -32.11 -5.19
CA GLN E 79 2.64 -32.36 -6.62
C GLN E 79 4.06 -32.06 -7.10
N GLU E 80 4.80 -31.23 -6.37
CA GLU E 80 6.04 -30.67 -6.86
C GLU E 80 7.22 -31.62 -6.63
N TYR E 81 7.02 -32.66 -5.80
CA TYR E 81 8.09 -33.58 -5.45
C TYR E 81 8.01 -34.82 -6.33
N PHE E 82 9.17 -35.38 -6.69
CA PHE E 82 9.23 -36.73 -7.21
C PHE E 82 8.74 -37.70 -6.14
N SER E 83 8.34 -38.89 -6.57
CA SER E 83 7.94 -39.93 -5.64
C SER E 83 9.16 -40.61 -5.04
N TYR E 84 10.34 -40.41 -5.65
CA TYR E 84 11.55 -41.10 -5.21
C TYR E 84 12.35 -40.26 -4.22
N TRP E 85 12.79 -40.89 -3.12
CA TRP E 85 13.47 -40.23 -2.02
C TRP E 85 14.82 -40.90 -1.79
N PHE E 86 15.87 -40.35 -2.43
CA PHE E 86 17.16 -41.00 -2.56
C PHE E 86 17.79 -41.30 -1.20
N GLU E 87 17.50 -40.46 -0.20
CA GLU E 87 18.05 -40.63 1.14
C GLU E 87 17.62 -41.97 1.74
N TYR E 88 16.43 -42.46 1.35
CA TYR E 88 15.88 -43.69 1.88
C TYR E 88 15.85 -44.80 0.83
N ASN E 89 16.20 -44.45 -0.41
CA ASN E 89 16.07 -45.34 -1.55
C ASN E 89 14.67 -45.95 -1.58
N VAL E 90 13.66 -45.08 -1.46
CA VAL E 90 12.26 -45.51 -1.41
C VAL E 90 11.49 -44.75 -2.49
N ASP E 91 10.49 -45.43 -3.06
CA ASP E 91 9.56 -44.81 -4.00
C ASP E 91 8.18 -44.84 -3.36
N LEU E 92 7.50 -43.68 -3.35
CA LEU E 92 6.21 -43.54 -2.71
C LEU E 92 5.08 -43.78 -3.72
N HIS E 93 5.45 -44.01 -4.99
CA HIS E 93 4.45 -44.29 -6.00
C HIS E 93 3.59 -45.46 -5.52
N GLY E 94 2.28 -45.24 -5.51
CA GLY E 94 1.30 -46.29 -5.23
C GLY E 94 1.08 -46.56 -3.74
N LYS E 95 1.87 -45.96 -2.85
CA LYS E 95 1.71 -46.23 -1.42
C LYS E 95 0.48 -45.49 -0.88
N ALA E 96 0.01 -44.44 -1.57
CA ALA E 96 -1.16 -43.71 -1.11
C ALA E 96 -2.18 -43.59 -2.22
N VAL E 97 -3.44 -43.35 -1.80
CA VAL E 97 -4.52 -42.92 -2.67
C VAL E 97 -5.22 -41.74 -2.01
N ASP E 98 -5.90 -40.93 -2.81
CA ASP E 98 -6.59 -39.74 -2.34
C ASP E 98 -8.09 -39.99 -2.44
N CYS E 99 -8.79 -39.89 -1.31
CA CYS E 99 -10.23 -40.14 -1.26
C CYS E 99 -11.02 -38.84 -1.48
N GLY E 100 -10.32 -37.73 -1.75
CA GLY E 100 -10.99 -36.45 -1.82
C GLY E 100 -11.40 -35.97 -0.43
N ASP E 101 -12.52 -35.24 -0.36
CA ASP E 101 -12.82 -34.41 0.80
C ASP E 101 -14.13 -34.83 1.45
N VAL E 102 -14.20 -34.73 2.78
CA VAL E 102 -15.45 -34.92 3.47
C VAL E 102 -16.32 -33.68 3.23
N SER E 103 -17.43 -33.89 2.53
CA SER E 103 -18.38 -32.84 2.22
C SER E 103 -19.13 -32.40 3.49
N MET E 104 -19.02 -31.10 3.79
CA MET E 104 -19.57 -30.49 4.98
C MET E 104 -20.83 -29.69 4.62
N PRO E 105 -21.84 -29.61 5.53
CA PRO E 105 -22.84 -28.54 5.47
C PRO E 105 -22.21 -27.22 5.93
N LYS E 106 -23.01 -26.27 6.42
CA LYS E 106 -22.50 -25.14 7.18
C LYS E 106 -23.50 -24.77 8.27
N VAL E 107 -22.98 -24.11 9.32
CA VAL E 107 -23.73 -23.85 10.54
C VAL E 107 -24.41 -25.14 10.98
N SER E 108 -23.64 -26.24 10.97
CA SER E 108 -24.17 -27.58 11.13
C SER E 108 -23.15 -28.47 11.84
N PRO E 109 -22.64 -28.08 13.04
CA PRO E 109 -21.43 -28.69 13.59
C PRO E 109 -21.60 -30.17 13.95
N GLU E 110 -22.71 -30.50 14.59
CA GLU E 110 -22.94 -31.85 15.09
C GLU E 110 -22.88 -32.84 13.93
N VAL E 111 -23.47 -32.46 12.79
CA VAL E 111 -23.57 -33.33 11.64
C VAL E 111 -22.21 -33.42 10.95
N ALA E 112 -21.48 -32.29 10.95
CA ALA E 112 -20.14 -32.24 10.39
C ALA E 112 -19.26 -33.31 11.04
N HIS E 113 -19.22 -33.30 12.38
CA HIS E 113 -18.44 -34.27 13.12
C HIS E 113 -18.88 -35.70 12.79
N GLU E 114 -20.20 -35.95 12.75
CA GLU E 114 -20.73 -37.26 12.43
C GLU E 114 -20.17 -37.75 11.10
N ARG E 115 -20.04 -36.84 10.12
CA ARG E 115 -19.57 -37.20 8.79
C ARG E 115 -18.08 -37.53 8.83
N ILE E 116 -17.31 -36.80 9.66
CA ILE E 116 -15.89 -37.06 9.80
C ILE E 116 -15.71 -38.44 10.41
N TYR E 117 -16.44 -38.68 11.49
CA TYR E 117 -16.46 -39.96 12.18
C TYR E 117 -16.62 -41.11 11.19
N ARG E 118 -17.69 -41.05 10.37
CA ARG E 118 -18.02 -42.11 9.42
C ARG E 118 -16.87 -42.32 8.44
N ALA E 119 -16.30 -41.20 7.97
CA ALA E 119 -15.21 -41.22 7.00
C ALA E 119 -13.99 -41.98 7.55
N VAL E 120 -13.67 -41.73 8.82
CA VAL E 120 -12.49 -42.34 9.41
C VAL E 120 -12.75 -43.83 9.68
N ARG E 121 -13.92 -44.15 10.24
CA ARG E 121 -14.32 -45.54 10.45
C ARG E 121 -14.20 -46.33 9.14
N GLU E 122 -14.71 -45.74 8.04
CA GLU E 122 -14.65 -46.41 6.75
C GLU E 122 -13.21 -46.71 6.37
N VAL E 123 -12.34 -45.70 6.43
CA VAL E 123 -10.95 -45.89 6.04
C VAL E 123 -10.31 -46.97 6.90
N LEU E 124 -10.58 -46.92 8.22
CA LEU E 124 -9.98 -47.87 9.14
C LEU E 124 -10.45 -49.30 8.81
N LYS E 125 -11.74 -49.45 8.47
CA LYS E 125 -12.27 -50.73 8.03
C LYS E 125 -11.42 -51.31 6.90
N SER E 126 -10.94 -50.45 6.00
CA SER E 126 -10.23 -50.89 4.81
C SER E 126 -8.88 -51.52 5.17
N GLY E 127 -8.36 -51.22 6.36
CA GLY E 127 -7.01 -51.62 6.72
C GLY E 127 -5.94 -50.62 6.28
N LEU E 128 -6.32 -49.51 5.64
CA LEU E 128 -5.35 -48.50 5.24
C LEU E 128 -5.19 -47.45 6.33
N ILE E 129 -4.06 -46.72 6.28
CA ILE E 129 -3.79 -45.64 7.22
C ILE E 129 -4.40 -44.35 6.68
N PRO E 130 -5.40 -43.75 7.38
CA PRO E 130 -5.89 -42.43 6.98
C PRO E 130 -4.84 -41.35 7.28
N ILE E 131 -4.61 -40.48 6.28
CA ILE E 131 -3.88 -39.24 6.47
C ILE E 131 -4.90 -38.13 6.38
N ILE E 132 -5.21 -37.52 7.53
CA ILE E 132 -6.33 -36.61 7.66
C ILE E 132 -5.78 -35.18 7.70
N CYS E 133 -6.09 -34.37 6.68
CA CYS E 133 -5.60 -33.00 6.58
C CYS E 133 -6.74 -32.02 6.83
N GLY E 134 -6.67 -31.35 8.00
CA GLY E 134 -7.62 -30.30 8.37
C GLY E 134 -7.36 -29.05 7.54
N GLY E 135 -8.07 -27.95 7.84
CA GLY E 135 -9.10 -27.87 8.86
C GLY E 135 -8.53 -27.60 10.25
N ASP E 136 -9.40 -27.25 11.21
CA ASP E 136 -8.98 -26.93 12.56
C ASP E 136 -8.73 -28.21 13.37
N ARG E 137 -8.15 -28.01 14.56
CA ARG E 137 -7.61 -29.06 15.42
C ARG E 137 -8.71 -29.89 16.08
N SER E 138 -9.94 -29.37 16.16
CA SER E 138 -11.03 -30.11 16.77
C SER E 138 -11.37 -31.37 15.96
N ILE E 139 -10.97 -31.43 14.68
CA ILE E 139 -11.30 -32.61 13.89
C ILE E 139 -10.58 -33.82 14.48
N SER E 140 -9.58 -33.58 15.33
CA SER E 140 -8.78 -34.66 15.89
C SER E 140 -9.60 -35.38 16.96
N ILE E 141 -10.48 -34.65 17.65
CA ILE E 141 -11.37 -35.24 18.63
C ILE E 141 -12.11 -36.42 18.02
N THR E 142 -12.74 -36.20 16.85
CA THR E 142 -13.65 -37.19 16.32
C THR E 142 -12.90 -38.23 15.49
N ALA E 143 -11.70 -37.89 14.99
CA ALA E 143 -10.90 -38.87 14.29
C ALA E 143 -10.32 -39.86 15.29
N ALA E 144 -9.98 -39.36 16.49
CA ALA E 144 -9.43 -40.18 17.54
C ALA E 144 -10.51 -41.08 18.14
N ARG E 145 -11.73 -40.54 18.29
CA ARG E 145 -12.88 -41.31 18.73
C ARG E 145 -13.12 -42.46 17.75
N ALA E 146 -12.95 -42.22 16.45
CA ALA E 146 -13.21 -43.23 15.44
C ALA E 146 -12.23 -44.39 15.56
N LEU E 147 -10.97 -44.09 15.86
CA LEU E 147 -9.97 -45.12 16.03
C LEU E 147 -10.26 -45.89 17.31
N SER E 148 -10.70 -45.17 18.34
CA SER E 148 -11.04 -45.73 19.64
C SER E 148 -12.13 -46.79 19.47
N ASP E 149 -13.20 -46.43 18.76
CA ASP E 149 -14.31 -47.33 18.51
C ASP E 149 -13.86 -48.45 17.58
N HIS E 150 -13.07 -48.13 16.55
CA HIS E 150 -12.61 -49.15 15.62
C HIS E 150 -11.93 -50.31 16.36
N ILE E 151 -11.00 -49.99 17.26
CA ILE E 151 -10.18 -51.03 17.88
C ILE E 151 -10.98 -51.72 19.00
N GLY E 152 -11.92 -50.98 19.61
CA GLY E 152 -12.84 -51.55 20.60
C GLY E 152 -12.25 -51.61 21.99
N PRO E 153 -13.08 -51.92 23.02
CA PRO E 153 -12.67 -51.77 24.41
C PRO E 153 -11.67 -52.80 24.91
N GLN E 154 -11.39 -53.84 24.13
CA GLN E 154 -10.46 -54.89 24.55
C GLN E 154 -9.06 -54.60 24.04
N LYS E 155 -8.85 -53.45 23.38
CA LYS E 155 -7.56 -53.12 22.80
C LYS E 155 -7.07 -51.77 23.32
N LYS E 156 -5.78 -51.49 23.10
CA LYS E 156 -5.12 -50.34 23.71
C LYS E 156 -4.63 -49.39 22.61
N MET E 157 -4.98 -48.11 22.78
CA MET E 157 -4.65 -47.05 21.85
C MET E 157 -3.54 -46.19 22.44
N GLY E 158 -2.61 -45.75 21.60
CA GLY E 158 -1.68 -44.68 21.94
C GLY E 158 -1.91 -43.41 21.12
N TYR E 159 -1.57 -42.26 21.71
CA TYR E 159 -1.77 -40.95 21.11
C TYR E 159 -0.53 -40.08 21.28
N MET E 160 -0.04 -39.52 20.17
CA MET E 160 1.02 -38.53 20.19
C MET E 160 0.65 -37.34 19.31
N HIS E 161 0.81 -36.14 19.86
CA HIS E 161 0.48 -34.90 19.17
C HIS E 161 1.57 -33.86 19.38
N PHE E 162 1.93 -33.15 18.31
CA PHE E 162 2.89 -32.07 18.35
C PHE E 162 2.15 -30.75 18.27
N GLY E 163 2.40 -29.84 19.22
CA GLY E 163 1.80 -28.51 19.13
C GLY E 163 2.23 -27.60 20.27
N ALA E 164 2.07 -26.28 20.06
CA ALA E 164 2.46 -25.28 21.04
C ALA E 164 1.39 -25.13 22.13
N GLN E 165 0.18 -25.62 21.84
CA GLN E 165 -0.98 -25.48 22.73
C GLN E 165 -1.40 -26.86 23.21
N LEU E 166 -1.64 -26.98 24.53
CA LEU E 166 -2.09 -28.23 25.12
C LEU E 166 -3.50 -28.58 24.67
N ASP E 167 -4.37 -27.54 24.57
CA ASP E 167 -5.76 -27.71 24.17
C ASP E 167 -6.47 -28.61 25.19
N MET E 168 -6.35 -28.23 26.47
CA MET E 168 -6.91 -29.01 27.55
C MET E 168 -7.97 -28.19 28.30
N ALA E 169 -8.83 -27.48 27.55
CA ALA E 169 -9.98 -26.81 28.11
C ALA E 169 -11.13 -27.80 28.26
N ASP E 170 -11.49 -28.07 29.52
CA ASP E 170 -12.61 -28.95 29.81
C ASP E 170 -13.83 -28.44 29.05
N SER E 171 -14.03 -27.11 29.08
CA SER E 171 -14.96 -26.44 28.19
C SER E 171 -14.42 -25.07 27.81
N TRP E 172 -14.81 -24.61 26.60
CA TRP E 172 -14.38 -23.34 26.04
C TRP E 172 -15.61 -22.58 25.56
N ALA E 173 -15.86 -21.40 26.15
CA ALA E 173 -16.97 -20.54 25.76
C ALA E 173 -18.27 -21.33 25.80
N GLY E 174 -18.47 -22.06 26.90
CA GLY E 174 -19.65 -22.87 27.08
C GLY E 174 -19.67 -24.16 26.26
N GLU E 175 -18.73 -24.30 25.29
CA GLU E 175 -18.76 -25.46 24.41
C GLU E 175 -17.74 -26.50 24.87
N ARG E 176 -17.77 -27.69 24.25
CA ARG E 176 -17.00 -28.82 24.72
C ARG E 176 -16.16 -29.48 23.62
N ASN E 177 -16.37 -29.10 22.36
CA ASN E 177 -15.69 -29.77 21.25
C ASN E 177 -15.05 -28.76 20.30
N LEU E 178 -14.67 -27.60 20.84
CA LEU E 178 -13.86 -26.66 20.09
C LEU E 178 -12.40 -27.13 20.09
N ALA E 179 -11.56 -26.52 19.24
CA ALA E 179 -10.18 -26.93 19.13
C ALA E 179 -9.46 -26.83 20.48
N PRO E 180 -9.64 -25.78 21.32
CA PRO E 180 -8.99 -25.72 22.63
C PRO E 180 -9.42 -26.76 23.67
N CYS E 181 -10.44 -27.57 23.35
CA CYS E 181 -10.92 -28.64 24.22
C CYS E 181 -10.40 -30.00 23.77
N ALA E 182 -9.67 -30.04 22.65
CA ALA E 182 -9.47 -31.28 21.90
C ALA E 182 -8.79 -32.35 22.76
N MET E 183 -7.81 -31.94 23.58
CA MET E 183 -7.06 -32.90 24.39
C MET E 183 -7.91 -33.35 25.58
N ALA E 184 -8.71 -32.44 26.15
CA ALA E 184 -9.64 -32.76 27.22
C ALA E 184 -10.61 -33.86 26.79
N ARG E 185 -11.07 -33.82 25.53
CA ARG E 185 -11.95 -34.88 25.05
C ARG E 185 -11.15 -36.15 24.80
N ILE E 186 -10.03 -36.06 24.04
CA ILE E 186 -9.29 -37.23 23.58
C ILE E 186 -8.79 -38.06 24.76
N THR E 187 -8.39 -37.43 25.88
CA THR E 187 -7.90 -38.17 27.03
C THR E 187 -9.06 -38.76 27.86
N GLU E 188 -10.30 -38.63 27.39
CA GLU E 188 -11.44 -39.28 28.05
C GLU E 188 -11.82 -40.59 27.33
N LEU E 189 -11.16 -40.87 26.21
CA LEU E 189 -11.44 -42.08 25.46
C LEU E 189 -11.12 -43.29 26.34
N PRO E 190 -12.06 -44.27 26.44
CA PRO E 190 -11.95 -45.34 27.45
C PRO E 190 -10.77 -46.29 27.27
N ASN E 191 -10.36 -46.55 26.03
CA ASN E 191 -9.22 -47.42 25.75
C ASN E 191 -7.95 -46.62 25.45
N LEU E 192 -7.91 -45.35 25.86
CA LEU E 192 -6.67 -44.57 25.77
C LEU E 192 -6.20 -44.24 27.18
N ASP E 193 -5.27 -45.04 27.68
CA ASP E 193 -4.64 -44.79 28.97
C ASP E 193 -3.75 -43.55 28.87
N ILE E 194 -3.88 -42.66 29.88
CA ILE E 194 -3.12 -41.42 29.89
C ILE E 194 -1.62 -41.71 29.75
N ARG E 195 -1.17 -42.87 30.25
CA ARG E 195 0.23 -43.26 30.19
C ARG E 195 0.65 -43.56 28.75
N ASN E 196 -0.30 -43.76 27.83
CA ASN E 196 0.04 -43.98 26.42
C ASN E 196 -0.20 -42.71 25.60
N VAL E 197 -0.23 -41.54 26.26
CA VAL E 197 -0.51 -40.27 25.59
C VAL E 197 0.74 -39.39 25.67
N ALA E 198 1.13 -38.80 24.53
CA ALA E 198 2.22 -37.82 24.49
C ALA E 198 1.76 -36.53 23.83
N HIS E 199 2.29 -35.40 24.33
CA HIS E 199 2.03 -34.09 23.77
C HIS E 199 3.31 -33.26 23.84
N LEU E 200 3.80 -32.80 22.68
CA LEU E 200 5.15 -32.27 22.56
C LEU E 200 5.09 -30.86 21.95
N GLY E 201 5.69 -29.89 22.64
CA GLY E 201 5.96 -28.58 22.08
C GLY E 201 5.33 -27.41 22.84
N ALA E 202 4.54 -27.68 23.88
CA ALA E 202 3.76 -26.63 24.50
C ALA E 202 4.65 -25.49 24.99
N ARG E 203 4.24 -24.26 24.71
CA ARG E 203 5.03 -23.10 25.11
C ARG E 203 4.19 -21.84 24.98
N ASN E 204 4.68 -20.72 25.54
CA ASN E 204 4.11 -19.40 25.36
C ASN E 204 2.72 -19.34 26.00
N ALA E 205 1.96 -18.28 25.71
CA ALA E 205 0.91 -17.84 26.59
C ALA E 205 -0.48 -18.32 26.17
N MET E 206 -0.59 -19.14 25.11
CA MET E 206 -1.90 -19.63 24.67
C MET E 206 -2.23 -20.95 25.38
N ASN E 207 -2.06 -20.94 26.69
CA ASN E 207 -2.20 -22.12 27.53
C ASN E 207 -2.70 -21.65 28.88
N PRO E 208 -4.02 -21.44 29.03
CA PRO E 208 -4.59 -20.95 30.27
C PRO E 208 -4.41 -21.96 31.41
N LYS E 209 -4.46 -21.43 32.64
CA LYS E 209 -4.06 -22.15 33.83
C LYS E 209 -4.84 -23.46 33.98
N ASP E 210 -6.13 -23.47 33.59
CA ASP E 210 -6.95 -24.65 33.78
C ASP E 210 -6.44 -25.79 32.90
N HIS E 211 -5.78 -25.47 31.78
CA HIS E 211 -5.26 -26.52 30.92
C HIS E 211 -4.16 -27.27 31.66
N ILE E 212 -3.36 -26.51 32.45
CA ILE E 212 -2.29 -27.09 33.24
C ILE E 212 -2.91 -27.91 34.36
N ASP E 213 -3.80 -27.26 35.14
CA ASP E 213 -4.48 -27.86 36.27
C ASP E 213 -5.06 -29.22 35.89
N LEU E 214 -5.83 -29.26 34.79
CA LEU E 214 -6.47 -30.50 34.36
C LEU E 214 -5.43 -31.53 33.97
N SER E 215 -4.36 -31.11 33.29
CA SER E 215 -3.32 -32.01 32.84
C SER E 215 -2.71 -32.73 34.04
N LYS E 216 -2.42 -31.96 35.10
CA LYS E 216 -1.87 -32.51 36.35
C LYS E 216 -2.88 -33.48 36.95
N GLU E 217 -4.14 -33.04 37.10
CA GLU E 217 -5.22 -33.87 37.60
C GLU E 217 -5.25 -35.24 36.90
N ARG E 218 -5.15 -35.27 35.56
CA ARG E 218 -5.29 -36.50 34.83
C ARG E 218 -3.95 -37.22 34.64
N GLY E 219 -2.86 -36.55 35.00
CA GLY E 219 -1.51 -37.09 34.81
C GLY E 219 -1.09 -37.12 33.33
N LEU E 220 -1.47 -36.09 32.56
CA LEU E 220 -0.95 -35.93 31.22
C LEU E 220 0.51 -35.48 31.32
N GLN E 221 1.42 -36.34 30.84
CA GLN E 221 2.84 -36.10 30.91
C GLN E 221 3.30 -35.42 29.62
N TYR E 222 2.86 -34.18 29.43
CA TYR E 222 3.25 -33.41 28.26
C TYR E 222 4.72 -33.01 28.35
N ASP E 223 5.36 -32.97 27.18
CA ASP E 223 6.74 -32.54 27.04
C ASP E 223 6.73 -31.12 26.50
N SER E 224 6.76 -30.14 27.40
CA SER E 224 6.80 -28.75 26.98
C SER E 224 8.07 -28.50 26.17
N MET E 225 8.09 -27.41 25.41
CA MET E 225 9.26 -27.11 24.57
C MET E 225 10.48 -26.87 25.45
N PHE E 226 10.30 -26.21 26.61
CA PHE E 226 11.36 -26.06 27.60
C PHE E 226 11.92 -27.41 28.02
N ASP E 227 11.06 -28.36 28.46
CA ASP E 227 11.49 -29.70 28.81
C ASP E 227 12.32 -30.30 27.67
N LEU E 228 11.88 -30.11 26.42
CA LEU E 228 12.55 -30.73 25.30
C LEU E 228 13.95 -30.14 25.12
N PHE E 229 14.05 -28.81 25.11
CA PHE E 229 15.34 -28.15 24.93
C PHE E 229 16.28 -28.55 26.07
N ASP E 230 15.75 -28.60 27.29
CA ASP E 230 16.55 -28.89 28.46
C ASP E 230 17.08 -30.32 28.41
N ALA E 231 16.38 -31.23 27.72
CA ALA E 231 16.81 -32.61 27.62
C ALA E 231 17.65 -32.88 26.36
N GLY E 232 17.93 -31.86 25.55
CA GLY E 232 18.56 -32.07 24.26
C GLY E 232 17.60 -32.67 23.22
N ILE E 233 16.29 -32.56 23.49
CA ILE E 233 15.19 -32.93 22.62
C ILE E 233 15.08 -34.45 22.48
N TYR E 234 16.03 -35.10 21.80
CA TYR E 234 15.78 -36.43 21.26
C TYR E 234 15.59 -37.46 22.38
N PRO E 235 16.39 -37.47 23.46
CA PRO E 235 16.17 -38.44 24.54
C PRO E 235 14.78 -38.37 25.17
N LEU E 236 14.18 -37.18 25.25
CA LEU E 236 12.86 -37.09 25.83
C LEU E 236 11.79 -37.55 24.83
N VAL E 237 11.98 -37.23 23.55
CA VAL E 237 11.09 -37.68 22.50
C VAL E 237 11.07 -39.21 22.46
N GLU E 238 12.26 -39.82 22.58
CA GLU E 238 12.40 -41.26 22.52
C GLU E 238 11.55 -41.91 23.62
N ARG E 239 11.61 -41.37 24.84
CA ARG E 239 10.87 -41.96 25.95
C ARG E 239 9.37 -41.81 25.73
N SER E 240 8.94 -40.71 25.10
CA SER E 240 7.53 -40.49 24.85
C SER E 240 7.02 -41.33 23.67
N ILE E 241 7.88 -41.57 22.67
CA ILE E 241 7.55 -42.53 21.63
C ILE E 241 7.31 -43.90 22.26
N ASP E 242 8.18 -44.27 23.21
CA ASP E 242 8.12 -45.56 23.89
C ASP E 242 6.76 -45.69 24.59
N ARG E 243 6.38 -44.67 25.37
CA ARG E 243 5.13 -44.73 26.12
C ARG E 243 3.92 -44.89 25.19
N VAL E 244 4.02 -44.39 23.95
CA VAL E 244 2.87 -44.36 23.04
C VAL E 244 2.80 -45.64 22.21
N TRP E 245 3.96 -46.21 21.86
CA TRP E 245 4.04 -47.37 20.97
C TRP E 245 4.23 -48.70 21.72
N SER E 246 4.78 -48.69 22.95
CA SER E 246 5.03 -49.93 23.67
C SER E 246 3.75 -50.47 24.30
N GLY E 247 3.34 -51.66 23.85
CA GLY E 247 2.17 -52.34 24.39
C GLY E 247 0.86 -51.68 24.00
N THR E 248 0.82 -51.01 22.83
CA THR E 248 -0.42 -50.53 22.26
C THR E 248 -0.67 -51.26 20.94
N ASP E 249 -1.95 -51.35 20.59
CA ASP E 249 -2.38 -52.04 19.40
C ASP E 249 -2.46 -51.06 18.23
N ALA E 250 -2.77 -49.79 18.54
CA ALA E 250 -2.96 -48.76 17.52
C ALA E 250 -2.45 -47.42 18.06
N GLN E 251 -1.86 -46.61 17.17
CA GLN E 251 -1.29 -45.32 17.55
C GLN E 251 -1.79 -44.22 16.62
N TYR E 252 -2.26 -43.13 17.24
CA TYR E 252 -2.65 -41.92 16.54
C TYR E 252 -1.52 -40.89 16.64
N LEU E 253 -1.12 -40.33 15.48
CA LEU E 253 -0.10 -39.30 15.39
C LEU E 253 -0.68 -38.03 14.78
N GLY E 254 -0.66 -36.93 15.54
CA GLY E 254 -1.19 -35.65 15.11
C GLY E 254 -0.15 -34.52 15.15
N PHE E 255 -0.28 -33.57 14.21
CA PHE E 255 0.62 -32.44 14.08
C PHE E 255 -0.20 -31.15 13.94
N ASN E 256 0.08 -30.18 14.80
CA ASN E 256 -0.15 -28.77 14.52
C ASN E 256 1.24 -28.16 14.32
N PHE E 257 1.51 -27.58 13.15
CA PHE E 257 2.87 -27.18 12.83
C PHE E 257 3.27 -25.87 13.52
N ASN E 258 2.43 -25.35 14.42
CA ASN E 258 2.91 -24.32 15.32
C ASN E 258 3.77 -24.95 16.41
N VAL E 259 3.99 -26.27 16.39
CA VAL E 259 5.08 -26.86 17.14
C VAL E 259 6.42 -26.31 16.65
N MET E 260 6.49 -25.97 15.35
CA MET E 260 7.71 -25.50 14.70
C MET E 260 7.91 -24.04 15.04
N ASP E 261 9.15 -23.58 14.95
CA ASP E 261 9.46 -22.18 15.07
C ASP E 261 8.74 -21.40 13.96
N SER E 262 8.26 -20.19 14.27
CA SER E 262 7.57 -19.31 13.35
C SER E 262 8.23 -19.22 11.97
N SER E 263 9.53 -18.95 11.99
CA SER E 263 10.32 -18.77 10.78
C SER E 263 10.18 -19.97 9.84
N THR E 264 10.02 -21.16 10.43
CA THR E 264 9.92 -22.43 9.71
C THR E 264 8.50 -22.69 9.22
N ALA E 265 7.49 -22.07 9.87
CA ALA E 265 6.11 -22.39 9.58
C ALA E 265 5.24 -21.18 9.89
N PRO E 266 5.30 -20.12 9.07
CA PRO E 266 4.45 -18.95 9.24
C PRO E 266 2.98 -19.22 8.94
N GLY E 267 2.73 -20.04 7.90
CA GLY E 267 1.37 -20.32 7.46
C GLY E 267 0.66 -21.37 8.30
N VAL E 268 0.40 -21.01 9.56
CA VAL E 268 -0.35 -21.84 10.49
C VAL E 268 -1.27 -20.89 11.25
N THR E 269 -2.35 -21.43 11.83
CA THR E 269 -3.37 -20.53 12.33
C THR E 269 -2.82 -19.75 13.52
N SER E 270 -1.88 -20.31 14.30
CA SER E 270 -1.33 -19.58 15.42
C SER E 270 0.19 -19.80 15.59
N THR E 271 1.01 -19.08 14.80
CA THR E 271 2.46 -19.23 14.89
C THR E 271 2.96 -18.83 16.28
N GLU E 272 4.10 -19.42 16.65
CA GLU E 272 4.69 -19.23 17.96
C GLU E 272 6.21 -19.25 17.82
N PRO E 273 6.92 -18.21 18.28
CA PRO E 273 8.38 -18.25 18.37
C PRO E 273 8.86 -19.31 19.37
N GLY E 274 10.05 -19.82 19.14
CA GLY E 274 10.70 -20.69 20.12
C GLY E 274 10.38 -22.16 19.91
N GLY E 275 10.04 -22.56 18.69
CA GLY E 275 9.71 -23.95 18.42
C GLY E 275 10.82 -24.76 17.76
N LEU E 276 10.45 -25.93 17.24
CA LEU E 276 11.38 -26.86 16.61
C LEU E 276 11.90 -26.27 15.31
N GLU E 277 13.17 -26.60 15.00
CA GLU E 277 13.73 -26.39 13.68
C GLU E 277 13.37 -27.58 12.79
N SER E 278 13.41 -27.34 11.48
CA SER E 278 13.03 -28.35 10.50
C SER E 278 13.88 -29.61 10.66
N ARG E 279 15.19 -29.44 10.88
CA ARG E 279 16.07 -30.59 10.96
C ARG E 279 15.83 -31.42 12.22
N GLU E 280 15.31 -30.77 13.27
CA GLU E 280 14.93 -31.46 14.49
C GLU E 280 13.70 -32.34 14.23
N MET E 281 12.72 -31.80 13.50
CA MET E 281 11.52 -32.56 13.20
C MET E 281 11.86 -33.72 12.28
N MET E 282 12.86 -33.55 11.40
CA MET E 282 13.19 -34.63 10.48
C MET E 282 13.83 -35.78 11.26
N ARG E 283 14.66 -35.46 12.26
CA ARG E 283 15.23 -36.50 13.10
C ARG E 283 14.11 -37.20 13.89
N ILE E 284 13.18 -36.41 14.44
CA ILE E 284 12.04 -36.95 15.18
C ILE E 284 11.20 -37.90 14.32
N VAL E 285 11.03 -37.54 13.04
CA VAL E 285 10.27 -38.36 12.11
C VAL E 285 10.91 -39.75 12.01
N ASP E 286 12.23 -39.81 11.88
CA ASP E 286 12.93 -41.09 11.75
C ASP E 286 12.80 -41.91 13.04
N MET E 287 12.78 -41.22 14.17
CA MET E 287 12.65 -41.88 15.46
C MET E 287 11.27 -42.52 15.58
N ILE E 288 10.25 -41.87 15.01
CA ILE E 288 8.91 -42.44 15.04
C ILE E 288 8.85 -43.63 14.08
N ALA E 289 9.57 -43.53 12.97
CA ALA E 289 9.55 -44.56 11.93
C ALA E 289 10.16 -45.87 12.41
N LYS E 290 11.05 -45.81 13.41
CA LYS E 290 11.72 -46.99 13.93
C LYS E 290 10.70 -48.01 14.46
N ARG E 291 9.53 -47.52 14.90
CA ARG E 291 8.54 -48.37 15.52
C ARG E 291 7.74 -49.15 14.46
N GLY E 292 7.96 -48.86 13.18
CA GLY E 292 7.40 -49.66 12.10
C GLY E 292 5.87 -49.69 12.09
N GLY E 293 5.24 -48.53 12.32
CA GLY E 293 3.84 -48.37 11.94
C GLY E 293 3.09 -47.34 12.76
N VAL E 294 1.93 -46.94 12.23
CA VAL E 294 1.02 -45.98 12.84
C VAL E 294 -0.37 -46.26 12.27
N SER E 295 -1.42 -45.88 13.01
CA SER E 295 -2.79 -46.20 12.64
C SER E 295 -3.49 -45.04 11.95
N VAL E 296 -3.24 -43.82 12.44
CA VAL E 296 -3.85 -42.61 11.91
C VAL E 296 -2.81 -41.47 11.95
N ILE E 297 -2.73 -40.71 10.85
CA ILE E 297 -1.88 -39.53 10.76
C ILE E 297 -2.79 -38.34 10.50
N ASP E 298 -2.73 -37.34 11.38
CA ASP E 298 -3.48 -36.11 11.20
C ASP E 298 -2.50 -34.94 11.13
N LEU E 299 -2.89 -33.92 10.34
CA LEU E 299 -2.27 -32.62 10.43
C LEU E 299 -3.38 -31.57 10.34
N THR E 300 -3.33 -30.62 11.27
CA THR E 300 -4.36 -29.60 11.38
C THR E 300 -3.70 -28.21 11.45
N GLU E 301 -4.49 -27.18 11.13
CA GLU E 301 -4.21 -25.79 11.44
C GLU E 301 -3.17 -25.21 10.48
N LEU E 302 -2.91 -25.87 9.35
CA LEU E 302 -2.25 -25.19 8.25
C LEU E 302 -3.14 -24.03 7.81
N CYS E 303 -2.55 -22.89 7.45
CA CYS E 303 -3.31 -21.67 7.23
C CYS E 303 -2.66 -20.88 6.11
N PRO E 304 -2.83 -21.33 4.85
CA PRO E 304 -2.01 -20.85 3.73
C PRO E 304 -2.15 -19.38 3.32
N ILE E 305 -3.23 -18.72 3.75
CA ILE E 305 -3.39 -17.30 3.46
C ILE E 305 -2.28 -16.49 4.14
N PHE E 306 -1.69 -17.02 5.21
CA PHE E 306 -0.66 -16.33 5.96
C PHE E 306 0.71 -16.93 5.68
N ASP E 307 0.85 -17.66 4.57
CA ASP E 307 2.08 -18.38 4.29
C ASP E 307 2.87 -17.61 3.24
N ILE E 308 4.19 -17.64 3.37
CA ILE E 308 5.07 -16.93 2.45
C ILE E 308 5.93 -17.96 1.71
N SER E 309 5.68 -18.01 0.39
CA SER E 309 6.29 -19.00 -0.50
C SER E 309 5.90 -20.42 -0.09
N GLY E 310 4.72 -20.59 0.51
CA GLY E 310 4.23 -21.88 0.92
C GLY E 310 5.14 -22.60 1.93
N THR E 311 5.81 -21.84 2.80
CA THR E 311 6.84 -22.38 3.68
C THR E 311 6.27 -23.43 4.62
N ALA E 312 5.15 -23.14 5.28
CA ALA E 312 4.55 -24.07 6.22
C ALA E 312 4.02 -25.32 5.51
N ALA E 313 3.24 -25.11 4.45
CA ALA E 313 2.66 -26.20 3.69
C ALA E 313 3.77 -27.10 3.13
N ARG E 314 4.85 -26.49 2.68
CA ARG E 314 6.03 -27.18 2.17
C ARG E 314 6.66 -28.06 3.25
N LEU E 315 6.72 -27.51 4.46
CA LEU E 315 7.37 -28.21 5.53
C LEU E 315 6.48 -29.38 5.96
N ALA E 316 5.17 -29.15 6.08
CA ALA E 316 4.24 -30.22 6.40
C ALA E 316 4.41 -31.37 5.40
N ALA E 317 4.46 -31.02 4.11
CA ALA E 317 4.57 -31.99 3.05
C ALA E 317 5.86 -32.80 3.23
N CYS E 318 6.98 -32.11 3.51
CA CYS E 318 8.24 -32.83 3.69
C CYS E 318 8.12 -33.77 4.88
N VAL E 319 7.51 -33.30 5.97
CA VAL E 319 7.40 -34.09 7.18
C VAL E 319 6.56 -35.35 6.90
N ILE E 320 5.37 -35.20 6.28
CA ILE E 320 4.49 -36.33 6.02
C ILE E 320 5.15 -37.31 5.05
N MET E 321 5.82 -36.83 4.01
CA MET E 321 6.33 -37.71 2.97
C MET E 321 7.60 -38.41 3.45
N ARG E 322 8.37 -37.74 4.32
CA ARG E 322 9.56 -38.35 4.88
C ARG E 322 9.16 -39.46 5.86
N LEU E 323 8.08 -39.23 6.61
CA LEU E 323 7.55 -40.25 7.50
C LEU E 323 7.14 -41.48 6.68
N MET E 324 6.47 -41.26 5.55
CA MET E 324 6.09 -42.37 4.67
C MET E 324 7.36 -43.07 4.20
N ALA E 325 8.32 -42.29 3.69
CA ALA E 325 9.56 -42.84 3.17
C ALA E 325 10.32 -43.59 4.24
N SER E 326 10.28 -43.08 5.48
CA SER E 326 11.07 -43.63 6.56
C SER E 326 10.48 -44.95 7.05
N LEU E 327 9.14 -45.01 7.11
CA LEU E 327 8.42 -46.22 7.48
C LEU E 327 8.74 -47.31 6.46
N ALA E 328 8.72 -46.95 5.18
CA ALA E 328 8.97 -47.90 4.11
C ALA E 328 10.42 -48.38 4.18
N ALA E 329 11.37 -47.50 4.50
CA ALA E 329 12.76 -47.91 4.56
C ALA E 329 12.93 -48.94 5.67
N GLN E 330 12.32 -48.67 6.84
CA GLN E 330 12.56 -49.52 7.99
C GLN E 330 11.76 -50.83 7.82
N ASP E 331 10.75 -50.82 6.95
CA ASP E 331 9.95 -51.99 6.60
C ASP E 331 10.66 -52.81 5.53
N GLY E 332 11.83 -52.36 5.05
CA GLY E 332 12.58 -53.06 4.03
C GLY E 332 12.06 -52.85 2.61
N ASP E 333 10.97 -52.07 2.47
CA ASP E 333 10.29 -51.89 1.19
C ASP E 333 11.03 -50.85 0.34
N VAL E 334 12.28 -51.17 -0.01
CA VAL E 334 13.14 -50.28 -0.76
C VAL E 334 12.93 -50.51 -2.26
N ILE E 335 13.70 -49.78 -3.09
CA ILE E 335 13.73 -49.99 -4.52
C ILE E 335 15.03 -50.72 -4.87
N ASP E 336 15.10 -51.32 -6.07
CA ASP E 336 16.32 -51.96 -6.51
C ASP E 336 17.40 -50.91 -6.80
N ASP E 337 18.50 -50.93 -6.02
CA ASP E 337 19.65 -50.05 -6.22
C ASP E 337 20.20 -50.09 -7.64
N LYS E 338 20.15 -51.28 -8.25
CA LYS E 338 20.88 -51.58 -9.47
C LYS E 338 20.23 -50.93 -10.69
N LEU E 339 18.93 -50.63 -10.57
CA LEU E 339 18.11 -50.10 -11.66
C LEU E 339 18.71 -48.78 -12.16
N ARG E 340 18.74 -48.59 -13.48
CA ARG E 340 19.33 -47.40 -14.08
C ARG E 340 18.41 -46.83 -15.16
N ARG E 341 18.63 -45.55 -15.48
CA ARG E 341 17.81 -44.82 -16.42
C ARG E 341 17.86 -45.48 -17.81
N THR E 342 19.06 -45.83 -18.26
CA THR E 342 19.28 -46.49 -19.55
C THR E 342 18.75 -47.94 -19.52
N ASP E 343 17.64 -48.17 -18.81
CA ASP E 343 16.91 -49.44 -18.88
C ASP E 343 15.45 -49.16 -19.25
N SER F 6 -38.03 -24.04 -80.17
CA SER F 6 -36.91 -23.27 -80.77
C SER F 6 -36.69 -21.99 -79.97
N TYR F 7 -35.46 -21.47 -80.02
CA TYR F 7 -34.94 -20.61 -78.96
C TYR F 7 -34.47 -19.27 -79.52
N ALA F 8 -35.22 -18.71 -80.48
CA ALA F 8 -34.80 -17.52 -81.21
C ALA F 8 -34.81 -16.30 -80.29
N HIS F 9 -35.71 -16.30 -79.30
CA HIS F 9 -35.90 -15.18 -78.39
C HIS F 9 -34.68 -14.96 -77.50
N LEU F 10 -33.88 -16.01 -77.25
CA LEU F 10 -32.70 -15.94 -76.40
C LEU F 10 -31.61 -15.08 -77.03
N PHE F 11 -31.71 -14.83 -78.34
CA PHE F 11 -30.57 -14.32 -79.08
C PHE F 11 -30.93 -13.06 -79.85
N SER F 12 -29.90 -12.30 -80.19
CA SER F 12 -30.04 -11.17 -81.10
C SER F 12 -30.83 -11.63 -82.31
N PRO F 13 -31.75 -10.79 -82.84
CA PRO F 13 -32.57 -11.18 -83.98
C PRO F 13 -31.76 -11.39 -85.27
N LEU F 14 -32.18 -12.35 -86.09
CA LEU F 14 -31.47 -12.70 -87.31
C LEU F 14 -31.82 -11.73 -88.42
N GLY F 15 -33.06 -11.22 -88.40
CA GLY F 15 -33.53 -10.30 -89.43
C GLY F 15 -33.61 -10.99 -90.78
N GLY F 16 -33.31 -10.22 -91.84
CA GLY F 16 -33.38 -10.70 -93.20
C GLY F 16 -34.81 -10.77 -93.72
N ALA F 24 -48.39 -7.44 -84.80
CA ALA F 24 -48.08 -6.27 -83.94
C ALA F 24 -49.37 -5.70 -83.34
N PRO F 25 -49.97 -6.37 -82.33
CA PRO F 25 -51.19 -5.86 -81.68
C PRO F 25 -50.95 -4.64 -80.79
N GLY F 26 -50.07 -4.80 -79.80
CA GLY F 26 -49.97 -3.88 -78.68
C GLY F 26 -50.69 -4.43 -77.46
N LEU F 27 -50.76 -5.77 -77.38
CA LEU F 27 -51.39 -6.46 -76.26
C LEU F 27 -50.41 -6.37 -75.10
N ILE F 28 -50.84 -5.72 -74.01
CA ILE F 28 -49.92 -5.30 -72.97
C ILE F 28 -49.91 -6.35 -71.88
N THR F 29 -48.83 -7.13 -71.85
CA THR F 29 -48.71 -8.21 -70.87
C THR F 29 -47.36 -8.18 -70.18
N PHE F 30 -47.43 -8.43 -68.88
CA PHE F 30 -46.26 -8.77 -68.08
C PHE F 30 -45.32 -9.66 -68.88
N LEU F 31 -44.14 -9.12 -69.21
CA LEU F 31 -43.03 -9.89 -69.76
C LEU F 31 -43.34 -10.44 -71.15
N ARG F 32 -44.24 -9.80 -71.90
CA ARG F 32 -44.66 -10.31 -73.19
C ARG F 32 -45.25 -11.72 -73.02
N SER F 33 -45.95 -11.94 -71.90
CA SER F 33 -46.55 -13.22 -71.61
C SER F 33 -47.78 -13.43 -72.50
N ALA F 34 -48.22 -14.68 -72.64
CA ALA F 34 -49.54 -14.96 -73.15
C ALA F 34 -50.57 -14.48 -72.13
N HIS F 35 -51.75 -14.08 -72.60
CA HIS F 35 -52.92 -13.93 -71.76
C HIS F 35 -53.52 -15.31 -71.52
N VAL F 36 -54.08 -15.50 -70.32
CA VAL F 36 -54.90 -16.66 -69.99
C VAL F 36 -56.04 -16.16 -69.10
N PRO F 37 -57.31 -16.55 -69.36
CA PRO F 37 -58.42 -16.07 -68.53
C PRO F 37 -58.25 -16.41 -67.05
N LEU F 38 -59.05 -15.73 -66.23
CA LEU F 38 -59.02 -15.84 -64.79
C LEU F 38 -59.73 -17.13 -64.35
N ASN F 39 -59.13 -18.27 -64.67
CA ASN F 39 -59.81 -19.56 -64.61
C ASN F 39 -58.85 -20.66 -64.16
N ALA F 40 -59.18 -21.33 -63.05
CA ALA F 40 -58.30 -22.32 -62.45
C ALA F 40 -57.84 -23.37 -63.47
N GLU F 41 -58.78 -23.86 -64.30
CA GLU F 41 -58.54 -25.00 -65.16
C GLU F 41 -57.61 -24.62 -66.32
N ALA F 42 -57.91 -23.47 -66.95
CA ALA F 42 -57.09 -22.95 -68.04
C ALA F 42 -55.69 -22.63 -67.53
N LEU F 43 -55.61 -22.08 -66.32
CA LEU F 43 -54.34 -21.74 -65.70
C LEU F 43 -53.55 -23.03 -65.46
N LYS F 44 -54.22 -24.05 -64.92
CA LYS F 44 -53.60 -25.36 -64.70
C LYS F 44 -53.07 -25.94 -66.00
N ALA F 45 -53.77 -25.74 -67.11
CA ALA F 45 -53.39 -26.31 -68.40
C ALA F 45 -52.23 -25.55 -69.07
N CYS F 46 -52.06 -24.25 -68.79
CA CYS F 46 -51.29 -23.39 -69.67
C CYS F 46 -49.79 -23.66 -69.59
N GLY F 47 -49.31 -24.16 -68.45
CA GLY F 47 -47.93 -24.63 -68.33
C GLY F 47 -46.99 -23.61 -67.68
N ALA F 48 -47.54 -22.51 -67.18
CA ALA F 48 -46.76 -21.50 -66.47
C ALA F 48 -46.70 -21.82 -64.98
N LYS F 49 -45.86 -21.06 -64.26
CA LYS F 49 -45.70 -21.19 -62.82
C LYS F 49 -46.28 -19.96 -62.11
N TYR F 50 -46.37 -18.81 -62.80
CA TYR F 50 -46.89 -17.59 -62.20
C TYR F 50 -48.02 -17.02 -63.05
N ALA F 51 -49.01 -16.41 -62.37
CA ALA F 51 -50.11 -15.75 -63.05
C ALA F 51 -50.20 -14.31 -62.57
N PHE F 52 -49.93 -13.38 -63.49
CA PHE F 52 -49.93 -11.96 -63.18
C PHE F 52 -51.37 -11.45 -63.10
N VAL F 53 -51.69 -10.74 -62.02
CA VAL F 53 -53.02 -10.18 -61.83
C VAL F 53 -52.88 -8.71 -61.47
N GLY F 54 -53.35 -7.82 -62.36
CA GLY F 54 -53.41 -6.40 -62.05
C GLY F 54 -54.60 -6.11 -61.12
N VAL F 55 -54.43 -5.16 -60.20
CA VAL F 55 -55.50 -4.77 -59.30
C VAL F 55 -55.50 -3.25 -59.15
N PRO F 56 -55.92 -2.51 -60.19
CA PRO F 56 -55.95 -1.04 -60.14
C PRO F 56 -56.98 -0.47 -59.16
N PHE F 57 -56.83 -0.83 -57.88
CA PHE F 57 -57.72 -0.40 -56.82
C PHE F 57 -57.04 0.67 -55.98
N ASP F 58 -57.75 1.78 -55.78
CA ASP F 58 -57.20 3.04 -55.33
C ASP F 58 -57.58 3.32 -53.88
N GLU F 59 -58.69 2.72 -53.42
CA GLU F 59 -59.61 3.40 -52.53
C GLU F 59 -59.28 3.17 -51.05
N GLY F 60 -58.28 2.31 -50.76
CA GLY F 60 -57.72 2.19 -49.42
C GLY F 60 -56.59 3.19 -49.17
N ASN F 61 -56.18 3.92 -50.21
CA ASN F 61 -55.09 4.86 -50.12
C ASN F 61 -55.60 6.17 -49.53
N ILE F 62 -55.05 6.58 -48.39
CA ILE F 62 -55.51 7.76 -47.67
C ILE F 62 -54.64 8.97 -48.00
N GLY F 63 -53.57 8.75 -48.79
CA GLY F 63 -52.66 9.81 -49.17
C GLY F 63 -52.77 10.13 -50.66
N LYS F 64 -51.62 10.26 -51.32
CA LYS F 64 -51.54 10.90 -52.63
C LYS F 64 -51.90 9.89 -53.72
N PRO F 65 -52.67 10.32 -54.73
CA PRO F 65 -53.20 9.40 -55.74
C PRO F 65 -52.18 9.04 -56.81
N GLY F 66 -52.43 7.91 -57.48
CA GLY F 66 -51.63 7.49 -58.60
C GLY F 66 -51.45 5.97 -58.68
N SER F 67 -51.72 5.24 -57.59
CA SER F 67 -51.47 3.80 -57.59
C SER F 67 -52.27 3.07 -58.67
N GLU F 68 -53.39 3.63 -59.15
CA GLU F 68 -54.24 2.83 -60.03
C GLU F 68 -53.62 2.71 -61.43
N ASP F 69 -52.66 3.57 -61.76
CA ASP F 69 -52.00 3.47 -63.06
C ASP F 69 -50.79 2.55 -63.00
N ALA F 70 -50.47 2.01 -61.82
CA ALA F 70 -49.25 1.21 -61.63
C ALA F 70 -49.27 -0.04 -62.49
N PRO F 71 -50.38 -0.83 -62.53
CA PRO F 71 -50.35 -2.10 -63.25
C PRO F 71 -50.06 -1.93 -64.74
N ARG F 72 -50.65 -0.88 -65.35
CA ARG F 72 -50.37 -0.56 -66.74
C ARG F 72 -48.88 -0.25 -66.89
N GLU F 73 -48.38 0.70 -66.08
CA GLU F 73 -47.01 1.18 -66.19
C GLU F 73 -46.04 0.02 -65.94
N PHE F 74 -46.35 -0.81 -64.93
CA PHE F 74 -45.49 -1.92 -64.58
C PHE F 74 -45.36 -2.84 -65.80
N ARG F 75 -46.50 -3.24 -66.39
CA ARG F 75 -46.45 -4.14 -67.54
C ARG F 75 -45.57 -3.52 -68.61
N LEU F 76 -45.80 -2.24 -68.94
CA LEU F 76 -45.07 -1.57 -70.00
C LEU F 76 -43.56 -1.67 -69.77
N ILE F 77 -43.10 -1.37 -68.54
CA ILE F 77 -41.68 -1.40 -68.25
C ILE F 77 -41.13 -2.81 -68.51
N THR F 78 -41.90 -3.85 -68.15
CA THR F 78 -41.42 -5.23 -68.25
C THR F 78 -41.25 -5.66 -69.70
N GLN F 79 -41.93 -4.98 -70.64
CA GLN F 79 -41.82 -5.27 -72.07
C GLN F 79 -40.40 -5.06 -72.58
N GLU F 80 -39.63 -4.19 -71.90
CA GLU F 80 -38.35 -3.74 -72.40
C GLU F 80 -37.23 -4.75 -72.14
N TYR F 81 -37.47 -5.73 -71.26
CA TYR F 81 -36.43 -6.67 -70.89
C TYR F 81 -36.54 -7.94 -71.74
N PHE F 82 -35.37 -8.48 -72.12
CA PHE F 82 -35.29 -9.85 -72.63
C PHE F 82 -35.76 -10.82 -71.56
N SER F 83 -36.16 -12.02 -71.99
CA SER F 83 -36.61 -13.05 -71.06
C SER F 83 -35.42 -13.82 -70.52
N TYR F 84 -34.24 -13.66 -71.14
CA TYR F 84 -33.04 -14.37 -70.71
C TYR F 84 -32.18 -13.52 -69.76
N TRP F 85 -31.72 -14.15 -68.68
CA TRP F 85 -30.97 -13.51 -67.62
C TRP F 85 -29.63 -14.22 -67.42
N PHE F 86 -28.59 -13.68 -68.06
CA PHE F 86 -27.29 -14.34 -68.18
C PHE F 86 -26.69 -14.65 -66.81
N GLU F 87 -26.96 -13.82 -65.79
CA GLU F 87 -26.39 -14.02 -64.47
C GLU F 87 -26.83 -15.35 -63.88
N TYR F 88 -28.02 -15.82 -64.29
CA TYR F 88 -28.60 -17.03 -63.75
C TYR F 88 -28.61 -18.15 -64.78
N ASN F 89 -28.32 -17.81 -66.05
CA ASN F 89 -28.44 -18.73 -67.17
C ASN F 89 -29.86 -19.30 -67.23
N VAL F 90 -30.86 -18.42 -67.03
CA VAL F 90 -32.26 -18.80 -66.96
C VAL F 90 -33.05 -18.02 -68.00
N ASP F 91 -34.13 -18.63 -68.48
CA ASP F 91 -35.08 -17.98 -69.37
C ASP F 91 -36.44 -17.95 -68.69
N LEU F 92 -37.13 -16.80 -68.77
CA LEU F 92 -38.43 -16.63 -68.13
C LEU F 92 -39.55 -16.81 -69.14
N HIS F 93 -39.19 -17.09 -70.39
CA HIS F 93 -40.19 -17.35 -71.41
C HIS F 93 -41.06 -18.52 -70.93
N GLY F 94 -42.37 -18.29 -70.89
CA GLY F 94 -43.32 -19.34 -70.57
C GLY F 94 -43.58 -19.53 -69.07
N LYS F 95 -42.72 -18.97 -68.21
CA LYS F 95 -42.86 -19.18 -66.77
C LYS F 95 -44.03 -18.37 -66.21
N ALA F 96 -44.46 -17.34 -66.95
CA ALA F 96 -45.56 -16.49 -66.50
C ALA F 96 -46.65 -16.44 -67.57
N VAL F 97 -47.86 -16.14 -67.11
CA VAL F 97 -48.96 -15.69 -67.97
C VAL F 97 -49.62 -14.52 -67.26
N ASP F 98 -50.34 -13.69 -68.04
CA ASP F 98 -51.00 -12.50 -67.53
C ASP F 98 -52.51 -12.73 -67.62
N CYS F 99 -53.21 -12.57 -66.49
CA CYS F 99 -54.64 -12.80 -66.40
C CYS F 99 -55.43 -11.50 -66.55
N GLY F 100 -54.76 -10.40 -66.91
CA GLY F 100 -55.44 -9.12 -67.01
C GLY F 100 -55.72 -8.51 -65.64
N ASP F 101 -56.76 -7.68 -65.55
CA ASP F 101 -57.03 -6.89 -64.36
C ASP F 101 -58.30 -7.38 -63.68
N VAL F 102 -58.43 -7.01 -62.40
CA VAL F 102 -59.64 -7.27 -61.63
C VAL F 102 -60.59 -6.09 -61.83
N SER F 103 -61.79 -6.41 -62.32
CA SER F 103 -62.84 -5.45 -62.62
C SER F 103 -63.19 -4.58 -61.42
N MET F 104 -62.86 -3.29 -61.50
CA MET F 104 -63.09 -2.37 -60.41
C MET F 104 -64.36 -1.55 -60.69
N PRO F 105 -65.33 -1.50 -59.75
CA PRO F 105 -66.42 -0.52 -59.80
C PRO F 105 -65.92 0.80 -59.25
N LYS F 106 -66.79 1.57 -58.59
CA LYS F 106 -66.39 2.78 -57.89
C LYS F 106 -67.25 2.94 -56.63
N VAL F 107 -66.69 3.60 -55.61
CA VAL F 107 -67.43 3.92 -54.40
C VAL F 107 -68.21 2.68 -53.95
N SER F 108 -67.52 1.54 -53.99
CA SER F 108 -68.12 0.23 -53.73
C SER F 108 -67.08 -0.67 -53.07
N PRO F 109 -66.58 -0.30 -51.86
CA PRO F 109 -65.38 -0.95 -51.31
C PRO F 109 -65.53 -2.46 -51.19
N GLU F 110 -66.66 -2.89 -50.61
CA GLU F 110 -66.86 -4.27 -50.20
C GLU F 110 -66.76 -5.19 -51.42
N VAL F 111 -67.27 -4.75 -52.58
CA VAL F 111 -67.38 -5.64 -53.73
C VAL F 111 -66.01 -5.80 -54.38
N ALA F 112 -65.25 -4.69 -54.42
CA ALA F 112 -63.87 -4.69 -54.90
C ALA F 112 -63.07 -5.77 -54.17
N HIS F 113 -63.07 -5.73 -52.85
CA HIS F 113 -62.30 -6.68 -52.05
C HIS F 113 -62.79 -8.11 -52.31
N GLU F 114 -64.11 -8.31 -52.34
CA GLU F 114 -64.69 -9.61 -52.60
C GLU F 114 -64.22 -10.13 -53.94
N ARG F 115 -64.09 -9.24 -54.93
CA ARG F 115 -63.67 -9.64 -56.26
C ARG F 115 -62.18 -9.96 -56.30
N ILE F 116 -61.38 -9.25 -55.48
CA ILE F 116 -59.96 -9.53 -55.36
C ILE F 116 -59.79 -10.91 -54.72
N TYR F 117 -60.53 -11.16 -53.64
CA TYR F 117 -60.57 -12.44 -52.96
C TYR F 117 -60.79 -13.57 -53.96
N ARG F 118 -61.86 -13.46 -54.76
CA ARG F 118 -62.22 -14.46 -55.75
C ARG F 118 -61.08 -14.71 -56.72
N ALA F 119 -60.48 -13.62 -57.20
CA ALA F 119 -59.43 -13.69 -58.21
C ALA F 119 -58.23 -14.46 -57.69
N VAL F 120 -57.85 -14.21 -56.44
CA VAL F 120 -56.68 -14.85 -55.85
C VAL F 120 -57.00 -16.32 -55.55
N ARG F 121 -58.17 -16.59 -54.96
CA ARG F 121 -58.61 -17.96 -54.71
C ARG F 121 -58.54 -18.77 -56.00
N GLU F 122 -59.06 -18.20 -57.10
CA GLU F 122 -59.03 -18.85 -58.39
C GLU F 122 -57.60 -19.23 -58.76
N VAL F 123 -56.70 -18.23 -58.73
CA VAL F 123 -55.33 -18.46 -59.15
C VAL F 123 -54.69 -19.51 -58.24
N LEU F 124 -54.95 -19.44 -56.93
CA LEU F 124 -54.35 -20.39 -56.01
C LEU F 124 -54.85 -21.81 -56.31
N LYS F 125 -56.16 -21.95 -56.62
CA LYS F 125 -56.71 -23.22 -57.05
C LYS F 125 -55.91 -23.80 -58.21
N SER F 126 -55.42 -22.94 -59.11
CA SER F 126 -54.72 -23.39 -60.31
C SER F 126 -53.38 -24.04 -59.97
N GLY F 127 -52.85 -23.76 -58.77
CA GLY F 127 -51.51 -24.20 -58.41
C GLY F 127 -50.41 -23.23 -58.84
N LEU F 128 -50.78 -22.15 -59.56
CA LEU F 128 -49.80 -21.16 -60.00
C LEU F 128 -49.65 -20.07 -58.93
N ILE F 129 -48.50 -19.40 -58.96
CA ILE F 129 -48.20 -18.34 -58.01
C ILE F 129 -48.80 -17.05 -58.56
N PRO F 130 -49.75 -16.40 -57.85
CA PRO F 130 -50.22 -15.08 -58.26
C PRO F 130 -49.12 -14.05 -58.01
N ILE F 131 -48.88 -13.19 -59.02
CA ILE F 131 -48.14 -11.96 -58.85
C ILE F 131 -49.16 -10.83 -58.91
N ILE F 132 -49.45 -10.23 -57.75
CA ILE F 132 -50.54 -9.26 -57.64
C ILE F 132 -49.98 -7.84 -57.57
N CYS F 133 -50.26 -7.04 -58.62
CA CYS F 133 -49.74 -5.68 -58.72
C CYS F 133 -50.86 -4.67 -58.48
N GLY F 134 -50.82 -4.01 -57.31
CA GLY F 134 -51.72 -2.91 -57.00
C GLY F 134 -51.35 -1.66 -57.79
N GLY F 135 -52.00 -0.52 -57.50
CA GLY F 135 -53.04 -0.41 -56.48
C GLY F 135 -52.45 -0.21 -55.09
N ASP F 136 -53.28 0.18 -54.13
CA ASP F 136 -52.80 0.50 -52.79
C ASP F 136 -52.58 -0.76 -51.95
N ARG F 137 -51.93 -0.54 -50.79
CA ARG F 137 -51.41 -1.55 -49.87
C ARG F 137 -52.52 -2.39 -49.24
N SER F 138 -53.75 -1.87 -49.16
CA SER F 138 -54.84 -2.59 -48.53
C SER F 138 -55.22 -3.84 -49.32
N ILE F 139 -54.85 -3.91 -50.61
CA ILE F 139 -55.22 -5.08 -51.38
C ILE F 139 -54.50 -6.30 -50.80
N SER F 140 -53.46 -6.08 -50.00
CA SER F 140 -52.69 -7.16 -49.41
C SER F 140 -53.50 -7.87 -48.33
N ILE F 141 -54.34 -7.12 -47.61
CA ILE F 141 -55.25 -7.70 -46.63
C ILE F 141 -56.01 -8.88 -47.25
N THR F 142 -56.70 -8.64 -48.36
CA THR F 142 -57.65 -9.62 -48.85
C THR F 142 -56.95 -10.67 -49.73
N ALA F 143 -55.76 -10.36 -50.26
CA ALA F 143 -55.00 -11.37 -50.96
C ALA F 143 -54.38 -12.34 -49.95
N ALA F 144 -54.02 -11.83 -48.77
CA ALA F 144 -53.46 -12.64 -47.72
C ALA F 144 -54.56 -13.52 -47.10
N ARG F 145 -55.75 -12.94 -46.94
CA ARG F 145 -56.91 -13.69 -46.46
C ARG F 145 -57.22 -14.84 -47.42
N ALA F 146 -57.06 -14.61 -48.73
CA ALA F 146 -57.34 -15.63 -49.72
C ALA F 146 -56.37 -16.80 -49.59
N LEU F 147 -55.10 -16.52 -49.28
CA LEU F 147 -54.12 -17.57 -49.12
C LEU F 147 -54.40 -18.32 -47.81
N SER F 148 -54.86 -17.56 -46.79
CA SER F 148 -55.22 -18.12 -45.50
C SER F 148 -56.30 -19.17 -45.67
N ASP F 149 -57.37 -18.79 -46.39
CA ASP F 149 -58.54 -19.62 -46.60
C ASP F 149 -58.17 -20.78 -47.52
N HIS F 150 -57.37 -20.51 -48.55
CA HIS F 150 -56.96 -21.55 -49.49
C HIS F 150 -56.28 -22.71 -48.75
N ILE F 151 -55.31 -22.40 -47.87
CA ILE F 151 -54.51 -23.46 -47.28
C ILE F 151 -55.32 -24.15 -46.19
N GLY F 152 -56.18 -23.40 -45.48
CA GLY F 152 -57.04 -23.97 -44.45
C GLY F 152 -56.39 -23.98 -43.08
N PRO F 153 -57.16 -24.20 -41.99
CA PRO F 153 -56.67 -23.98 -40.63
C PRO F 153 -55.73 -25.08 -40.10
N GLN F 154 -55.55 -26.14 -40.89
CA GLN F 154 -54.66 -27.24 -40.55
C GLN F 154 -53.29 -27.04 -41.22
N LYS F 155 -53.01 -25.81 -41.67
CA LYS F 155 -51.76 -25.50 -42.34
C LYS F 155 -51.19 -24.19 -41.81
N LYS F 156 -49.90 -23.98 -42.05
CA LYS F 156 -49.20 -22.85 -41.44
C LYS F 156 -48.72 -21.92 -42.54
N MET F 157 -49.14 -20.66 -42.42
CA MET F 157 -48.80 -19.62 -43.39
C MET F 157 -47.67 -18.77 -42.82
N GLY F 158 -46.77 -18.32 -43.70
CA GLY F 158 -45.79 -17.30 -43.36
C GLY F 158 -45.99 -16.05 -44.21
N TYR F 159 -45.66 -14.89 -43.63
CA TYR F 159 -45.86 -13.59 -44.25
C TYR F 159 -44.63 -12.71 -44.06
N MET F 160 -44.13 -12.14 -45.17
CA MET F 160 -43.06 -11.15 -45.16
C MET F 160 -43.42 -9.97 -46.05
N HIS F 161 -43.25 -8.75 -45.50
CA HIS F 161 -43.50 -7.52 -46.22
C HIS F 161 -42.35 -6.53 -46.04
N PHE F 162 -41.99 -5.84 -47.13
CA PHE F 162 -40.99 -4.77 -47.09
C PHE F 162 -41.70 -3.42 -47.16
N GLY F 163 -41.40 -2.50 -46.25
CA GLY F 163 -41.94 -1.15 -46.36
C GLY F 163 -41.50 -0.22 -45.23
N ALA F 164 -41.63 1.08 -45.48
CA ALA F 164 -41.22 2.11 -44.53
C ALA F 164 -42.23 2.29 -43.40
N GLN F 165 -43.46 1.78 -43.63
CA GLN F 165 -44.60 1.95 -42.74
C GLN F 165 -45.05 0.61 -42.21
N LEU F 166 -45.33 0.53 -40.92
CA LEU F 166 -45.77 -0.71 -40.29
C LEU F 166 -47.19 -1.05 -40.75
N ASP F 167 -48.05 -0.03 -40.88
CA ASP F 167 -49.44 -0.20 -41.25
C ASP F 167 -50.15 -1.05 -40.19
N MET F 168 -50.03 -0.63 -38.92
CA MET F 168 -50.56 -1.39 -37.81
C MET F 168 -51.61 -0.58 -37.07
N ALA F 169 -52.48 0.10 -37.82
CA ALA F 169 -53.62 0.80 -37.25
C ALA F 169 -54.77 -0.19 -37.07
N ASP F 170 -55.12 -0.48 -35.82
CA ASP F 170 -56.30 -1.29 -35.53
C ASP F 170 -57.50 -0.71 -36.27
N SER F 171 -57.66 0.61 -36.17
CA SER F 171 -58.55 1.34 -37.06
C SER F 171 -57.92 2.68 -37.48
N TRP F 172 -58.25 3.09 -38.71
CA TRP F 172 -57.82 4.37 -39.27
C TRP F 172 -59.05 5.14 -39.76
N ALA F 173 -59.29 6.32 -39.16
CA ALA F 173 -60.42 7.17 -39.55
C ALA F 173 -61.73 6.39 -39.47
N GLY F 174 -61.91 5.68 -38.35
CA GLY F 174 -63.10 4.89 -38.11
C GLY F 174 -63.22 3.69 -39.05
N GLU F 175 -62.20 3.43 -39.87
CA GLU F 175 -62.25 2.33 -40.82
C GLU F 175 -61.26 1.24 -40.38
N ARG F 176 -61.35 0.07 -41.02
CA ARG F 176 -60.61 -1.10 -40.56
C ARG F 176 -59.83 -1.77 -41.69
N ASN F 177 -60.05 -1.35 -42.94
CA ASN F 177 -59.48 -2.05 -44.08
C ASN F 177 -58.79 -1.06 -45.02
N LEU F 178 -58.42 0.11 -44.51
CA LEU F 178 -57.59 1.03 -45.28
C LEU F 178 -56.14 0.55 -45.23
N ALA F 179 -55.32 0.99 -46.19
CA ALA F 179 -53.94 0.57 -46.30
C ALA F 179 -53.20 0.67 -44.95
N PRO F 180 -53.31 1.77 -44.15
CA PRO F 180 -52.65 1.83 -42.85
C PRO F 180 -53.09 0.84 -41.77
N CYS F 181 -54.12 0.02 -42.04
CA CYS F 181 -54.58 -1.00 -41.11
C CYS F 181 -54.11 -2.39 -41.56
N ALA F 182 -53.44 -2.47 -42.70
CA ALA F 182 -53.34 -3.73 -43.42
C ALA F 182 -52.62 -4.80 -42.61
N MET F 183 -51.60 -4.39 -41.84
CA MET F 183 -50.84 -5.29 -41.00
C MET F 183 -51.65 -5.73 -39.78
N ALA F 184 -52.45 -4.81 -39.20
CA ALA F 184 -53.35 -5.14 -38.10
C ALA F 184 -54.35 -6.22 -38.50
N ARG F 185 -54.83 -6.19 -39.74
CA ARG F 185 -55.74 -7.22 -40.20
C ARG F 185 -54.97 -8.52 -40.43
N ILE F 186 -53.86 -8.45 -41.19
CA ILE F 186 -53.16 -9.63 -41.66
C ILE F 186 -52.67 -10.46 -40.46
N THR F 187 -52.27 -9.81 -39.37
CA THR F 187 -51.77 -10.53 -38.21
C THR F 187 -52.92 -11.06 -37.35
N GLU F 188 -54.18 -10.94 -37.81
CA GLU F 188 -55.31 -11.58 -37.13
C GLU F 188 -55.68 -12.91 -37.77
N LEU F 189 -55.07 -13.21 -38.93
CA LEU F 189 -55.39 -14.42 -39.67
C LEU F 189 -55.05 -15.63 -38.81
N PRO F 190 -56.00 -16.60 -38.71
CA PRO F 190 -55.92 -17.68 -37.73
C PRO F 190 -54.75 -18.67 -37.92
N ASN F 191 -54.37 -18.94 -39.17
CA ASN F 191 -53.25 -19.85 -39.46
C ASN F 191 -51.95 -19.09 -39.75
N LEU F 192 -51.87 -17.81 -39.35
CA LEU F 192 -50.64 -17.05 -39.47
C LEU F 192 -50.12 -16.68 -38.09
N ASP F 193 -49.20 -17.50 -37.57
CA ASP F 193 -48.58 -17.26 -36.28
C ASP F 193 -47.66 -16.03 -36.34
N ILE F 194 -47.73 -15.14 -35.34
CA ILE F 194 -46.96 -13.90 -35.35
C ILE F 194 -45.47 -14.22 -35.54
N ARG F 195 -45.03 -15.38 -35.01
CA ARG F 195 -43.64 -15.81 -35.13
C ARG F 195 -43.27 -16.12 -36.59
N ASN F 196 -44.26 -16.28 -37.48
CA ASN F 196 -43.98 -16.54 -38.89
C ASN F 196 -44.23 -15.29 -39.73
N VAL F 197 -44.22 -14.12 -39.08
CA VAL F 197 -44.49 -12.85 -39.74
C VAL F 197 -43.22 -11.99 -39.72
N ALA F 198 -42.85 -11.41 -40.88
CA ALA F 198 -41.74 -10.48 -40.95
C ALA F 198 -42.18 -9.15 -41.59
N HIS F 199 -41.58 -8.06 -41.10
CA HIS F 199 -41.82 -6.72 -41.64
C HIS F 199 -40.51 -5.94 -41.60
N LEU F 200 -40.01 -5.51 -42.77
CA LEU F 200 -38.68 -4.95 -42.88
C LEU F 200 -38.75 -3.56 -43.49
N GLY F 201 -38.10 -2.59 -42.82
CA GLY F 201 -37.74 -1.32 -43.41
C GLY F 201 -38.33 -0.10 -42.70
N ALA F 202 -39.09 -0.31 -41.62
CA ALA F 202 -39.86 0.77 -41.03
C ALA F 202 -38.95 1.89 -40.56
N ARG F 203 -39.32 3.13 -40.86
CA ARG F 203 -38.48 4.25 -40.45
C ARG F 203 -39.28 5.55 -40.54
N ASN F 204 -38.72 6.63 -39.97
CA ASN F 204 -39.22 7.99 -40.14
C ASN F 204 -40.59 8.16 -39.48
N ALA F 205 -41.32 9.22 -39.83
CA ALA F 205 -42.40 9.72 -38.99
C ALA F 205 -43.78 9.18 -39.38
N MET F 206 -43.88 8.32 -40.42
CA MET F 206 -45.18 7.86 -40.91
C MET F 206 -45.59 6.59 -40.18
N ASN F 207 -45.42 6.59 -38.86
CA ASN F 207 -45.61 5.40 -38.05
C ASN F 207 -46.08 5.85 -36.68
N PRO F 208 -47.38 6.18 -36.52
CA PRO F 208 -47.86 6.78 -35.26
C PRO F 208 -47.81 5.76 -34.12
N LYS F 209 -47.82 6.31 -32.91
CA LYS F 209 -47.45 5.58 -31.70
C LYS F 209 -48.27 4.30 -31.53
N ASP F 210 -49.56 4.32 -31.89
CA ASP F 210 -50.41 3.15 -31.68
C ASP F 210 -49.96 1.99 -32.56
N HIS F 211 -49.29 2.26 -33.68
CA HIS F 211 -48.81 1.18 -34.53
C HIS F 211 -47.70 0.42 -33.80
N ILE F 212 -46.89 1.17 -33.03
CA ILE F 212 -45.82 0.56 -32.24
C ILE F 212 -46.48 -0.23 -31.12
N ASP F 213 -47.36 0.45 -30.35
CA ASP F 213 -48.03 -0.13 -29.20
C ASP F 213 -48.66 -1.47 -29.57
N LEU F 214 -49.45 -1.50 -30.65
CA LEU F 214 -50.12 -2.74 -31.04
C LEU F 214 -49.08 -3.80 -31.41
N SER F 215 -47.99 -3.39 -32.08
CA SER F 215 -46.97 -4.33 -32.52
C SER F 215 -46.36 -5.04 -31.31
N LYS F 216 -46.08 -4.27 -30.25
CA LYS F 216 -45.54 -4.79 -29.01
C LYS F 216 -46.56 -5.70 -28.35
N GLU F 217 -47.81 -5.23 -28.25
CA GLU F 217 -48.87 -6.01 -27.66
C GLU F 217 -48.99 -7.38 -28.34
N ARG F 218 -48.85 -7.44 -29.68
CA ARG F 218 -49.03 -8.70 -30.40
C ARG F 218 -47.71 -9.46 -30.59
N GLY F 219 -46.59 -8.83 -30.20
CA GLY F 219 -45.25 -9.38 -30.42
C GLY F 219 -44.86 -9.45 -31.89
N LEU F 220 -45.21 -8.41 -32.68
CA LEU F 220 -44.71 -8.30 -34.04
C LEU F 220 -43.24 -7.92 -33.95
N GLN F 221 -42.37 -8.80 -34.45
CA GLN F 221 -40.93 -8.60 -34.41
C GLN F 221 -40.50 -7.99 -35.74
N TYR F 222 -40.88 -6.72 -35.94
CA TYR F 222 -40.50 -6.03 -37.16
C TYR F 222 -39.03 -5.63 -37.10
N ASP F 223 -38.37 -5.68 -38.25
CA ASP F 223 -37.01 -5.24 -38.42
C ASP F 223 -37.03 -3.83 -39.00
N SER F 224 -36.94 -2.83 -38.13
CA SER F 224 -36.87 -1.45 -38.56
C SER F 224 -35.61 -1.22 -39.41
N MET F 225 -35.57 -0.11 -40.14
CA MET F 225 -34.43 0.16 -41.00
C MET F 225 -33.18 0.39 -40.12
N PHE F 226 -33.35 1.06 -38.96
CA PHE F 226 -32.31 1.20 -37.94
C PHE F 226 -31.75 -0.18 -37.57
N ASP F 227 -32.61 -1.11 -37.14
CA ASP F 227 -32.21 -2.46 -36.79
C ASP F 227 -31.43 -3.08 -37.93
N LEU F 228 -31.91 -2.91 -39.16
CA LEU F 228 -31.27 -3.57 -40.29
C LEU F 228 -29.87 -3.01 -40.50
N PHE F 229 -29.72 -1.67 -40.52
CA PHE F 229 -28.41 -1.06 -40.74
C PHE F 229 -27.45 -1.47 -39.62
N ASP F 230 -27.95 -1.47 -38.38
CA ASP F 230 -27.14 -1.80 -37.21
C ASP F 230 -26.62 -3.23 -37.30
N ALA F 231 -27.39 -4.13 -37.93
CA ALA F 231 -27.03 -5.55 -38.00
C ALA F 231 -26.33 -5.89 -39.31
N GLY F 232 -25.96 -4.89 -40.11
CA GLY F 232 -25.34 -5.13 -41.40
C GLY F 232 -26.32 -5.68 -42.44
N ILE F 233 -27.63 -5.47 -42.17
CA ILE F 233 -28.75 -5.86 -43.00
C ILE F 233 -28.89 -7.39 -43.08
N TYR F 234 -27.98 -8.06 -43.80
CA TYR F 234 -28.27 -9.39 -44.31
C TYR F 234 -28.45 -10.41 -43.20
N PRO F 235 -27.61 -10.43 -42.14
CA PRO F 235 -27.81 -11.36 -41.02
C PRO F 235 -29.22 -11.32 -40.42
N LEU F 236 -29.82 -10.13 -40.34
CA LEU F 236 -31.12 -10.00 -39.70
C LEU F 236 -32.21 -10.39 -40.69
N VAL F 237 -32.01 -10.10 -41.98
CA VAL F 237 -32.94 -10.52 -43.03
C VAL F 237 -33.00 -12.05 -43.05
N GLU F 238 -31.82 -12.68 -42.98
CA GLU F 238 -31.72 -14.13 -43.02
C GLU F 238 -32.54 -14.76 -41.89
N ARG F 239 -32.47 -14.18 -40.68
CA ARG F 239 -33.20 -14.71 -39.54
C ARG F 239 -34.71 -14.59 -39.78
N SER F 240 -35.15 -13.50 -40.42
CA SER F 240 -36.57 -13.27 -40.64
C SER F 240 -37.07 -14.12 -41.82
N ILE F 241 -36.21 -14.40 -42.79
CA ILE F 241 -36.55 -15.36 -43.84
C ILE F 241 -36.79 -16.73 -43.19
N ASP F 242 -35.94 -17.10 -42.24
CA ASP F 242 -36.04 -18.38 -41.58
C ASP F 242 -37.38 -18.48 -40.84
N ARG F 243 -37.73 -17.42 -40.09
CA ARG F 243 -38.97 -17.42 -39.33
C ARG F 243 -40.18 -17.61 -40.26
N VAL F 244 -40.11 -17.10 -41.50
CA VAL F 244 -41.26 -17.07 -42.40
C VAL F 244 -41.36 -18.38 -43.20
N TRP F 245 -40.21 -18.97 -43.57
CA TRP F 245 -40.17 -20.12 -44.46
C TRP F 245 -39.97 -21.45 -43.72
N SER F 246 -39.40 -21.43 -42.51
CA SER F 246 -39.21 -22.66 -41.74
C SER F 246 -40.47 -22.97 -40.96
N GLY F 247 -41.05 -24.13 -41.27
CA GLY F 247 -42.19 -24.64 -40.52
C GLY F 247 -43.52 -24.12 -41.06
N THR F 248 -43.52 -23.58 -42.28
CA THR F 248 -44.74 -23.12 -42.91
C THR F 248 -44.97 -23.88 -44.22
N ASP F 249 -46.24 -23.94 -44.60
CA ASP F 249 -46.69 -24.63 -45.81
C ASP F 249 -46.79 -23.65 -46.96
N ALA F 250 -47.07 -22.38 -46.65
CA ALA F 250 -47.26 -21.36 -47.67
C ALA F 250 -46.69 -20.03 -47.18
N GLN F 251 -46.13 -19.25 -48.10
CA GLN F 251 -45.51 -17.98 -47.75
C GLN F 251 -46.01 -16.85 -48.65
N TYR F 252 -46.45 -15.77 -48.01
CA TYR F 252 -46.83 -14.54 -48.69
C TYR F 252 -45.67 -13.53 -48.62
N LEU F 253 -45.28 -13.02 -49.81
CA LEU F 253 -44.23 -12.02 -49.92
C LEU F 253 -44.82 -10.76 -50.55
N GLY F 254 -44.75 -9.64 -49.84
CA GLY F 254 -45.20 -8.36 -50.35
C GLY F 254 -44.13 -7.26 -50.30
N PHE F 255 -44.25 -6.30 -51.24
CA PHE F 255 -43.33 -5.19 -51.40
C PHE F 255 -44.10 -3.88 -51.53
N ASN F 256 -43.77 -2.91 -50.66
CA ASN F 256 -44.00 -1.50 -50.92
C ASN F 256 -42.62 -0.86 -51.13
N PHE F 257 -42.40 -0.27 -52.30
CA PHE F 257 -41.04 0.08 -52.68
C PHE F 257 -40.57 1.37 -52.03
N ASN F 258 -41.35 1.92 -51.09
CA ASN F 258 -40.82 2.96 -50.25
C ASN F 258 -39.92 2.34 -49.18
N VAL F 259 -39.76 1.01 -49.18
CA VAL F 259 -38.67 0.41 -48.42
C VAL F 259 -37.33 0.92 -48.96
N MET F 260 -37.29 1.25 -50.25
CA MET F 260 -36.06 1.68 -50.92
C MET F 260 -35.81 3.14 -50.58
N ASP F 261 -34.55 3.57 -50.68
CA ASP F 261 -34.21 4.97 -50.52
C ASP F 261 -34.87 5.74 -51.66
N SER F 262 -35.36 6.95 -51.37
CA SER F 262 -36.06 7.79 -52.33
C SER F 262 -35.42 7.80 -53.71
N SER F 263 -34.11 8.03 -53.74
CA SER F 263 -33.35 8.21 -54.97
C SER F 263 -33.50 7.00 -55.87
N THR F 264 -33.67 5.82 -55.26
CA THR F 264 -33.83 4.55 -55.97
C THR F 264 -35.26 4.32 -56.43
N ALA F 265 -36.24 4.95 -55.75
CA ALA F 265 -37.65 4.69 -56.03
C ALA F 265 -38.49 5.92 -55.68
N PRO F 266 -38.45 6.97 -56.53
CA PRO F 266 -39.29 8.15 -56.33
C PRO F 266 -40.76 7.92 -56.67
N GLY F 267 -41.03 7.09 -57.69
CA GLY F 267 -42.38 6.82 -58.14
C GLY F 267 -43.12 5.82 -57.25
N VAL F 268 -43.35 6.21 -55.99
CA VAL F 268 -44.11 5.43 -55.03
C VAL F 268 -44.97 6.43 -54.26
N THR F 269 -46.03 5.96 -53.59
CA THR F 269 -47.04 6.92 -53.14
C THR F 269 -46.46 7.75 -51.99
N SER F 270 -45.59 7.19 -51.13
CA SER F 270 -44.89 8.01 -50.14
C SER F 270 -43.44 7.59 -49.97
N THR F 271 -42.56 8.28 -50.71
CA THR F 271 -41.15 8.01 -50.67
C THR F 271 -40.56 8.49 -49.35
N GLU F 272 -39.47 7.85 -48.95
CA GLU F 272 -38.85 8.10 -47.65
C GLU F 272 -37.33 8.01 -47.82
N PRO F 273 -36.58 9.06 -47.39
CA PRO F 273 -35.13 8.97 -47.30
C PRO F 273 -34.68 7.87 -46.34
N GLY F 274 -33.47 7.36 -46.54
CA GLY F 274 -32.85 6.47 -45.56
C GLY F 274 -33.27 5.02 -45.75
N GLY F 275 -33.58 4.61 -46.98
CA GLY F 275 -33.96 3.23 -47.22
C GLY F 275 -32.88 2.41 -47.90
N LEU F 276 -33.30 1.23 -48.37
CA LEU F 276 -32.40 0.27 -48.99
C LEU F 276 -31.88 0.83 -50.30
N GLU F 277 -30.64 0.47 -50.65
CA GLU F 277 -30.13 0.62 -52.00
C GLU F 277 -30.53 -0.60 -52.84
N SER F 278 -30.51 -0.42 -54.17
CA SER F 278 -30.97 -1.46 -55.08
C SER F 278 -30.07 -2.69 -55.00
N ARG F 279 -28.74 -2.53 -54.83
CA ARG F 279 -27.87 -3.69 -54.71
C ARG F 279 -28.17 -4.50 -53.44
N GLU F 280 -28.71 -3.85 -52.40
CA GLU F 280 -29.09 -4.54 -51.17
C GLU F 280 -30.34 -5.39 -51.41
N MET F 281 -31.33 -4.84 -52.10
CA MET F 281 -32.54 -5.58 -52.41
C MET F 281 -32.22 -6.76 -53.34
N MET F 282 -31.25 -6.63 -54.23
CA MET F 282 -30.97 -7.71 -55.16
C MET F 282 -30.32 -8.88 -54.42
N ARG F 283 -29.48 -8.59 -53.43
CA ARG F 283 -28.92 -9.63 -52.58
C ARG F 283 -30.04 -10.29 -51.78
N ILE F 284 -30.94 -9.47 -51.22
CA ILE F 284 -32.05 -9.97 -50.43
C ILE F 284 -32.95 -10.90 -51.25
N VAL F 285 -33.18 -10.56 -52.53
CA VAL F 285 -34.00 -11.39 -53.39
C VAL F 285 -33.36 -12.77 -53.55
N ASP F 286 -32.05 -12.84 -53.75
CA ASP F 286 -31.36 -14.12 -53.86
C ASP F 286 -31.47 -14.91 -52.55
N MET F 287 -31.43 -14.23 -51.42
CA MET F 287 -31.53 -14.89 -50.12
C MET F 287 -32.91 -15.53 -49.97
N ILE F 288 -33.93 -14.87 -50.52
CA ILE F 288 -35.27 -15.41 -50.42
C ILE F 288 -35.38 -16.63 -51.34
N ALA F 289 -34.74 -16.55 -52.50
CA ALA F 289 -34.87 -17.58 -53.52
C ALA F 289 -34.17 -18.88 -53.10
N LYS F 290 -33.22 -18.79 -52.15
CA LYS F 290 -32.55 -19.98 -51.61
C LYS F 290 -33.56 -20.93 -50.97
N ARG F 291 -34.72 -20.45 -50.53
CA ARG F 291 -35.72 -21.31 -49.90
C ARG F 291 -36.55 -22.07 -50.94
N GLY F 292 -36.36 -21.76 -52.23
CA GLY F 292 -37.00 -22.49 -53.31
C GLY F 292 -38.53 -22.47 -53.22
N GLY F 293 -39.15 -21.30 -53.36
CA GLY F 293 -40.59 -21.24 -53.51
C GLY F 293 -41.25 -20.23 -52.59
N VAL F 294 -42.40 -19.72 -53.07
CA VAL F 294 -43.24 -18.74 -52.40
C VAL F 294 -44.64 -18.94 -52.98
N SER F 295 -45.68 -18.55 -52.24
CA SER F 295 -47.05 -18.88 -52.60
C SER F 295 -47.74 -17.72 -53.31
N VAL F 296 -47.44 -16.50 -52.86
CA VAL F 296 -48.04 -15.27 -53.36
C VAL F 296 -46.97 -14.17 -53.34
N ILE F 297 -46.91 -13.40 -54.42
CA ILE F 297 -46.03 -12.25 -54.56
C ILE F 297 -46.92 -11.03 -54.83
N ASP F 298 -46.79 -10.01 -53.98
CA ASP F 298 -47.53 -8.78 -54.15
C ASP F 298 -46.54 -7.62 -54.29
N LEU F 299 -46.96 -6.59 -55.04
CA LEU F 299 -46.32 -5.29 -54.98
C LEU F 299 -47.40 -4.22 -55.07
N THR F 300 -47.33 -3.25 -54.16
CA THR F 300 -48.31 -2.19 -54.08
C THR F 300 -47.64 -0.82 -53.99
N GLU F 301 -48.41 0.23 -54.28
CA GLU F 301 -48.10 1.63 -53.95
C GLU F 301 -47.05 2.18 -54.92
N LEU F 302 -46.82 1.50 -56.05
CA LEU F 302 -46.16 2.15 -57.17
C LEU F 302 -47.04 3.32 -57.60
N CYS F 303 -46.43 4.44 -57.98
CA CYS F 303 -47.16 5.68 -58.21
C CYS F 303 -46.48 6.44 -59.35
N PRO F 304 -46.69 5.98 -60.61
CA PRO F 304 -45.90 6.44 -61.75
C PRO F 304 -45.98 7.92 -62.15
N ILE F 305 -46.98 8.66 -61.68
CA ILE F 305 -47.07 10.08 -61.98
C ILE F 305 -45.91 10.82 -61.31
N PHE F 306 -45.32 10.25 -60.25
CA PHE F 306 -44.23 10.89 -59.55
C PHE F 306 -42.88 10.29 -59.94
N ASP F 307 -42.84 9.52 -61.04
CA ASP F 307 -41.65 8.75 -61.37
C ASP F 307 -40.86 9.52 -62.42
N ILE F 308 -39.53 9.45 -62.32
CA ILE F 308 -38.64 10.14 -63.23
C ILE F 308 -37.84 9.09 -64.00
N SER F 309 -38.18 9.00 -65.29
CA SER F 309 -37.65 8.00 -66.19
C SER F 309 -38.09 6.59 -65.75
N GLY F 310 -39.22 6.50 -65.04
CA GLY F 310 -39.73 5.22 -64.59
C GLY F 310 -38.76 4.48 -63.68
N THR F 311 -38.01 5.23 -62.84
CA THR F 311 -36.97 4.69 -61.99
C THR F 311 -37.55 3.62 -61.06
N ALA F 312 -38.64 3.95 -60.37
CA ALA F 312 -39.25 3.04 -59.40
C ALA F 312 -39.83 1.81 -60.10
N ALA F 313 -40.63 2.02 -61.14
CA ALA F 313 -41.27 0.94 -61.87
C ALA F 313 -40.21 -0.01 -62.42
N ARG F 314 -39.11 0.55 -62.90
CA ARG F 314 -37.99 -0.21 -63.44
C ARG F 314 -37.34 -1.05 -62.33
N LEU F 315 -37.28 -0.48 -61.13
CA LEU F 315 -36.69 -1.18 -60.00
C LEU F 315 -37.59 -2.34 -59.61
N ALA F 316 -38.89 -2.06 -59.43
CA ALA F 316 -39.86 -3.10 -59.12
C ALA F 316 -39.76 -4.23 -60.12
N ALA F 317 -39.72 -3.91 -61.43
CA ALA F 317 -39.67 -4.91 -62.47
C ALA F 317 -38.40 -5.77 -62.32
N CYS F 318 -37.24 -5.12 -62.10
CA CYS F 318 -36.00 -5.86 -61.93
C CYS F 318 -36.09 -6.76 -60.70
N VAL F 319 -36.76 -6.29 -59.65
CA VAL F 319 -36.89 -7.06 -58.41
C VAL F 319 -37.76 -8.29 -58.67
N ILE F 320 -38.94 -8.11 -59.27
CA ILE F 320 -39.87 -9.22 -59.48
C ILE F 320 -39.24 -10.25 -60.41
N MET F 321 -38.61 -9.81 -61.49
CA MET F 321 -38.15 -10.73 -62.53
C MET F 321 -36.88 -11.42 -62.06
N ARG F 322 -36.06 -10.74 -61.24
CA ARG F 322 -34.84 -11.31 -60.71
C ARG F 322 -35.19 -12.40 -59.69
N LEU F 323 -36.24 -12.16 -58.90
CA LEU F 323 -36.78 -13.15 -57.99
C LEU F 323 -37.18 -14.40 -58.78
N MET F 324 -37.86 -14.20 -59.92
CA MET F 324 -38.30 -15.31 -60.73
C MET F 324 -37.08 -16.05 -61.27
N ALA F 325 -36.11 -15.31 -61.81
CA ALA F 325 -34.91 -15.90 -62.36
C ALA F 325 -34.12 -16.62 -61.27
N SER F 326 -34.13 -16.09 -60.06
CA SER F 326 -33.33 -16.64 -58.98
C SER F 326 -33.94 -17.95 -58.47
N LEU F 327 -35.28 -17.99 -58.37
CA LEU F 327 -36.01 -19.20 -58.00
C LEU F 327 -35.74 -20.31 -59.01
N ALA F 328 -35.80 -19.95 -60.30
CA ALA F 328 -35.56 -20.90 -61.37
C ALA F 328 -34.13 -21.43 -61.30
N ALA F 329 -33.14 -20.59 -61.00
CA ALA F 329 -31.77 -21.09 -60.92
C ALA F 329 -31.67 -22.07 -59.76
N GLN F 330 -32.38 -21.79 -58.66
CA GLN F 330 -32.34 -22.63 -57.48
C GLN F 330 -33.01 -23.98 -57.77
N ASP F 331 -33.98 -23.98 -58.71
CA ASP F 331 -34.72 -25.17 -59.09
C ASP F 331 -33.99 -25.92 -60.21
N GLY F 332 -32.79 -25.46 -60.58
CA GLY F 332 -32.04 -26.05 -61.68
C GLY F 332 -32.72 -25.91 -63.04
N ASP F 333 -33.72 -25.02 -63.13
CA ASP F 333 -34.49 -24.81 -64.35
C ASP F 333 -33.72 -23.89 -65.29
N VAL F 334 -32.49 -24.28 -65.62
CA VAL F 334 -31.60 -23.46 -66.43
C VAL F 334 -31.74 -23.85 -67.90
N ILE F 335 -30.95 -23.21 -68.76
CA ILE F 335 -30.94 -23.49 -70.18
C ILE F 335 -29.59 -24.09 -70.55
N ASP F 336 -29.53 -24.83 -71.67
CA ASP F 336 -28.29 -25.46 -72.07
C ASP F 336 -27.28 -24.38 -72.48
N ASP F 337 -26.15 -24.32 -71.76
CA ASP F 337 -25.09 -23.35 -71.99
C ASP F 337 -24.56 -23.40 -73.42
N LYS F 338 -24.63 -24.59 -74.06
CA LYS F 338 -23.91 -24.84 -75.31
C LYS F 338 -24.76 -24.45 -76.53
N LEU F 339 -25.99 -23.94 -76.30
CA LEU F 339 -26.76 -23.29 -77.35
C LEU F 339 -25.97 -22.13 -77.95
N ARG F 340 -26.05 -21.95 -79.27
CA ARG F 340 -25.43 -20.84 -79.96
C ARG F 340 -26.36 -20.34 -81.05
N ARG F 341 -26.34 -19.02 -81.32
CA ARG F 341 -27.20 -18.39 -82.31
C ARG F 341 -27.31 -19.24 -83.57
N THR F 342 -26.14 -19.71 -84.03
CA THR F 342 -25.95 -20.44 -85.27
C THR F 342 -26.82 -21.70 -85.36
N ASP F 343 -27.63 -21.97 -84.33
CA ASP F 343 -28.80 -22.84 -84.44
C ASP F 343 -30.04 -21.95 -84.67
N LYS G 11 32.34 12.42 -24.71
CA LYS G 11 31.92 12.94 -23.38
C LYS G 11 30.44 12.61 -23.16
N TRP G 12 29.57 12.98 -24.13
CA TRP G 12 28.18 12.52 -24.14
C TRP G 12 28.09 11.21 -24.90
N GLN G 13 28.23 10.07 -24.20
CA GLN G 13 28.16 8.78 -24.88
C GLN G 13 27.42 7.75 -24.02
N PHE G 14 26.78 6.80 -24.71
CA PHE G 14 26.06 5.72 -24.08
C PHE G 14 26.13 4.51 -25.00
N THR G 15 25.97 3.30 -24.46
CA THR G 15 25.87 2.09 -25.26
C THR G 15 24.40 1.83 -25.57
N PRO G 16 24.01 1.69 -26.85
CA PRO G 16 22.63 1.31 -27.17
C PRO G 16 22.35 -0.06 -26.55
N HIS G 17 21.22 -0.18 -25.85
CA HIS G 17 20.83 -1.40 -25.16
C HIS G 17 21.89 -1.81 -24.12
N GLN G 18 22.60 -0.82 -23.55
CA GLN G 18 23.38 -0.92 -22.33
C GLN G 18 24.64 -1.77 -22.42
N HIS G 19 24.54 -3.02 -22.87
CA HIS G 19 25.56 -4.00 -22.52
C HIS G 19 26.84 -3.78 -23.33
N ARG G 20 27.99 -3.83 -22.66
CA ARG G 20 29.29 -3.80 -23.31
C ARG G 20 29.85 -5.22 -23.37
N GLY G 21 31.18 -5.36 -23.53
CA GLY G 21 31.80 -6.67 -23.67
C GLY G 21 31.61 -7.22 -25.09
N PRO G 22 31.90 -8.52 -25.34
CA PRO G 22 31.84 -9.09 -26.68
C PRO G 22 30.63 -8.75 -27.57
N ALA G 23 29.42 -8.72 -27.00
CA ALA G 23 28.21 -8.57 -27.83
C ALA G 23 27.65 -7.15 -27.74
N GLU G 24 28.50 -6.17 -27.44
CA GLU G 24 28.09 -4.77 -27.48
C GLU G 24 27.52 -4.38 -28.85
N GLN G 25 26.54 -3.46 -28.86
CA GLN G 25 26.11 -2.79 -30.07
C GLN G 25 26.72 -1.39 -30.10
N PHE G 26 27.00 -0.89 -31.33
CA PHE G 26 27.70 0.38 -31.55
C PHE G 26 26.94 1.34 -32.46
N GLY G 27 25.95 0.85 -33.21
CA GLY G 27 25.18 1.70 -34.11
C GLY G 27 24.61 2.94 -33.42
N GLU G 28 24.74 4.10 -34.06
CA GLU G 28 24.47 5.38 -33.40
C GLU G 28 22.97 5.62 -33.25
N ASN G 29 22.13 4.86 -33.96
CA ASN G 29 20.70 4.98 -33.77
C ASN G 29 20.11 3.66 -33.23
N ASP G 30 20.97 2.73 -32.79
CA ASP G 30 20.52 1.41 -32.35
C ASP G 30 19.52 1.51 -31.20
N HIS G 31 19.49 2.63 -30.44
CA HIS G 31 18.66 2.74 -29.26
C HIS G 31 17.18 3.04 -29.57
N ILE G 32 16.89 3.44 -30.82
CA ILE G 32 15.50 3.66 -31.20
C ILE G 32 14.93 2.41 -31.87
N TYR G 33 15.70 1.34 -31.98
CA TYR G 33 15.29 0.14 -32.70
C TYR G 33 15.29 -1.09 -31.81
N SER G 34 14.47 -2.08 -32.20
CA SER G 34 14.54 -3.41 -31.61
C SER G 34 16.01 -3.73 -31.43
N PRO G 35 16.41 -4.34 -30.29
CA PRO G 35 17.80 -4.75 -30.07
C PRO G 35 18.14 -5.94 -30.97
N LYS G 36 19.44 -6.04 -31.31
CA LYS G 36 19.94 -6.85 -32.41
C LYS G 36 20.70 -8.08 -31.90
N LEU G 37 21.64 -7.86 -30.98
CA LEU G 37 22.55 -8.92 -30.55
C LEU G 37 22.07 -9.57 -29.26
N HIS G 38 21.17 -8.90 -28.53
CA HIS G 38 20.75 -9.35 -27.21
C HIS G 38 19.45 -8.64 -26.84
N ASN G 39 19.04 -8.76 -25.57
CA ASN G 39 17.73 -8.29 -25.14
C ASN G 39 17.81 -6.93 -24.46
N GLY G 40 18.98 -6.31 -24.44
CA GLY G 40 19.15 -5.08 -23.68
C GLY G 40 18.77 -5.25 -22.20
N SER G 41 18.07 -4.24 -21.64
CA SER G 41 17.67 -4.17 -20.23
C SER G 41 16.19 -4.48 -20.01
N PHE G 42 15.50 -4.96 -21.03
CA PHE G 42 14.05 -5.15 -20.99
C PHE G 42 13.57 -6.14 -19.94
N LYS G 43 14.36 -7.21 -19.68
CA LYS G 43 14.10 -8.19 -18.63
C LYS G 43 14.78 -7.80 -17.31
N SER G 44 16.08 -7.53 -17.44
CA SER G 44 17.00 -7.40 -16.33
C SER G 44 17.65 -6.01 -16.39
N ARG G 45 17.57 -5.28 -15.29
CA ARG G 45 17.87 -3.86 -15.31
C ARG G 45 19.35 -3.58 -15.58
N GLY G 46 20.23 -4.49 -15.14
CA GLY G 46 21.67 -4.24 -15.18
C GLY G 46 22.06 -2.96 -14.44
N LEU G 47 22.81 -2.08 -15.10
CA LEU G 47 23.24 -0.84 -14.46
C LEU G 47 22.57 0.37 -15.14
N ALA G 48 21.26 0.28 -15.36
CA ALA G 48 20.54 1.26 -16.13
C ALA G 48 20.47 2.61 -15.43
N THR G 49 20.67 3.67 -16.21
CA THR G 49 20.42 5.06 -15.84
C THR G 49 19.03 5.41 -16.37
N PHE G 50 18.53 6.61 -16.00
CA PHE G 50 17.29 7.11 -16.58
C PHE G 50 17.43 7.18 -18.10
N MET G 51 16.55 6.45 -18.80
CA MET G 51 16.46 6.50 -20.25
C MET G 51 17.67 5.83 -20.89
N GLY G 52 18.53 5.20 -20.09
CA GLY G 52 19.78 4.68 -20.60
C GLY G 52 20.70 5.82 -21.02
N ALA G 53 20.40 7.03 -20.50
CA ALA G 53 21.15 8.21 -20.86
C ALA G 53 22.54 8.12 -20.23
N PRO G 54 23.53 8.84 -20.78
CA PRO G 54 24.84 8.95 -20.14
C PRO G 54 24.72 9.55 -18.75
N TYR G 55 25.53 9.04 -17.82
CA TYR G 55 25.71 9.69 -16.54
C TYR G 55 26.50 10.95 -16.79
N CYS G 56 26.11 12.02 -16.11
CA CYS G 56 26.86 13.27 -16.15
C CYS G 56 26.72 13.92 -14.78
N PRO G 57 27.83 14.22 -14.07
CA PRO G 57 27.76 14.87 -12.76
C PRO G 57 27.01 16.18 -12.86
N PRO G 58 26.23 16.55 -11.82
CA PRO G 58 25.54 17.83 -11.76
C PRO G 58 26.58 18.92 -11.56
N ASP G 59 27.28 19.23 -12.66
CA ASP G 59 28.38 20.17 -12.68
C ASP G 59 28.33 20.95 -14.00
N ARG G 60 28.27 22.28 -13.89
CA ARG G 60 28.04 23.12 -15.04
C ARG G 60 29.05 22.87 -16.17
N HIS G 61 30.32 22.60 -15.83
CA HIS G 61 31.33 22.33 -16.86
C HIS G 61 31.00 21.07 -17.64
N LYS G 62 30.74 19.97 -16.91
CA LYS G 62 30.54 18.66 -17.54
C LYS G 62 29.27 18.66 -18.38
N ILE G 63 28.20 19.28 -17.84
CA ILE G 63 26.93 19.41 -18.55
C ILE G 63 27.17 20.19 -19.85
N ARG G 64 27.81 21.37 -19.71
CA ARG G 64 28.12 22.24 -20.85
C ARG G 64 28.85 21.47 -21.93
N GLU G 65 29.91 20.75 -21.57
CA GLU G 65 30.77 20.15 -22.58
C GLU G 65 30.11 18.91 -23.17
N MET G 66 29.07 18.35 -22.52
CA MET G 66 28.32 17.27 -23.12
C MET G 66 27.29 17.83 -24.10
N GLY G 67 26.88 19.10 -23.86
CA GLY G 67 25.87 19.74 -24.70
C GLY G 67 24.47 19.21 -24.39
N ALA G 68 24.23 19.03 -23.08
CA ALA G 68 23.03 18.38 -22.57
C ALA G 68 21.97 19.42 -22.27
N LYS G 69 20.76 19.21 -22.80
CA LYS G 69 19.68 20.19 -22.73
C LYS G 69 18.61 19.78 -21.73
N ILE G 70 18.58 18.49 -21.36
CA ILE G 70 17.78 18.04 -20.23
C ILE G 70 18.67 17.31 -19.23
N CYS G 71 18.55 17.75 -17.96
CA CYS G 71 19.10 17.04 -16.82
C CYS G 71 17.99 16.37 -16.01
N PHE G 72 18.01 15.03 -16.00
CA PHE G 72 17.24 14.28 -15.02
C PHE G 72 18.05 14.25 -13.72
N LEU G 73 17.50 14.84 -12.65
CA LEU G 73 18.14 14.86 -11.36
C LEU G 73 17.14 14.47 -10.27
N ALA G 74 17.45 13.37 -9.56
CA ALA G 74 16.60 12.86 -8.50
C ALA G 74 16.89 13.62 -7.23
N VAL G 75 15.82 14.01 -6.51
CA VAL G 75 15.92 14.60 -5.18
C VAL G 75 15.11 13.78 -4.20
N PRO G 76 15.63 12.62 -3.73
CA PRO G 76 14.86 11.68 -2.92
C PRO G 76 14.55 12.12 -1.49
N TRP G 77 15.12 13.25 -1.06
CA TRP G 77 14.79 13.82 0.23
C TRP G 77 13.33 13.61 0.60
N ASP G 78 13.08 12.84 1.68
CA ASP G 78 11.72 12.60 2.13
C ASP G 78 11.60 12.85 3.64
N GLN G 79 12.46 13.71 4.21
CA GLN G 79 12.34 14.07 5.61
C GLN G 79 12.14 15.58 5.76
N GLY G 80 11.48 16.17 4.75
CA GLY G 80 10.95 17.51 4.85
C GLY G 80 9.42 17.51 4.86
N GLN G 81 8.81 16.50 5.46
CA GLN G 81 7.38 16.35 5.24
C GLN G 81 6.64 15.79 6.45
N ILE G 82 5.33 16.01 6.42
CA ILE G 82 4.51 15.93 7.61
C ILE G 82 3.68 14.65 7.62
N VAL G 83 3.64 13.91 6.49
CA VAL G 83 2.73 12.78 6.35
C VAL G 83 3.47 11.47 6.66
N ARG G 84 3.96 10.74 5.64
CA ARG G 84 4.84 9.61 5.91
C ARG G 84 5.99 9.54 4.89
N ALA G 85 7.14 9.08 5.39
CA ALA G 85 8.32 8.88 4.57
C ALA G 85 8.01 7.77 3.56
N GLY G 86 8.81 7.67 2.50
CA GLY G 86 8.60 6.66 1.47
C GLY G 86 9.05 7.11 0.09
N ALA G 87 8.94 8.44 -0.15
CA ALA G 87 9.23 8.99 -1.46
C ALA G 87 10.72 8.87 -1.77
N SER G 88 11.54 8.59 -0.75
CA SER G 88 12.96 8.39 -0.98
C SER G 88 13.22 7.21 -1.92
N GLN G 89 12.26 6.29 -2.07
CA GLN G 89 12.47 5.07 -2.85
C GLN G 89 11.94 5.21 -4.28
N GLY G 90 11.37 6.37 -4.63
CA GLY G 90 10.70 6.60 -5.90
C GLY G 90 11.63 6.56 -7.12
N ALA G 91 12.69 7.36 -7.06
CA ALA G 91 13.71 7.47 -8.09
C ALA G 91 14.24 6.11 -8.60
N ALA G 92 14.55 5.18 -7.71
CA ALA G 92 15.02 3.85 -8.11
C ALA G 92 14.02 3.12 -8.99
N ALA G 93 12.76 3.17 -8.57
CA ALA G 93 11.69 2.51 -9.31
C ALA G 93 11.44 3.24 -10.63
N LEU G 94 11.51 4.59 -10.64
CA LEU G 94 11.43 5.34 -11.90
C LEU G 94 12.51 4.87 -12.89
N ARG G 95 13.77 4.83 -12.43
CA ARG G 95 14.89 4.44 -13.29
C ARG G 95 14.67 3.02 -13.83
N ASP G 96 14.38 2.05 -12.96
CA ASP G 96 14.03 0.68 -13.38
C ASP G 96 12.91 0.71 -14.42
N ALA G 97 11.84 1.46 -14.19
CA ALA G 97 10.74 1.49 -15.14
C ALA G 97 11.15 1.93 -16.55
N THR G 98 12.06 2.90 -16.69
CA THR G 98 12.55 3.32 -18.00
C THR G 98 13.15 2.17 -18.82
N THR G 99 13.69 1.14 -18.19
CA THR G 99 14.17 -0.01 -18.95
C THR G 99 13.06 -0.71 -19.72
N GLN G 100 11.79 -0.39 -19.40
CA GLN G 100 10.65 -1.03 -20.03
C GLN G 100 10.17 -0.28 -21.28
N TYR G 101 10.86 0.80 -21.66
CA TYR G 101 10.48 1.67 -22.76
C TYR G 101 11.71 1.96 -23.63
N PHE G 102 11.49 2.33 -24.89
CA PHE G 102 12.57 2.87 -25.70
C PHE G 102 12.57 4.38 -25.52
N PRO G 103 13.70 5.06 -25.82
CA PRO G 103 13.75 6.53 -25.78
C PRO G 103 13.07 7.19 -26.97
N TYR G 104 12.68 6.39 -27.96
CA TYR G 104 11.89 6.84 -29.08
C TYR G 104 10.38 6.74 -28.78
N MET G 105 9.61 7.78 -29.13
CA MET G 105 8.18 7.85 -28.87
C MET G 105 7.46 8.00 -30.20
N PHE G 106 6.84 6.93 -30.71
CA PHE G 106 6.21 6.98 -32.01
C PHE G 106 5.06 7.99 -32.03
N GLU G 107 4.42 8.25 -30.90
CA GLU G 107 3.28 9.16 -30.88
C GLU G 107 3.71 10.56 -31.30
N TYR G 108 5.00 10.88 -31.13
CA TYR G 108 5.52 12.20 -31.45
C TYR G 108 6.58 12.12 -32.56
N ASP G 109 6.96 10.91 -33.00
CA ASP G 109 8.11 10.66 -33.86
C ASP G 109 9.36 11.41 -33.37
N VAL G 110 9.73 11.17 -32.10
CA VAL G 110 10.89 11.80 -31.50
C VAL G 110 11.72 10.74 -30.80
N ASP G 111 13.04 10.77 -31.05
CA ASP G 111 14.03 10.13 -30.19
C ASP G 111 14.38 11.10 -29.08
N LEU G 112 13.85 10.89 -27.87
CA LEU G 112 13.96 11.89 -26.81
C LEU G 112 15.42 12.03 -26.38
N LEU G 113 16.20 10.95 -26.55
CA LEU G 113 17.51 10.87 -25.94
C LEU G 113 18.47 11.78 -26.72
N SER G 114 18.47 11.66 -28.06
CA SER G 114 19.30 12.48 -28.93
C SER G 114 18.70 13.87 -29.11
N PHE G 115 17.38 13.99 -29.11
CA PHE G 115 16.79 15.30 -29.31
C PHE G 115 17.25 16.27 -28.22
N PHE G 116 17.26 15.83 -26.96
CA PHE G 116 17.57 16.70 -25.84
C PHE G 116 19.01 16.49 -25.35
N ARG G 117 19.69 15.46 -25.89
CA ARG G 117 20.92 14.96 -25.29
C ARG G 117 20.72 14.86 -23.78
N VAL G 118 19.74 14.06 -23.37
CA VAL G 118 19.42 14.00 -21.95
C VAL G 118 20.56 13.28 -21.24
N VAL G 119 20.84 13.75 -20.03
CA VAL G 119 21.74 13.04 -19.13
C VAL G 119 21.01 12.73 -17.83
N ASP G 120 21.54 11.73 -17.12
CA ASP G 120 21.13 11.38 -15.75
C ASP G 120 22.17 11.95 -14.80
N CYS G 121 21.78 12.90 -13.95
CA CYS G 121 22.74 13.54 -13.08
C CYS G 121 22.79 12.87 -11.71
N GLY G 122 22.35 11.60 -11.64
CA GLY G 122 22.30 10.89 -10.38
C GLY G 122 21.36 11.57 -9.39
N ASP G 123 21.71 11.49 -8.11
CA ASP G 123 20.81 11.90 -7.06
C ASP G 123 21.43 13.06 -6.30
N VAL G 124 20.59 13.94 -5.77
CA VAL G 124 21.06 14.94 -4.84
C VAL G 124 21.26 14.29 -3.48
N PRO G 125 22.45 14.46 -2.83
CA PRO G 125 22.69 13.98 -1.48
C PRO G 125 21.81 14.62 -0.40
N THR G 126 21.68 13.92 0.73
CA THR G 126 20.83 14.30 1.84
C THR G 126 21.64 14.28 3.14
N VAL G 127 21.14 15.08 4.09
CA VAL G 127 21.65 15.14 5.44
C VAL G 127 20.49 14.77 6.33
N PRO G 128 20.34 13.46 6.64
CA PRO G 128 19.17 12.96 7.33
C PRO G 128 18.89 13.80 8.56
N GLY G 129 17.61 14.10 8.82
CA GLY G 129 17.23 14.92 9.96
C GLY G 129 17.39 16.42 9.71
N ASN G 130 18.15 16.82 8.67
CA ASN G 130 18.52 18.24 8.47
C ASN G 130 17.90 18.78 7.18
N ASN G 131 16.64 19.22 7.31
CA ASN G 131 15.86 19.75 6.21
C ASN G 131 16.55 20.98 5.62
N ILE G 132 17.10 21.85 6.46
CA ILE G 132 17.65 23.11 5.98
C ILE G 132 18.84 22.83 5.08
N LYS G 133 19.80 22.06 5.59
CA LYS G 133 21.02 21.82 4.84
C LYS G 133 20.73 20.99 3.60
N SER G 134 19.72 20.12 3.67
CA SER G 134 19.37 19.23 2.56
C SER G 134 18.70 20.03 1.45
N GLN G 135 17.82 20.98 1.80
CA GLN G 135 17.26 21.89 0.81
C GLN G 135 18.33 22.75 0.14
N GLU G 136 19.35 23.23 0.87
CA GLU G 136 20.41 24.02 0.26
C GLU G 136 21.18 23.18 -0.76
N TYR G 137 21.48 21.93 -0.41
CA TYR G 137 22.09 20.98 -1.32
C TYR G 137 21.28 20.86 -2.61
N THR G 138 19.95 20.86 -2.49
CA THR G 138 19.06 20.74 -3.65
C THR G 138 19.24 21.97 -4.54
N ALA G 139 19.03 23.16 -3.96
CA ALA G 139 19.26 24.42 -4.63
C ALA G 139 20.59 24.42 -5.39
N ASP G 140 21.67 24.03 -4.70
CA ASP G 140 23.00 24.03 -5.29
C ASP G 140 23.09 23.03 -6.45
N TYR G 141 22.44 21.87 -6.33
CA TYR G 141 22.56 20.85 -7.36
C TYR G 141 21.79 21.29 -8.61
N VAL G 142 20.61 21.88 -8.38
CA VAL G 142 19.76 22.35 -9.47
C VAL G 142 20.48 23.48 -10.22
N THR G 143 21.08 24.40 -9.45
CA THR G 143 21.84 25.51 -10.00
C THR G 143 22.89 25.00 -10.98
N GLU G 144 23.68 23.98 -10.60
CA GLU G 144 24.67 23.43 -11.54
C GLU G 144 24.02 23.01 -12.86
N CYS G 145 22.76 22.55 -12.80
CA CYS G 145 22.09 22.02 -13.98
C CYS G 145 21.72 23.15 -14.95
N LEU G 146 21.08 24.21 -14.40
CA LEU G 146 20.66 25.36 -15.18
C LEU G 146 21.89 26.04 -15.77
N GLU G 147 22.90 26.23 -14.91
CA GLU G 147 24.07 27.02 -15.25
C GLU G 147 24.90 26.26 -16.30
N GLY G 148 24.61 24.97 -16.49
CA GLY G 148 25.20 24.16 -17.54
C GLY G 148 24.45 24.27 -18.87
N GLY G 149 23.39 25.09 -18.87
CA GLY G 149 22.60 25.36 -20.06
C GLY G 149 21.60 24.26 -20.39
N ALA G 150 21.04 23.59 -19.36
CA ALA G 150 20.02 22.57 -19.52
C ALA G 150 18.73 22.97 -18.80
N LYS G 151 17.59 22.46 -19.31
CA LYS G 151 16.35 22.40 -18.54
C LYS G 151 16.36 21.13 -17.70
N VAL G 152 15.51 21.12 -16.66
CA VAL G 152 15.62 20.14 -15.59
C VAL G 152 14.31 19.35 -15.41
N ILE G 153 14.42 18.02 -15.29
CA ILE G 153 13.40 17.17 -14.69
C ILE G 153 13.88 16.76 -13.30
N LEU G 154 13.13 17.17 -12.27
CA LEU G 154 13.44 16.87 -10.88
C LEU G 154 12.46 15.81 -10.37
N PHE G 155 12.99 14.72 -9.84
CA PHE G 155 12.15 13.62 -9.38
C PHE G 155 12.31 13.46 -7.88
N GLY G 156 11.25 13.76 -7.13
CA GLY G 156 11.26 13.65 -5.68
C GLY G 156 11.18 12.18 -5.22
N GLY G 157 11.12 11.98 -3.89
CA GLY G 157 11.20 13.05 -2.88
C GLY G 157 9.84 13.61 -2.50
N ASP G 158 9.68 14.01 -1.23
CA ASP G 158 8.47 14.69 -0.77
C ASP G 158 8.30 16.06 -1.45
N HIS G 159 7.15 16.70 -1.19
CA HIS G 159 6.80 17.92 -1.89
C HIS G 159 7.44 19.17 -1.29
N SER G 160 8.48 19.02 -0.45
CA SER G 160 9.34 20.14 -0.11
C SER G 160 10.15 20.53 -1.34
N LEU G 161 10.18 19.63 -2.35
CA LEU G 161 11.06 19.78 -3.48
C LEU G 161 10.94 21.17 -4.15
N PRO G 162 9.73 21.72 -4.41
CA PRO G 162 9.59 23.05 -5.04
C PRO G 162 10.20 24.25 -4.29
N ILE G 163 10.46 24.11 -3.00
CA ILE G 163 11.06 25.21 -2.26
C ILE G 163 12.47 25.45 -2.82
N PRO G 164 13.44 24.51 -2.67
CA PRO G 164 14.72 24.64 -3.36
C PRO G 164 14.68 24.71 -4.88
N GLY G 165 13.73 24.02 -5.51
CA GLY G 165 13.56 24.06 -6.96
C GLY G 165 13.28 25.48 -7.47
N ALA G 166 12.25 26.11 -6.92
CA ALA G 166 11.89 27.46 -7.31
C ALA G 166 13.04 28.43 -7.02
N LYS G 167 13.52 28.41 -5.76
CA LYS G 167 14.63 29.26 -5.34
C LYS G 167 15.71 29.25 -6.42
N ALA G 168 16.18 28.05 -6.79
CA ALA G 168 17.25 27.93 -7.76
C ALA G 168 16.86 28.54 -9.10
N LEU G 169 15.62 28.33 -9.55
CA LEU G 169 15.21 28.89 -10.84
C LEU G 169 15.03 30.40 -10.72
N SER G 170 14.49 30.89 -9.61
CA SER G 170 14.39 32.33 -9.39
C SER G 170 15.76 33.00 -9.59
N ARG G 171 16.78 32.50 -8.87
CA ARG G 171 18.13 33.04 -8.93
C ARG G 171 18.67 33.05 -10.35
N PHE G 172 18.48 31.94 -11.09
CA PHE G 172 18.98 31.84 -12.44
C PHE G 172 18.23 32.80 -13.34
N THR G 173 17.04 33.24 -12.91
CA THR G 173 16.19 34.04 -13.78
C THR G 173 16.56 35.52 -13.62
N GLY G 174 16.98 35.89 -12.40
CA GLY G 174 17.59 37.17 -12.13
C GLY G 174 16.57 38.32 -12.13
N SER G 175 16.79 39.26 -13.06
CA SER G 175 15.91 40.41 -13.20
C SER G 175 14.67 40.03 -13.99
N GLY G 176 14.70 38.90 -14.72
CA GLY G 176 13.55 38.32 -15.39
C GLY G 176 12.40 38.00 -14.43
N LYS G 177 11.28 37.50 -14.98
CA LYS G 177 10.13 37.08 -14.19
C LYS G 177 9.93 35.56 -14.32
N MET G 178 9.43 34.93 -13.23
CA MET G 178 9.28 33.47 -13.20
C MET G 178 7.84 33.12 -12.82
N GLY G 179 7.27 32.14 -13.54
CA GLY G 179 5.97 31.58 -13.21
C GLY G 179 6.06 30.32 -12.33
N TYR G 180 4.98 30.03 -11.60
CA TYR G 180 4.93 28.87 -10.71
C TYR G 180 3.58 28.15 -10.84
N LEU G 181 3.61 26.92 -11.39
CA LEU G 181 2.41 26.11 -11.50
C LEU G 181 2.52 24.93 -10.54
N HIS G 182 1.43 24.68 -9.80
CA HIS G 182 1.37 23.65 -8.78
C HIS G 182 0.18 22.74 -9.00
N VAL G 183 0.42 21.49 -9.37
CA VAL G 183 -0.67 20.56 -9.66
C VAL G 183 -0.65 19.47 -8.59
N ASP G 184 -1.76 19.36 -7.87
CA ASP G 184 -1.77 18.67 -6.59
C ASP G 184 -3.23 18.56 -6.14
N CYS G 185 -3.54 17.49 -5.39
CA CYS G 185 -4.76 17.33 -4.63
C CYS G 185 -4.83 18.30 -3.45
N HIS G 186 -3.64 18.62 -2.93
CA HIS G 186 -3.46 19.43 -1.73
C HIS G 186 -3.05 20.83 -2.17
N LEU G 187 -3.57 21.83 -1.45
CA LEU G 187 -3.36 23.22 -1.78
C LEU G 187 -1.93 23.67 -1.42
N ASP G 188 -1.32 23.06 -0.39
CA ASP G 188 0.08 23.30 -0.04
C ASP G 188 0.39 24.80 0.11
N ALA G 189 -0.38 25.49 0.95
CA ALA G 189 -0.10 26.92 1.17
C ALA G 189 -0.13 27.27 2.67
N ALA G 190 0.50 26.40 3.47
CA ALA G 190 0.74 26.69 4.86
C ALA G 190 1.73 27.86 4.98
N PRO G 191 1.38 28.96 5.69
CA PRO G 191 2.34 30.04 5.91
C PRO G 191 3.49 29.43 6.71
N ASP G 192 3.09 28.61 7.70
CA ASP G 192 3.99 27.71 8.39
C ASP G 192 3.22 26.46 8.84
N TRP G 193 3.95 25.41 9.22
CA TRP G 193 3.36 24.21 9.79
C TRP G 193 4.04 23.95 11.13
N ALA G 194 3.28 24.08 12.22
CA ALA G 194 3.83 24.07 13.57
C ALA G 194 5.07 24.97 13.66
N GLY G 195 5.06 26.12 12.96
CA GLY G 195 6.14 27.10 13.00
C GLY G 195 7.21 26.89 11.93
N ASN G 196 7.18 25.75 11.22
CA ASN G 196 8.14 25.44 10.17
C ASN G 196 7.64 26.05 8.86
N LEU G 197 8.52 26.75 8.13
CA LEU G 197 8.13 27.45 6.91
C LEU G 197 8.43 26.60 5.66
N ILE G 198 9.27 25.57 5.78
CA ILE G 198 9.79 24.89 4.60
C ILE G 198 9.53 23.38 4.66
N THR G 199 8.34 22.98 5.14
CA THR G 199 7.86 21.61 4.97
C THR G 199 7.16 21.47 3.61
N ASN G 200 6.65 20.27 3.34
CA ASN G 200 6.21 19.92 2.00
C ASN G 200 4.84 20.50 1.69
N CYS G 201 4.21 21.17 2.66
CA CYS G 201 2.92 21.78 2.42
C CYS G 201 2.98 23.31 2.42
N SER G 202 4.07 23.89 1.90
CA SER G 202 4.20 25.35 1.84
C SER G 202 4.90 25.78 0.55
N GLY G 203 4.81 24.94 -0.50
CA GLY G 203 5.49 25.21 -1.75
C GLY G 203 5.11 26.58 -2.30
N ALA G 204 3.79 26.86 -2.29
CA ALA G 204 3.22 27.99 -3.00
C ALA G 204 3.58 29.32 -2.31
N PRO G 205 3.36 29.51 -0.98
CA PRO G 205 3.79 30.75 -0.31
C PRO G 205 5.28 31.04 -0.50
N ARG G 206 6.12 30.00 -0.45
CA ARG G 206 7.55 30.17 -0.57
C ARG G 206 7.93 30.66 -1.97
N ALA G 207 7.20 30.19 -2.99
CA ALA G 207 7.44 30.70 -4.33
C ALA G 207 7.03 32.17 -4.39
N LEU G 208 5.91 32.52 -3.76
CA LEU G 208 5.45 33.89 -3.77
C LEU G 208 6.53 34.82 -3.20
N ASP G 209 7.30 34.34 -2.20
CA ASP G 209 8.30 35.14 -1.51
C ASP G 209 9.51 35.42 -2.40
N LEU G 210 9.70 34.67 -3.48
CA LEU G 210 10.86 34.89 -4.33
C LEU G 210 10.72 36.26 -4.99
N PRO G 211 11.81 37.04 -5.10
CA PRO G 211 11.74 38.41 -5.59
C PRO G 211 11.12 38.53 -6.98
N ASN G 212 11.29 37.54 -7.85
CA ASN G 212 10.85 37.67 -9.23
C ASN G 212 9.66 36.75 -9.54
N CYS G 213 8.95 36.27 -8.50
CA CYS G 213 7.79 35.38 -8.71
C CYS G 213 6.54 36.06 -8.18
N ASN G 214 5.58 36.27 -9.10
CA ASN G 214 4.48 37.19 -8.91
C ASN G 214 3.16 36.43 -8.92
N ALA G 215 2.27 36.77 -7.98
CA ALA G 215 1.00 36.08 -7.82
C ALA G 215 0.28 35.90 -9.16
N ARG G 216 0.41 36.87 -10.06
CA ARG G 216 -0.29 36.87 -11.33
C ARG G 216 0.27 35.78 -12.26
N ASN G 217 1.50 35.30 -12.02
CA ASN G 217 2.04 34.21 -12.82
C ASN G 217 2.10 32.93 -11.99
N MET G 218 1.19 32.77 -11.02
CA MET G 218 1.12 31.59 -10.17
C MET G 218 -0.28 30.99 -10.25
N ALA G 219 -0.39 29.67 -10.10
CA ALA G 219 -1.65 28.97 -10.29
C ALA G 219 -1.60 27.56 -9.69
N HIS G 220 -2.77 27.06 -9.28
CA HIS G 220 -2.91 25.73 -8.72
C HIS G 220 -3.99 24.95 -9.47
N MET G 221 -3.77 23.65 -9.68
CA MET G 221 -4.74 22.77 -10.34
C MET G 221 -4.79 21.43 -9.63
N GLY G 222 -5.99 20.85 -9.53
CA GLY G 222 -6.18 19.44 -9.21
C GLY G 222 -6.79 19.19 -7.82
N SER G 223 -7.01 20.25 -7.01
CA SER G 223 -7.40 20.08 -5.62
C SER G 223 -8.76 19.41 -5.49
N ARG G 224 -8.92 18.61 -4.45
CA ARG G 224 -10.20 18.15 -3.96
C ARG G 224 -10.06 17.61 -2.53
N ASN G 225 -11.21 17.34 -1.89
CA ASN G 225 -11.30 16.57 -0.64
C ASN G 225 -10.75 17.37 0.54
N GLY G 226 -10.65 16.72 1.70
CA GLY G 226 -10.60 17.40 2.98
C GLY G 226 -9.24 17.40 3.67
N LEU G 227 -8.13 17.09 2.99
CA LEU G 227 -6.84 17.38 3.58
C LEU G 227 -6.35 18.70 3.01
N ASN G 228 -7.02 19.78 3.45
CA ASN G 228 -6.82 21.12 2.92
C ASN G 228 -7.31 22.13 3.93
N PRO G 229 -6.53 22.43 4.98
CA PRO G 229 -6.93 23.44 5.96
C PRO G 229 -7.30 24.77 5.29
N LYS G 230 -8.25 25.47 5.93
CA LYS G 230 -8.82 26.73 5.49
C LYS G 230 -7.73 27.71 5.03
N ASP G 231 -6.64 27.82 5.80
CA ASP G 231 -5.60 28.80 5.51
C ASP G 231 -4.91 28.54 4.18
N TRP G 232 -4.89 27.27 3.72
CA TRP G 232 -4.28 26.97 2.44
C TRP G 232 -5.14 27.58 1.34
N TRP G 233 -6.46 27.40 1.47
CA TRP G 233 -7.40 28.02 0.56
C TRP G 233 -7.30 29.55 0.65
N ASP G 234 -7.22 30.09 1.87
CA ASP G 234 -7.24 31.52 2.12
C ASP G 234 -6.06 32.20 1.40
N PHE G 235 -4.90 31.52 1.39
CA PHE G 235 -3.72 32.02 0.72
C PHE G 235 -4.02 32.46 -0.72
N TYR G 236 -4.84 31.66 -1.41
CA TYR G 236 -5.19 31.86 -2.81
C TYR G 236 -6.18 33.00 -2.96
N VAL G 237 -7.18 33.10 -2.06
CA VAL G 237 -8.15 34.18 -2.11
C VAL G 237 -7.44 35.51 -1.83
N ASP G 238 -6.68 35.57 -0.74
CA ASP G 238 -6.07 36.81 -0.30
C ASP G 238 -5.04 37.33 -1.31
N ASN G 239 -4.37 36.43 -2.03
CA ASN G 239 -3.32 36.83 -2.96
C ASN G 239 -3.79 36.79 -4.41
N GLU G 240 -5.09 36.56 -4.63
CA GLU G 240 -5.67 36.55 -5.97
C GLU G 240 -4.85 35.65 -6.90
N ILE G 241 -4.65 34.39 -6.47
CA ILE G 241 -3.96 33.39 -7.28
C ILE G 241 -4.99 32.35 -7.73
N ARG G 242 -5.04 32.11 -9.03
CA ARG G 242 -6.05 31.26 -9.64
C ARG G 242 -5.90 29.83 -9.10
N VAL G 243 -7.00 29.32 -8.53
CA VAL G 243 -7.15 27.91 -8.23
C VAL G 243 -8.19 27.32 -9.18
N VAL G 244 -7.84 26.19 -9.83
CA VAL G 244 -8.77 25.39 -10.62
C VAL G 244 -8.92 24.03 -9.93
N THR G 245 -10.03 23.83 -9.23
CA THR G 245 -10.25 22.59 -8.50
C THR G 245 -10.37 21.42 -9.48
N MET G 246 -10.30 20.20 -8.95
CA MET G 246 -10.55 19.02 -9.76
C MET G 246 -11.92 19.11 -10.41
N SER G 247 -12.93 19.57 -9.63
CA SER G 247 -14.31 19.70 -10.07
C SER G 247 -14.46 20.56 -11.33
N GLU G 248 -13.77 21.71 -11.36
CA GLU G 248 -13.82 22.65 -12.46
C GLU G 248 -13.12 22.06 -13.70
N MET G 249 -12.06 21.28 -13.49
CA MET G 249 -11.34 20.66 -14.59
C MET G 249 -12.23 19.63 -15.25
N ILE G 250 -13.09 18.95 -14.48
CA ILE G 250 -14.04 17.99 -15.03
C ILE G 250 -15.15 18.72 -15.79
N GLU G 251 -15.74 19.74 -15.17
CA GLU G 251 -16.88 20.44 -15.76
C GLU G 251 -16.45 21.12 -17.06
N ARG G 252 -15.37 21.91 -17.00
CA ARG G 252 -14.99 22.76 -18.11
C ARG G 252 -14.05 22.02 -19.07
N GLY G 253 -13.43 20.92 -18.62
CA GLY G 253 -12.54 20.14 -19.48
C GLY G 253 -11.07 20.44 -19.19
N LEU G 254 -10.26 19.38 -19.29
CA LEU G 254 -8.88 19.46 -18.84
C LEU G 254 -8.13 20.43 -19.77
N GLU G 255 -8.31 20.27 -21.09
CA GLU G 255 -7.61 21.07 -22.07
C GLU G 255 -7.93 22.55 -21.91
N VAL G 256 -9.21 22.87 -21.73
CA VAL G 256 -9.63 24.25 -21.58
C VAL G 256 -8.94 24.84 -20.34
N CYS G 257 -9.01 24.14 -19.20
CA CYS G 257 -8.43 24.68 -17.97
C CYS G 257 -6.91 24.76 -18.05
N ALA G 258 -6.28 23.76 -18.66
CA ALA G 258 -4.82 23.67 -18.68
C ALA G 258 -4.21 24.77 -19.54
N ASN G 259 -4.70 24.89 -20.77
CA ASN G 259 -4.25 25.94 -21.67
C ASN G 259 -4.43 27.30 -20.99
N GLU G 260 -5.59 27.49 -20.36
CA GLU G 260 -5.90 28.72 -19.64
C GLU G 260 -4.80 29.07 -18.63
N ILE G 261 -4.48 28.15 -17.72
CA ILE G 261 -3.56 28.52 -16.65
C ILE G 261 -2.11 28.43 -17.13
N PHE G 262 -1.81 27.63 -18.17
CA PHE G 262 -0.48 27.72 -18.76
C PHE G 262 -0.25 29.10 -19.39
N GLU G 263 -1.27 29.69 -20.04
CA GLU G 263 -1.14 31.04 -20.59
C GLU G 263 -0.89 32.02 -19.45
N ARG G 264 -1.65 31.89 -18.36
CA ARG G 264 -1.53 32.77 -17.23
C ARG G 264 -0.13 32.74 -16.62
N VAL G 265 0.44 31.57 -16.35
CA VAL G 265 1.68 31.49 -15.60
C VAL G 265 2.89 31.77 -16.50
N LYS G 266 2.70 31.73 -17.83
CA LYS G 266 3.77 32.03 -18.77
C LYS G 266 3.75 33.48 -19.25
N LYS G 267 2.75 34.27 -18.85
CA LYS G 267 2.50 35.57 -19.45
C LYS G 267 3.52 36.60 -18.97
N ASP G 268 4.37 37.05 -19.91
CA ASP G 268 5.42 38.04 -19.66
C ASP G 268 6.45 37.49 -18.68
N THR G 269 6.62 36.16 -18.63
CA THR G 269 7.60 35.51 -17.78
C THR G 269 8.74 34.99 -18.65
N ASP G 270 9.92 34.92 -18.05
CA ASP G 270 11.14 34.44 -18.72
C ASP G 270 11.32 32.94 -18.48
N SER G 271 10.78 32.42 -17.36
CA SER G 271 10.93 31.02 -16.97
C SER G 271 9.69 30.54 -16.23
N LEU G 272 9.53 29.21 -16.16
CA LEU G 272 8.40 28.61 -15.50
C LEU G 272 8.80 27.40 -14.67
N TYR G 273 8.41 27.45 -13.38
CA TYR G 273 8.55 26.32 -12.48
C TYR G 273 7.22 25.59 -12.41
N PHE G 274 7.25 24.27 -12.72
CA PHE G 274 6.08 23.41 -12.67
C PHE G 274 6.35 22.23 -11.73
N THR G 275 5.63 22.19 -10.59
CA THR G 275 5.67 21.08 -9.65
C THR G 275 4.39 20.25 -9.75
N TRP G 276 4.54 18.91 -9.82
CA TRP G 276 3.42 18.01 -10.09
C TRP G 276 3.42 16.85 -9.09
N ASP G 277 2.48 16.91 -8.12
CA ASP G 277 2.31 15.87 -7.12
C ASP G 277 1.51 14.70 -7.69
N THR G 278 2.04 13.49 -7.52
CA THR G 278 1.39 12.30 -8.06
C THR G 278 0.07 12.01 -7.32
N ASP G 279 -0.23 12.72 -6.22
CA ASP G 279 -1.56 12.53 -5.69
C ASP G 279 -2.59 13.43 -6.38
N SER G 280 -2.18 14.18 -7.40
CA SER G 280 -3.18 14.71 -8.34
C SER G 280 -3.86 13.56 -9.10
N ILE G 281 -3.17 12.43 -9.25
CA ILE G 281 -3.64 11.31 -10.08
C ILE G 281 -4.64 10.49 -9.28
N ASP G 282 -5.77 10.12 -9.86
CA ASP G 282 -6.69 9.25 -9.15
C ASP G 282 -5.95 8.06 -8.54
N ILE G 283 -6.37 7.67 -7.33
CA ILE G 283 -5.81 6.56 -6.58
C ILE G 283 -5.89 5.24 -7.36
N SER G 284 -6.87 5.12 -8.26
CA SER G 284 -7.00 3.88 -8.99
C SER G 284 -5.81 3.75 -9.93
N CYS G 285 -5.12 4.87 -10.23
CA CYS G 285 -3.98 4.86 -11.14
C CYS G 285 -2.61 5.00 -10.47
N MET G 286 -2.63 5.26 -9.15
CA MET G 286 -1.43 5.63 -8.43
C MET G 286 -1.67 5.35 -6.96
N PRO G 287 -1.76 4.06 -6.56
CA PRO G 287 -1.85 3.71 -5.15
C PRO G 287 -0.57 4.02 -4.36
N GLY G 288 0.57 4.06 -5.06
CA GLY G 288 1.86 4.29 -4.45
C GLY G 288 2.07 5.78 -4.14
N ASN G 289 1.42 6.28 -3.10
CA ASN G 289 1.56 7.69 -2.76
C ASN G 289 1.64 7.86 -1.26
N SER G 290 2.29 8.94 -0.84
CA SER G 290 2.33 9.37 0.55
C SER G 290 0.90 9.53 1.08
N ALA G 291 0.05 10.21 0.31
CA ALA G 291 -1.29 10.58 0.73
C ALA G 291 -2.23 10.45 -0.46
N PRO G 292 -2.59 9.23 -0.89
CA PRO G 292 -3.33 9.04 -2.13
C PRO G 292 -4.80 9.43 -1.96
N GLU G 293 -5.44 9.86 -3.05
CA GLU G 293 -6.77 10.44 -3.03
C GLU G 293 -7.58 9.99 -4.23
N CYS G 294 -8.83 9.57 -3.97
CA CYS G 294 -9.83 9.38 -5.01
C CYS G 294 -10.17 10.71 -5.68
N TYR G 295 -10.97 10.64 -6.75
CA TYR G 295 -11.52 11.81 -7.40
C TYR G 295 -10.39 12.66 -8.01
N GLY G 296 -9.52 12.02 -8.80
CA GLY G 296 -8.42 12.73 -9.45
C GLY G 296 -8.37 12.42 -10.95
N LEU G 297 -7.24 12.82 -11.56
CA LEU G 297 -6.94 12.58 -12.97
C LEU G 297 -6.95 11.08 -13.32
N LYS G 298 -7.65 10.71 -14.38
CA LYS G 298 -7.58 9.35 -14.91
C LYS G 298 -6.32 9.19 -15.76
N GLY G 299 -5.95 7.94 -16.03
CA GLY G 299 -4.72 7.62 -16.76
C GLY G 299 -4.52 8.49 -18.01
N ARG G 300 -5.50 8.45 -18.94
CA ARG G 300 -5.43 9.21 -20.17
C ARG G 300 -5.30 10.72 -19.93
N GLU G 301 -5.89 11.22 -18.84
CA GLU G 301 -5.85 12.65 -18.54
C GLU G 301 -4.47 13.06 -18.02
N VAL G 302 -3.75 12.14 -17.33
CA VAL G 302 -2.39 12.42 -16.93
C VAL G 302 -1.51 12.60 -18.17
N ILE G 303 -1.57 11.66 -19.13
CA ILE G 303 -0.81 11.77 -20.37
C ILE G 303 -1.20 13.04 -21.17
N GLN G 304 -2.49 13.42 -21.16
CA GLN G 304 -2.96 14.63 -21.83
C GLN G 304 -2.37 15.89 -21.16
N LEU G 305 -2.26 15.89 -19.84
CA LEU G 305 -1.77 17.09 -19.15
C LEU G 305 -0.26 17.22 -19.39
N ALA G 306 0.42 16.08 -19.44
CA ALA G 306 1.83 16.02 -19.79
C ALA G 306 2.04 16.57 -21.20
N ARG G 307 1.17 16.18 -22.15
CA ARG G 307 1.28 16.61 -23.54
C ARG G 307 1.13 18.12 -23.60
N ILE G 308 0.14 18.65 -22.88
CA ILE G 308 -0.19 20.07 -22.88
C ILE G 308 0.99 20.83 -22.29
N ALA G 309 1.54 20.32 -21.18
CA ALA G 309 2.66 20.96 -20.53
C ALA G 309 3.84 21.04 -21.48
N GLY G 310 4.04 19.97 -22.24
CA GLY G 310 5.02 19.94 -23.30
C GLY G 310 4.81 20.99 -24.40
N ARG G 311 3.56 21.32 -24.73
CA ARG G 311 3.31 22.29 -25.80
C ARG G 311 3.70 23.69 -25.33
N HIS G 312 3.44 24.00 -24.06
CA HIS G 312 3.73 25.30 -23.48
C HIS G 312 5.21 25.40 -23.10
N GLY G 313 5.76 24.33 -22.49
CA GLY G 313 7.14 24.29 -22.04
C GLY G 313 7.29 24.81 -20.61
N CYS G 314 8.23 24.21 -19.86
CA CYS G 314 8.66 24.74 -18.57
C CYS G 314 10.18 24.58 -18.42
N ASP G 315 10.76 25.23 -17.40
CA ASP G 315 12.21 25.25 -17.29
C ASP G 315 12.67 24.17 -16.34
N ILE G 316 11.88 24.03 -15.27
CA ILE G 316 11.94 22.90 -14.37
C ILE G 316 10.56 22.27 -14.25
N LEU G 317 10.48 20.96 -14.52
CA LEU G 317 9.34 20.14 -14.10
C LEU G 317 9.76 19.23 -12.95
N ASP G 318 9.08 19.30 -11.80
CA ASP G 318 9.33 18.32 -10.75
C ASP G 318 8.09 17.42 -10.56
N ILE G 319 8.33 16.15 -10.23
CA ILE G 319 7.32 15.15 -9.92
C ILE G 319 7.61 14.62 -8.52
N VAL G 320 6.63 14.66 -7.60
CA VAL G 320 6.88 14.32 -6.21
C VAL G 320 5.90 13.26 -5.70
N GLU G 321 6.29 12.69 -4.54
CA GLU G 321 5.49 11.92 -3.60
C GLU G 321 5.16 10.51 -4.11
N PHE G 322 5.91 9.95 -5.06
CA PHE G 322 5.70 8.55 -5.47
C PHE G 322 6.34 7.63 -4.45
N CYS G 323 5.53 6.71 -3.90
CA CYS G 323 5.97 5.74 -2.89
C CYS G 323 5.81 4.32 -3.42
N PRO G 324 6.87 3.75 -4.03
CA PRO G 324 6.74 2.41 -4.66
C PRO G 324 6.42 1.28 -3.68
N TYR G 325 6.78 1.45 -2.40
CA TYR G 325 6.52 0.48 -1.34
C TYR G 325 5.03 0.15 -1.23
N PHE G 326 4.18 1.16 -1.46
CA PHE G 326 2.75 0.99 -1.32
C PHE G 326 2.11 0.59 -2.67
N ASP G 327 2.90 0.02 -3.59
CA ASP G 327 2.41 -0.38 -4.91
C ASP G 327 3.03 -1.72 -5.30
N PRO G 328 2.26 -2.82 -5.26
CA PRO G 328 2.78 -4.14 -5.68
C PRO G 328 2.95 -4.36 -7.18
N SER G 329 2.45 -3.43 -7.99
CA SER G 329 2.57 -3.51 -9.44
C SER G 329 3.64 -2.53 -9.94
N GLN G 330 3.74 -2.46 -11.26
CA GLN G 330 4.59 -1.48 -11.90
C GLN G 330 3.84 -0.18 -12.22
N ILE G 331 2.57 0.00 -11.82
CA ILE G 331 1.74 1.00 -12.49
C ILE G 331 2.19 2.41 -12.07
N GLY G 332 2.67 2.57 -10.85
CA GLY G 332 3.05 3.91 -10.41
C GLY G 332 4.29 4.36 -11.17
N ALA G 333 5.28 3.48 -11.22
CA ALA G 333 6.57 3.83 -11.77
C ALA G 333 6.44 4.10 -13.26
N LYS G 334 5.65 3.27 -13.96
CA LYS G 334 5.44 3.45 -15.39
C LYS G 334 4.59 4.70 -15.64
N MET G 335 3.69 5.03 -14.72
CA MET G 335 2.89 6.23 -14.91
C MET G 335 3.79 7.47 -14.86
N THR G 336 4.73 7.42 -13.93
CA THR G 336 5.65 8.49 -13.61
C THR G 336 6.63 8.62 -14.80
N VAL G 337 6.95 7.49 -15.47
CA VAL G 337 7.83 7.54 -16.63
C VAL G 337 7.09 8.33 -17.71
N ASN G 338 5.79 7.99 -17.89
CA ASN G 338 5.00 8.53 -18.98
C ASN G 338 4.75 10.02 -18.78
N MET G 339 4.75 10.48 -17.55
CA MET G 339 4.55 11.89 -17.24
C MET G 339 5.70 12.68 -17.87
N ILE G 340 6.91 12.13 -17.72
CA ILE G 340 8.13 12.73 -18.20
C ILE G 340 8.24 12.53 -19.71
N TYR G 341 8.03 11.30 -20.19
CA TYR G 341 8.28 10.99 -21.58
C TYR G 341 7.32 11.81 -22.44
N HIS G 342 6.05 11.97 -22.00
CA HIS G 342 5.06 12.62 -22.83
C HIS G 342 5.32 14.13 -22.81
N TYR G 343 5.74 14.65 -21.66
CA TYR G 343 6.20 16.04 -21.60
C TYR G 343 7.34 16.26 -22.59
N LEU G 344 8.37 15.41 -22.56
CA LEU G 344 9.50 15.62 -23.46
C LEU G 344 9.10 15.39 -24.92
N GLY G 345 8.26 14.38 -25.18
CA GLY G 345 7.83 14.09 -26.54
C GLY G 345 7.13 15.29 -27.17
N SER G 346 6.29 15.92 -26.36
CA SER G 346 5.45 17.02 -26.81
C SER G 346 6.29 18.29 -26.96
N ARG G 347 7.21 18.52 -26.02
CA ARG G 347 8.16 19.62 -26.12
C ARG G 347 8.97 19.51 -27.41
N ALA G 348 9.52 18.32 -27.71
CA ALA G 348 10.34 18.17 -28.90
C ALA G 348 9.51 18.46 -30.16
N GLN G 349 8.30 17.87 -30.23
CA GLN G 349 7.40 18.02 -31.36
C GLN G 349 7.11 19.50 -31.61
N THR G 350 6.77 20.22 -30.55
CA THR G 350 6.45 21.63 -30.61
C THR G 350 7.66 22.42 -31.08
N LEU G 351 8.83 22.10 -30.52
CA LEU G 351 10.06 22.80 -30.85
C LEU G 351 10.41 22.59 -32.32
N ARG G 352 10.24 21.36 -32.81
CA ARG G 352 10.54 21.04 -34.19
C ARG G 352 9.55 21.73 -35.14
N GLN G 353 8.32 22.00 -34.66
CA GLN G 353 7.31 22.67 -35.46
C GLN G 353 7.55 24.17 -35.51
N GLN G 354 8.48 24.68 -34.70
CA GLN G 354 8.84 26.09 -34.74
C GLN G 354 10.21 26.27 -35.39
N GLY G 355 10.77 25.21 -35.98
CA GLY G 355 12.06 25.25 -36.65
C GLY G 355 13.23 25.57 -35.72
N LYS G 356 13.40 24.75 -34.64
CA LYS G 356 14.39 25.01 -33.60
C LYS G 356 14.93 23.69 -33.01
N LYS H 11 76.03 -15.58 40.78
CA LYS H 11 75.43 -14.89 41.96
C LYS H 11 73.94 -15.29 42.04
N TRP H 12 73.12 -14.87 41.07
CA TRP H 12 71.71 -15.29 41.03
C TRP H 12 71.58 -16.57 40.22
N GLN H 13 71.73 -17.72 40.88
CA GLN H 13 71.59 -19.00 40.19
C GLN H 13 70.76 -19.95 41.04
N PHE H 14 70.07 -20.88 40.37
CA PHE H 14 69.33 -21.95 41.02
C PHE H 14 69.34 -23.17 40.11
N THR H 15 69.22 -24.36 40.70
CA THR H 15 69.08 -25.60 39.97
C THR H 15 67.61 -25.87 39.70
N PRO H 16 67.16 -26.05 38.44
CA PRO H 16 65.76 -26.38 38.18
C PRO H 16 65.44 -27.73 38.82
N HIS H 17 64.36 -27.75 39.61
CA HIS H 17 63.88 -28.95 40.29
C HIS H 17 64.93 -29.41 41.32
N GLN H 18 65.70 -28.43 41.84
CA GLN H 18 66.51 -28.51 43.05
C GLN H 18 67.76 -29.40 42.96
N HIS H 19 67.64 -30.66 42.50
CA HIS H 19 68.66 -31.65 42.82
C HIS H 19 69.93 -31.45 41.97
N ARG H 20 71.09 -31.55 42.63
CA ARG H 20 72.38 -31.29 41.99
C ARG H 20 73.28 -32.52 41.96
N GLY H 21 72.76 -33.73 41.78
CA GLY H 21 73.74 -34.82 41.71
C GLY H 21 74.16 -35.15 40.28
N PRO H 22 74.57 -36.41 40.01
CA PRO H 22 74.57 -36.97 38.66
C PRO H 22 73.39 -36.62 37.75
N ALA H 23 72.15 -36.62 38.28
CA ALA H 23 70.99 -36.32 37.45
C ALA H 23 70.52 -34.88 37.59
N GLU H 24 71.43 -33.93 37.85
CA GLU H 24 71.07 -32.52 37.81
C GLU H 24 70.50 -32.14 36.44
N GLN H 25 69.54 -31.22 36.43
CA GLN H 25 69.03 -30.61 35.21
C GLN H 25 69.63 -29.22 35.10
N PHE H 26 69.83 -28.77 33.85
CA PHE H 26 70.55 -27.54 33.57
C PHE H 26 69.77 -26.58 32.68
N GLY H 27 68.75 -27.08 31.96
CA GLY H 27 67.95 -26.23 31.08
C GLY H 27 67.53 -24.92 31.76
N GLU H 28 67.68 -23.82 31.02
CA GLU H 28 67.55 -22.46 31.53
C GLU H 28 66.09 -22.16 31.90
N ASN H 29 65.17 -22.92 31.31
CA ASN H 29 63.75 -22.71 31.56
C ASN H 29 63.09 -23.98 32.11
N ASP H 30 63.91 -24.98 32.51
CA ASP H 30 63.41 -26.26 33.00
C ASP H 30 62.47 -26.10 34.19
N HIS H 31 62.56 -25.00 34.95
CA HIS H 31 61.74 -24.80 36.13
C HIS H 31 60.27 -24.56 35.82
N ILE H 32 59.94 -24.11 34.59
CA ILE H 32 58.55 -23.84 34.22
C ILE H 32 57.92 -25.05 33.52
N TYR H 33 58.64 -26.18 33.44
CA TYR H 33 58.16 -27.35 32.71
C TYR H 33 58.10 -28.57 33.62
N SER H 34 57.26 -29.55 33.23
CA SER H 34 57.30 -30.87 33.85
C SER H 34 58.77 -31.24 34.02
N PRO H 35 59.17 -31.84 35.18
CA PRO H 35 60.55 -32.26 35.40
C PRO H 35 60.88 -33.46 34.49
N LYS H 36 62.15 -33.55 34.07
CA LYS H 36 62.55 -34.42 32.97
C LYS H 36 63.29 -35.65 33.47
N LEU H 37 64.25 -35.45 34.37
CA LEU H 37 65.15 -36.51 34.80
C LEU H 37 64.67 -37.17 36.09
N HIS H 38 63.86 -36.45 36.87
CA HIS H 38 63.44 -36.93 38.19
C HIS H 38 62.16 -36.19 38.62
N ASN H 39 61.77 -36.37 39.89
CA ASN H 39 60.50 -35.85 40.39
C ASN H 39 60.66 -34.47 41.05
N GLY H 40 61.87 -33.91 41.03
CA GLY H 40 62.11 -32.66 41.73
C GLY H 40 61.75 -32.80 43.22
N SER H 41 61.00 -31.84 43.75
CA SER H 41 60.68 -31.80 45.17
C SER H 41 59.18 -31.86 45.39
N PHE H 42 58.45 -32.41 44.40
CA PHE H 42 57.00 -32.47 44.44
C PHE H 42 56.49 -33.42 45.51
N LYS H 43 57.33 -34.39 45.90
CA LYS H 43 56.94 -35.39 46.89
C LYS H 43 57.74 -35.16 48.16
N SER H 44 59.06 -35.02 48.00
CA SER H 44 59.96 -34.86 49.13
C SER H 44 60.70 -33.53 48.98
N ARG H 45 60.64 -32.74 50.05
CA ARG H 45 60.97 -31.33 50.01
C ARG H 45 62.47 -31.13 49.76
N GLY H 46 63.30 -32.08 50.20
CA GLY H 46 64.73 -31.91 50.13
C GLY H 46 65.14 -30.60 50.82
N LEU H 47 65.94 -29.77 50.16
CA LEU H 47 66.45 -28.54 50.75
C LEU H 47 65.84 -27.32 50.07
N ALA H 48 64.51 -27.30 49.96
CA ALA H 48 63.83 -26.30 49.16
C ALA H 48 63.87 -24.92 49.83
N THR H 49 64.08 -23.89 49.02
CA THR H 49 63.84 -22.50 49.39
C THR H 49 62.46 -22.12 48.90
N PHE H 50 61.96 -20.95 49.33
CA PHE H 50 60.76 -20.35 48.76
C PHE H 50 60.88 -20.30 47.23
N MET H 51 59.95 -20.97 46.54
CA MET H 51 59.84 -20.95 45.09
C MET H 51 61.05 -21.66 44.45
N GLY H 52 61.90 -22.31 45.24
CA GLY H 52 63.14 -22.84 44.71
C GLY H 52 64.07 -21.72 44.26
N ALA H 53 63.83 -20.51 44.78
CA ALA H 53 64.64 -19.36 44.42
C ALA H 53 66.05 -19.52 44.97
N PRO H 54 67.04 -18.79 44.41
CA PRO H 54 68.35 -18.72 45.05
C PRO H 54 68.27 -18.12 46.45
N TYR H 55 69.10 -18.63 47.38
CA TYR H 55 69.31 -17.92 48.63
C TYR H 55 70.11 -16.66 48.35
N CYS H 56 69.77 -15.58 49.07
CA CYS H 56 70.53 -14.34 49.02
C CYS H 56 70.45 -13.67 50.38
N PRO H 57 71.60 -13.40 51.05
CA PRO H 57 71.58 -12.78 52.37
C PRO H 57 70.84 -11.45 52.32
N PRO H 58 70.13 -11.06 53.40
CA PRO H 58 69.46 -9.76 53.43
C PRO H 58 70.53 -8.68 53.57
N ASP H 59 71.22 -8.43 52.46
CA ASP H 59 72.38 -7.54 52.36
C ASP H 59 72.25 -6.71 51.09
N ARG H 60 72.26 -5.38 51.21
CA ARG H 60 72.01 -4.51 50.08
C ARG H 60 72.98 -4.82 48.93
N HIS H 61 74.26 -5.09 49.25
CA HIS H 61 75.26 -5.41 48.25
C HIS H 61 74.90 -6.68 47.50
N LYS H 62 74.60 -7.76 48.22
CA LYS H 62 74.37 -9.06 47.60
C LYS H 62 73.10 -9.04 46.75
N ILE H 63 72.06 -8.35 47.25
CA ILE H 63 70.79 -8.21 46.55
C ILE H 63 71.01 -7.42 45.25
N ARG H 64 71.73 -6.29 45.32
CA ARG H 64 72.12 -5.51 44.14
C ARG H 64 72.81 -6.36 43.09
N GLU H 65 73.83 -7.10 43.51
CA GLU H 65 74.67 -7.85 42.60
C GLU H 65 73.84 -8.92 41.89
N MET H 66 72.80 -9.40 42.56
CA MET H 66 71.98 -10.46 42.00
C MET H 66 70.93 -9.88 41.04
N GLY H 67 70.60 -8.60 41.24
CA GLY H 67 69.58 -7.95 40.43
C GLY H 67 68.17 -8.37 40.85
N ALA H 68 67.99 -8.58 42.16
CA ALA H 68 66.78 -9.15 42.73
C ALA H 68 65.72 -8.06 42.95
N LYS H 69 64.52 -8.29 42.42
CA LYS H 69 63.44 -7.30 42.45
C LYS H 69 62.38 -7.70 43.47
N ILE H 70 62.37 -8.98 43.88
CA ILE H 70 61.58 -9.43 45.01
C ILE H 70 62.47 -10.21 45.99
N CYS H 71 62.41 -9.77 47.25
CA CYS H 71 62.95 -10.52 48.37
C CYS H 71 61.82 -11.13 49.20
N PHE H 72 61.78 -12.48 49.22
CA PHE H 72 61.04 -13.18 50.26
C PHE H 72 61.89 -13.17 51.53
N LEU H 73 61.35 -12.60 52.60
CA LEU H 73 62.02 -12.58 53.89
C LEU H 73 61.01 -12.93 54.99
N ALA H 74 61.29 -14.03 55.70
CA ALA H 74 60.45 -14.47 56.79
C ALA H 74 60.81 -13.70 58.06
N VAL H 75 59.78 -13.35 58.81
CA VAL H 75 59.94 -12.68 60.08
C VAL H 75 59.15 -13.47 61.12
N PRO H 76 59.68 -14.60 61.61
CA PRO H 76 58.89 -15.52 62.42
C PRO H 76 58.59 -15.02 63.82
N TRP H 77 59.20 -13.90 64.24
CA TRP H 77 58.92 -13.33 65.55
C TRP H 77 57.45 -13.53 65.95
N ASP H 78 57.18 -14.28 67.03
CA ASP H 78 55.81 -14.41 67.50
C ASP H 78 55.68 -14.12 69.00
N GLN H 79 56.56 -13.27 69.57
CA GLN H 79 56.47 -12.90 70.98
C GLN H 79 56.27 -11.39 71.12
N GLY H 80 55.61 -10.82 70.11
CA GLY H 80 55.13 -9.45 70.19
C GLY H 80 53.61 -9.38 70.27
N GLN H 81 52.98 -10.37 70.89
CA GLN H 81 51.55 -10.48 70.71
C GLN H 81 50.84 -11.03 71.93
N ILE H 82 49.53 -10.79 71.95
CA ILE H 82 48.76 -10.79 73.18
C ILE H 82 47.88 -12.03 73.23
N VAL H 83 47.74 -12.74 72.10
CA VAL H 83 46.81 -13.85 71.98
C VAL H 83 47.54 -15.17 72.29
N ARG H 84 48.03 -15.86 71.25
CA ARG H 84 48.77 -17.11 71.41
C ARG H 84 49.99 -17.11 70.49
N ALA H 85 51.11 -17.66 70.98
CA ALA H 85 52.26 -17.90 70.13
C ALA H 85 51.91 -19.01 69.14
N GLY H 86 52.72 -19.19 68.08
CA GLY H 86 52.48 -20.22 67.08
C GLY H 86 52.89 -19.80 65.67
N ALA H 87 52.84 -18.48 65.39
CA ALA H 87 53.08 -17.95 64.06
C ALA H 87 54.57 -18.05 63.73
N SER H 88 55.40 -18.36 64.73
CA SER H 88 56.80 -18.63 64.46
C SER H 88 57.00 -19.85 63.53
N GLN H 89 56.02 -20.75 63.42
CA GLN H 89 56.19 -21.99 62.65
C GLN H 89 55.63 -21.86 61.23
N GLY H 90 55.06 -20.69 60.90
CA GLY H 90 54.42 -20.47 59.61
C GLY H 90 55.36 -20.57 58.40
N ALA H 91 56.45 -19.79 58.42
CA ALA H 91 57.39 -19.72 57.31
C ALA H 91 57.84 -21.10 56.79
N ALA H 92 58.15 -22.00 57.70
CA ALA H 92 58.56 -23.34 57.31
C ALA H 92 57.49 -24.01 56.48
N ALA H 93 56.23 -23.89 56.93
CA ALA H 93 55.15 -24.57 56.24
C ALA H 93 54.89 -23.94 54.87
N LEU H 94 54.97 -22.60 54.80
CA LEU H 94 54.88 -21.85 53.56
C LEU H 94 55.95 -22.29 52.54
N ARG H 95 57.19 -22.44 52.99
CA ARG H 95 58.28 -22.79 52.09
C ARG H 95 58.06 -24.20 51.57
N ASP H 96 57.73 -25.15 52.47
CA ASP H 96 57.41 -26.51 52.09
C ASP H 96 56.27 -26.50 51.07
N ALA H 97 55.25 -25.64 51.28
CA ALA H 97 54.11 -25.68 50.38
C ALA H 97 54.48 -25.26 48.95
N THR H 98 55.46 -24.36 48.79
CA THR H 98 55.93 -23.96 47.46
C THR H 98 56.49 -25.12 46.64
N THR H 99 56.97 -26.19 47.27
CA THR H 99 57.37 -27.36 46.50
C THR H 99 56.19 -28.02 45.79
N GLN H 100 54.96 -27.63 46.12
CA GLN H 100 53.78 -28.27 45.52
C GLN H 100 53.29 -27.51 44.29
N TYR H 101 54.00 -26.43 43.92
CA TYR H 101 53.66 -25.63 42.77
C TYR H 101 54.88 -25.43 41.84
N PHE H 102 54.63 -24.97 40.62
CA PHE H 102 55.72 -24.48 39.78
C PHE H 102 55.82 -22.98 39.96
N PRO H 103 56.97 -22.34 39.62
CA PRO H 103 57.04 -20.87 39.61
C PRO H 103 56.37 -20.23 38.40
N TYR H 104 55.86 -21.06 37.48
CA TYR H 104 55.08 -20.60 36.35
C TYR H 104 53.57 -20.62 36.65
N MET H 105 52.88 -19.52 36.34
CA MET H 105 51.45 -19.40 36.58
C MET H 105 50.70 -19.23 35.27
N PHE H 106 50.03 -20.29 34.81
CA PHE H 106 49.38 -20.26 33.51
C PHE H 106 48.26 -19.23 33.48
N GLU H 107 47.69 -18.87 34.63
CA GLU H 107 46.55 -17.97 34.67
C GLU H 107 47.00 -16.58 34.22
N TYR H 108 48.31 -16.30 34.34
CA TYR H 108 48.87 -15.00 34.03
C TYR H 108 49.92 -15.09 32.92
N ASP H 109 50.24 -16.32 32.48
CA ASP H 109 51.36 -16.60 31.59
C ASP H 109 52.64 -15.92 32.06
N VAL H 110 53.07 -16.20 33.30
CA VAL H 110 54.23 -15.53 33.89
C VAL H 110 55.10 -16.60 34.56
N ASP H 111 56.43 -16.49 34.34
CA ASP H 111 57.42 -17.19 35.14
C ASP H 111 57.84 -16.25 36.26
N LEU H 112 57.25 -16.44 37.46
CA LEU H 112 57.39 -15.48 38.54
C LEU H 112 58.86 -15.38 38.95
N LEU H 113 59.59 -16.48 38.80
CA LEU H 113 60.93 -16.58 39.34
C LEU H 113 61.89 -15.65 38.57
N SER H 114 61.91 -15.78 37.23
CA SER H 114 62.79 -15.00 36.37
C SER H 114 62.23 -13.58 36.18
N PHE H 115 60.90 -13.44 36.12
CA PHE H 115 60.34 -12.12 35.95
C PHE H 115 60.82 -11.16 37.05
N PHE H 116 60.87 -11.63 38.30
CA PHE H 116 61.20 -10.75 39.41
C PHE H 116 62.62 -10.97 39.93
N ARG H 117 63.32 -11.99 39.40
CA ARG H 117 64.52 -12.49 40.03
C ARG H 117 64.27 -12.59 41.54
N VAL H 118 63.32 -13.45 41.93
CA VAL H 118 62.99 -13.53 43.34
C VAL H 118 64.16 -14.24 44.00
N VAL H 119 64.48 -13.81 45.23
CA VAL H 119 65.40 -14.52 46.10
C VAL H 119 64.73 -14.79 47.45
N ASP H 120 65.28 -15.77 48.16
CA ASP H 120 64.89 -16.11 49.53
C ASP H 120 65.94 -15.53 50.47
N CYS H 121 65.57 -14.55 51.30
CA CYS H 121 66.54 -13.96 52.22
C CYS H 121 66.54 -14.63 53.58
N GLY H 122 66.07 -15.89 53.65
CA GLY H 122 66.04 -16.62 54.89
C GLY H 122 65.09 -15.94 55.88
N ASP H 123 65.45 -16.01 57.16
CA ASP H 123 64.58 -15.57 58.22
C ASP H 123 65.28 -14.46 58.99
N VAL H 124 64.53 -13.48 59.47
CA VAL H 124 65.09 -12.48 60.36
C VAL H 124 65.30 -13.09 61.74
N PRO H 125 66.49 -12.95 62.37
CA PRO H 125 66.72 -13.44 63.74
C PRO H 125 65.80 -12.83 64.81
N THR H 126 65.67 -13.55 65.93
CA THR H 126 64.90 -13.09 67.08
C THR H 126 65.76 -13.03 68.34
N VAL H 127 65.30 -12.19 69.28
CA VAL H 127 65.83 -12.13 70.62
C VAL H 127 64.66 -12.46 71.53
N PRO H 128 64.52 -13.77 71.85
CA PRO H 128 63.37 -14.27 72.59
C PRO H 128 63.14 -13.37 73.81
N GLY H 129 61.89 -13.04 74.07
CA GLY H 129 61.50 -12.21 75.20
C GLY H 129 61.73 -10.71 74.98
N ASN H 130 62.41 -10.33 73.89
CA ASN H 130 62.80 -8.93 73.68
C ASN H 130 62.14 -8.33 72.43
N ASN H 131 60.91 -7.84 72.61
CA ASN H 131 60.10 -7.33 71.50
C ASN H 131 60.79 -6.10 70.91
N ILE H 132 61.41 -5.26 71.75
CA ILE H 132 62.00 -4.02 71.24
C ILE H 132 63.17 -4.36 70.33
N LYS H 133 64.10 -5.19 70.82
CA LYS H 133 65.31 -5.45 70.07
C LYS H 133 65.02 -6.29 68.83
N SER H 134 63.99 -7.16 68.91
CA SER H 134 63.62 -8.03 67.80
C SER H 134 62.95 -7.23 66.69
N GLN H 135 62.10 -6.26 67.05
CA GLN H 135 61.54 -5.32 66.09
C GLN H 135 62.62 -4.49 65.39
N GLU H 136 63.67 -4.08 66.11
CA GLU H 136 64.76 -3.32 65.49
C GLU H 136 65.46 -4.19 64.44
N TYR H 137 65.72 -5.46 64.78
CA TYR H 137 66.35 -6.37 63.84
C TYR H 137 65.53 -6.50 62.56
N THR H 138 64.20 -6.48 62.69
CA THR H 138 63.31 -6.64 61.56
C THR H 138 63.45 -5.40 60.65
N ALA H 139 63.29 -4.22 61.24
CA ALA H 139 63.49 -2.95 60.55
C ALA H 139 64.81 -2.96 59.78
N ASP H 140 65.89 -3.35 60.46
CA ASP H 140 67.21 -3.43 59.87
C ASP H 140 67.24 -4.39 58.67
N TYR H 141 66.59 -5.56 58.80
CA TYR H 141 66.71 -6.57 57.76
C TYR H 141 65.91 -6.14 56.53
N VAL H 142 64.74 -5.55 56.77
CA VAL H 142 63.85 -5.11 55.70
C VAL H 142 64.57 -4.02 54.91
N THR H 143 65.18 -3.09 55.66
CA THR H 143 65.94 -1.99 55.08
C THR H 143 66.98 -2.53 54.10
N GLU H 144 67.79 -3.52 54.46
CA GLU H 144 68.75 -4.08 53.52
C GLU H 144 68.07 -4.50 52.21
N CYS H 145 66.82 -4.97 52.28
CA CYS H 145 66.14 -5.43 51.08
C CYS H 145 65.78 -4.25 50.17
N LEU H 146 65.13 -3.23 50.73
CA LEU H 146 64.77 -2.02 50.00
C LEU H 146 66.03 -1.35 49.43
N GLU H 147 67.07 -1.22 50.27
CA GLU H 147 68.30 -0.52 49.90
C GLU H 147 69.02 -1.26 48.76
N GLY H 148 68.68 -2.53 48.56
CA GLY H 148 69.18 -3.33 47.45
C GLY H 148 68.31 -3.23 46.21
N GLY H 149 67.23 -2.44 46.32
CA GLY H 149 66.38 -2.08 45.20
C GLY H 149 65.37 -3.17 44.84
N ALA H 150 64.87 -3.90 45.85
CA ALA H 150 63.86 -4.92 45.65
C ALA H 150 62.56 -4.48 46.32
N LYS H 151 61.43 -5.02 45.83
CA LYS H 151 60.22 -5.07 46.64
C LYS H 151 60.31 -6.29 47.53
N VAL H 152 59.52 -6.28 48.60
CA VAL H 152 59.66 -7.24 49.67
C VAL H 152 58.33 -7.96 49.89
N ILE H 153 58.43 -9.28 50.07
CA ILE H 153 57.36 -10.11 50.63
C ILE H 153 57.80 -10.51 52.02
N LEU H 154 57.05 -10.09 53.06
CA LEU H 154 57.39 -10.38 54.44
C LEU H 154 56.41 -11.38 55.00
N PHE H 155 56.92 -12.51 55.51
CA PHE H 155 56.06 -13.57 56.02
C PHE H 155 56.24 -13.69 57.53
N GLY H 156 55.20 -13.35 58.30
CA GLY H 156 55.26 -13.43 59.74
C GLY H 156 55.14 -14.88 60.26
N GLY H 157 55.10 -15.04 61.60
CA GLY H 157 55.23 -13.94 62.55
C GLY H 157 53.88 -13.35 62.98
N ASP H 158 53.81 -12.84 64.21
CA ASP H 158 52.60 -12.17 64.68
C ASP H 158 52.46 -10.80 64.02
N HIS H 159 51.31 -10.15 64.27
CA HIS H 159 50.92 -8.95 63.56
C HIS H 159 51.57 -7.71 64.18
N SER H 160 52.65 -7.91 64.96
CA SER H 160 53.53 -6.81 65.32
C SER H 160 54.35 -6.42 64.08
N LEU H 161 54.40 -7.33 63.09
CA LEU H 161 55.27 -7.21 61.92
C LEU H 161 55.12 -5.85 61.23
N PRO H 162 53.92 -5.30 60.97
CA PRO H 162 53.84 -3.98 60.33
C PRO H 162 54.48 -2.78 61.05
N ILE H 163 54.76 -2.90 62.36
CA ILE H 163 55.39 -1.81 63.09
C ILE H 163 56.81 -1.62 62.54
N PRO H 164 57.74 -2.59 62.66
CA PRO H 164 59.01 -2.50 61.93
C PRO H 164 58.92 -2.42 60.41
N GLY H 165 57.95 -3.12 59.79
CA GLY H 165 57.84 -3.13 58.34
C GLY H 165 57.56 -1.74 57.76
N ALA H 166 56.53 -1.07 58.29
CA ALA H 166 56.18 0.28 57.87
C ALA H 166 57.33 1.24 58.17
N LYS H 167 57.85 1.17 59.40
CA LYS H 167 58.93 2.02 59.88
C LYS H 167 60.09 1.97 58.89
N ALA H 168 60.48 0.77 58.46
CA ALA H 168 61.55 0.59 57.50
C ALA H 168 61.20 1.25 56.17
N LEU H 169 59.97 1.05 55.67
CA LEU H 169 59.61 1.61 54.38
C LEU H 169 59.46 3.13 54.50
N SER H 170 58.91 3.61 55.63
CA SER H 170 58.80 5.03 55.91
C SER H 170 60.14 5.72 55.69
N ARG H 171 61.19 5.20 56.35
CA ARG H 171 62.52 5.76 56.28
C ARG H 171 63.05 5.74 54.85
N PHE H 172 62.84 4.63 54.14
CA PHE H 172 63.33 4.47 52.78
C PHE H 172 62.65 5.48 51.86
N THR H 173 61.44 5.91 52.23
CA THR H 173 60.61 6.71 51.35
C THR H 173 60.99 8.19 51.50
N GLY H 174 61.42 8.58 52.71
CA GLY H 174 62.08 9.85 52.96
C GLY H 174 61.10 11.02 53.03
N SER H 175 61.32 11.98 52.13
CA SER H 175 60.48 13.16 52.02
C SER H 175 59.19 12.82 51.26
N GLY H 176 59.20 11.70 50.53
CA GLY H 176 58.01 11.19 49.85
C GLY H 176 56.90 10.85 50.83
N LYS H 177 55.77 10.36 50.29
CA LYS H 177 54.66 9.95 51.12
C LYS H 177 54.40 8.44 50.97
N MET H 178 53.82 7.84 52.03
CA MET H 178 53.62 6.39 52.10
C MET H 178 52.17 6.11 52.49
N GLY H 179 51.53 5.17 51.78
CA GLY H 179 50.22 4.64 52.16
C GLY H 179 50.33 3.37 53.00
N TYR H 180 49.24 3.05 53.71
CA TYR H 180 49.22 1.93 54.63
C TYR H 180 47.88 1.23 54.53
N LEU H 181 47.89 0.00 54.00
CA LEU H 181 46.68 -0.80 53.91
C LEU H 181 46.76 -1.93 54.91
N HIS H 182 45.69 -2.12 55.70
CA HIS H 182 45.63 -3.11 56.76
C HIS H 182 44.38 -3.97 56.54
N VAL H 183 44.58 -5.24 56.17
CA VAL H 183 43.46 -6.14 55.93
C VAL H 183 43.46 -7.20 57.02
N ASP H 184 42.34 -7.26 57.74
CA ASP H 184 42.31 -7.95 59.02
C ASP H 184 40.87 -8.01 59.49
N CYS H 185 40.54 -9.01 60.31
CA CYS H 185 39.22 -9.03 60.89
C CYS H 185 39.23 -8.27 62.21
N HIS H 186 40.45 -8.00 62.72
CA HIS H 186 40.67 -7.17 63.89
C HIS H 186 41.16 -5.80 63.44
N LEU H 187 40.66 -4.77 64.11
CA LEU H 187 40.93 -3.39 63.75
C LEU H 187 42.37 -2.97 64.05
N ASP H 188 43.01 -3.58 65.07
CA ASP H 188 44.41 -3.32 65.45
C ASP H 188 44.72 -1.84 65.55
N ALA H 189 43.97 -1.13 66.41
CA ALA H 189 44.24 0.27 66.64
C ALA H 189 44.22 0.56 68.14
N ALA H 190 44.88 -0.29 68.92
CA ALA H 190 45.10 0.00 70.33
C ALA H 190 46.13 1.12 70.44
N PRO H 191 45.81 2.22 71.14
CA PRO H 191 46.79 3.28 71.36
C PRO H 191 47.91 2.74 72.25
N ASP H 192 47.54 1.82 73.14
CA ASP H 192 48.51 0.94 73.79
C ASP H 192 47.74 -0.27 74.30
N TRP H 193 48.47 -1.35 74.62
CA TRP H 193 47.89 -2.52 75.24
C TRP H 193 48.60 -2.77 76.56
N ALA H 194 47.87 -2.54 77.67
CA ALA H 194 48.45 -2.56 79.01
C ALA H 194 49.72 -1.70 79.04
N GLY H 195 49.70 -0.56 78.34
CA GLY H 195 50.78 0.41 78.38
C GLY H 195 51.83 0.22 77.29
N ASN H 196 51.72 -0.89 76.53
CA ASN H 196 52.70 -1.21 75.51
C ASN H 196 52.19 -0.69 74.16
N LEU H 197 53.10 0.00 73.45
CA LEU H 197 52.78 0.72 72.21
C LEU H 197 52.92 -0.19 70.99
N ILE H 198 53.71 -1.27 71.12
CA ILE H 198 54.20 -1.96 69.93
C ILE H 198 53.88 -3.46 69.98
N THR H 199 52.71 -3.85 70.49
CA THR H 199 52.22 -5.22 70.32
C THR H 199 51.49 -5.34 68.99
N ASN H 200 50.96 -6.54 68.73
CA ASN H 200 50.42 -6.90 67.43
C ASN H 200 49.04 -6.29 67.16
N CYS H 201 48.48 -5.59 68.16
CA CYS H 201 47.22 -4.90 67.93
C CYS H 201 47.39 -3.37 67.89
N SER H 202 48.52 -2.88 67.36
CA SER H 202 48.77 -1.45 67.25
C SER H 202 49.43 -1.07 65.92
N GLY H 203 49.32 -1.94 64.89
CA GLY H 203 49.89 -1.65 63.60
C GLY H 203 49.45 -0.30 63.02
N ALA H 204 48.14 -0.02 63.08
CA ALA H 204 47.57 1.14 62.40
C ALA H 204 47.94 2.45 63.12
N PRO H 205 47.77 2.58 64.46
CA PRO H 205 48.22 3.79 65.15
C PRO H 205 49.71 4.07 65.00
N ARG H 206 50.53 3.02 64.92
CA ARG H 206 51.95 3.23 64.79
C ARG H 206 52.30 3.75 63.39
N ALA H 207 51.57 3.31 62.37
CA ALA H 207 51.80 3.81 61.04
C ALA H 207 51.38 5.27 60.97
N LEU H 208 50.25 5.63 61.61
CA LEU H 208 49.83 7.02 61.61
C LEU H 208 50.91 7.93 62.21
N ASP H 209 51.71 7.43 63.17
CA ASP H 209 52.73 8.23 63.83
C ASP H 209 53.93 8.50 62.91
N LEU H 210 54.11 7.70 61.85
CA LEU H 210 55.23 7.89 60.95
C LEU H 210 55.11 9.25 60.27
N PRO H 211 56.20 10.03 60.18
CA PRO H 211 56.14 11.41 59.69
C PRO H 211 55.53 11.52 58.29
N ASN H 212 55.73 10.50 57.44
CA ASN H 212 55.28 10.60 56.05
C ASN H 212 54.10 9.68 55.77
N CYS H 213 53.39 9.20 56.81
CA CYS H 213 52.21 8.36 56.61
C CYS H 213 50.97 9.09 57.13
N ASN H 214 50.02 9.32 56.21
CA ASN H 214 48.95 10.29 56.40
C ASN H 214 47.58 9.59 56.42
N ALA H 215 46.74 10.02 57.37
CA ALA H 215 45.41 9.44 57.56
C ALA H 215 44.66 9.25 56.24
N ARG H 216 44.83 10.19 55.29
CA ARG H 216 44.13 10.14 54.02
C ARG H 216 44.62 8.98 53.14
N ASN H 217 45.82 8.44 53.43
CA ASN H 217 46.37 7.35 52.63
C ASN H 217 46.39 6.05 53.46
N MET H 218 45.51 5.97 54.45
CA MET H 218 45.41 4.81 55.30
C MET H 218 44.00 4.25 55.21
N ALA H 219 43.90 2.92 55.34
CA ALA H 219 42.63 2.22 55.17
C ALA H 219 42.71 0.86 55.85
N HIS H 220 41.53 0.40 56.29
CA HIS H 220 41.38 -0.91 56.88
C HIS H 220 40.26 -1.64 56.13
N MET H 221 40.43 -2.95 55.94
CA MET H 221 39.43 -3.80 55.32
C MET H 221 39.35 -5.12 56.07
N GLY H 222 38.13 -5.65 56.25
CA GLY H 222 37.91 -7.04 56.62
C GLY H 222 37.24 -7.25 57.98
N SER H 223 37.01 -6.17 58.75
CA SER H 223 36.64 -6.32 60.15
C SER H 223 35.27 -6.98 60.32
N ARG H 224 35.15 -7.77 61.39
CA ARG H 224 33.87 -8.24 61.90
C ARG H 224 34.04 -8.77 63.33
N ASN H 225 32.90 -9.00 63.99
CA ASN H 225 32.81 -9.74 65.24
C ASN H 225 33.37 -8.91 66.41
N GLY H 226 33.49 -9.55 67.59
CA GLY H 226 33.62 -8.84 68.84
C GLY H 226 35.01 -8.90 69.48
N LEU H 227 36.08 -9.25 68.74
CA LEU H 227 37.42 -9.07 69.26
C LEU H 227 37.95 -7.73 68.75
N ASN H 228 37.30 -6.65 69.18
CA ASN H 228 37.53 -5.33 68.62
C ASN H 228 37.07 -4.29 69.62
N PRO H 229 37.89 -3.99 70.65
CA PRO H 229 37.57 -2.92 71.60
C PRO H 229 37.15 -1.63 70.89
N LYS H 230 36.27 -0.89 71.59
CA LYS H 230 35.74 0.39 71.15
C LYS H 230 36.85 1.33 70.70
N ASP H 231 37.95 1.40 71.46
CA ASP H 231 39.02 2.36 71.18
C ASP H 231 39.64 2.10 69.81
N TRP H 232 39.60 0.85 69.32
CA TRP H 232 40.16 0.53 68.01
C TRP H 232 39.30 1.16 66.93
N TRP H 233 37.97 1.00 67.07
CA TRP H 233 37.01 1.67 66.22
C TRP H 233 37.12 3.19 66.37
N ASP H 234 37.26 3.70 67.61
CA ASP H 234 37.33 5.14 67.88
C ASP H 234 38.49 5.77 67.11
N PHE H 235 39.61 5.06 67.05
CA PHE H 235 40.79 5.53 66.34
C PHE H 235 40.46 5.92 64.90
N TYR H 236 39.62 5.13 64.22
CA TYR H 236 39.36 5.34 62.80
C TYR H 236 38.43 6.54 62.64
N VAL H 237 37.44 6.65 63.55
CA VAL H 237 36.45 7.71 63.54
C VAL H 237 37.14 9.05 63.85
N ASP H 238 37.97 9.08 64.92
CA ASP H 238 38.63 10.32 65.31
C ASP H 238 39.64 10.78 64.26
N ASN H 239 40.21 9.87 63.46
CA ASN H 239 41.28 10.24 62.54
C ASN H 239 40.80 10.22 61.08
N GLU H 240 39.50 10.05 60.87
CA GLU H 240 38.93 10.07 59.53
C GLU H 240 39.66 9.09 58.61
N ILE H 241 39.83 7.85 59.08
CA ILE H 241 40.42 6.78 58.27
C ILE H 241 39.32 5.82 57.85
N ARG H 242 39.30 5.51 56.55
CA ARG H 242 38.29 4.65 55.95
C ARG H 242 38.41 3.24 56.52
N VAL H 243 37.31 2.74 57.10
CA VAL H 243 37.17 1.33 57.40
C VAL H 243 36.08 0.75 56.48
N VAL H 244 36.42 -0.37 55.82
CA VAL H 244 35.47 -1.14 55.05
C VAL H 244 35.26 -2.46 55.80
N THR H 245 34.09 -2.64 56.40
CA THR H 245 33.84 -3.85 57.16
C THR H 245 33.66 -5.02 56.19
N MET H 246 33.80 -6.24 56.71
CA MET H 246 33.53 -7.42 55.90
C MET H 246 32.11 -7.33 55.34
N SER H 247 31.20 -6.82 56.18
CA SER H 247 29.82 -6.55 55.81
C SER H 247 29.68 -5.69 54.55
N GLU H 248 30.48 -4.61 54.46
CA GLU H 248 30.42 -3.69 53.34
C GLU H 248 30.99 -4.35 52.08
N MET H 249 32.06 -5.14 52.25
CA MET H 249 32.68 -5.84 51.13
C MET H 249 31.69 -6.82 50.52
N ILE H 250 30.85 -7.46 51.35
CA ILE H 250 29.85 -8.40 50.84
C ILE H 250 28.70 -7.66 50.16
N GLU H 251 28.20 -6.60 50.79
CA GLU H 251 27.12 -5.79 50.25
C GLU H 251 27.51 -5.19 48.89
N ARG H 252 28.65 -4.49 48.85
CA ARG H 252 29.03 -3.69 47.70
C ARG H 252 29.93 -4.46 46.73
N GLY H 253 30.55 -5.55 47.18
CA GLY H 253 31.43 -6.34 46.31
C GLY H 253 32.91 -6.06 46.56
N LEU H 254 33.71 -7.13 46.46
CA LEU H 254 35.11 -7.06 46.81
C LEU H 254 35.85 -6.14 45.84
N GLU H 255 35.63 -6.31 44.53
CA GLU H 255 36.32 -5.54 43.49
C GLU H 255 36.08 -4.04 43.71
N VAL H 256 34.80 -3.69 43.91
CA VAL H 256 34.40 -2.31 44.07
C VAL H 256 35.11 -1.73 45.29
N CYS H 257 35.02 -2.41 46.43
CA CYS H 257 35.61 -1.90 47.67
C CYS H 257 37.13 -1.86 47.59
N ALA H 258 37.75 -2.89 46.98
CA ALA H 258 39.20 -2.99 46.94
C ALA H 258 39.81 -1.88 46.09
N ASN H 259 39.32 -1.74 44.85
CA ASN H 259 39.80 -0.69 43.96
C ASN H 259 39.65 0.68 44.62
N GLU H 260 38.52 0.93 45.27
CA GLU H 260 38.27 2.18 45.96
C GLU H 260 39.40 2.47 46.95
N ILE H 261 39.72 1.50 47.82
CA ILE H 261 40.65 1.81 48.90
C ILE H 261 42.09 1.71 48.39
N PHE H 262 42.35 0.90 47.34
CA PHE H 262 43.66 0.91 46.71
C PHE H 262 43.96 2.28 46.09
N GLU H 263 42.95 2.91 45.47
CA GLU H 263 43.11 4.25 44.92
C GLU H 263 43.38 5.23 46.06
N ARG H 264 42.63 5.10 47.16
CA ARG H 264 42.76 6.02 48.27
C ARG H 264 44.17 5.97 48.85
N VAL H 265 44.70 4.77 49.14
CA VAL H 265 45.97 4.65 49.84
C VAL H 265 47.16 4.87 48.90
N LYS H 266 46.96 4.88 47.59
CA LYS H 266 48.05 5.10 46.65
C LYS H 266 48.08 6.54 46.12
N LYS H 267 47.08 7.35 46.51
CA LYS H 267 46.89 8.66 45.91
C LYS H 267 47.96 9.63 46.40
N ASP H 268 48.83 10.06 45.47
CA ASP H 268 49.90 11.02 45.74
C ASP H 268 50.92 10.44 46.73
N THR H 269 51.10 9.11 46.69
CA THR H 269 52.06 8.42 47.55
C THR H 269 53.21 7.93 46.67
N ASP H 270 54.37 7.70 47.28
CA ASP H 270 55.53 7.13 46.62
C ASP H 270 55.53 5.61 46.83
N SER H 271 55.08 5.17 48.00
CA SER H 271 55.15 3.77 48.37
C SER H 271 53.89 3.36 49.13
N LEU H 272 53.66 2.03 49.14
CA LEU H 272 52.54 1.44 49.85
C LEU H 272 53.02 0.25 50.69
N TYR H 273 52.70 0.32 51.98
CA TYR H 273 52.81 -0.82 52.87
C TYR H 273 51.44 -1.46 53.00
N PHE H 274 51.40 -2.78 52.73
CA PHE H 274 50.19 -3.59 52.77
C PHE H 274 50.41 -4.75 53.73
N THR H 275 49.72 -4.72 54.88
CA THR H 275 49.76 -5.82 55.85
C THR H 275 48.47 -6.63 55.74
N TRP H 276 48.61 -7.97 55.69
CA TRP H 276 47.47 -8.85 55.47
C TRP H 276 47.47 -9.97 56.50
N ASP H 277 46.48 -9.92 57.42
CA ASP H 277 46.33 -10.90 58.48
C ASP H 277 45.48 -12.07 57.95
N THR H 278 45.97 -13.29 58.10
CA THR H 278 45.27 -14.45 57.57
C THR H 278 43.95 -14.66 58.30
N ASP H 279 43.69 -13.93 59.41
CA ASP H 279 42.37 -14.08 59.99
C ASP H 279 41.31 -13.22 59.29
N SER H 280 41.72 -12.41 58.30
CA SER H 280 40.77 -11.84 57.36
C SER H 280 40.03 -12.95 56.61
N ILE H 281 40.69 -14.11 56.45
CA ILE H 281 40.15 -15.20 55.66
C ILE H 281 39.14 -15.95 56.52
N ASP H 282 38.03 -16.40 55.93
CA ASP H 282 37.08 -17.18 56.69
C ASP H 282 37.78 -18.37 57.35
N ILE H 283 37.38 -18.71 58.58
CA ILE H 283 37.94 -19.82 59.34
C ILE H 283 37.78 -21.16 58.60
N SER H 284 36.80 -21.24 57.71
CA SER H 284 36.58 -22.47 56.97
C SER H 284 37.71 -22.67 55.97
N CYS H 285 38.42 -21.59 55.65
CA CYS H 285 39.51 -21.65 54.68
C CYS H 285 40.89 -21.64 55.32
N MET H 286 40.93 -21.37 56.64
CA MET H 286 42.16 -21.02 57.32
C MET H 286 41.96 -21.25 58.81
N PRO H 287 41.84 -22.52 59.23
CA PRO H 287 41.77 -22.84 60.66
C PRO H 287 43.05 -22.57 61.44
N GLY H 288 44.18 -22.50 60.72
CA GLY H 288 45.48 -22.37 61.35
C GLY H 288 45.83 -20.90 61.56
N ASN H 289 45.28 -20.33 62.64
CA ASN H 289 45.48 -18.93 62.93
C ASN H 289 45.52 -18.76 64.44
N SER H 290 46.21 -17.70 64.88
CA SER H 290 46.23 -17.28 66.27
C SER H 290 44.80 -17.03 66.78
N ALA H 291 44.01 -16.29 66.00
CA ALA H 291 42.67 -15.90 66.43
C ALA H 291 41.72 -16.01 65.26
N PRO H 292 41.31 -17.23 64.84
CA PRO H 292 40.52 -17.40 63.63
C PRO H 292 39.07 -16.94 63.82
N GLU H 293 38.44 -16.46 62.75
CA GLU H 293 37.11 -15.89 62.80
C GLU H 293 36.28 -16.31 61.58
N CYS H 294 35.03 -16.67 61.84
CA CYS H 294 34.02 -16.88 60.83
C CYS H 294 33.67 -15.54 60.18
N TYR H 295 32.77 -15.59 59.19
CA TYR H 295 32.28 -14.40 58.51
C TYR H 295 33.44 -13.63 57.84
N GLY H 296 34.29 -14.31 57.06
CA GLY H 296 35.41 -13.65 56.40
C GLY H 296 35.46 -13.95 54.90
N LEU H 297 36.59 -13.60 54.27
CA LEU H 297 36.85 -13.85 52.86
C LEU H 297 36.78 -15.36 52.54
N LYS H 298 36.10 -15.71 51.46
CA LYS H 298 36.08 -17.08 50.98
C LYS H 298 37.29 -17.31 50.09
N GLY H 299 37.55 -18.58 49.76
CA GLY H 299 38.76 -18.94 49.07
C GLY H 299 38.96 -18.10 47.81
N ARG H 300 37.93 -18.03 46.96
CA ARG H 300 38.05 -17.38 45.67
C ARG H 300 38.24 -15.88 45.85
N GLU H 301 37.72 -15.33 46.95
CA GLU H 301 37.85 -13.92 47.23
C GLU H 301 39.27 -13.61 47.71
N VAL H 302 39.92 -14.58 48.35
CA VAL H 302 41.28 -14.31 48.78
C VAL H 302 42.14 -14.13 47.53
N ILE H 303 41.98 -15.05 46.56
CA ILE H 303 42.77 -14.95 45.35
C ILE H 303 42.39 -13.70 44.57
N GLN H 304 41.11 -13.31 44.57
CA GLN H 304 40.70 -12.10 43.87
C GLN H 304 41.36 -10.87 44.49
N LEU H 305 41.46 -10.83 45.82
CA LEU H 305 42.02 -9.65 46.48
C LEU H 305 43.52 -9.57 46.17
N ALA H 306 44.17 -10.74 46.14
CA ALA H 306 45.58 -10.81 45.78
C ALA H 306 45.78 -10.33 44.35
N ARG H 307 44.89 -10.72 43.44
CA ARG H 307 45.01 -10.33 42.05
C ARG H 307 44.90 -8.81 41.94
N ILE H 308 43.92 -8.25 42.66
CA ILE H 308 43.65 -6.82 42.64
C ILE H 308 44.83 -6.07 43.21
N ALA H 309 45.37 -6.57 44.34
CA ALA H 309 46.51 -5.94 44.99
C ALA H 309 47.69 -5.91 44.03
N GLY H 310 47.85 -6.99 43.27
CA GLY H 310 48.87 -7.05 42.24
C GLY H 310 48.68 -6.06 41.08
N ARG H 311 47.44 -5.71 40.74
CA ARG H 311 47.24 -4.75 39.65
C ARG H 311 47.68 -3.36 40.12
N HIS H 312 47.38 -3.02 41.37
CA HIS H 312 47.75 -1.74 41.93
C HIS H 312 49.25 -1.74 42.20
N GLY H 313 49.73 -2.77 42.93
CA GLY H 313 51.13 -2.90 43.31
C GLY H 313 51.36 -2.30 44.70
N CYS H 314 52.27 -2.91 45.47
CA CYS H 314 52.74 -2.38 46.74
C CYS H 314 54.24 -2.59 46.83
N ASP H 315 54.86 -1.96 47.83
CA ASP H 315 56.31 -2.03 47.97
C ASP H 315 56.68 -3.14 48.94
N ILE H 316 55.88 -3.23 50.01
CA ILE H 316 55.96 -4.32 50.96
C ILE H 316 54.57 -4.92 51.14
N LEU H 317 54.49 -6.23 50.92
CA LEU H 317 53.33 -7.03 51.30
C LEU H 317 53.73 -7.91 52.47
N ASP H 318 53.03 -7.83 53.61
CA ASP H 318 53.31 -8.74 54.70
C ASP H 318 52.07 -9.63 54.91
N ILE H 319 52.32 -10.91 55.27
CA ILE H 319 51.29 -11.89 55.59
C ILE H 319 51.59 -12.43 56.99
N VAL H 320 50.63 -12.36 57.92
CA VAL H 320 50.90 -12.67 59.32
C VAL H 320 49.85 -13.63 59.88
N GLU H 321 50.26 -14.20 61.02
CA GLU H 321 49.44 -14.94 61.98
C GLU H 321 49.08 -16.34 61.49
N PHE H 322 49.79 -16.92 60.50
CA PHE H 322 49.50 -18.30 60.09
C PHE H 322 50.14 -19.25 61.11
N CYS H 323 49.32 -20.14 61.69
CA CYS H 323 49.76 -21.11 62.69
C CYS H 323 49.50 -22.53 62.18
N PRO H 324 50.50 -23.17 61.54
CA PRO H 324 50.31 -24.50 60.95
C PRO H 324 49.99 -25.62 61.94
N TYR H 325 50.42 -25.48 63.21
CA TYR H 325 50.13 -26.46 64.26
C TYR H 325 48.63 -26.64 64.46
N PHE H 326 47.83 -25.58 64.24
CA PHE H 326 46.38 -25.70 64.40
C PHE H 326 45.70 -26.05 63.08
N ASP H 327 46.46 -26.64 62.13
CA ASP H 327 45.89 -27.04 60.84
C ASP H 327 46.45 -28.41 60.47
N PRO H 328 45.64 -29.49 60.56
CA PRO H 328 46.08 -30.83 60.15
C PRO H 328 46.26 -31.06 58.66
N SER H 329 45.77 -30.12 57.84
CA SER H 329 45.87 -30.24 56.39
C SER H 329 46.98 -29.34 55.85
N GLN H 330 47.10 -29.32 54.53
CA GLN H 330 47.93 -28.36 53.84
C GLN H 330 47.09 -27.15 53.43
N ILE H 331 45.86 -26.92 53.93
CA ILE H 331 45.04 -25.92 53.27
C ILE H 331 45.59 -24.53 53.57
N GLY H 332 46.15 -24.35 54.78
CA GLY H 332 46.55 -23.01 55.19
C GLY H 332 47.81 -22.56 54.45
N ALA H 333 48.80 -23.44 54.43
CA ALA H 333 50.09 -23.14 53.84
C ALA H 333 49.91 -22.91 52.34
N LYS H 334 49.10 -23.76 51.69
CA LYS H 334 48.86 -23.56 50.27
C LYS H 334 48.06 -22.28 50.01
N MET H 335 47.15 -21.92 50.90
CA MET H 335 46.43 -20.67 50.74
C MET H 335 47.41 -19.49 50.81
N THR H 336 48.35 -19.53 51.77
CA THR H 336 49.35 -18.47 51.88
C THR H 336 50.25 -18.45 50.67
N VAL H 337 50.49 -19.61 50.02
CA VAL H 337 51.34 -19.62 48.84
C VAL H 337 50.61 -18.86 47.75
N ASN H 338 49.30 -19.11 47.65
CA ASN H 338 48.52 -18.54 46.55
C ASN H 338 48.33 -17.03 46.76
N MET H 339 48.37 -16.57 48.00
CA MET H 339 48.21 -15.15 48.28
C MET H 339 49.39 -14.41 47.66
N ILE H 340 50.57 -14.98 47.81
CA ILE H 340 51.80 -14.44 47.27
C ILE H 340 51.86 -14.65 45.76
N TYR H 341 51.57 -15.88 45.27
CA TYR H 341 51.81 -16.19 43.87
C TYR H 341 50.82 -15.41 42.99
N HIS H 342 49.58 -15.20 43.46
CA HIS H 342 48.62 -14.48 42.64
C HIS H 342 48.90 -12.98 42.69
N TYR H 343 49.39 -12.47 43.83
CA TYR H 343 49.90 -11.10 43.88
C TYR H 343 51.03 -10.93 42.86
N LEU H 344 52.01 -11.85 42.82
CA LEU H 344 53.14 -11.67 41.92
C LEU H 344 52.70 -11.86 40.45
N GLY H 345 51.84 -12.84 40.19
CA GLY H 345 51.41 -13.11 38.82
C GLY H 345 50.67 -11.91 38.22
N SER H 346 49.86 -11.26 39.06
CA SER H 346 49.04 -10.14 38.64
C SER H 346 49.90 -8.89 38.50
N ARG H 347 50.84 -8.68 39.43
CA ARG H 347 51.84 -7.63 39.32
C ARG H 347 52.62 -7.76 38.01
N ALA H 348 53.12 -8.96 37.70
CA ALA H 348 53.92 -9.11 36.49
C ALA H 348 53.09 -8.81 35.23
N GLN H 349 51.88 -9.36 35.17
CA GLN H 349 51.02 -9.19 34.01
C GLN H 349 50.70 -7.71 33.78
N THR H 350 50.34 -7.01 34.86
CA THR H 350 50.07 -5.57 34.84
C THR H 350 51.31 -4.80 34.39
N LEU H 351 52.49 -5.17 34.89
CA LEU H 351 53.74 -4.50 34.51
C LEU H 351 54.01 -4.70 33.02
N ARG H 352 53.79 -5.92 32.53
CA ARG H 352 54.07 -6.26 31.14
C ARG H 352 53.11 -5.55 30.20
N GLN H 353 51.87 -5.31 30.65
CA GLN H 353 50.85 -4.64 29.85
C GLN H 353 51.26 -3.20 29.56
N GLN H 354 51.82 -2.54 30.58
CA GLN H 354 52.18 -1.13 30.48
C GLN H 354 53.67 -0.98 30.16
N GLY H 355 54.28 -2.02 29.57
CA GLY H 355 55.71 -2.04 29.29
C GLY H 355 56.54 -1.37 30.39
N LYS H 356 56.50 -1.93 31.61
CA LYS H 356 57.23 -1.41 32.75
C LYS H 356 57.97 -2.55 33.47
N LYS I 11 41.82 4.66 -14.80
CA LYS I 11 40.80 3.68 -15.25
C LYS I 11 40.01 3.15 -14.03
N TRP I 12 40.69 2.76 -12.94
CA TRP I 12 40.02 2.26 -11.74
C TRP I 12 39.73 3.39 -10.75
N GLN I 13 38.59 4.05 -10.88
CA GLN I 13 38.18 4.99 -9.83
C GLN I 13 36.68 4.89 -9.54
N PHE I 14 36.32 5.34 -8.34
CA PHE I 14 34.96 5.43 -7.84
C PHE I 14 34.89 6.64 -6.92
N THR I 15 33.69 7.21 -6.76
CA THR I 15 33.47 8.26 -5.77
C THR I 15 33.06 7.60 -4.46
N PRO I 16 33.74 7.88 -3.32
CA PRO I 16 33.30 7.34 -2.03
C PRO I 16 31.89 7.86 -1.74
N HIS I 17 30.97 6.93 -1.40
CA HIS I 17 29.58 7.26 -1.07
C HIS I 17 28.84 7.82 -2.29
N GLN I 18 29.31 7.46 -3.49
CA GLN I 18 28.62 7.58 -4.78
C GLN I 18 28.54 9.00 -5.34
N HIS I 19 28.05 9.96 -4.55
CA HIS I 19 27.49 11.16 -5.13
C HIS I 19 28.60 12.11 -5.58
N ARG I 20 28.48 12.63 -6.82
CA ARG I 20 29.36 13.67 -7.29
C ARG I 20 28.63 15.00 -7.13
N GLY I 21 28.99 16.02 -7.93
CA GLY I 21 28.38 17.33 -7.81
C GLY I 21 28.97 18.10 -6.63
N PRO I 22 28.38 19.25 -6.23
CA PRO I 22 28.94 20.10 -5.17
C PRO I 22 29.42 19.43 -3.88
N ALA I 23 28.69 18.43 -3.37
CA ALA I 23 29.09 17.82 -2.12
C ALA I 23 29.77 16.47 -2.34
N GLU I 24 30.46 16.29 -3.47
CA GLU I 24 31.28 15.12 -3.67
C GLU I 24 32.28 14.96 -2.53
N GLN I 25 32.51 13.70 -2.13
CA GLN I 25 33.59 13.38 -1.22
C GLN I 25 34.77 12.91 -2.05
N PHE I 26 35.94 13.46 -1.70
CA PHE I 26 37.23 12.98 -2.15
C PHE I 26 37.95 12.58 -0.87
N GLY I 27 38.85 11.63 -0.97
CA GLY I 27 39.32 10.95 0.22
C GLY I 27 39.60 9.50 -0.13
N GLU I 28 40.88 9.17 -0.16
CA GLU I 28 41.38 7.88 -0.57
C GLU I 28 40.57 6.76 0.11
N ASN I 29 40.21 6.99 1.37
CA ASN I 29 39.72 5.91 2.21
C ASN I 29 38.30 6.19 2.72
N ASP I 30 37.65 7.24 2.21
CA ASP I 30 36.35 7.68 2.72
C ASP I 30 35.33 6.53 2.65
N HIS I 31 35.53 5.55 1.77
CA HIS I 31 34.50 4.54 1.56
C HIS I 31 34.40 3.55 2.70
N ILE I 32 35.45 3.46 3.55
CA ILE I 32 35.44 2.52 4.67
C ILE I 32 34.97 3.20 5.95
N TYR I 33 34.62 4.50 5.89
CA TYR I 33 34.26 5.27 7.07
C TYR I 33 32.85 5.85 6.93
N SER I 34 32.21 6.14 8.07
CA SER I 34 30.97 6.88 8.08
C SER I 34 31.06 7.93 6.99
N PRO I 35 29.97 8.19 6.24
CA PRO I 35 29.94 9.30 5.28
C PRO I 35 29.92 10.65 6.02
N LYS I 36 30.53 11.66 5.40
CA LYS I 36 30.90 12.90 6.05
C LYS I 36 30.02 14.07 5.62
N LEU I 37 29.79 14.20 4.31
CA LEU I 37 29.09 15.36 3.75
C LEU I 37 27.60 15.08 3.56
N HIS I 38 27.25 13.80 3.45
CA HIS I 38 25.87 13.41 3.13
C HIS I 38 25.69 11.95 3.55
N ASN I 39 24.58 11.35 3.11
CA ASN I 39 24.17 10.03 3.57
C ASN I 39 24.59 8.95 2.57
N GLY I 40 25.36 9.32 1.56
CA GLY I 40 25.63 8.38 0.49
C GLY I 40 24.33 7.73 -0.01
N SER I 41 24.38 6.39 -0.14
CA SER I 41 23.29 5.67 -0.77
C SER I 41 22.64 4.67 0.19
N PHE I 42 22.66 4.98 1.49
CA PHE I 42 22.19 4.09 2.54
C PHE I 42 20.66 4.08 2.63
N LYS I 43 20.03 5.18 2.21
CA LYS I 43 18.59 5.30 2.16
C LYS I 43 18.07 5.19 0.72
N SER I 44 18.73 5.91 -0.20
CA SER I 44 18.36 5.94 -1.61
C SER I 44 19.50 5.42 -2.49
N ARG I 45 19.15 4.53 -3.41
CA ARG I 45 20.12 3.73 -4.14
C ARG I 45 20.96 4.60 -5.09
N GLY I 46 20.33 5.63 -5.70
CA GLY I 46 20.94 6.36 -6.81
C GLY I 46 21.39 5.43 -7.93
N LEU I 47 22.65 5.59 -8.37
CA LEU I 47 23.21 4.82 -9.47
C LEU I 47 24.26 3.85 -8.92
N ALA I 48 23.84 2.91 -8.08
CA ALA I 48 24.75 2.05 -7.35
C ALA I 48 25.24 0.91 -8.24
N THR I 49 26.55 0.65 -8.21
CA THR I 49 27.14 -0.56 -8.75
C THR I 49 27.32 -1.52 -7.58
N PHE I 50 27.66 -2.78 -7.87
CA PHE I 50 28.03 -3.71 -6.83
C PHE I 50 29.16 -3.11 -5.99
N MET I 51 28.90 -2.93 -4.68
CA MET I 51 29.89 -2.49 -3.71
C MET I 51 30.25 -1.01 -3.92
N GLY I 52 29.55 -0.32 -4.82
CA GLY I 52 29.97 1.01 -5.23
C GLY I 52 31.29 0.95 -6.02
N ALA I 53 31.62 -0.25 -6.52
CA ALA I 53 32.86 -0.45 -7.25
C ALA I 53 32.81 0.28 -8.58
N PRO I 54 33.96 0.54 -9.23
CA PRO I 54 33.94 1.09 -10.57
C PRO I 54 33.30 0.13 -11.57
N TYR I 55 32.58 0.68 -12.54
CA TYR I 55 32.15 -0.12 -13.68
C TYR I 55 33.38 -0.38 -14.54
N CYS I 56 33.44 -1.60 -15.07
CA CYS I 56 34.49 -1.96 -15.99
C CYS I 56 33.91 -2.96 -16.97
N PRO I 57 33.91 -2.64 -18.29
CA PRO I 57 33.41 -3.56 -19.29
C PRO I 57 34.09 -4.91 -19.17
N PRO I 58 33.37 -6.04 -19.42
CA PRO I 58 33.98 -7.36 -19.43
C PRO I 58 34.87 -7.52 -20.67
N ASP I 59 36.05 -6.87 -20.60
CA ASP I 59 37.03 -6.85 -21.67
C ASP I 59 38.41 -7.05 -21.05
N ARG I 60 39.21 -8.00 -21.60
CA ARG I 60 40.48 -8.36 -20.99
C ARG I 60 41.41 -7.15 -20.87
N HIS I 61 41.46 -6.29 -21.89
CA HIS I 61 42.28 -5.08 -21.83
C HIS I 61 41.80 -4.14 -20.71
N LYS I 62 40.50 -3.86 -20.64
CA LYS I 62 40.00 -2.87 -19.70
C LYS I 62 40.22 -3.33 -18.26
N ILE I 63 39.95 -4.63 -18.03
CA ILE I 63 40.12 -5.22 -16.71
C ILE I 63 41.60 -5.18 -16.33
N ARG I 64 42.47 -5.62 -17.24
CA ARG I 64 43.92 -5.63 -17.03
C ARG I 64 44.42 -4.24 -16.65
N GLU I 65 44.02 -3.22 -17.38
CA GLU I 65 44.62 -1.91 -17.18
C GLU I 65 44.06 -1.27 -15.92
N MET I 66 42.91 -1.74 -15.43
CA MET I 66 42.39 -1.26 -14.15
C MET I 66 43.12 -1.96 -13.00
N GLY I 67 43.59 -3.19 -13.29
CA GLY I 67 44.32 -4.01 -12.33
C GLY I 67 43.37 -4.72 -11.37
N ALA I 68 42.19 -5.07 -11.91
CA ALA I 68 41.10 -5.67 -11.19
C ALA I 68 41.34 -7.17 -10.98
N LYS I 69 41.22 -7.60 -9.71
CA LYS I 69 41.49 -8.98 -9.34
C LYS I 69 40.17 -9.71 -9.07
N ILE I 70 39.10 -8.96 -8.79
CA ILE I 70 37.76 -9.52 -8.79
C ILE I 70 36.84 -8.76 -9.74
N CYS I 71 36.21 -9.55 -10.61
CA CYS I 71 35.08 -9.12 -11.42
C CYS I 71 33.77 -9.67 -10.84
N PHE I 72 32.90 -8.76 -10.39
CA PHE I 72 31.48 -9.10 -10.26
C PHE I 72 30.84 -9.05 -11.64
N LEU I 73 30.29 -10.18 -12.09
CA LEU I 73 29.60 -10.21 -13.35
C LEU I 73 28.27 -10.92 -13.15
N ALA I 74 27.18 -10.22 -13.46
CA ALA I 74 25.86 -10.82 -13.35
C ALA I 74 25.56 -11.58 -14.62
N VAL I 75 24.89 -12.73 -14.45
CA VAL I 75 24.40 -13.59 -15.52
C VAL I 75 22.92 -13.86 -15.27
N PRO I 76 22.02 -12.88 -15.53
CA PRO I 76 20.62 -13.01 -15.15
C PRO I 76 19.83 -14.04 -15.95
N TRP I 77 20.43 -14.59 -17.00
CA TRP I 77 19.77 -15.62 -17.79
C TRP I 77 18.95 -16.58 -16.92
N ASP I 78 17.61 -16.62 -17.13
CA ASP I 78 16.78 -17.55 -16.38
C ASP I 78 15.85 -18.32 -17.33
N GLN I 79 16.26 -18.55 -18.57
CA GLN I 79 15.46 -19.35 -19.49
C GLN I 79 16.23 -20.61 -19.88
N GLY I 80 17.09 -21.08 -18.98
CA GLY I 80 17.72 -22.36 -19.16
C GLY I 80 17.28 -23.39 -18.12
N GLN I 81 16.03 -23.32 -17.67
CA GLN I 81 15.70 -24.07 -16.49
C GLN I 81 14.31 -24.66 -16.58
N ILE I 82 14.10 -25.63 -15.69
CA ILE I 82 13.01 -26.57 -15.79
C ILE I 82 11.87 -26.17 -14.84
N VAL I 83 12.16 -25.31 -13.86
CA VAL I 83 11.21 -25.02 -12.80
C VAL I 83 10.43 -23.75 -13.14
N ARG I 84 10.84 -22.58 -12.64
CA ARG I 84 10.12 -21.33 -12.89
C ARG I 84 11.09 -20.17 -13.07
N ALA I 85 10.77 -19.26 -13.99
CA ALA I 85 11.57 -18.08 -14.24
C ALA I 85 11.52 -17.18 -13.01
N GLY I 86 12.45 -16.23 -12.92
CA GLY I 86 12.42 -15.25 -11.83
C GLY I 86 13.81 -14.82 -11.39
N ALA I 87 14.80 -15.70 -11.61
CA ALA I 87 16.16 -15.42 -11.16
C ALA I 87 16.77 -14.27 -11.94
N SER I 88 16.12 -13.85 -13.04
CA SER I 88 16.59 -12.71 -13.81
C SER I 88 16.54 -11.41 -13.00
N GLN I 89 15.78 -11.39 -11.90
CA GLN I 89 15.53 -10.15 -11.17
C GLN I 89 16.48 -10.01 -9.99
N GLY I 90 17.26 -11.07 -9.73
CA GLY I 90 18.08 -11.21 -8.54
C GLY I 90 19.22 -10.20 -8.47
N ALA I 91 19.97 -10.08 -9.58
CA ALA I 91 21.13 -9.21 -9.66
C ALA I 91 20.81 -7.78 -9.22
N ALA I 92 19.65 -7.26 -9.64
CA ALA I 92 19.27 -5.89 -9.32
C ALA I 92 19.08 -5.73 -7.83
N ALA I 93 18.53 -6.77 -7.18
CA ALA I 93 18.24 -6.73 -5.75
C ALA I 93 19.54 -6.90 -4.95
N LEU I 94 20.44 -7.77 -5.41
CA LEU I 94 21.79 -7.90 -4.87
C LEU I 94 22.54 -6.55 -4.91
N ARG I 95 22.50 -5.87 -6.06
CA ARG I 95 23.23 -4.62 -6.20
C ARG I 95 22.62 -3.59 -5.24
N ASP I 96 21.30 -3.43 -5.24
CA ASP I 96 20.61 -2.56 -4.30
C ASP I 96 21.00 -2.88 -2.84
N ALA I 97 21.01 -4.16 -2.47
CA ALA I 97 21.34 -4.55 -1.09
C ALA I 97 22.75 -4.11 -0.68
N THR I 98 23.71 -4.06 -1.63
CA THR I 98 25.07 -3.64 -1.28
C THR I 98 25.12 -2.18 -0.81
N THR I 99 24.14 -1.36 -1.18
CA THR I 99 24.10 -0.01 -0.64
C THR I 99 23.80 0.00 0.86
N GLN I 100 23.49 -1.15 1.43
CA GLN I 100 23.15 -1.22 2.84
C GLN I 100 24.35 -1.67 3.66
N TYR I 101 25.54 -1.74 3.04
CA TYR I 101 26.77 -2.14 3.70
C TYR I 101 27.93 -1.25 3.25
N PHE I 102 28.99 -1.21 4.06
CA PHE I 102 30.25 -0.63 3.63
C PHE I 102 31.09 -1.73 3.00
N PRO I 103 32.09 -1.36 2.16
CA PRO I 103 33.00 -2.34 1.58
C PRO I 103 34.07 -2.85 2.56
N TYR I 104 34.12 -2.23 3.74
CA TYR I 104 34.97 -2.66 4.84
C TYR I 104 34.24 -3.62 5.77
N MET I 105 34.91 -4.72 6.12
CA MET I 105 34.34 -5.76 6.98
C MET I 105 35.16 -5.87 8.26
N PHE I 106 34.61 -5.39 9.38
CA PHE I 106 35.36 -5.41 10.62
C PHE I 106 35.68 -6.83 11.08
N GLU I 107 34.87 -7.82 10.73
CA GLU I 107 35.13 -9.18 11.22
C GLU I 107 36.47 -9.68 10.66
N TYR I 108 36.91 -9.12 9.53
CA TYR I 108 38.11 -9.57 8.87
C TYR I 108 39.17 -8.46 8.79
N ASP I 109 38.85 -7.27 9.29
CA ASP I 109 39.67 -6.07 9.11
C ASP I 109 40.21 -5.97 7.68
N VAL I 110 39.34 -6.05 6.67
CA VAL I 110 39.75 -5.81 5.30
C VAL I 110 38.74 -4.88 4.61
N ASP I 111 39.30 -3.95 3.82
CA ASP I 111 38.56 -3.16 2.84
C ASP I 111 38.52 -3.98 1.55
N LEU I 112 37.36 -4.58 1.25
CA LEU I 112 37.27 -5.56 0.19
C LEU I 112 37.54 -4.88 -1.14
N LEU I 113 37.18 -3.58 -1.20
CA LEU I 113 37.10 -2.92 -2.48
C LEU I 113 38.53 -2.67 -3.00
N SER I 114 39.39 -2.07 -2.16
CA SER I 114 40.78 -1.81 -2.51
C SER I 114 41.62 -3.09 -2.44
N PHE I 115 41.32 -4.00 -1.53
CA PHE I 115 42.12 -5.21 -1.48
C PHE I 115 42.10 -5.96 -2.81
N PHE I 116 40.92 -6.10 -3.44
CA PHE I 116 40.82 -6.91 -4.64
C PHE I 116 40.73 -6.06 -5.90
N ARG I 117 40.68 -4.73 -5.72
CA ARG I 117 40.29 -3.83 -6.77
C ARG I 117 39.08 -4.41 -7.50
N VAL I 118 37.96 -4.56 -6.79
CA VAL I 118 36.81 -5.19 -7.41
C VAL I 118 36.18 -4.21 -8.39
N VAL I 119 35.71 -4.76 -9.51
CA VAL I 119 34.91 -4.03 -10.47
C VAL I 119 33.57 -4.75 -10.68
N ASP I 120 32.58 -3.98 -11.14
CA ASP I 120 31.28 -4.48 -11.57
C ASP I 120 31.30 -4.54 -13.09
N CYS I 121 31.21 -5.74 -13.67
CA CYS I 121 31.24 -5.86 -15.13
C CYS I 121 29.84 -5.86 -15.74
N GLY I 122 28.87 -5.31 -14.99
CA GLY I 122 27.50 -5.23 -15.46
C GLY I 122 26.93 -6.62 -15.68
N ASP I 123 26.05 -6.74 -16.68
CA ASP I 123 25.34 -7.98 -16.84
C ASP I 123 25.79 -8.61 -18.15
N VAL I 124 25.84 -9.95 -18.17
CA VAL I 124 25.94 -10.67 -19.43
C VAL I 124 24.62 -10.56 -20.17
N PRO I 125 24.60 -10.12 -21.46
CA PRO I 125 23.37 -10.09 -22.25
C PRO I 125 22.78 -11.47 -22.55
N THR I 126 21.49 -11.48 -22.93
CA THR I 126 20.74 -12.70 -23.21
C THR I 126 20.09 -12.65 -24.60
N VAL I 127 19.81 -13.86 -25.12
CA VAL I 127 19.03 -14.02 -26.33
C VAL I 127 17.82 -14.84 -25.93
N PRO I 128 16.72 -14.13 -25.58
CA PRO I 128 15.54 -14.76 -25.02
C PRO I 128 15.20 -15.97 -25.87
N GLY I 129 14.84 -17.07 -25.23
CA GLY I 129 14.39 -18.27 -25.92
C GLY I 129 15.52 -19.14 -26.44
N ASN I 130 16.78 -18.66 -26.40
CA ASN I 130 17.91 -19.33 -27.03
C ASN I 130 19.00 -19.67 -26.01
N ASN I 131 18.86 -20.84 -25.37
CA ASN I 131 19.72 -21.25 -24.27
C ASN I 131 21.14 -21.49 -24.80
N ILE I 132 21.24 -22.07 -26.01
CA ILE I 132 22.55 -22.36 -26.60
C ILE I 132 23.32 -21.05 -26.80
N LYS I 133 22.73 -20.08 -27.48
CA LYS I 133 23.45 -18.85 -27.79
C LYS I 133 23.72 -18.05 -26.52
N SER I 134 22.79 -18.07 -25.55
CA SER I 134 22.92 -17.29 -24.33
C SER I 134 24.04 -17.87 -23.45
N GLN I 135 24.12 -19.20 -23.39
CA GLN I 135 25.22 -19.88 -22.71
C GLN I 135 26.57 -19.60 -23.37
N GLU I 136 26.63 -19.48 -24.70
CA GLU I 136 27.89 -19.12 -25.36
C GLU I 136 28.32 -17.71 -24.96
N TYR I 137 27.37 -16.76 -24.92
CA TYR I 137 27.69 -15.40 -24.49
C TYR I 137 28.28 -15.41 -23.08
N THR I 138 27.81 -16.33 -22.24
CA THR I 138 28.23 -16.38 -20.85
C THR I 138 29.70 -16.82 -20.84
N ALA I 139 29.98 -17.94 -21.52
CA ALA I 139 31.35 -18.44 -21.64
C ALA I 139 32.28 -17.32 -22.08
N ASP I 140 31.92 -16.60 -23.14
CA ASP I 140 32.75 -15.54 -23.69
C ASP I 140 32.91 -14.37 -22.71
N TYR I 141 31.87 -14.03 -21.95
CA TYR I 141 31.96 -12.89 -21.05
C TYR I 141 32.87 -13.26 -19.88
N VAL I 142 32.73 -14.50 -19.40
CA VAL I 142 33.53 -15.00 -18.29
C VAL I 142 35.00 -15.04 -18.73
N THR I 143 35.23 -15.58 -19.94
CA THR I 143 36.55 -15.62 -20.56
C THR I 143 37.24 -14.26 -20.49
N GLU I 144 36.57 -13.17 -20.87
CA GLU I 144 37.22 -11.86 -20.82
C GLU I 144 37.72 -11.53 -19.41
N CYS I 145 36.93 -11.89 -18.38
CA CYS I 145 37.28 -11.60 -17.00
C CYS I 145 38.57 -12.35 -16.61
N LEU I 146 38.63 -13.65 -16.91
CA LEU I 146 39.77 -14.49 -16.59
C LEU I 146 41.01 -13.98 -17.33
N GLU I 147 40.88 -13.83 -18.65
CA GLU I 147 41.97 -13.44 -19.52
C GLU I 147 42.49 -12.04 -19.16
N GLY I 148 41.74 -11.30 -18.32
CA GLY I 148 42.16 -10.00 -17.82
C GLY I 148 42.89 -10.12 -16.48
N GLY I 149 43.04 -11.37 -16.00
CA GLY I 149 43.80 -11.67 -14.80
C GLY I 149 43.01 -11.56 -13.49
N ALA I 150 41.68 -11.73 -13.56
CA ALA I 150 40.83 -11.59 -12.38
C ALA I 150 40.17 -12.92 -12.03
N LYS I 151 39.90 -13.10 -10.73
CA LYS I 151 38.92 -14.08 -10.26
C LYS I 151 37.53 -13.47 -10.40
N VAL I 152 36.56 -14.37 -10.49
CA VAL I 152 35.21 -13.97 -10.89
C VAL I 152 34.21 -14.34 -9.81
N ILE I 153 33.31 -13.39 -9.53
CA ILE I 153 32.04 -13.66 -8.86
C ILE I 153 30.92 -13.58 -9.89
N LEU I 154 30.24 -14.72 -10.12
CA LEU I 154 29.14 -14.79 -11.06
C LEU I 154 27.82 -14.85 -10.30
N PHE I 155 26.90 -13.91 -10.60
CA PHE I 155 25.60 -13.89 -9.95
C PHE I 155 24.48 -14.24 -10.93
N GLY I 156 23.84 -15.39 -10.73
CA GLY I 156 22.74 -15.85 -11.57
C GLY I 156 21.45 -15.06 -11.34
N GLY I 157 20.36 -15.43 -12.01
CA GLY I 157 20.35 -16.41 -13.09
C GLY I 157 20.07 -17.82 -12.60
N ASP I 158 19.53 -18.67 -13.47
CA ASP I 158 19.22 -20.06 -13.10
C ASP I 158 20.50 -20.88 -13.02
N HIS I 159 20.33 -22.15 -12.62
CA HIS I 159 21.48 -22.99 -12.32
C HIS I 159 22.08 -23.62 -13.59
N SER I 160 21.69 -23.14 -14.77
CA SER I 160 22.42 -23.47 -15.99
C SER I 160 23.79 -22.80 -15.95
N LEU I 161 23.94 -21.76 -15.09
CA LEU I 161 25.13 -20.93 -15.06
C LEU I 161 26.43 -21.73 -15.00
N PRO I 162 26.62 -22.77 -14.14
CA PRO I 162 27.89 -23.52 -14.12
C PRO I 162 28.31 -24.23 -15.42
N ILE I 163 27.37 -24.47 -16.34
CA ILE I 163 27.71 -25.11 -17.60
C ILE I 163 28.66 -24.18 -18.37
N PRO I 164 28.25 -22.97 -18.81
CA PRO I 164 29.21 -21.99 -19.35
C PRO I 164 30.34 -21.58 -18.40
N GLY I 165 30.05 -21.43 -17.10
CA GLY I 165 31.05 -21.00 -16.13
C GLY I 165 32.26 -21.93 -16.08
N ALA I 166 31.98 -23.23 -15.93
CA ALA I 166 33.02 -24.24 -15.79
C ALA I 166 33.75 -24.41 -17.11
N LYS I 167 32.97 -24.55 -18.19
CA LYS I 167 33.48 -24.56 -19.56
C LYS I 167 34.49 -23.44 -19.77
N ALA I 168 34.16 -22.21 -19.37
CA ALA I 168 35.06 -21.09 -19.53
C ALA I 168 36.32 -21.29 -18.69
N LEU I 169 36.18 -21.71 -17.42
CA LEU I 169 37.36 -21.89 -16.59
C LEU I 169 38.16 -23.10 -17.09
N SER I 170 37.47 -24.15 -17.58
CA SER I 170 38.12 -25.33 -18.14
C SER I 170 39.07 -24.93 -19.25
N ARG I 171 38.60 -24.13 -20.21
CA ARG I 171 39.41 -23.67 -21.33
C ARG I 171 40.60 -22.85 -20.84
N PHE I 172 40.35 -21.95 -19.87
CA PHE I 172 41.39 -21.05 -19.38
C PHE I 172 42.44 -21.84 -18.61
N THR I 173 42.10 -23.04 -18.13
CA THR I 173 43.00 -23.80 -17.26
C THR I 173 43.92 -24.68 -18.10
N GLY I 174 43.43 -25.11 -19.28
CA GLY I 174 44.25 -25.68 -20.33
C GLY I 174 44.64 -27.14 -20.05
N SER I 175 45.95 -27.37 -19.98
CA SER I 175 46.48 -28.70 -19.69
C SER I 175 46.45 -28.97 -18.19
N GLY I 176 46.29 -27.91 -17.37
CA GLY I 176 46.12 -28.03 -15.93
C GLY I 176 44.84 -28.79 -15.55
N LYS I 177 44.60 -28.95 -14.24
CA LYS I 177 43.45 -29.71 -13.77
C LYS I 177 42.49 -28.78 -13.01
N MET I 178 41.18 -29.10 -13.05
CA MET I 178 40.16 -28.23 -12.50
C MET I 178 39.26 -28.99 -11.53
N GLY I 179 39.00 -28.37 -10.39
CA GLY I 179 38.04 -28.88 -9.41
C GLY I 179 36.67 -28.26 -9.60
N TYR I 180 35.64 -28.99 -9.18
CA TYR I 180 34.27 -28.53 -9.30
C TYR I 180 33.52 -28.83 -8.00
N LEU I 181 33.09 -27.77 -7.30
CA LEU I 181 32.27 -27.91 -6.10
C LEU I 181 30.86 -27.40 -6.38
N HIS I 182 29.86 -28.19 -5.98
CA HIS I 182 28.46 -27.92 -6.27
C HIS I 182 27.65 -28.05 -4.98
N VAL I 183 27.13 -26.93 -4.48
CA VAL I 183 26.40 -26.91 -3.23
C VAL I 183 24.94 -26.56 -3.52
N ASP I 184 24.02 -27.40 -3.05
CA ASP I 184 22.67 -27.43 -3.58
C ASP I 184 21.83 -28.44 -2.81
N CYS I 185 20.52 -28.20 -2.67
CA CYS I 185 19.66 -29.25 -2.13
C CYS I 185 19.35 -30.28 -3.20
N HIS I 186 19.56 -29.89 -4.47
CA HIS I 186 19.34 -30.71 -5.65
C HIS I 186 20.69 -31.17 -6.20
N LEU I 187 20.73 -32.44 -6.64
CA LEU I 187 21.94 -33.11 -7.04
C LEU I 187 22.43 -32.64 -8.42
N ASP I 188 21.51 -32.19 -9.29
CA ASP I 188 21.85 -31.59 -10.57
C ASP I 188 22.73 -32.51 -11.44
N ALA I 189 22.26 -33.74 -11.70
CA ALA I 189 23.04 -34.67 -12.50
C ALA I 189 22.14 -35.48 -13.42
N ALA I 190 21.21 -34.79 -14.08
CA ALA I 190 20.50 -35.36 -15.21
C ALA I 190 21.49 -35.49 -16.36
N PRO I 191 21.65 -36.69 -16.97
CA PRO I 191 22.51 -36.82 -18.14
C PRO I 191 21.87 -35.94 -19.23
N ASP I 192 20.54 -36.02 -19.32
CA ASP I 192 19.76 -35.04 -20.05
C ASP I 192 18.39 -34.91 -19.39
N TRP I 193 17.72 -33.77 -19.65
CA TRP I 193 16.34 -33.56 -19.24
C TRP I 193 15.48 -33.46 -20.51
N ALA I 194 14.68 -34.51 -20.75
CA ALA I 194 13.85 -34.65 -21.93
C ALA I 194 14.66 -34.46 -23.22
N GLY I 195 15.91 -34.94 -23.25
CA GLY I 195 16.77 -34.82 -24.42
C GLY I 195 17.76 -33.64 -24.36
N ASN I 196 17.61 -32.75 -23.37
CA ASN I 196 18.43 -31.55 -23.33
C ASN I 196 19.59 -31.76 -22.36
N LEU I 197 20.80 -31.44 -22.84
CA LEU I 197 22.05 -31.65 -22.12
C LEU I 197 22.42 -30.47 -21.23
N ILE I 198 21.85 -29.28 -21.49
CA ILE I 198 22.39 -28.06 -20.91
C ILE I 198 21.32 -27.24 -20.17
N THR I 199 20.39 -27.91 -19.47
CA THR I 199 19.48 -27.24 -18.56
C THR I 199 20.13 -27.07 -17.19
N ASN I 200 19.38 -26.46 -16.26
CA ASN I 200 19.87 -26.06 -14.94
C ASN I 200 20.10 -27.27 -14.03
N CYS I 201 19.68 -28.47 -14.44
CA CYS I 201 19.86 -29.65 -13.62
C CYS I 201 20.86 -30.63 -14.25
N SER I 202 21.92 -30.09 -14.87
CA SER I 202 22.99 -30.90 -15.43
C SER I 202 24.34 -30.20 -15.23
N GLY I 203 24.48 -29.42 -14.16
CA GLY I 203 25.74 -28.75 -13.92
C GLY I 203 26.90 -29.74 -13.74
N ALA I 204 26.65 -30.79 -12.95
CA ALA I 204 27.70 -31.70 -12.52
C ALA I 204 28.15 -32.62 -13.67
N PRO I 205 27.24 -33.34 -14.38
CA PRO I 205 27.67 -34.14 -15.53
C PRO I 205 28.41 -33.36 -16.60
N ARG I 206 28.07 -32.07 -16.79
CA ARG I 206 28.72 -31.27 -17.81
C ARG I 206 30.12 -30.88 -17.38
N ALA I 207 30.33 -30.65 -16.08
CA ALA I 207 31.69 -30.45 -15.60
C ALA I 207 32.53 -31.72 -15.81
N LEU I 208 31.97 -32.90 -15.53
CA LEU I 208 32.73 -34.13 -15.67
C LEU I 208 33.18 -34.33 -17.12
N ASP I 209 32.41 -33.81 -18.08
CA ASP I 209 32.71 -33.95 -19.51
C ASP I 209 33.91 -33.09 -19.91
N LEU I 210 34.20 -32.04 -19.13
CA LEU I 210 35.29 -31.15 -19.46
C LEU I 210 36.59 -31.94 -19.35
N PRO I 211 37.52 -31.81 -20.34
CA PRO I 211 38.65 -32.72 -20.46
C PRO I 211 39.55 -32.75 -19.22
N ASN I 212 39.61 -31.61 -18.53
CA ASN I 212 40.52 -31.43 -17.41
C ASN I 212 39.76 -31.35 -16.07
N CYS I 213 38.50 -31.83 -16.04
CA CYS I 213 37.76 -31.90 -14.79
C CYS I 213 37.48 -33.36 -14.45
N ASN I 214 37.99 -33.80 -13.28
CA ASN I 214 38.09 -35.21 -12.95
C ASN I 214 37.24 -35.56 -11.72
N ALA I 215 36.57 -36.72 -11.80
CA ALA I 215 35.64 -37.21 -10.79
C ALA I 215 36.23 -37.08 -9.39
N ARG I 216 37.53 -37.34 -9.24
CA ARG I 216 38.16 -37.32 -7.93
C ARG I 216 38.33 -35.90 -7.41
N ASN I 217 38.16 -34.87 -8.27
CA ASN I 217 38.26 -33.49 -7.82
C ASN I 217 36.88 -32.81 -7.79
N MET I 218 35.83 -33.62 -7.78
CA MET I 218 34.46 -33.13 -7.81
C MET I 218 33.76 -33.53 -6.51
N ALA I 219 32.82 -32.68 -6.07
CA ALA I 219 32.09 -32.90 -4.83
C ALA I 219 30.74 -32.18 -4.86
N HIS I 220 29.79 -32.72 -4.11
CA HIS I 220 28.47 -32.12 -3.93
C HIS I 220 28.19 -32.03 -2.44
N MET I 221 27.53 -30.94 -2.01
CA MET I 221 27.09 -30.75 -0.63
C MET I 221 25.70 -30.13 -0.61
N GLY I 222 24.84 -30.53 0.33
CA GLY I 222 23.59 -29.84 0.59
C GLY I 222 22.33 -30.68 0.38
N SER I 223 22.45 -31.85 -0.26
CA SER I 223 21.30 -32.62 -0.72
C SER I 223 20.33 -32.90 0.42
N ARG I 224 19.03 -32.87 0.09
CA ARG I 224 17.99 -33.43 0.92
C ARG I 224 16.68 -33.45 0.13
N ASN I 225 15.77 -34.32 0.56
CA ASN I 225 14.38 -34.35 0.14
C ASN I 225 14.29 -34.93 -1.28
N GLY I 226 13.05 -34.96 -1.82
CA GLY I 226 12.72 -35.83 -2.94
C GLY I 226 12.56 -35.11 -4.27
N LEU I 227 13.25 -33.97 -4.46
CA LEU I 227 13.33 -33.35 -5.78
C LEU I 227 14.70 -33.71 -6.37
N ASN I 228 14.86 -35.01 -6.64
CA ASN I 228 16.15 -35.63 -6.88
C ASN I 228 15.92 -37.01 -7.50
N PRO I 229 15.61 -37.08 -8.81
CA PRO I 229 15.49 -38.37 -9.49
C PRO I 229 16.69 -39.27 -9.18
N LYS I 230 16.42 -40.58 -9.26
CA LYS I 230 17.39 -41.60 -8.92
C LYS I 230 18.65 -41.44 -9.77
N ASP I 231 18.47 -41.11 -11.05
CA ASP I 231 19.61 -40.99 -11.96
C ASP I 231 20.60 -39.92 -11.48
N TRP I 232 20.13 -38.91 -10.76
CA TRP I 232 21.02 -37.85 -10.30
C TRP I 232 21.94 -38.43 -9.23
N TRP I 233 21.36 -39.24 -8.34
CA TRP I 233 22.11 -39.97 -7.32
C TRP I 233 23.02 -41.00 -7.98
N ASP I 234 22.49 -41.74 -8.98
CA ASP I 234 23.22 -42.80 -9.68
C ASP I 234 24.52 -42.25 -10.27
N PHE I 235 24.44 -41.03 -10.82
CA PHE I 235 25.57 -40.34 -11.41
C PHE I 235 26.77 -40.33 -10.46
N TYR I 236 26.51 -40.04 -9.17
CA TYR I 236 27.58 -39.85 -8.20
C TYR I 236 28.11 -41.20 -7.73
N VAL I 237 27.21 -42.18 -7.60
CA VAL I 237 27.57 -43.54 -7.30
C VAL I 237 28.49 -44.08 -8.41
N ASP I 238 27.98 -44.15 -9.63
CA ASP I 238 28.69 -44.75 -10.76
C ASP I 238 30.03 -44.05 -11.06
N ASN I 239 30.18 -42.75 -10.72
CA ASN I 239 31.42 -42.04 -11.05
C ASN I 239 32.27 -41.79 -9.80
N GLU I 240 31.89 -42.38 -8.67
CA GLU I 240 32.67 -42.28 -7.44
C GLU I 240 32.97 -40.81 -7.11
N ILE I 241 31.91 -39.99 -7.11
CA ILE I 241 32.00 -38.59 -6.71
C ILE I 241 31.33 -38.42 -5.34
N ARG I 242 32.10 -37.86 -4.41
CA ARG I 242 31.65 -37.65 -3.03
C ARG I 242 30.40 -36.76 -3.00
N VAL I 243 29.35 -37.30 -2.38
CA VAL I 243 28.19 -36.52 -1.96
C VAL I 243 28.20 -36.45 -0.43
N VAL I 244 28.06 -35.22 0.10
CA VAL I 244 27.82 -34.98 1.50
C VAL I 244 26.40 -34.41 1.66
N THR I 245 25.43 -35.25 2.05
CA THR I 245 24.06 -34.81 2.25
C THR I 245 24.02 -33.78 3.38
N MET I 246 22.95 -32.99 3.40
CA MET I 246 22.70 -32.10 4.52
C MET I 246 22.76 -32.90 5.82
N SER I 247 22.20 -34.12 5.81
CA SER I 247 22.21 -35.06 6.93
C SER I 247 23.61 -35.22 7.50
N GLU I 248 24.58 -35.49 6.62
CA GLU I 248 25.96 -35.74 7.02
C GLU I 248 26.61 -34.46 7.56
N MET I 249 26.33 -33.30 6.94
CA MET I 249 26.86 -32.01 7.39
C MET I 249 26.35 -31.68 8.81
N ILE I 250 25.11 -32.06 9.15
CA ILE I 250 24.56 -31.81 10.49
C ILE I 250 25.15 -32.81 11.49
N GLU I 251 25.20 -34.08 11.09
CA GLU I 251 25.73 -35.16 11.89
C GLU I 251 27.19 -34.88 12.24
N ARG I 252 28.03 -34.63 11.22
CA ARG I 252 29.47 -34.61 11.38
C ARG I 252 30.01 -33.19 11.56
N GLY I 253 29.20 -32.17 11.28
CA GLY I 253 29.64 -30.79 11.45
C GLY I 253 30.06 -30.14 10.13
N LEU I 254 29.70 -28.86 9.98
CA LEU I 254 29.86 -28.15 8.72
C LEU I 254 31.35 -27.97 8.46
N GLU I 255 32.09 -27.50 9.47
CA GLU I 255 33.50 -27.21 9.29
C GLU I 255 34.25 -28.48 8.91
N VAL I 256 33.97 -29.58 9.62
CA VAL I 256 34.61 -30.85 9.32
C VAL I 256 34.36 -31.19 7.86
N CYS I 257 33.08 -31.24 7.44
CA CYS I 257 32.73 -31.71 6.11
C CYS I 257 33.24 -30.77 5.03
N ALA I 258 33.23 -29.47 5.30
CA ALA I 258 33.61 -28.49 4.30
C ALA I 258 35.10 -28.58 4.00
N ASN I 259 35.91 -28.58 5.06
CA ASN I 259 37.35 -28.66 4.91
C ASN I 259 37.72 -29.92 4.15
N GLU I 260 37.06 -31.02 4.49
CA GLU I 260 37.36 -32.29 3.87
C GLU I 260 37.11 -32.19 2.35
N ILE I 261 35.95 -31.66 1.93
CA ILE I 261 35.67 -31.66 0.50
C ILE I 261 36.38 -30.52 -0.22
N PHE I 262 36.74 -29.42 0.46
CA PHE I 262 37.59 -28.40 -0.17
C PHE I 262 38.99 -28.94 -0.44
N GLU I 263 39.50 -29.81 0.45
CA GLU I 263 40.78 -30.47 0.23
C GLU I 263 40.67 -31.38 -0.98
N ARG I 264 39.60 -32.18 -1.04
CA ARG I 264 39.38 -33.12 -2.12
C ARG I 264 39.40 -32.38 -3.47
N VAL I 265 38.56 -31.34 -3.63
CA VAL I 265 38.36 -30.73 -4.94
C VAL I 265 39.55 -29.85 -5.33
N LYS I 266 40.41 -29.46 -4.37
CA LYS I 266 41.59 -28.66 -4.69
C LYS I 266 42.86 -29.51 -4.85
N LYS I 267 42.79 -30.81 -4.57
CA LYS I 267 43.98 -31.65 -4.51
C LYS I 267 44.51 -31.92 -5.92
N ASP I 268 45.69 -31.38 -6.23
CA ASP I 268 46.34 -31.53 -7.54
C ASP I 268 45.46 -30.92 -8.62
N THR I 269 44.88 -29.75 -8.31
CA THR I 269 44.12 -28.98 -9.27
C THR I 269 44.75 -27.60 -9.38
N ASP I 270 44.58 -26.99 -10.56
CA ASP I 270 45.12 -25.66 -10.81
C ASP I 270 44.06 -24.61 -10.50
N SER I 271 42.79 -24.99 -10.71
CA SER I 271 41.69 -24.05 -10.55
C SER I 271 40.51 -24.79 -9.92
N LEU I 272 39.60 -23.98 -9.33
CA LEU I 272 38.40 -24.49 -8.70
C LEU I 272 37.18 -23.66 -9.15
N TYR I 273 36.21 -24.39 -9.71
CA TYR I 273 34.89 -23.86 -9.93
C TYR I 273 33.99 -24.24 -8.75
N PHE I 274 33.32 -23.25 -8.16
CA PHE I 274 32.41 -23.43 -7.03
C PHE I 274 31.07 -22.79 -7.39
N THR I 275 30.05 -23.63 -7.63
CA THR I 275 28.68 -23.17 -7.83
C THR I 275 27.88 -23.35 -6.54
N TRP I 276 27.09 -22.33 -6.16
CA TRP I 276 26.32 -22.33 -4.92
C TRP I 276 24.87 -21.91 -5.18
N ASP I 277 23.95 -22.87 -5.09
CA ASP I 277 22.51 -22.65 -5.25
C ASP I 277 21.94 -22.16 -3.93
N THR I 278 21.22 -21.04 -3.98
CA THR I 278 20.66 -20.46 -2.78
C THR I 278 19.58 -21.36 -2.18
N ASP I 279 19.15 -22.44 -2.88
CA ASP I 279 18.21 -23.32 -2.22
C ASP I 279 18.91 -24.36 -1.33
N SER I 280 20.24 -24.35 -1.30
CA SER I 280 21.00 -25.02 -0.27
C SER I 280 20.65 -24.42 1.11
N ILE I 281 20.23 -23.15 1.10
CA ILE I 281 19.87 -22.42 2.31
C ILE I 281 18.49 -22.85 2.78
N ASP I 282 18.31 -22.96 4.09
CA ASP I 282 16.99 -23.27 4.61
C ASP I 282 15.97 -22.24 4.15
N ILE I 283 14.76 -22.71 3.78
CA ILE I 283 13.70 -21.85 3.28
C ILE I 283 13.40 -20.72 4.27
N SER I 284 13.67 -20.95 5.55
CA SER I 284 13.35 -19.96 6.57
C SER I 284 14.21 -18.72 6.35
N CYS I 285 15.37 -18.90 5.70
CA CYS I 285 16.37 -17.87 5.51
C CYS I 285 16.38 -17.27 4.10
N MET I 286 15.71 -17.95 3.16
CA MET I 286 15.77 -17.63 1.75
C MET I 286 14.47 -18.09 1.10
N PRO I 287 13.31 -17.47 1.41
CA PRO I 287 12.06 -17.76 0.71
C PRO I 287 12.06 -17.42 -0.78
N GLY I 288 12.93 -16.47 -1.17
CA GLY I 288 12.95 -15.98 -2.53
C GLY I 288 13.82 -16.87 -3.42
N ASN I 289 13.24 -17.99 -3.88
CA ASN I 289 14.01 -18.97 -4.62
C ASN I 289 13.11 -19.70 -5.61
N SER I 290 13.71 -20.22 -6.67
CA SER I 290 12.99 -20.97 -7.69
C SER I 290 12.30 -22.20 -7.07
N ALA I 291 13.03 -22.97 -6.26
CA ALA I 291 12.49 -24.17 -5.65
C ALA I 291 12.99 -24.27 -4.21
N PRO I 292 12.48 -23.44 -3.28
CA PRO I 292 13.02 -23.37 -1.93
C PRO I 292 12.74 -24.67 -1.17
N GLU I 293 13.60 -25.00 -0.19
CA GLU I 293 13.51 -26.27 0.50
C GLU I 293 13.83 -26.11 1.98
N CYS I 294 13.02 -26.75 2.82
CA CYS I 294 13.35 -26.89 4.23
C CYS I 294 14.55 -27.81 4.41
N TYR I 295 15.02 -27.91 5.66
CA TYR I 295 16.07 -28.81 6.07
C TYR I 295 17.39 -28.42 5.38
N GLY I 296 17.75 -27.14 5.46
CA GLY I 296 18.97 -26.63 4.83
C GLY I 296 19.88 -25.88 5.80
N LEU I 297 20.86 -25.18 5.24
CA LEU I 297 21.76 -24.30 5.98
C LEU I 297 20.97 -23.23 6.73
N LYS I 298 21.35 -23.02 7.99
CA LYS I 298 20.88 -21.88 8.76
C LYS I 298 21.70 -20.66 8.42
N GLY I 299 21.20 -19.49 8.81
CA GLY I 299 21.84 -18.22 8.50
C GLY I 299 23.32 -18.24 8.84
N ARG I 300 23.63 -18.55 10.12
CA ARG I 300 25.00 -18.56 10.59
C ARG I 300 25.86 -19.59 9.84
N GLU I 301 25.26 -20.71 9.38
CA GLU I 301 26.01 -21.73 8.67
C GLU I 301 26.32 -21.28 7.25
N VAL I 302 25.44 -20.46 6.64
CA VAL I 302 25.76 -19.93 5.34
C VAL I 302 27.02 -19.06 5.47
N ILE I 303 27.02 -18.11 6.44
CA ILE I 303 28.20 -17.27 6.65
C ILE I 303 29.45 -18.12 6.89
N GLN I 304 29.33 -19.15 7.73
CA GLN I 304 30.46 -20.03 8.05
C GLN I 304 30.99 -20.71 6.78
N LEU I 305 30.09 -21.15 5.89
CA LEU I 305 30.55 -21.87 4.72
C LEU I 305 31.28 -20.90 3.79
N ALA I 306 30.76 -19.66 3.71
CA ALA I 306 31.39 -18.62 2.92
C ALA I 306 32.80 -18.36 3.45
N ARG I 307 32.94 -18.29 4.78
CA ARG I 307 34.22 -18.07 5.43
C ARG I 307 35.20 -19.19 5.04
N ILE I 308 34.73 -20.43 5.12
CA ILE I 308 35.57 -21.59 4.89
C ILE I 308 35.98 -21.60 3.42
N ALA I 309 35.00 -21.34 2.54
CA ALA I 309 35.24 -21.26 1.11
C ALA I 309 36.32 -20.25 0.79
N GLY I 310 36.25 -19.11 1.47
CA GLY I 310 37.25 -18.06 1.39
C GLY I 310 38.64 -18.54 1.79
N ARG I 311 38.76 -19.26 2.90
CA ARG I 311 40.07 -19.70 3.34
C ARG I 311 40.75 -20.56 2.26
N HIS I 312 39.98 -21.46 1.63
CA HIS I 312 40.52 -22.37 0.64
C HIS I 312 40.71 -21.66 -0.71
N GLY I 313 39.73 -20.84 -1.11
CA GLY I 313 39.80 -20.03 -2.31
C GLY I 313 39.28 -20.76 -3.54
N CYS I 314 38.67 -20.01 -4.46
CA CYS I 314 38.25 -20.56 -5.74
C CYS I 314 38.52 -19.53 -6.83
N ASP I 315 38.36 -19.96 -8.10
CA ASP I 315 38.65 -19.11 -9.23
C ASP I 315 37.38 -18.42 -9.67
N ILE I 316 36.32 -19.22 -9.77
CA ILE I 316 34.97 -18.73 -9.96
C ILE I 316 34.07 -19.22 -8.83
N LEU I 317 33.44 -18.27 -8.13
CA LEU I 317 32.28 -18.54 -7.28
C LEU I 317 31.01 -18.06 -7.99
N ASP I 318 30.05 -18.97 -8.25
CA ASP I 318 28.77 -18.55 -8.79
C ASP I 318 27.69 -18.76 -7.73
N ILE I 319 26.67 -17.90 -7.75
CA ILE I 319 25.52 -17.96 -6.86
C ILE I 319 24.26 -17.80 -7.70
N VAL I 320 23.35 -18.78 -7.61
CA VAL I 320 22.23 -18.88 -8.52
C VAL I 320 20.92 -19.02 -7.76
N GLU I 321 19.83 -18.74 -8.51
CA GLU I 321 18.43 -19.06 -8.25
C GLU I 321 17.80 -18.10 -7.22
N PHE I 322 18.39 -16.92 -6.93
CA PHE I 322 17.73 -15.95 -6.04
C PHE I 322 16.60 -15.24 -6.80
N CYS I 323 15.37 -15.31 -6.25
CA CYS I 323 14.18 -14.76 -6.88
C CYS I 323 13.55 -13.72 -5.94
N PRO I 324 13.88 -12.42 -6.09
CA PRO I 324 13.42 -11.41 -5.15
C PRO I 324 11.92 -11.16 -5.13
N TYR I 325 11.25 -11.46 -6.25
CA TYR I 325 9.79 -11.32 -6.36
C TYR I 325 9.07 -12.17 -5.31
N PHE I 326 9.60 -13.34 -4.96
CA PHE I 326 8.97 -14.21 -3.99
C PHE I 326 9.57 -13.94 -2.60
N ASP I 327 9.97 -12.69 -2.35
CA ASP I 327 10.50 -12.30 -1.05
C ASP I 327 10.07 -10.86 -0.79
N PRO I 328 9.08 -10.64 0.10
CA PRO I 328 8.64 -9.27 0.43
C PRO I 328 9.60 -8.48 1.32
N SER I 329 10.60 -9.15 1.92
CA SER I 329 11.58 -8.49 2.77
C SER I 329 12.90 -8.27 2.01
N GLN I 330 13.91 -7.77 2.72
CA GLN I 330 15.25 -7.67 2.19
C GLN I 330 16.10 -8.92 2.54
N ILE I 331 15.51 -9.99 3.12
CA ILE I 331 16.36 -11.01 3.73
C ILE I 331 17.16 -11.78 2.68
N GLY I 332 16.58 -12.05 1.51
CA GLY I 332 17.24 -12.84 0.48
C GLY I 332 18.47 -12.11 -0.07
N ALA I 333 18.24 -10.84 -0.45
CA ALA I 333 19.24 -10.06 -1.11
C ALA I 333 20.42 -9.83 -0.18
N LYS I 334 20.13 -9.54 1.08
CA LYS I 334 21.18 -9.27 2.05
C LYS I 334 21.89 -10.57 2.41
N MET I 335 21.17 -11.70 2.39
CA MET I 335 21.84 -12.97 2.56
C MET I 335 22.85 -13.19 1.43
N THR I 336 22.47 -12.88 0.19
CA THR I 336 23.34 -13.10 -0.95
C THR I 336 24.49 -12.08 -0.94
N VAL I 337 24.27 -10.89 -0.38
CA VAL I 337 25.38 -9.97 -0.25
C VAL I 337 26.42 -10.61 0.65
N ASN I 338 25.98 -11.18 1.78
CA ASN I 338 26.92 -11.65 2.79
C ASN I 338 27.66 -12.92 2.35
N MET I 339 27.04 -13.69 1.46
CA MET I 339 27.67 -14.88 0.91
C MET I 339 28.97 -14.46 0.23
N ILE I 340 28.87 -13.36 -0.51
CA ILE I 340 29.97 -12.84 -1.31
C ILE I 340 30.97 -12.13 -0.41
N TYR I 341 30.47 -11.27 0.48
CA TYR I 341 31.34 -10.41 1.26
C TYR I 341 32.14 -11.26 2.27
N HIS I 342 31.54 -12.34 2.81
CA HIS I 342 32.26 -13.19 3.76
C HIS I 342 33.29 -14.05 3.02
N TYR I 343 32.97 -14.51 1.80
CA TYR I 343 33.97 -15.18 0.99
C TYR I 343 35.15 -14.25 0.72
N LEU I 344 34.90 -13.00 0.32
CA LEU I 344 36.01 -12.10 -0.02
C LEU I 344 36.78 -11.70 1.23
N GLY I 345 36.08 -11.40 2.33
CA GLY I 345 36.76 -11.01 3.55
C GLY I 345 37.69 -12.11 4.07
N SER I 346 37.25 -13.36 3.92
CA SER I 346 37.97 -14.53 4.42
C SER I 346 39.13 -14.83 3.48
N ARG I 347 38.88 -14.78 2.17
CA ARG I 347 39.93 -14.89 1.15
C ARG I 347 41.04 -13.88 1.42
N ALA I 348 40.67 -12.61 1.69
CA ALA I 348 41.67 -11.57 1.86
C ALA I 348 42.49 -11.82 3.12
N GLN I 349 41.81 -12.17 4.22
CA GLN I 349 42.49 -12.38 5.49
C GLN I 349 43.47 -13.55 5.36
N THR I 350 43.04 -14.63 4.69
CA THR I 350 43.86 -15.80 4.43
C THR I 350 45.08 -15.42 3.59
N LEU I 351 44.87 -14.59 2.56
CA LEU I 351 45.93 -14.15 1.67
C LEU I 351 46.92 -13.26 2.41
N ARG I 352 46.41 -12.41 3.32
CA ARG I 352 47.26 -11.47 4.03
C ARG I 352 48.10 -12.21 5.09
N GLN I 353 47.60 -13.37 5.57
CA GLN I 353 48.32 -14.15 6.57
C GLN I 353 49.38 -15.03 5.88
N GLN I 354 49.70 -14.73 4.63
CA GLN I 354 50.69 -15.48 3.89
C GLN I 354 51.66 -14.52 3.18
N GLY I 355 51.60 -13.22 3.53
CA GLY I 355 52.55 -12.22 3.07
C GLY I 355 52.17 -11.57 1.73
N LYS I 356 50.88 -11.26 1.54
CA LYS I 356 50.38 -10.68 0.29
C LYS I 356 49.40 -9.54 0.60
N LYS J 11 44.42 71.93 58.81
CA LYS J 11 43.57 70.92 58.11
C LYS J 11 42.74 70.14 59.15
N TRP J 12 43.39 69.66 60.23
CA TRP J 12 42.66 69.08 61.34
C TRP J 12 42.34 70.18 62.35
N GLN J 13 41.17 70.81 62.21
CA GLN J 13 40.83 71.93 63.07
C GLN J 13 39.36 71.89 63.44
N PHE J 14 39.05 72.43 64.64
CA PHE J 14 37.71 72.46 65.21
C PHE J 14 37.69 73.64 66.17
N THR J 15 36.54 74.26 66.43
CA THR J 15 36.57 75.29 67.46
C THR J 15 36.02 74.69 68.74
N PRO J 16 36.72 74.88 69.88
CA PRO J 16 36.25 74.35 71.15
C PRO J 16 34.86 74.92 71.44
N HIS J 17 33.92 74.02 71.75
CA HIS J 17 32.57 74.41 72.10
C HIS J 17 31.84 75.04 70.90
N GLN J 18 32.27 74.67 69.68
CA GLN J 18 31.58 74.85 68.40
C GLN J 18 31.56 76.28 67.87
N HIS J 19 31.13 77.25 68.68
CA HIS J 19 30.55 78.46 68.12
C HIS J 19 31.66 79.40 67.66
N ARG J 20 31.50 79.92 66.44
CA ARG J 20 32.39 80.93 65.91
C ARG J 20 31.72 82.30 66.02
N GLY J 21 32.15 83.28 65.20
CA GLY J 21 31.66 84.63 65.32
C GLY J 21 32.28 85.35 66.52
N PRO J 22 31.79 86.56 66.87
CA PRO J 22 32.35 87.39 67.95
C PRO J 22 32.81 86.73 69.25
N ALA J 23 32.05 85.76 69.77
CA ALA J 23 32.40 85.14 71.05
C ALA J 23 33.05 83.78 70.83
N GLU J 24 33.71 83.57 69.69
CA GLU J 24 34.46 82.34 69.44
C GLU J 24 35.48 82.09 70.54
N GLN J 25 35.67 80.81 70.87
CA GLN J 25 36.76 80.43 71.74
C GLN J 25 37.88 79.88 70.88
N PHE J 26 39.06 80.44 71.11
CA PHE J 26 40.34 79.88 70.70
C PHE J 26 41.02 79.56 72.02
N GLY J 27 41.89 78.57 72.01
CA GLY J 27 42.19 77.87 73.24
C GLY J 27 42.34 76.41 72.90
N GLU J 28 43.60 75.97 72.82
CA GLU J 28 43.95 74.71 72.21
C GLU J 28 43.41 73.59 73.07
N ASN J 29 43.12 73.87 74.36
CA ASN J 29 42.62 72.83 75.25
C ASN J 29 41.22 73.20 75.79
N ASP J 30 40.61 74.25 75.24
CA ASP J 30 39.35 74.78 75.77
C ASP J 30 38.25 73.70 75.76
N HIS J 31 38.35 72.69 74.88
CA HIS J 31 37.29 71.69 74.71
C HIS J 31 37.23 70.67 75.84
N ILE J 32 38.24 70.71 76.71
CA ILE J 32 38.45 69.81 77.83
C ILE J 32 37.86 70.41 79.10
N TYR J 33 37.52 71.71 79.06
CA TYR J 33 37.21 72.47 80.26
C TYR J 33 35.83 73.08 80.16
N SER J 34 35.23 73.37 81.32
CA SER J 34 34.03 74.18 81.36
C SER J 34 34.16 75.25 80.28
N PRO J 35 33.08 75.53 79.51
CA PRO J 35 33.12 76.56 78.47
C PRO J 35 33.10 77.94 79.14
N LYS J 36 33.79 78.90 78.52
CA LYS J 36 34.18 80.15 79.20
C LYS J 36 33.28 81.31 78.78
N LEU J 37 33.09 81.48 77.45
CA LEU J 37 32.42 82.63 76.88
C LEU J 37 30.92 82.38 76.66
N HIS J 38 30.52 81.10 76.65
CA HIS J 38 29.16 80.72 76.31
C HIS J 38 28.93 79.28 76.76
N ASN J 39 27.77 78.72 76.38
CA ASN J 39 27.29 77.43 76.85
C ASN J 39 27.63 76.32 75.86
N GLY J 40 28.33 76.63 74.78
CA GLY J 40 28.65 75.62 73.76
C GLY J 40 27.38 74.93 73.22
N SER J 41 27.47 73.59 73.07
CA SER J 41 26.44 72.72 72.52
C SER J 41 25.54 72.06 73.56
N PHE J 42 25.73 72.35 74.86
CA PHE J 42 25.20 71.49 75.92
C PHE J 42 23.69 71.53 76.00
N LYS J 43 23.09 72.59 75.45
CA LYS J 43 21.66 72.78 75.50
C LYS J 43 21.06 72.66 74.09
N SER J 44 21.70 73.35 73.14
CA SER J 44 21.24 73.52 71.78
C SER J 44 22.33 72.99 70.86
N ARG J 45 21.95 72.06 69.98
CA ARG J 45 22.92 71.21 69.28
C ARG J 45 23.74 72.02 68.27
N GLY J 46 23.12 73.02 67.63
CA GLY J 46 23.74 73.72 66.52
C GLY J 46 24.16 72.76 65.41
N LEU J 47 25.41 72.88 64.94
CA LEU J 47 25.90 72.10 63.81
C LEU J 47 26.93 71.09 64.29
N ALA J 48 26.64 70.40 65.40
CA ALA J 48 27.59 69.53 66.05
C ALA J 48 27.88 68.32 65.16
N THR J 49 29.16 67.94 65.11
CA THR J 49 29.63 66.68 64.55
C THR J 49 29.85 65.72 65.70
N PHE J 50 30.13 64.44 65.39
CA PHE J 50 30.48 63.48 66.41
C PHE J 50 31.66 64.01 67.24
N MET J 51 31.45 64.14 68.55
CA MET J 51 32.48 64.57 69.50
C MET J 51 32.88 66.02 69.25
N GLY J 52 32.19 66.72 68.34
CA GLY J 52 32.64 68.04 67.91
C GLY J 52 33.94 67.95 67.12
N ALA J 53 34.23 66.75 66.60
CA ALA J 53 35.44 66.53 65.85
C ALA J 53 35.38 67.28 64.52
N PRO J 54 36.55 67.56 63.89
CA PRO J 54 36.55 68.07 62.53
C PRO J 54 35.84 67.13 61.57
N TYR J 55 35.10 67.72 60.62
CA TYR J 55 34.66 66.96 59.48
C TYR J 55 35.88 66.64 58.61
N CYS J 56 35.91 65.41 58.10
CA CYS J 56 36.92 64.98 57.16
C CYS J 56 36.28 64.01 56.18
N PRO J 57 36.28 64.30 54.87
CA PRO J 57 35.71 63.39 53.89
C PRO J 57 36.31 62.01 54.06
N PRO J 58 35.52 60.93 53.81
CA PRO J 58 36.05 59.57 53.85
C PRO J 58 36.93 59.34 52.63
N ASP J 59 38.16 59.91 52.71
CA ASP J 59 39.13 59.87 51.63
C ASP J 59 40.55 59.75 52.19
N ARG J 60 41.31 58.77 51.68
CA ARG J 60 42.59 58.39 52.28
C ARG J 60 43.58 59.56 52.31
N HIS J 61 43.57 60.40 51.27
CA HIS J 61 44.43 61.58 51.23
C HIS J 61 44.08 62.56 52.36
N LYS J 62 42.79 62.91 52.49
CA LYS J 62 42.37 63.94 53.43
C LYS J 62 42.58 63.46 54.87
N ILE J 63 42.30 62.16 55.11
CA ILE J 63 42.49 61.54 56.40
C ILE J 63 43.97 61.57 56.79
N ARG J 64 44.85 61.13 55.86
CA ARG J 64 46.29 61.13 56.08
C ARG J 64 46.79 62.53 56.41
N GLU J 65 46.38 63.53 55.62
CA GLU J 65 46.91 64.87 55.80
C GLU J 65 46.54 65.41 57.17
N MET J 66 45.35 65.04 57.67
CA MET J 66 44.91 65.49 58.98
C MET J 66 45.62 64.72 60.10
N GLY J 67 46.04 63.47 59.79
CA GLY J 67 46.76 62.63 60.74
C GLY J 67 45.81 61.98 61.72
N ALA J 68 44.65 61.60 61.19
CA ALA J 68 43.50 61.13 61.95
C ALA J 68 43.63 59.63 62.20
N LYS J 69 43.51 59.22 63.46
CA LYS J 69 43.77 57.85 63.86
C LYS J 69 42.45 57.11 64.17
N ILE J 70 41.36 57.88 64.43
CA ILE J 70 40.02 57.32 64.42
C ILE J 70 39.11 58.10 63.46
N CYS J 71 38.45 57.32 62.61
CA CYS J 71 37.33 57.80 61.81
C CYS J 71 36.01 57.29 62.38
N PHE J 72 35.16 58.24 62.81
CA PHE J 72 33.75 57.96 63.00
C PHE J 72 33.03 58.05 61.65
N LEU J 73 32.49 56.93 61.19
CA LEU J 73 31.73 56.93 59.94
C LEU J 73 30.40 56.23 60.18
N ALA J 74 29.31 56.95 59.89
CA ALA J 74 27.98 56.40 60.05
C ALA J 74 27.62 55.61 58.80
N VAL J 75 26.94 54.48 59.00
CA VAL J 75 26.38 53.66 57.94
C VAL J 75 24.91 53.44 58.25
N PRO J 76 24.01 54.40 57.95
CA PRO J 76 22.61 54.29 58.36
C PRO J 76 21.79 53.26 57.60
N TRP J 77 22.37 52.67 56.55
CA TRP J 77 21.67 51.64 55.79
C TRP J 77 20.80 50.74 56.68
N ASP J 78 19.49 50.73 56.46
CA ASP J 78 18.59 49.90 57.25
C ASP J 78 17.61 49.15 56.34
N GLN J 79 18.00 48.88 55.10
CA GLN J 79 17.14 48.10 54.19
C GLN J 79 17.87 46.85 53.72
N GLY J 80 18.78 46.35 54.58
CA GLY J 80 19.36 45.04 54.39
C GLY J 80 18.94 44.06 55.48
N GLN J 81 17.70 44.20 55.96
CA GLN J 81 17.36 43.52 57.20
C GLN J 81 15.90 43.11 57.22
N ILE J 82 15.62 42.15 58.10
CA ILE J 82 14.49 41.25 57.97
C ILE J 82 13.40 41.63 58.97
N VAL J 83 13.77 42.44 59.99
CA VAL J 83 12.91 42.76 61.12
C VAL J 83 12.12 44.04 60.79
N ARG J 84 12.58 45.22 61.25
CA ARG J 84 11.96 46.50 60.91
C ARG J 84 13.02 47.58 60.68
N ALA J 85 12.69 48.47 59.74
CA ALA J 85 13.46 49.68 59.48
C ALA J 85 13.44 50.57 60.72
N GLY J 86 14.41 51.46 60.82
CA GLY J 86 14.44 52.42 61.92
C GLY J 86 15.87 52.81 62.28
N ALA J 87 16.82 51.88 62.05
CA ALA J 87 18.20 52.09 62.44
C ALA J 87 18.82 53.21 61.61
N SER J 88 18.15 53.60 60.52
CA SER J 88 18.59 54.72 59.71
C SER J 88 18.63 56.04 60.51
N GLN J 89 17.94 56.10 61.65
CA GLN J 89 17.80 57.36 62.39
C GLN J 89 18.76 57.44 63.57
N GLY J 90 19.51 56.36 63.80
CA GLY J 90 20.31 56.23 65.00
C GLY J 90 21.47 57.22 65.04
N ALA J 91 22.23 57.29 63.94
CA ALA J 91 23.40 58.13 63.84
C ALA J 91 23.12 59.59 64.21
N ALA J 92 21.97 60.13 63.80
CA ALA J 92 21.65 61.52 64.12
C ALA J 92 21.47 61.68 65.63
N ALA J 93 20.88 60.67 66.27
CA ALA J 93 20.64 60.72 67.72
C ALA J 93 21.96 60.56 68.47
N LEU J 94 22.82 59.64 68.00
CA LEU J 94 24.19 59.51 68.51
C LEU J 94 24.93 60.85 68.45
N ARG J 95 24.92 61.53 67.30
CA ARG J 95 25.67 62.76 67.14
C ARG J 95 25.15 63.81 68.13
N ASP J 96 23.84 64.05 68.14
CA ASP J 96 23.16 64.90 69.12
C ASP J 96 23.56 64.57 70.56
N ALA J 97 23.56 63.26 70.92
CA ALA J 97 23.88 62.87 72.27
C ALA J 97 25.32 63.27 72.68
N THR J 98 26.28 63.25 71.74
CA THR J 98 27.67 63.63 72.04
C THR J 98 27.76 65.10 72.48
N THR J 99 26.80 65.95 72.13
CA THR J 99 26.81 67.32 72.65
C THR J 99 26.56 67.34 74.15
N GLN J 100 26.18 66.20 74.73
CA GLN J 100 25.87 66.16 76.16
C GLN J 100 27.09 65.75 76.99
N TYR J 101 28.25 65.60 76.35
CA TYR J 101 29.47 65.16 76.99
C TYR J 101 30.65 65.99 76.50
N PHE J 102 31.72 66.08 77.31
CA PHE J 102 33.00 66.58 76.83
C PHE J 102 33.76 65.42 76.20
N PRO J 103 34.73 65.70 75.29
CA PRO J 103 35.58 64.65 74.73
C PRO J 103 36.67 64.16 75.69
N TYR J 104 36.84 64.84 76.83
CA TYR J 104 37.69 64.38 77.92
C TYR J 104 36.95 63.42 78.85
N MET J 105 37.60 62.32 79.23
CA MET J 105 37.01 61.31 80.10
C MET J 105 37.85 61.19 81.36
N PHE J 106 37.32 61.65 82.49
CA PHE J 106 38.09 61.67 83.71
C PHE J 106 38.38 60.27 84.22
N GLU J 107 37.53 59.29 83.92
CA GLU J 107 37.72 57.93 84.42
C GLU J 107 39.02 57.36 83.84
N TYR J 108 39.50 57.90 82.71
CA TYR J 108 40.70 57.41 82.07
C TYR J 108 41.79 58.49 81.98
N ASP J 109 41.50 59.71 82.45
CA ASP J 109 42.37 60.87 82.27
C ASP J 109 42.90 60.97 80.84
N VAL J 110 41.99 60.97 79.84
CA VAL J 110 42.39 61.20 78.46
C VAL J 110 41.41 62.14 77.77
N ASP J 111 41.99 63.03 76.94
CA ASP J 111 41.28 63.81 75.95
C ASP J 111 41.16 62.96 74.70
N LEU J 112 39.97 62.43 74.42
CA LEU J 112 39.81 61.46 73.35
C LEU J 112 40.08 62.14 72.00
N LEU J 113 39.78 63.44 71.93
CA LEU J 113 39.68 64.12 70.66
C LEU J 113 41.09 64.31 70.09
N SER J 114 41.98 64.86 70.94
CA SER J 114 43.37 65.11 70.60
C SER J 114 44.19 63.83 70.65
N PHE J 115 43.84 62.90 71.53
CA PHE J 115 44.60 61.68 71.64
C PHE J 115 44.56 60.92 70.32
N PHE J 116 43.39 60.85 69.68
CA PHE J 116 43.21 60.02 68.49
C PHE J 116 43.11 60.86 67.22
N ARG J 117 43.12 62.20 67.36
CA ARG J 117 42.77 63.08 66.27
C ARG J 117 41.52 62.54 65.58
N VAL J 118 40.42 62.42 66.34
CA VAL J 118 39.25 61.77 65.78
C VAL J 118 38.61 62.73 64.78
N VAL J 119 38.06 62.15 63.70
CA VAL J 119 37.29 62.92 62.74
C VAL J 119 35.94 62.26 62.53
N ASP J 120 34.97 63.07 62.10
CA ASP J 120 33.67 62.60 61.69
C ASP J 120 33.64 62.55 60.17
N CYS J 121 33.48 61.37 59.58
CA CYS J 121 33.52 61.22 58.14
C CYS J 121 32.11 61.27 57.53
N GLY J 122 31.16 61.85 58.27
CA GLY J 122 29.79 61.93 57.80
C GLY J 122 29.19 60.54 57.64
N ASP J 123 28.31 60.39 56.66
CA ASP J 123 27.52 59.19 56.51
C ASP J 123 27.91 58.49 55.22
N VAL J 124 27.77 57.15 55.19
CA VAL J 124 27.89 56.40 53.95
C VAL J 124 26.57 56.53 53.20
N PRO J 125 26.58 56.93 51.90
CA PRO J 125 25.36 56.98 51.11
C PRO J 125 24.69 55.62 50.88
N THR J 126 23.40 55.67 50.53
CA THR J 126 22.61 54.47 50.30
C THR J 126 21.94 54.53 48.92
N VAL J 127 21.65 53.34 48.41
CA VAL J 127 20.85 53.18 47.22
C VAL J 127 19.64 52.39 47.67
N PRO J 128 18.56 53.11 48.04
CA PRO J 128 17.36 52.48 48.59
C PRO J 128 16.91 51.32 47.72
N GLY J 129 16.52 50.22 48.35
CA GLY J 129 16.11 49.02 47.64
C GLY J 129 17.30 48.14 47.23
N ASN J 130 18.54 48.68 47.24
CA ASN J 130 19.69 48.03 46.62
C ASN J 130 20.76 47.66 47.67
N ASN J 131 20.55 46.51 48.30
CA ASN J 131 21.43 46.03 49.35
C ASN J 131 22.82 45.78 48.78
N ILE J 132 22.92 45.22 47.57
CA ILE J 132 24.23 44.90 47.01
C ILE J 132 25.05 46.18 46.82
N LYS J 133 24.50 47.15 46.11
CA LYS J 133 25.24 48.35 45.77
C LYS J 133 25.53 49.19 47.01
N SER J 134 24.57 49.20 47.95
CA SER J 134 24.70 49.92 49.21
C SER J 134 25.82 49.29 50.05
N GLN J 135 25.87 47.95 50.11
CA GLN J 135 26.98 47.27 50.78
C GLN J 135 28.33 47.57 50.12
N GLU J 136 28.41 47.62 48.79
CA GLU J 136 29.66 47.94 48.13
C GLU J 136 30.11 49.36 48.49
N TYR J 137 29.16 50.29 48.48
CA TYR J 137 29.45 51.66 48.91
C TYR J 137 30.08 51.64 50.31
N THR J 138 29.60 50.75 51.17
CA THR J 138 30.07 50.68 52.55
C THR J 138 31.53 50.23 52.54
N ALA J 139 31.78 49.06 51.95
CA ALA J 139 33.13 48.56 51.74
C ALA J 139 34.09 49.67 51.29
N ASP J 140 33.68 50.42 50.25
CA ASP J 140 34.53 51.41 49.65
C ASP J 140 34.77 52.58 50.61
N TYR J 141 33.75 52.96 51.40
CA TYR J 141 33.88 54.08 52.32
C TYR J 141 34.79 53.68 53.48
N VAL J 142 34.66 52.43 53.94
CA VAL J 142 35.48 51.90 55.01
C VAL J 142 36.96 51.85 54.56
N THR J 143 37.15 51.34 53.34
CA THR J 143 38.48 51.24 52.72
C THR J 143 39.18 52.60 52.77
N GLU J 144 38.52 53.69 52.37
CA GLU J 144 39.15 55.00 52.43
C GLU J 144 39.66 55.31 53.82
N CYS J 145 38.96 54.81 54.86
CA CYS J 145 39.31 55.13 56.24
C CYS J 145 40.57 54.38 56.65
N LEU J 146 40.60 53.05 56.43
CA LEU J 146 41.76 52.21 56.69
C LEU J 146 42.99 52.75 55.96
N GLU J 147 42.86 52.93 54.63
CA GLU J 147 43.97 53.31 53.77
C GLU J 147 44.49 54.69 54.14
N GLY J 148 43.71 55.44 54.95
CA GLY J 148 44.10 56.76 55.44
C GLY J 148 44.91 56.70 56.73
N GLY J 149 45.10 55.47 57.23
CA GLY J 149 45.93 55.21 58.40
C GLY J 149 45.17 55.34 59.71
N ALA J 150 43.83 55.11 59.68
CA ALA J 150 43.00 55.24 60.87
C ALA J 150 42.29 53.91 61.18
N LYS J 151 42.04 53.70 62.48
CA LYS J 151 41.04 52.76 62.96
C LYS J 151 39.65 53.40 62.86
N VAL J 152 38.63 52.54 62.83
CA VAL J 152 37.29 52.93 62.41
C VAL J 152 36.26 52.60 63.48
N ILE J 153 35.37 53.56 63.73
CA ILE J 153 34.14 53.31 64.47
C ILE J 153 32.98 53.50 63.50
N LEU J 154 32.26 52.40 63.27
CA LEU J 154 31.19 52.33 62.30
C LEU J 154 29.86 52.30 63.04
N PHE J 155 29.00 53.28 62.76
CA PHE J 155 27.73 53.37 63.46
C PHE J 155 26.58 53.06 62.52
N GLY J 156 25.89 51.95 62.77
CA GLY J 156 24.76 51.51 61.97
C GLY J 156 23.50 52.36 62.21
N GLY J 157 22.39 52.02 61.53
CA GLY J 157 22.32 51.01 60.47
C GLY J 157 22.00 49.62 61.01
N ASP J 158 21.35 48.79 60.17
CA ASP J 158 21.04 47.40 60.54
C ASP J 158 22.30 46.54 60.60
N HIS J 159 22.12 45.27 61.02
CA HIS J 159 23.28 44.41 61.29
C HIS J 159 23.84 43.74 60.03
N SER J 160 23.45 44.22 58.83
CA SER J 160 24.17 43.86 57.63
C SER J 160 25.54 44.51 57.65
N LEU J 161 25.72 45.53 58.51
CA LEU J 161 26.90 46.38 58.47
C LEU J 161 28.19 45.56 58.49
N PRO J 162 28.37 44.54 59.36
CA PRO J 162 29.63 43.77 59.38
C PRO J 162 30.03 43.03 58.10
N ILE J 163 29.08 42.76 57.19
CA ILE J 163 29.39 42.07 55.96
C ILE J 163 30.37 42.94 55.16
N PRO J 164 29.99 44.15 54.69
CA PRO J 164 30.97 45.09 54.13
C PRO J 164 32.11 45.51 55.07
N GLY J 165 31.81 45.64 56.36
CA GLY J 165 32.82 46.02 57.35
C GLY J 165 33.98 45.03 57.39
N ALA J 166 33.65 43.75 57.59
CA ALA J 166 34.65 42.68 57.67
C ALA J 166 35.40 42.59 56.33
N LYS J 167 34.63 42.44 55.24
CA LYS J 167 35.14 42.41 53.89
C LYS J 167 36.20 43.48 53.69
N ALA J 168 35.88 44.73 54.02
CA ALA J 168 36.83 45.83 53.88
C ALA J 168 38.08 45.60 54.71
N LEU J 169 37.90 45.15 55.97
CA LEU J 169 39.06 44.96 56.83
C LEU J 169 39.88 43.78 56.35
N SER J 170 39.22 42.69 55.91
CA SER J 170 39.92 41.54 55.35
C SER J 170 40.89 42.03 54.28
N ARG J 171 40.36 42.74 53.28
CA ARG J 171 41.13 43.16 52.13
C ARG J 171 42.32 44.03 52.54
N PHE J 172 42.12 44.92 53.52
CA PHE J 172 43.20 45.76 54.01
C PHE J 172 44.20 44.92 54.77
N THR J 173 43.78 43.74 55.23
CA THR J 173 44.65 42.90 56.05
C THR J 173 45.53 42.03 55.17
N GLY J 174 45.01 41.65 54.00
CA GLY J 174 45.80 41.03 52.94
C GLY J 174 46.25 39.61 53.28
N SER J 175 47.57 39.44 53.37
CA SER J 175 48.17 38.16 53.67
C SER J 175 48.10 37.85 55.17
N GLY J 176 47.93 38.88 56.00
CA GLY J 176 47.75 38.73 57.44
C GLY J 176 46.47 37.97 57.79
N LYS J 177 46.21 37.83 59.10
CA LYS J 177 44.98 37.18 59.57
C LYS J 177 44.13 38.18 60.36
N MET J 178 42.79 38.06 60.29
CA MET J 178 41.92 38.87 61.15
C MET J 178 40.92 38.00 61.91
N GLY J 179 40.58 38.47 63.11
CA GLY J 179 39.52 37.87 63.93
C GLY J 179 38.18 38.59 63.75
N TYR J 180 37.10 37.89 64.14
CA TYR J 180 35.76 38.42 64.07
C TYR J 180 35.03 38.13 65.37
N LEU J 181 34.72 39.19 66.14
CA LEU J 181 33.92 39.08 67.35
C LEU J 181 32.52 39.66 67.10
N HIS J 182 31.50 38.90 67.51
CA HIS J 182 30.11 39.25 67.28
C HIS J 182 29.33 39.20 68.60
N VAL J 183 28.90 40.37 69.08
CA VAL J 183 28.18 40.46 70.34
C VAL J 183 26.75 40.89 70.07
N ASP J 184 25.80 40.06 70.52
CA ASP J 184 24.44 40.08 69.99
C ASP J 184 23.63 39.10 70.82
N CYS J 185 22.30 39.31 70.94
CA CYS J 185 21.43 38.29 71.52
C CYS J 185 21.01 37.29 70.45
N HIS J 186 21.22 37.66 69.18
CA HIS J 186 20.95 36.81 68.03
C HIS J 186 22.26 36.24 67.49
N LEU J 187 22.20 34.99 67.01
CA LEU J 187 23.39 34.26 66.62
C LEU J 187 23.87 34.69 65.24
N ASP J 188 22.95 35.15 64.38
CA ASP J 188 23.28 35.74 63.09
C ASP J 188 24.19 34.83 62.26
N ALA J 189 23.76 33.58 62.08
CA ALA J 189 24.55 32.66 61.26
C ALA J 189 23.65 31.89 60.31
N ALA J 190 22.70 32.60 59.71
CA ALA J 190 21.93 32.08 58.60
C ALA J 190 22.87 31.88 57.42
N PRO J 191 22.98 30.66 56.85
CA PRO J 191 23.78 30.46 55.65
C PRO J 191 23.20 31.38 54.58
N ASP J 192 21.85 31.38 54.51
CA ASP J 192 21.11 32.36 53.74
C ASP J 192 19.73 32.51 54.35
N TRP J 193 19.16 33.72 54.22
CA TRP J 193 17.80 33.98 54.62
C TRP J 193 16.92 34.06 53.37
N ALA J 194 16.05 33.05 53.20
CA ALA J 194 15.18 32.94 52.04
C ALA J 194 16.00 33.09 50.74
N GLY J 195 17.23 32.58 50.74
CA GLY J 195 18.06 32.57 49.54
C GLY J 195 19.07 33.71 49.48
N ASN J 196 18.83 34.77 50.27
CA ASN J 196 19.69 35.95 50.32
C ASN J 196 20.87 35.65 51.26
N LEU J 197 22.08 35.98 50.81
CA LEU J 197 23.30 35.67 51.54
C LEU J 197 23.74 36.84 52.43
N ILE J 198 23.31 38.07 52.13
CA ILE J 198 23.91 39.24 52.76
C ILE J 198 22.88 40.12 53.46
N THR J 199 21.91 39.48 54.14
CA THR J 199 21.02 40.18 55.08
C THR J 199 21.69 40.25 56.44
N ASN J 200 21.01 40.91 57.39
CA ASN J 200 21.61 41.31 58.66
C ASN J 200 21.78 40.13 59.61
N CYS J 201 21.23 38.96 59.26
CA CYS J 201 21.38 37.76 60.07
C CYS J 201 22.32 36.75 59.39
N SER J 202 23.45 37.24 58.87
CA SER J 202 24.44 36.37 58.24
C SER J 202 25.85 36.93 58.40
N GLY J 203 26.03 37.87 59.33
CA GLY J 203 27.33 38.51 59.51
C GLY J 203 28.44 37.47 59.70
N ALA J 204 28.13 36.43 60.49
CA ALA J 204 29.13 35.49 60.97
C ALA J 204 29.61 34.56 59.84
N PRO J 205 28.73 33.80 59.14
CA PRO J 205 29.18 32.97 58.02
C PRO J 205 29.96 33.75 56.98
N ARG J 206 29.51 34.98 56.67
CA ARG J 206 30.13 35.81 55.65
C ARG J 206 31.54 36.20 56.04
N ALA J 207 31.78 36.44 57.34
CA ALA J 207 33.14 36.66 57.80
C ALA J 207 33.97 35.39 57.61
N LEU J 208 33.38 34.21 57.88
CA LEU J 208 34.12 32.96 57.76
C LEU J 208 34.59 32.73 56.32
N ASP J 209 33.85 33.26 55.33
CA ASP J 209 34.23 33.10 53.92
C ASP J 209 35.51 33.88 53.61
N LEU J 210 35.78 34.95 54.36
CA LEU J 210 36.91 35.81 54.02
C LEU J 210 38.19 34.98 54.15
N PRO J 211 39.08 35.00 53.11
CA PRO J 211 40.21 34.09 53.03
C PRO J 211 41.13 34.15 54.26
N ASN J 212 41.21 35.33 54.90
CA ASN J 212 42.09 35.53 56.04
C ASN J 212 41.29 35.60 57.35
N CYS J 213 40.03 35.12 57.35
CA CYS J 213 39.26 35.07 58.60
C CYS J 213 38.93 33.62 58.94
N ASN J 214 39.44 33.17 60.09
CA ASN J 214 39.50 31.75 60.43
C ASN J 214 38.67 31.47 61.68
N ALA J 215 37.90 30.37 61.60
CA ALA J 215 37.00 29.92 62.66
C ALA J 215 37.65 30.05 64.04
N ARG J 216 38.95 29.76 64.14
CA ARG J 216 39.64 29.73 65.41
C ARG J 216 39.89 31.15 65.94
N ASN J 217 39.72 32.18 65.10
CA ASN J 217 39.85 33.56 65.57
C ASN J 217 38.47 34.25 65.56
N MET J 218 37.39 33.46 65.62
CA MET J 218 36.03 33.98 65.61
C MET J 218 35.29 33.57 66.89
N ALA J 219 34.35 34.41 67.34
CA ALA J 219 33.67 34.20 68.60
C ALA J 219 32.35 34.99 68.64
N HIS J 220 31.38 34.47 69.41
CA HIS J 220 30.11 35.12 69.64
C HIS J 220 29.86 35.27 71.14
N MET J 221 29.18 36.36 71.54
CA MET J 221 28.80 36.60 72.93
C MET J 221 27.43 37.28 73.00
N GLY J 222 26.62 36.89 73.99
CA GLY J 222 25.41 37.62 74.35
C GLY J 222 24.11 36.88 74.08
N SER J 223 24.19 35.74 73.39
CA SER J 223 23.04 34.98 72.91
C SER J 223 22.09 34.64 74.05
N ARG J 224 20.78 34.70 73.76
CA ARG J 224 19.74 34.19 74.64
C ARG J 224 18.40 34.22 73.91
N ASN J 225 17.43 33.44 74.44
CA ASN J 225 16.03 33.48 74.03
C ASN J 225 15.87 32.88 72.64
N GLY J 226 14.63 32.92 72.11
CA GLY J 226 14.25 32.09 70.99
C GLY J 226 13.94 32.86 69.71
N LEU J 227 14.71 33.91 69.38
CA LEU J 227 14.81 34.35 68.00
C LEU J 227 16.17 33.90 67.48
N ASN J 228 16.31 32.58 67.38
CA ASN J 228 17.58 31.96 67.06
C ASN J 228 17.31 30.61 66.40
N PRO J 229 17.02 30.59 65.09
CA PRO J 229 16.80 29.32 64.40
C PRO J 229 17.96 28.35 64.61
N LYS J 230 17.63 27.06 64.55
CA LYS J 230 18.54 25.95 64.79
C LYS J 230 19.83 26.13 63.98
N ASP J 231 19.70 26.46 62.70
CA ASP J 231 20.85 26.54 61.82
C ASP J 231 21.86 27.58 62.30
N TRP J 232 21.40 28.62 63.02
CA TRP J 232 22.32 29.63 63.51
C TRP J 232 23.21 29.02 64.59
N TRP J 233 22.60 28.22 65.46
CA TRP J 233 23.35 27.47 66.46
C TRP J 233 24.29 26.48 65.78
N ASP J 234 23.77 25.76 64.79
CA ASP J 234 24.49 24.68 64.11
C ASP J 234 25.79 25.19 63.48
N PHE J 235 25.74 26.39 62.91
CA PHE J 235 26.92 27.00 62.31
C PHE J 235 28.10 27.04 63.28
N TYR J 236 27.82 27.33 64.56
CA TYR J 236 28.85 27.48 65.58
C TYR J 236 29.29 26.11 66.10
N VAL J 237 28.38 25.13 66.07
CA VAL J 237 28.71 23.74 66.38
C VAL J 237 29.60 23.16 65.28
N ASP J 238 29.11 23.16 64.03
CA ASP J 238 29.79 22.52 62.92
C ASP J 238 31.17 23.11 62.67
N ASN J 239 31.35 24.41 62.98
CA ASN J 239 32.62 25.08 62.69
C ASN J 239 33.45 25.26 63.96
N GLU J 240 32.99 24.74 65.09
CA GLU J 240 33.75 24.80 66.33
C GLU J 240 34.17 26.25 66.62
N ILE J 241 33.18 27.14 66.61
CA ILE J 241 33.38 28.55 66.95
C ILE J 241 32.76 28.81 68.32
N ARG J 242 33.55 29.39 69.23
CA ARG J 242 33.11 29.56 70.60
C ARG J 242 31.92 30.51 70.65
N VAL J 243 30.83 30.01 71.26
CA VAL J 243 29.72 30.82 71.71
C VAL J 243 29.77 30.89 73.23
N VAL J 244 29.66 32.13 73.76
CA VAL J 244 29.44 32.38 75.17
C VAL J 244 28.04 32.98 75.31
N THR J 245 27.08 32.17 75.72
CA THR J 245 25.73 32.68 75.91
C THR J 245 25.69 33.73 77.01
N MET J 246 24.58 34.47 77.08
CA MET J 246 24.36 35.39 78.17
C MET J 246 24.41 34.64 79.50
N SER J 247 23.87 33.42 79.52
CA SER J 247 23.83 32.58 80.72
C SER J 247 25.23 32.32 81.26
N GLU J 248 26.17 32.00 80.35
CA GLU J 248 27.54 31.70 80.73
C GLU J 248 28.24 32.97 81.24
N MET J 249 27.93 34.11 80.61
CA MET J 249 28.49 35.39 81.01
C MET J 249 28.05 35.73 82.44
N ILE J 250 26.81 35.35 82.82
CA ILE J 250 26.29 35.66 84.14
C ILE J 250 26.96 34.75 85.18
N GLU J 251 26.97 33.45 84.90
CA GLU J 251 27.55 32.48 85.82
C GLU J 251 29.04 32.80 86.02
N ARG J 252 29.81 32.80 84.93
CA ARG J 252 31.27 32.80 85.01
C ARG J 252 31.83 34.21 85.22
N GLY J 253 31.04 35.25 84.92
CA GLY J 253 31.53 36.62 85.01
C GLY J 253 31.87 37.19 83.63
N LEU J 254 31.46 38.44 83.41
CA LEU J 254 31.65 39.10 82.14
C LEU J 254 33.14 39.24 81.88
N GLU J 255 33.90 39.66 82.89
CA GLU J 255 35.30 39.98 82.68
C GLU J 255 36.08 38.70 82.31
N VAL J 256 35.78 37.61 83.00
CA VAL J 256 36.44 36.34 82.74
C VAL J 256 36.15 35.94 81.29
N CYS J 257 34.86 35.92 80.90
CA CYS J 257 34.49 35.48 79.56
C CYS J 257 35.05 36.40 78.48
N ALA J 258 35.05 37.71 78.73
CA ALA J 258 35.44 38.69 77.72
C ALA J 258 36.93 38.60 77.43
N ASN J 259 37.73 38.61 78.51
CA ASN J 259 39.17 38.48 78.40
C ASN J 259 39.52 37.20 77.63
N GLU J 260 38.82 36.12 77.96
CA GLU J 260 39.06 34.82 77.37
C GLU J 260 38.84 34.89 75.86
N ILE J 261 37.72 35.45 75.41
CA ILE J 261 37.43 35.36 73.99
C ILE J 261 38.13 36.51 73.24
N PHE J 262 38.53 37.59 73.92
CA PHE J 262 39.40 38.56 73.27
C PHE J 262 40.79 37.97 73.00
N GLU J 263 41.29 37.11 73.91
CA GLU J 263 42.53 36.38 73.66
C GLU J 263 42.35 35.46 72.46
N ARG J 264 41.23 34.73 72.43
CA ARG J 264 40.94 33.82 71.34
C ARG J 264 40.91 34.53 69.98
N VAL J 265 40.22 35.68 69.85
CA VAL J 265 39.99 36.23 68.53
C VAL J 265 41.19 37.05 68.06
N LYS J 266 42.12 37.36 68.98
CA LYS J 266 43.29 38.18 68.65
C LYS J 266 44.56 37.35 68.50
N LYS J 267 44.49 36.03 68.75
CA LYS J 267 45.67 35.19 68.82
C LYS J 267 46.23 34.95 67.41
N ASP J 268 47.43 35.49 67.14
CA ASP J 268 48.11 35.34 65.86
C ASP J 268 47.25 35.92 64.75
N THR J 269 46.59 37.04 65.06
CA THR J 269 45.86 37.84 64.08
C THR J 269 46.55 39.19 63.95
N ASP J 270 46.40 39.80 62.76
CA ASP J 270 46.93 41.12 62.50
C ASP J 270 45.88 42.18 62.85
N SER J 271 44.60 41.81 62.74
CA SER J 271 43.51 42.74 62.88
C SER J 271 42.28 42.04 63.47
N LEU J 272 41.35 42.84 64.00
CA LEU J 272 40.14 42.36 64.62
C LEU J 272 38.93 43.20 64.20
N TYR J 273 37.91 42.50 63.69
CA TYR J 273 36.61 43.10 63.45
C TYR J 273 35.69 42.78 64.63
N PHE J 274 35.11 43.84 65.25
CA PHE J 274 34.20 43.68 66.37
C PHE J 274 32.88 44.37 66.05
N THR J 275 31.83 43.55 65.85
CA THR J 275 30.48 44.05 65.63
C THR J 275 29.65 43.89 66.91
N TRP J 276 28.93 44.96 67.29
CA TRP J 276 28.21 45.02 68.57
C TRP J 276 26.79 45.51 68.36
N ASP J 277 25.83 44.57 68.48
CA ASP J 277 24.41 44.84 68.32
C ASP J 277 23.84 45.31 69.66
N THR J 278 23.16 46.47 69.61
CA THR J 278 22.63 47.10 70.82
C THR J 278 21.54 46.23 71.44
N ASP J 279 21.10 45.14 70.79
CA ASP J 279 20.11 44.31 71.46
C ASP J 279 20.78 43.29 72.38
N SER J 280 22.12 43.30 72.41
CA SER J 280 22.85 42.59 73.45
C SER J 280 22.53 43.20 74.80
N ILE J 281 22.17 44.48 74.79
CA ILE J 281 21.87 45.25 76.00
C ILE J 281 20.48 44.87 76.48
N ASP J 282 20.32 44.78 77.79
CA ASP J 282 19.01 44.50 78.34
C ASP J 282 18.03 45.56 77.85
N ILE J 283 16.80 45.12 77.53
CA ILE J 283 15.73 46.00 77.07
C ILE J 283 15.45 47.14 78.04
N SER J 284 15.69 46.95 79.36
CA SER J 284 15.43 48.01 80.32
C SER J 284 16.36 49.20 80.06
N CYS J 285 17.49 48.94 79.40
CA CYS J 285 18.53 49.95 79.20
C CYS J 285 18.54 50.50 77.77
N MET J 286 17.82 49.83 76.85
CA MET J 286 17.89 50.12 75.43
C MET J 286 16.58 49.68 74.78
N PRO J 287 15.46 50.37 75.08
CA PRO J 287 14.21 50.11 74.39
C PRO J 287 14.22 50.41 72.88
N GLY J 288 15.09 51.34 72.47
CA GLY J 288 15.15 51.77 71.09
C GLY J 288 15.94 50.78 70.23
N ASN J 289 15.29 49.69 69.81
CA ASN J 289 16.01 48.67 69.07
C ASN J 289 15.05 47.97 68.11
N SER J 290 15.60 47.40 67.04
CA SER J 290 14.81 46.70 66.04
C SER J 290 14.12 45.51 66.69
N ALA J 291 14.87 44.72 67.45
CA ALA J 291 14.36 43.54 68.13
C ALA J 291 14.89 43.50 69.56
N PRO J 292 14.31 44.30 70.49
CA PRO J 292 14.84 44.39 71.85
C PRO J 292 14.54 43.11 72.64
N GLU J 293 15.42 42.77 73.60
CA GLU J 293 15.35 41.51 74.30
C GLU J 293 15.68 41.71 75.78
N CYS J 294 14.85 41.13 76.66
CA CYS J 294 15.19 41.02 78.07
C CYS J 294 16.38 40.07 78.28
N TYR J 295 16.80 39.95 79.53
CA TYR J 295 17.82 39.00 79.94
C TYR J 295 19.12 39.35 79.23
N GLY J 296 19.50 40.64 79.29
CA GLY J 296 20.67 41.15 78.60
C GLY J 296 21.67 41.82 79.53
N LEU J 297 22.73 42.39 78.94
CA LEU J 297 23.70 43.20 79.67
C LEU J 297 23.00 44.37 80.37
N LYS J 298 23.37 44.61 81.63
CA LYS J 298 22.95 45.78 82.38
C LYS J 298 23.84 46.97 82.03
N GLY J 299 23.42 48.17 82.44
CA GLY J 299 24.09 49.41 82.07
C GLY J 299 25.57 49.39 82.40
N ARG J 300 25.89 49.09 83.66
CA ARG J 300 27.27 48.98 84.11
C ARG J 300 28.04 47.88 83.35
N GLU J 301 27.38 46.79 82.91
CA GLU J 301 28.06 45.72 82.18
C GLU J 301 28.33 46.12 80.73
N VAL J 302 27.52 47.01 80.16
CA VAL J 302 27.82 47.48 78.81
C VAL J 302 29.13 48.27 78.85
N ILE J 303 29.23 49.18 79.84
CA ILE J 303 30.40 50.00 80.00
C ILE J 303 31.62 49.10 80.25
N GLN J 304 31.44 48.09 81.11
CA GLN J 304 32.53 47.19 81.45
C GLN J 304 33.06 46.49 80.19
N LEU J 305 32.15 46.03 79.32
CA LEU J 305 32.55 45.29 78.13
C LEU J 305 33.31 46.21 77.18
N ALA J 306 32.86 47.47 77.08
CA ALA J 306 33.52 48.48 76.28
C ALA J 306 34.94 48.72 76.79
N ARG J 307 35.08 48.82 78.11
CA ARG J 307 36.37 49.07 78.75
C ARG J 307 37.31 47.93 78.38
N ILE J 308 36.79 46.70 78.46
CA ILE J 308 37.61 45.51 78.24
C ILE J 308 38.05 45.49 76.78
N ALA J 309 37.11 45.74 75.88
CA ALA J 309 37.37 45.71 74.44
C ALA J 309 38.46 46.73 74.09
N GLY J 310 38.41 47.86 74.79
CA GLY J 310 39.42 48.90 74.66
C GLY J 310 40.81 48.47 75.15
N ARG J 311 40.90 47.65 76.21
CA ARG J 311 42.21 47.16 76.63
C ARG J 311 42.83 46.28 75.52
N HIS J 312 42.01 45.44 74.88
CA HIS J 312 42.47 44.47 73.91
C HIS J 312 42.72 45.13 72.56
N GLY J 313 41.82 46.05 72.16
CA GLY J 313 41.92 46.79 70.92
C GLY J 313 41.27 46.05 69.74
N CYS J 314 40.68 46.81 68.82
CA CYS J 314 40.15 46.27 67.59
C CYS J 314 40.44 47.28 66.48
N ASP J 315 40.22 46.86 65.22
CA ASP J 315 40.59 47.70 64.11
C ASP J 315 39.35 48.47 63.65
N ILE J 316 38.25 47.70 63.56
CA ILE J 316 36.94 48.27 63.41
C ILE J 316 36.04 47.81 64.56
N LEU J 317 35.39 48.78 65.23
CA LEU J 317 34.24 48.53 66.09
C LEU J 317 32.97 49.05 65.42
N ASP J 318 32.00 48.16 65.14
CA ASP J 318 30.73 48.63 64.61
C ASP J 318 29.64 48.46 65.68
N ILE J 319 28.64 49.34 65.64
CA ILE J 319 27.53 49.32 66.60
C ILE J 319 26.24 49.54 65.81
N VAL J 320 25.33 48.57 65.92
CA VAL J 320 24.17 48.50 65.03
C VAL J 320 22.87 48.41 65.82
N GLU J 321 21.78 48.66 65.08
CA GLU J 321 20.37 48.39 65.40
C GLU J 321 19.78 49.37 66.41
N PHE J 322 20.39 50.53 66.71
CA PHE J 322 19.76 51.53 67.57
C PHE J 322 18.67 52.27 66.80
N CYS J 323 17.43 52.24 67.33
CA CYS J 323 16.25 52.85 66.75
C CYS J 323 15.70 53.93 67.69
N PRO J 324 16.08 55.21 67.53
CA PRO J 324 15.67 56.26 68.47
C PRO J 324 14.17 56.56 68.50
N TYR J 325 13.46 56.22 67.40
CA TYR J 325 12.03 56.46 67.30
C TYR J 325 11.27 55.67 68.37
N PHE J 326 11.78 54.49 68.73
CA PHE J 326 11.15 53.65 69.73
C PHE J 326 11.75 53.91 71.11
N ASP J 327 12.25 55.14 71.34
CA ASP J 327 12.79 55.53 72.63
C ASP J 327 12.37 56.97 72.89
N PRO J 328 11.41 57.24 73.79
CA PRO J 328 11.06 58.61 74.16
C PRO J 328 12.09 59.39 75.00
N SER J 329 13.10 58.69 75.54
CA SER J 329 14.13 59.32 76.36
C SER J 329 15.43 59.48 75.56
N GLN J 330 16.46 60.06 76.21
CA GLN J 330 17.82 60.09 75.72
C GLN J 330 18.63 58.85 76.14
N ILE J 331 18.01 57.81 76.72
CA ILE J 331 18.81 56.73 77.31
C ILE J 331 19.51 55.91 76.21
N GLY J 332 18.87 55.67 75.06
CA GLY J 332 19.48 54.83 74.02
C GLY J 332 20.72 55.51 73.45
N ALA J 333 20.52 56.79 73.09
CA ALA J 333 21.54 57.55 72.39
C ALA J 333 22.77 57.69 73.29
N LYS J 334 22.53 57.97 74.56
CA LYS J 334 23.63 58.24 75.47
C LYS J 334 24.29 56.93 75.83
N MET J 335 23.53 55.83 75.85
CA MET J 335 24.16 54.54 76.02
C MET J 335 25.14 54.26 74.88
N THR J 336 24.72 54.53 73.64
CA THR J 336 25.56 54.25 72.50
C THR J 336 26.76 55.19 72.48
N VAL J 337 26.62 56.40 73.04
CA VAL J 337 27.76 57.29 73.12
C VAL J 337 28.80 56.64 74.03
N ASN J 338 28.34 56.13 75.18
CA ASN J 338 29.25 55.61 76.18
C ASN J 338 29.93 54.32 75.71
N MET J 339 29.28 53.58 74.79
CA MET J 339 29.89 52.36 74.28
C MET J 339 31.18 52.73 73.54
N ILE J 340 31.11 53.82 72.78
CA ILE J 340 32.22 54.31 71.98
C ILE J 340 33.25 54.99 72.88
N TYR J 341 32.77 55.87 73.77
CA TYR J 341 33.70 56.70 74.52
C TYR J 341 34.51 55.82 75.47
N HIS J 342 33.88 54.77 76.02
CA HIS J 342 34.59 53.95 76.99
C HIS J 342 35.58 53.04 76.27
N TYR J 343 35.21 52.58 75.07
CA TYR J 343 36.16 51.88 74.23
C TYR J 343 37.39 52.77 73.98
N LEU J 344 37.20 54.00 73.50
CA LEU J 344 38.33 54.87 73.18
C LEU J 344 39.12 55.25 74.43
N GLY J 345 38.42 55.58 75.52
CA GLY J 345 39.12 56.00 76.73
C GLY J 345 40.03 54.89 77.24
N SER J 346 39.54 53.65 77.14
CA SER J 346 40.24 52.48 77.62
C SER J 346 41.42 52.17 76.69
N ARG J 347 41.18 52.16 75.37
CA ARG J 347 42.22 52.02 74.34
C ARG J 347 43.35 53.01 74.59
N ALA J 348 43.01 54.28 74.79
CA ALA J 348 44.01 55.32 74.99
C ALA J 348 44.84 55.00 76.23
N GLN J 349 44.16 54.69 77.35
CA GLN J 349 44.81 54.44 78.61
C GLN J 349 45.81 53.30 78.49
N THR J 350 45.38 52.20 77.86
CA THR J 350 46.20 51.02 77.59
C THR J 350 47.41 51.38 76.72
N LEU J 351 47.18 52.15 75.64
CA LEU J 351 48.22 52.57 74.73
C LEU J 351 49.24 53.45 75.43
N ARG J 352 48.78 54.34 76.29
CA ARG J 352 49.66 55.23 77.05
C ARG J 352 50.44 54.45 78.11
N GLN J 353 49.89 53.32 78.58
CA GLN J 353 50.58 52.50 79.58
C GLN J 353 51.63 51.62 78.92
N GLN J 354 51.61 51.55 77.59
CA GLN J 354 52.60 50.80 76.84
C GLN J 354 53.57 51.78 76.17
N GLY J 355 53.83 52.91 76.84
CA GLY J 355 54.84 53.87 76.41
C GLY J 355 54.58 54.43 75.01
N LYS J 356 53.37 54.96 74.79
CA LYS J 356 52.96 55.56 73.52
C LYS J 356 52.15 56.83 73.82
N SER K 6 -13.76 28.02 19.64
CA SER K 6 -12.38 27.76 19.14
C SER K 6 -12.42 27.13 17.75
N TYR K 7 -11.51 27.59 16.87
CA TYR K 7 -11.47 27.16 15.48
C TYR K 7 -10.04 26.84 15.07
N ALA K 8 -9.25 26.30 16.01
CA ALA K 8 -7.83 26.03 15.78
C ALA K 8 -7.66 24.87 14.80
N HIS K 9 -8.64 23.96 14.77
CA HIS K 9 -8.57 22.76 13.97
C HIS K 9 -8.73 23.08 12.48
N LEU K 10 -9.31 24.25 12.15
CA LEU K 10 -9.57 24.62 10.76
C LEU K 10 -8.27 24.93 10.02
N PHE K 11 -7.19 25.14 10.76
CA PHE K 11 -5.98 25.72 10.17
C PHE K 11 -4.79 24.82 10.48
N SER K 12 -3.74 24.94 9.66
CA SER K 12 -2.49 24.26 9.94
C SER K 12 -2.04 24.63 11.36
N PRO K 13 -1.51 23.67 12.14
CA PRO K 13 -1.28 23.87 13.58
C PRO K 13 -0.22 24.93 13.90
N LEU K 14 -0.41 25.63 15.02
CA LEU K 14 0.46 26.72 15.45
C LEU K 14 1.78 26.19 16.02
N GLY K 15 1.73 25.03 16.72
CA GLY K 15 2.91 24.47 17.34
C GLY K 15 3.20 25.11 18.70
N GLY K 16 4.48 25.30 19.02
CA GLY K 16 4.89 25.93 20.27
C GLY K 16 4.93 24.95 21.43
N ALA K 24 -1.99 9.64 24.65
CA ALA K 24 -3.42 9.90 24.33
C ALA K 24 -3.76 9.31 22.97
N PRO K 25 -4.18 8.03 22.88
CA PRO K 25 -4.60 7.43 21.60
C PRO K 25 -5.88 8.04 21.03
N GLY K 26 -6.71 8.63 21.89
CA GLY K 26 -7.83 9.45 21.47
C GLY K 26 -9.07 8.66 21.09
N LEU K 27 -9.03 7.33 21.31
CA LEU K 27 -10.12 6.43 20.95
C LEU K 27 -10.16 6.29 19.43
N ILE K 28 -10.64 5.14 18.94
CA ILE K 28 -10.81 4.93 17.52
C ILE K 28 -12.24 5.33 17.16
N THR K 29 -12.42 6.55 16.67
CA THR K 29 -13.76 7.03 16.36
C THR K 29 -13.85 7.65 14.97
N PHE K 30 -14.96 7.37 14.30
CA PHE K 30 -15.34 8.04 13.07
C PHE K 30 -15.03 9.53 13.18
N LEU K 31 -14.09 10.00 12.37
CA LEU K 31 -13.82 11.42 12.18
C LEU K 31 -13.24 12.08 13.44
N ARG K 32 -12.62 11.29 14.34
CA ARG K 32 -12.09 11.82 15.60
C ARG K 32 -13.21 12.49 16.39
N SER K 33 -14.41 11.87 16.35
CA SER K 33 -15.59 12.35 17.05
C SER K 33 -15.47 12.09 18.55
N ALA K 34 -16.35 12.73 19.33
CA ALA K 34 -16.61 12.28 20.68
C ALA K 34 -17.31 10.93 20.65
N HIS K 35 -17.04 10.10 21.68
CA HIS K 35 -17.89 8.95 21.96
C HIS K 35 -19.13 9.44 22.72
N VAL K 36 -20.26 8.80 22.44
CA VAL K 36 -21.49 8.97 23.19
C VAL K 36 -22.15 7.60 23.25
N PRO K 37 -22.56 7.10 24.44
CA PRO K 37 -23.14 5.76 24.52
C PRO K 37 -24.39 5.65 23.65
N LEU K 38 -24.79 4.40 23.40
CA LEU K 38 -25.93 4.11 22.55
C LEU K 38 -27.21 4.34 23.35
N ASN K 39 -27.56 5.63 23.51
CA ASN K 39 -28.58 6.07 24.45
C ASN K 39 -29.31 7.28 23.87
N ALA K 40 -30.63 7.17 23.71
CA ALA K 40 -31.42 8.18 23.03
C ALA K 40 -31.24 9.56 23.64
N GLU K 41 -31.19 9.64 24.98
CA GLU K 41 -31.20 10.92 25.68
C GLU K 41 -29.83 11.59 25.56
N ALA K 42 -28.75 10.83 25.77
CA ALA K 42 -27.40 11.38 25.65
C ALA K 42 -27.16 11.85 24.20
N LEU K 43 -27.68 11.09 23.24
CA LEU K 43 -27.53 11.43 21.83
C LEU K 43 -28.25 12.74 21.55
N LYS K 44 -29.47 12.86 22.09
CA LYS K 44 -30.28 14.07 21.95
C LYS K 44 -29.57 15.28 22.56
N ALA K 45 -28.85 15.07 23.67
CA ALA K 45 -28.24 16.15 24.40
C ALA K 45 -26.90 16.60 23.78
N CYS K 46 -26.20 15.69 23.08
CA CYS K 46 -24.81 15.95 22.73
C CYS K 46 -24.69 17.02 21.64
N GLY K 47 -25.73 17.17 20.79
CA GLY K 47 -25.81 18.26 19.84
C GLY K 47 -25.27 17.92 18.45
N ALA K 48 -24.98 16.64 18.20
CA ALA K 48 -24.55 16.19 16.88
C ALA K 48 -25.76 15.78 16.05
N LYS K 49 -25.57 15.76 14.72
CA LYS K 49 -26.63 15.46 13.78
C LYS K 49 -26.55 14.00 13.33
N TYR K 50 -25.36 13.37 13.45
CA TYR K 50 -25.16 12.00 13.02
C TYR K 50 -24.55 11.17 14.14
N ALA K 51 -24.93 9.88 14.20
CA ALA K 51 -24.38 8.94 15.15
C ALA K 51 -23.85 7.72 14.43
N PHE K 52 -22.53 7.53 14.49
CA PHE K 52 -21.88 6.42 13.83
C PHE K 52 -22.05 5.16 14.69
N VAL K 53 -22.48 4.08 14.03
CA VAL K 53 -22.69 2.80 14.69
C VAL K 53 -22.01 1.73 13.86
N GLY K 54 -20.94 1.13 14.42
CA GLY K 54 -20.29 -0.02 13.80
C GLY K 54 -21.13 -1.28 14.02
N VAL K 55 -21.12 -2.18 13.03
CA VAL K 55 -21.83 -3.44 13.14
C VAL K 55 -20.96 -4.54 12.56
N PRO K 56 -19.87 -4.94 13.26
CA PRO K 56 -18.98 -6.00 12.77
C PRO K 56 -19.62 -7.38 12.78
N PHE K 57 -20.58 -7.57 11.85
CA PHE K 57 -21.38 -8.78 11.76
C PHE K 57 -21.14 -9.44 10.40
N ASP K 58 -20.75 -10.72 10.42
CA ASP K 58 -20.17 -11.42 9.28
C ASP K 58 -21.13 -12.48 8.75
N GLU K 59 -22.22 -12.78 9.48
CA GLU K 59 -22.85 -14.09 9.39
C GLU K 59 -23.98 -14.13 8.36
N GLY K 60 -24.29 -13.00 7.72
CA GLY K 60 -25.15 -12.99 6.54
C GLY K 60 -24.35 -13.18 5.24
N ASN K 61 -23.01 -13.17 5.34
CA ASN K 61 -22.12 -13.19 4.20
C ASN K 61 -21.96 -14.63 3.71
N ILE K 62 -22.34 -14.88 2.45
CA ILE K 62 -22.20 -16.20 1.84
C ILE K 62 -20.92 -16.26 1.01
N GLY K 63 -20.18 -15.15 0.95
CA GLY K 63 -19.05 -15.02 0.04
C GLY K 63 -17.74 -14.92 0.81
N LYS K 64 -16.84 -14.03 0.35
CA LYS K 64 -15.49 -13.98 0.87
C LYS K 64 -15.52 -13.27 2.22
N PRO K 65 -14.77 -13.78 3.22
CA PRO K 65 -14.79 -13.20 4.56
C PRO K 65 -13.89 -11.97 4.68
N GLY K 66 -14.24 -11.09 5.63
CA GLY K 66 -13.45 -9.89 5.88
C GLY K 66 -14.28 -8.66 6.25
N SER K 67 -15.60 -8.70 6.03
CA SER K 67 -16.44 -7.53 6.32
C SER K 67 -16.37 -7.12 7.80
N GLU K 68 -15.99 -8.05 8.70
CA GLU K 68 -16.07 -7.79 10.13
C GLU K 68 -15.02 -6.76 10.55
N ASP K 69 -13.96 -6.61 9.75
CA ASP K 69 -12.91 -5.68 10.09
C ASP K 69 -13.16 -4.29 9.51
N ALA K 70 -14.26 -4.12 8.76
CA ALA K 70 -14.51 -2.87 8.07
C ALA K 70 -14.69 -1.70 9.03
N PRO K 71 -15.49 -1.82 10.12
CA PRO K 71 -15.72 -0.70 11.02
C PRO K 71 -14.43 -0.13 11.59
N ARG K 72 -13.51 -1.00 12.02
CA ARG K 72 -12.21 -0.54 12.50
C ARG K 72 -11.47 0.21 11.38
N GLU K 73 -11.35 -0.42 10.20
CA GLU K 73 -10.60 0.18 9.10
C GLU K 73 -11.23 1.50 8.67
N PHE K 74 -12.57 1.52 8.62
CA PHE K 74 -13.27 2.73 8.21
C PHE K 74 -12.94 3.87 9.18
N ARG K 75 -13.06 3.61 10.49
CA ARG K 75 -12.75 4.61 11.47
C ARG K 75 -11.33 5.13 11.25
N LEU K 76 -10.37 4.22 11.10
CA LEU K 76 -8.97 4.60 10.96
C LEU K 76 -8.79 5.53 9.76
N ILE K 77 -9.36 5.17 8.61
CA ILE K 77 -9.17 5.95 7.40
C ILE K 77 -9.76 7.35 7.62
N THR K 78 -10.89 7.42 8.34
CA THR K 78 -11.61 8.67 8.57
C THR K 78 -10.80 9.61 9.48
N GLN K 79 -9.88 9.06 10.28
CA GLN K 79 -9.01 9.84 11.17
C GLN K 79 -8.10 10.78 10.38
N GLU K 80 -7.82 10.41 9.12
CA GLU K 80 -6.74 11.02 8.36
C GLU K 80 -7.16 12.33 7.69
N TYR K 81 -8.46 12.56 7.56
CA TYR K 81 -8.96 13.75 6.89
C TYR K 81 -9.23 14.84 7.93
N PHE K 82 -8.93 16.10 7.55
CA PHE K 82 -9.40 17.26 8.30
C PHE K 82 -10.93 17.25 8.31
N SER K 83 -11.49 17.97 9.28
CA SER K 83 -12.93 18.09 9.37
C SER K 83 -13.45 19.20 8.46
N TYR K 84 -12.54 20.02 7.90
CA TYR K 84 -12.92 21.14 7.05
C TYR K 84 -12.77 20.79 5.57
N TRP K 85 -13.83 21.13 4.80
CA TRP K 85 -13.94 20.77 3.39
C TRP K 85 -14.10 22.04 2.54
N PHE K 86 -12.97 22.53 2.01
CA PHE K 86 -12.90 23.83 1.34
C PHE K 86 -13.89 23.92 0.17
N GLU K 87 -14.17 22.79 -0.49
CA GLU K 87 -15.08 22.75 -1.62
C GLU K 87 -16.48 23.23 -1.21
N TYR K 88 -16.84 23.04 0.07
CA TYR K 88 -18.17 23.39 0.55
C TYR K 88 -18.11 24.56 1.55
N ASN K 89 -16.89 24.98 1.92
CA ASN K 89 -16.67 25.87 3.06
C ASN K 89 -17.48 25.42 4.29
N VAL K 90 -17.31 24.14 4.65
CA VAL K 90 -18.05 23.51 5.74
C VAL K 90 -17.04 22.84 6.69
N ASP K 91 -17.38 22.80 7.98
CA ASP K 91 -16.63 22.04 8.98
C ASP K 91 -17.55 20.96 9.54
N LEU K 92 -17.02 19.73 9.67
CA LEU K 92 -17.81 18.62 10.16
C LEU K 92 -17.55 18.42 11.66
N HIS K 93 -16.67 19.24 12.25
CA HIS K 93 -16.41 19.12 13.68
C HIS K 93 -17.75 19.24 14.40
N GLY K 94 -18.03 18.27 15.28
CA GLY K 94 -19.24 18.29 16.09
C GLY K 94 -20.47 17.69 15.41
N LYS K 95 -20.43 17.48 14.09
CA LYS K 95 -21.59 17.05 13.35
C LYS K 95 -21.92 15.59 13.63
N ALA K 96 -20.90 14.80 13.98
CA ALA K 96 -21.11 13.39 14.27
C ALA K 96 -20.62 13.06 15.68
N VAL K 97 -21.08 11.91 16.19
CA VAL K 97 -20.48 11.24 17.33
C VAL K 97 -20.43 9.77 16.99
N ASP K 98 -19.54 9.04 17.68
CA ASP K 98 -19.36 7.61 17.48
C ASP K 98 -19.93 6.88 18.70
N CYS K 99 -20.85 5.95 18.44
CA CYS K 99 -21.52 5.19 19.49
C CYS K 99 -20.89 3.81 19.67
N GLY K 100 -19.67 3.62 19.14
CA GLY K 100 -19.02 2.32 19.23
C GLY K 100 -19.75 1.28 18.38
N ASP K 101 -19.62 0.01 18.77
CA ASP K 101 -20.09 -1.11 17.95
C ASP K 101 -21.26 -1.80 18.63
N VAL K 102 -22.02 -2.59 17.85
CA VAL K 102 -23.11 -3.39 18.36
C VAL K 102 -22.56 -4.77 18.72
N SER K 103 -22.74 -5.17 19.98
CA SER K 103 -22.20 -6.42 20.50
C SER K 103 -22.80 -7.63 19.77
N MET K 104 -21.93 -8.47 19.20
CA MET K 104 -22.32 -9.63 18.42
C MET K 104 -22.18 -10.90 19.26
N PRO K 105 -23.30 -11.54 19.65
CA PRO K 105 -23.25 -12.73 20.51
C PRO K 105 -22.67 -13.94 19.78
N LYS K 106 -21.98 -14.83 20.52
CA LYS K 106 -21.39 -16.03 19.94
C LYS K 106 -22.32 -16.62 18.89
N VAL K 107 -21.97 -16.46 17.61
CA VAL K 107 -22.70 -17.06 16.49
C VAL K 107 -24.20 -17.16 16.79
N SER K 108 -24.81 -16.04 17.23
CA SER K 108 -26.24 -15.99 17.48
C SER K 108 -26.87 -14.87 16.64
N PRO K 109 -27.11 -15.11 15.33
CA PRO K 109 -27.61 -14.07 14.44
C PRO K 109 -28.90 -13.41 14.89
N GLU K 110 -29.91 -14.23 15.20
CA GLU K 110 -31.23 -13.75 15.60
C GLU K 110 -31.07 -12.66 16.67
N VAL K 111 -30.25 -12.92 17.68
CA VAL K 111 -30.05 -11.98 18.78
C VAL K 111 -29.32 -10.74 18.20
N ALA K 112 -28.15 -10.97 17.59
CA ALA K 112 -27.41 -9.92 16.91
C ALA K 112 -28.36 -9.01 16.15
N HIS K 113 -29.15 -9.59 15.23
CA HIS K 113 -30.14 -8.83 14.49
C HIS K 113 -31.01 -8.03 15.46
N GLU K 114 -31.64 -8.72 16.41
CA GLU K 114 -32.48 -8.07 17.41
C GLU K 114 -31.71 -6.90 18.04
N ARG K 115 -30.40 -7.10 18.28
CA ARG K 115 -29.58 -6.08 18.93
C ARG K 115 -29.32 -4.91 17.97
N ILE K 116 -29.18 -5.21 16.67
CA ILE K 116 -29.02 -4.16 15.67
C ILE K 116 -30.30 -3.34 15.63
N TYR K 117 -31.45 -4.03 15.54
CA TYR K 117 -32.75 -3.40 15.54
C TYR K 117 -32.85 -2.37 16.66
N ARG K 118 -32.57 -2.82 17.89
CA ARG K 118 -32.64 -2.00 19.09
C ARG K 118 -31.76 -0.75 18.95
N ALA K 119 -30.52 -0.97 18.51
CA ALA K 119 -29.52 0.09 18.39
C ALA K 119 -30.00 1.16 17.40
N VAL K 120 -30.63 0.74 16.29
CA VAL K 120 -31.08 1.69 15.29
C VAL K 120 -32.28 2.48 15.83
N ARG K 121 -33.27 1.76 16.38
CA ARG K 121 -34.44 2.40 16.98
C ARG K 121 -33.99 3.42 18.03
N GLU K 122 -33.00 3.05 18.85
CA GLU K 122 -32.49 3.93 19.89
C GLU K 122 -32.00 5.22 19.23
N VAL K 123 -31.12 5.09 18.23
CA VAL K 123 -30.54 6.24 17.59
C VAL K 123 -31.65 7.08 16.95
N LEU K 124 -32.60 6.41 16.30
CA LEU K 124 -33.69 7.11 15.63
C LEU K 124 -34.50 7.93 16.64
N LYS K 125 -34.77 7.34 17.81
CA LYS K 125 -35.46 8.04 18.89
C LYS K 125 -34.75 9.36 19.22
N SER K 126 -33.42 9.36 19.14
CA SER K 126 -32.62 10.53 19.50
C SER K 126 -32.84 11.69 18.52
N GLY K 127 -33.33 11.41 17.32
CA GLY K 127 -33.39 12.40 16.25
C GLY K 127 -32.07 12.57 15.48
N LEU K 128 -31.04 11.77 15.80
CA LEU K 128 -29.78 11.81 15.06
C LEU K 128 -29.85 10.80 13.92
N ILE K 129 -29.04 11.06 12.88
CA ILE K 129 -29.02 10.20 11.71
C ILE K 129 -28.01 9.10 11.98
N PRO K 130 -28.42 7.81 12.01
CA PRO K 130 -27.47 6.72 12.16
C PRO K 130 -26.65 6.56 10.88
N ILE K 131 -25.33 6.44 11.06
CA ILE K 131 -24.40 6.03 10.01
C ILE K 131 -23.97 4.61 10.37
N ILE K 132 -24.49 3.63 9.64
CA ILE K 132 -24.34 2.23 10.00
C ILE K 132 -23.29 1.59 9.10
N CYS K 133 -22.15 1.21 9.69
CA CYS K 133 -21.05 0.61 8.96
C CYS K 133 -20.96 -0.88 9.25
N GLY K 134 -21.34 -1.70 8.27
CA GLY K 134 -21.17 -3.14 8.35
C GLY K 134 -19.68 -3.50 8.18
N GLY K 135 -19.37 -4.80 8.08
CA GLY K 135 -20.35 -5.89 8.18
C GLY K 135 -21.00 -6.18 6.83
N ASP K 136 -21.72 -7.30 6.75
CA ASP K 136 -22.32 -7.74 5.50
C ASP K 136 -23.66 -7.03 5.24
N ARG K 137 -24.21 -7.28 4.05
CA ARG K 137 -25.31 -6.54 3.45
C ARG K 137 -26.66 -6.86 4.11
N SER K 138 -26.79 -8.06 4.71
CA SER K 138 -28.03 -8.45 5.38
C SER K 138 -28.38 -7.52 6.54
N ILE K 139 -27.38 -6.83 7.12
CA ILE K 139 -27.68 -5.95 8.23
C ILE K 139 -28.61 -4.82 7.79
N SER K 140 -28.71 -4.60 6.47
CA SER K 140 -29.58 -3.55 5.94
C SER K 140 -31.05 -3.95 6.10
N ILE K 141 -31.34 -5.25 6.05
CA ILE K 141 -32.69 -5.77 6.27
C ILE K 141 -33.26 -5.22 7.57
N THR K 142 -32.51 -5.38 8.67
CA THR K 142 -33.05 -5.11 9.99
C THR K 142 -32.86 -3.64 10.35
N ALA K 143 -31.97 -2.93 9.66
CA ALA K 143 -31.89 -1.49 9.82
C ALA K 143 -33.08 -0.85 9.10
N ALA K 144 -33.55 -1.49 8.03
CA ALA K 144 -34.69 -1.01 7.27
C ALA K 144 -35.99 -1.20 8.07
N ARG K 145 -36.10 -2.37 8.73
CA ARG K 145 -37.19 -2.64 9.66
C ARG K 145 -37.26 -1.55 10.73
N ALA K 146 -36.11 -1.15 11.24
CA ALA K 146 -36.04 -0.20 12.34
C ALA K 146 -36.57 1.17 11.90
N LEU K 147 -36.30 1.56 10.65
CA LEU K 147 -36.78 2.85 10.16
C LEU K 147 -38.28 2.74 9.92
N SER K 148 -38.71 1.57 9.43
CA SER K 148 -40.10 1.30 9.12
C SER K 148 -40.96 1.48 10.37
N ASP K 149 -40.54 0.79 11.44
CA ASP K 149 -41.25 0.78 12.71
C ASP K 149 -41.14 2.16 13.35
N HIS K 150 -39.95 2.79 13.30
CA HIS K 150 -39.77 4.09 13.92
C HIS K 150 -40.82 5.07 13.39
N ILE K 151 -40.94 5.16 12.06
CA ILE K 151 -41.81 6.15 11.46
C ILE K 151 -43.25 5.66 11.53
N GLY K 152 -43.47 4.35 11.35
CA GLY K 152 -44.78 3.75 11.60
C GLY K 152 -45.71 3.81 10.39
N PRO K 153 -46.93 3.23 10.50
CA PRO K 153 -47.73 2.90 9.31
C PRO K 153 -48.45 4.07 8.65
N GLN K 154 -48.50 5.23 9.32
CA GLN K 154 -49.10 6.43 8.75
C GLN K 154 -48.02 7.33 8.14
N LYS K 155 -46.84 6.77 7.82
CA LYS K 155 -45.80 7.53 7.16
C LYS K 155 -45.25 6.75 5.98
N LYS K 156 -44.57 7.48 5.08
CA LYS K 156 -44.05 6.91 3.85
C LYS K 156 -42.53 6.92 3.89
N MET K 157 -41.95 5.74 3.63
CA MET K 157 -40.50 5.55 3.62
C MET K 157 -40.02 5.49 2.16
N GLY K 158 -38.83 6.03 1.91
CA GLY K 158 -38.15 5.86 0.64
C GLY K 158 -36.81 5.16 0.83
N TYR K 159 -36.42 4.32 -0.15
CA TYR K 159 -35.23 3.49 -0.06
C TYR K 159 -34.40 3.55 -1.36
N MET K 160 -33.10 3.86 -1.20
CA MET K 160 -32.16 3.82 -2.31
C MET K 160 -30.89 3.07 -1.90
N HIS K 161 -30.48 2.11 -2.74
CA HIS K 161 -29.27 1.33 -2.52
C HIS K 161 -28.43 1.28 -3.80
N PHE K 162 -27.10 1.46 -3.64
CA PHE K 162 -26.15 1.29 -4.72
C PHE K 162 -25.49 -0.08 -4.61
N GLY K 163 -25.46 -0.86 -5.70
CA GLY K 163 -24.83 -2.18 -5.65
C GLY K 163 -24.89 -2.92 -6.98
N ALA K 164 -23.93 -3.82 -7.20
CA ALA K 164 -23.83 -4.60 -8.43
C ALA K 164 -24.80 -5.79 -8.42
N GLN K 165 -25.26 -6.15 -7.22
CA GLN K 165 -26.14 -7.29 -7.00
C GLN K 165 -27.51 -6.80 -6.54
N LEU K 166 -28.56 -7.36 -7.14
CA LEU K 166 -29.92 -6.96 -6.77
C LEU K 166 -30.26 -7.41 -5.35
N ASP K 167 -29.80 -8.62 -4.99
CA ASP K 167 -30.05 -9.23 -3.70
C ASP K 167 -31.56 -9.42 -3.54
N MET K 168 -32.17 -10.06 -4.54
CA MET K 168 -33.60 -10.32 -4.55
C MET K 168 -33.86 -11.82 -4.51
N ALA K 169 -33.16 -12.51 -3.61
CA ALA K 169 -33.46 -13.91 -3.28
C ALA K 169 -34.61 -13.95 -2.26
N ASP K 170 -35.79 -14.39 -2.72
CA ASP K 170 -36.90 -14.67 -1.83
C ASP K 170 -36.41 -15.56 -0.69
N SER K 171 -35.67 -16.62 -1.05
CA SER K 171 -34.85 -17.36 -0.11
C SER K 171 -33.55 -17.80 -0.77
N TRP K 172 -32.49 -17.92 0.05
CA TRP K 172 -31.17 -18.36 -0.40
C TRP K 172 -30.71 -19.52 0.49
N ALA K 173 -30.53 -20.69 -0.13
CA ALA K 173 -30.16 -21.91 0.59
C ALA K 173 -31.16 -22.16 1.73
N GLY K 174 -32.45 -22.07 1.40
CA GLY K 174 -33.53 -22.32 2.34
C GLY K 174 -33.62 -21.27 3.44
N GLU K 175 -32.81 -20.20 3.33
CA GLU K 175 -32.68 -19.21 4.38
C GLU K 175 -33.26 -17.88 3.87
N ARG K 176 -33.48 -16.92 4.76
CA ARG K 176 -34.36 -15.81 4.44
C ARG K 176 -33.77 -14.45 4.85
N ASN K 177 -32.66 -14.44 5.58
CA ASN K 177 -32.09 -13.20 6.09
C ASN K 177 -30.59 -13.17 5.77
N LEU K 178 -30.19 -13.78 4.66
CA LEU K 178 -28.81 -13.69 4.21
C LEU K 178 -28.62 -12.39 3.43
N ALA K 179 -27.40 -12.12 2.97
CA ALA K 179 -27.15 -10.90 2.23
C ALA K 179 -27.91 -10.92 0.90
N PRO K 180 -27.93 -12.06 0.14
CA PRO K 180 -28.62 -12.12 -1.14
C PRO K 180 -30.15 -11.99 -1.11
N CYS K 181 -30.73 -11.95 0.09
CA CYS K 181 -32.17 -11.83 0.25
C CYS K 181 -32.58 -10.40 0.61
N ALA K 182 -31.58 -9.55 0.87
CA ALA K 182 -31.81 -8.30 1.57
C ALA K 182 -32.92 -7.47 0.93
N MET K 183 -32.95 -7.42 -0.41
CA MET K 183 -33.90 -6.60 -1.15
C MET K 183 -35.29 -7.25 -1.16
N ALA K 184 -35.35 -8.58 -1.25
CA ALA K 184 -36.60 -9.31 -1.15
C ALA K 184 -37.32 -9.02 0.18
N ARG K 185 -36.57 -8.88 1.27
CA ARG K 185 -37.17 -8.57 2.55
C ARG K 185 -37.53 -7.08 2.60
N ILE K 186 -36.60 -6.21 2.21
CA ILE K 186 -36.79 -4.78 2.39
C ILE K 186 -37.99 -4.28 1.59
N THR K 187 -38.28 -4.88 0.43
CA THR K 187 -39.43 -4.46 -0.36
C THR K 187 -40.74 -5.06 0.16
N GLU K 188 -40.69 -5.77 1.31
CA GLU K 188 -41.90 -6.29 1.94
C GLU K 188 -42.39 -5.36 3.03
N LEU K 189 -41.59 -4.34 3.37
CA LEU K 189 -41.94 -3.40 4.42
C LEU K 189 -43.24 -2.67 4.03
N PRO K 190 -44.24 -2.63 4.95
CA PRO K 190 -45.59 -2.18 4.61
C PRO K 190 -45.70 -0.71 4.23
N ASN K 191 -44.86 0.16 4.82
CA ASN K 191 -44.86 1.59 4.51
C ASN K 191 -43.77 1.96 3.49
N LEU K 192 -43.24 0.98 2.75
CA LEU K 192 -42.34 1.24 1.64
C LEU K 192 -42.99 0.82 0.33
N ASP K 193 -43.60 1.79 -0.35
CA ASP K 193 -44.16 1.59 -1.68
C ASP K 193 -43.03 1.31 -2.69
N ILE K 194 -43.21 0.29 -3.53
CA ILE K 194 -42.18 -0.12 -4.48
C ILE K 194 -41.76 1.07 -5.34
N ARG K 195 -42.69 1.99 -5.62
CA ARG K 195 -42.40 3.16 -6.42
C ARG K 195 -41.49 4.16 -5.69
N ASN K 196 -41.27 3.96 -4.38
CA ASN K 196 -40.31 4.79 -3.65
C ASN K 196 -39.01 4.03 -3.41
N VAL K 197 -38.75 2.94 -4.16
CA VAL K 197 -37.56 2.12 -4.02
C VAL K 197 -36.65 2.30 -5.23
N ALA K 198 -35.36 2.58 -4.99
CA ALA K 198 -34.37 2.69 -6.07
C ALA K 198 -33.21 1.75 -5.80
N HIS K 199 -32.72 1.09 -6.87
CA HIS K 199 -31.56 0.23 -6.81
C HIS K 199 -30.69 0.46 -8.04
N LEU K 200 -29.44 0.88 -7.83
CA LEU K 200 -28.59 1.38 -8.89
C LEU K 200 -27.28 0.57 -8.94
N GLY K 201 -26.98 0.00 -10.11
CA GLY K 201 -25.64 -0.47 -10.40
C GLY K 201 -25.58 -1.92 -10.85
N ALA K 202 -26.73 -2.61 -10.88
CA ALA K 202 -26.75 -4.05 -11.10
C ALA K 202 -26.03 -4.39 -12.39
N ARG K 203 -25.12 -5.38 -12.33
CA ARG K 203 -24.43 -5.80 -13.52
C ARG K 203 -23.81 -7.17 -13.30
N ASN K 204 -23.44 -7.83 -14.41
CA ASN K 204 -22.62 -9.04 -14.41
C ASN K 204 -23.40 -10.21 -13.82
N ALA K 205 -22.69 -11.30 -13.51
CA ALA K 205 -23.28 -12.63 -13.40
C ALA K 205 -23.73 -13.00 -11.98
N MET K 206 -23.56 -12.12 -10.98
CA MET K 206 -23.97 -12.45 -9.61
C MET K 206 -25.44 -12.04 -9.40
N ASN K 207 -26.30 -12.43 -10.33
CA ASN K 207 -27.69 -12.00 -10.33
C ASN K 207 -28.51 -13.09 -11.01
N PRO K 208 -28.81 -14.21 -10.31
CA PRO K 208 -29.50 -15.32 -10.95
C PRO K 208 -30.97 -14.99 -11.25
N LYS K 209 -31.55 -15.83 -12.10
CA LYS K 209 -32.76 -15.50 -12.83
C LYS K 209 -33.93 -15.15 -11.89
N ASP K 210 -34.01 -15.82 -10.74
CA ASP K 210 -35.10 -15.56 -9.81
C ASP K 210 -35.03 -14.16 -9.20
N HIS K 211 -33.83 -13.53 -9.18
CA HIS K 211 -33.73 -12.17 -8.67
C HIS K 211 -34.39 -11.22 -9.66
N ILE K 212 -34.27 -11.54 -10.95
CA ILE K 212 -34.88 -10.74 -12.00
C ILE K 212 -36.39 -10.93 -11.94
N ASP K 213 -36.82 -12.21 -11.98
CA ASP K 213 -38.22 -12.61 -11.92
C ASP K 213 -38.96 -11.88 -10.81
N LEU K 214 -38.44 -11.95 -9.58
CA LEU K 214 -39.12 -11.35 -8.46
C LEU K 214 -39.21 -9.83 -8.63
N SER K 215 -38.17 -9.23 -9.20
CA SER K 215 -38.13 -7.78 -9.38
C SER K 215 -39.26 -7.34 -10.31
N LYS K 216 -39.41 -8.08 -11.42
CA LYS K 216 -40.47 -7.82 -12.40
C LYS K 216 -41.84 -8.01 -11.75
N GLU K 217 -41.98 -9.11 -11.00
CA GLU K 217 -43.20 -9.45 -10.29
C GLU K 217 -43.61 -8.29 -9.39
N ARG K 218 -42.68 -7.76 -8.59
CA ARG K 218 -43.02 -6.74 -7.60
C ARG K 218 -42.96 -5.33 -8.19
N GLY K 219 -42.48 -5.21 -9.43
CA GLY K 219 -42.26 -3.92 -10.07
C GLY K 219 -41.10 -3.13 -9.45
N LEU K 220 -40.02 -3.81 -9.06
CA LEU K 220 -38.81 -3.11 -8.62
C LEU K 220 -38.15 -2.52 -9.86
N GLN K 221 -38.05 -1.18 -9.86
CA GLN K 221 -37.63 -0.42 -11.03
C GLN K 221 -36.14 -0.12 -10.86
N TYR K 222 -35.32 -1.17 -10.93
CA TYR K 222 -33.90 -1.01 -10.73
C TYR K 222 -33.24 -0.40 -11.98
N ASP K 223 -32.22 0.41 -11.73
CA ASP K 223 -31.37 0.99 -12.75
C ASP K 223 -30.10 0.16 -12.86
N SER K 224 -30.07 -0.75 -13.83
CA SER K 224 -28.85 -1.50 -14.08
C SER K 224 -27.73 -0.56 -14.51
N MET K 225 -26.50 -1.05 -14.42
CA MET K 225 -25.36 -0.24 -14.83
C MET K 225 -25.46 0.08 -16.33
N PHE K 226 -25.91 -0.89 -17.13
CA PHE K 226 -26.25 -0.69 -18.56
C PHE K 226 -27.16 0.52 -18.72
N ASP K 227 -28.31 0.51 -18.03
CA ASP K 227 -29.29 1.57 -18.18
C ASP K 227 -28.68 2.90 -17.77
N LEU K 228 -27.85 2.90 -16.72
CA LEU K 228 -27.24 4.13 -16.26
C LEU K 228 -26.28 4.68 -17.33
N PHE K 229 -25.40 3.83 -17.85
CA PHE K 229 -24.45 4.26 -18.88
C PHE K 229 -25.20 4.77 -20.11
N ASP K 230 -26.25 4.05 -20.51
CA ASP K 230 -27.02 4.37 -21.69
C ASP K 230 -27.67 5.75 -21.54
N ALA K 231 -28.02 6.14 -20.30
CA ALA K 231 -28.69 7.40 -20.04
C ALA K 231 -27.72 8.54 -19.71
N GLY K 232 -26.41 8.29 -19.75
CA GLY K 232 -25.47 9.29 -19.27
C GLY K 232 -25.47 9.39 -17.75
N ILE K 233 -25.99 8.35 -17.08
CA ILE K 233 -25.97 8.20 -15.63
C ILE K 233 -26.89 9.19 -14.94
N TYR K 234 -26.51 10.48 -14.90
CA TYR K 234 -27.10 11.42 -13.95
C TYR K 234 -28.58 11.65 -14.21
N PRO K 235 -29.08 11.78 -15.48
CA PRO K 235 -30.52 11.87 -15.74
C PRO K 235 -31.37 10.77 -15.11
N LEU K 236 -30.88 9.53 -15.13
CA LEU K 236 -31.65 8.42 -14.61
C LEU K 236 -31.54 8.37 -13.08
N VAL K 237 -30.38 8.77 -12.54
CA VAL K 237 -30.19 8.87 -11.10
C VAL K 237 -31.17 9.90 -10.53
N GLU K 238 -31.29 11.05 -11.21
CA GLU K 238 -32.14 12.14 -10.76
C GLU K 238 -33.59 11.65 -10.68
N ARG K 239 -34.04 10.87 -11.66
CA ARG K 239 -35.41 10.37 -11.66
C ARG K 239 -35.63 9.42 -10.48
N SER K 240 -34.60 8.63 -10.14
CA SER K 240 -34.71 7.67 -9.05
C SER K 240 -34.62 8.37 -7.69
N ILE K 241 -33.83 9.46 -7.60
CA ILE K 241 -33.78 10.26 -6.39
C ILE K 241 -35.17 10.85 -6.13
N ASP K 242 -35.80 11.34 -7.21
CA ASP K 242 -37.10 11.99 -7.13
C ASP K 242 -38.12 11.00 -6.59
N ARG K 243 -38.14 9.79 -7.16
CA ARG K 243 -39.08 8.75 -6.73
C ARG K 243 -38.91 8.44 -5.24
N VAL K 244 -37.68 8.51 -4.74
CA VAL K 244 -37.36 8.07 -3.38
C VAL K 244 -37.61 9.19 -2.36
N TRP K 245 -37.36 10.46 -2.74
CA TRP K 245 -37.44 11.59 -1.83
C TRP K 245 -38.74 12.38 -1.94
N SER K 246 -39.39 12.38 -3.11
CA SER K 246 -40.63 13.13 -3.27
C SER K 246 -41.79 12.34 -2.67
N GLY K 247 -42.43 12.93 -1.66
CA GLY K 247 -43.65 12.40 -1.08
C GLY K 247 -43.40 11.35 0.00
N THR K 248 -42.17 11.33 0.54
CA THR K 248 -41.82 10.38 1.58
C THR K 248 -41.42 11.18 2.81
N ASP K 249 -41.56 10.56 3.98
CA ASP K 249 -41.29 11.20 5.26
C ASP K 249 -39.85 10.89 5.68
N ALA K 250 -39.37 9.69 5.33
CA ALA K 250 -38.06 9.23 5.74
C ALA K 250 -37.41 8.42 4.62
N GLN K 251 -36.08 8.59 4.46
CA GLN K 251 -35.39 7.97 3.35
C GLN K 251 -34.18 7.19 3.86
N TYR K 252 -34.06 5.94 3.39
CA TYR K 252 -32.95 5.07 3.72
C TYR K 252 -31.99 4.99 2.52
N LEU K 253 -30.71 5.32 2.76
CA LEU K 253 -29.68 5.30 1.72
C LEU K 253 -28.60 4.28 2.10
N GLY K 254 -28.39 3.29 1.23
CA GLY K 254 -27.40 2.24 1.44
C GLY K 254 -26.39 2.13 0.29
N PHE K 255 -25.16 1.71 0.64
CA PHE K 255 -24.06 1.52 -0.32
C PHE K 255 -23.38 0.18 -0.10
N ASN K 256 -23.35 -0.65 -1.15
CA ASN K 256 -22.31 -1.64 -1.33
C ASN K 256 -21.34 -1.09 -2.38
N PHE K 257 -20.06 -0.92 -2.03
CA PHE K 257 -19.17 -0.18 -2.90
C PHE K 257 -18.64 -1.02 -4.06
N ASN K 258 -19.15 -2.24 -4.24
CA ASN K 258 -18.95 -2.89 -5.52
C ASN K 258 -19.81 -2.23 -6.60
N VAL K 259 -20.57 -1.19 -6.24
CA VAL K 259 -21.21 -0.40 -7.27
C VAL K 259 -20.11 0.28 -8.11
N MET K 260 -18.97 0.56 -7.47
CA MET K 260 -17.82 1.21 -8.12
C MET K 260 -17.07 0.19 -8.99
N ASP K 261 -16.37 0.69 -10.01
CA ASP K 261 -15.46 -0.13 -10.82
C ASP K 261 -14.38 -0.70 -9.90
N SER K 262 -13.97 -1.95 -10.18
CA SER K 262 -12.98 -2.68 -9.38
C SER K 262 -11.77 -1.83 -8.97
N SER K 263 -11.19 -1.19 -9.99
CA SER K 263 -9.99 -0.39 -9.85
C SER K 263 -10.17 0.67 -8.76
N THR K 264 -11.40 1.18 -8.63
CA THR K 264 -11.73 2.25 -7.69
C THR K 264 -12.02 1.71 -6.28
N ALA K 265 -12.37 0.42 -6.18
CA ALA K 265 -12.72 -0.16 -4.88
C ALA K 265 -12.45 -1.66 -4.86
N PRO K 266 -11.17 -2.09 -4.78
CA PRO K 266 -10.85 -3.52 -4.69
C PRO K 266 -11.18 -4.17 -3.35
N GLY K 267 -11.03 -3.40 -2.26
CA GLY K 267 -11.33 -3.89 -0.92
C GLY K 267 -12.82 -3.95 -0.62
N VAL K 268 -13.54 -4.81 -1.34
CA VAL K 268 -14.95 -5.07 -1.10
C VAL K 268 -15.16 -6.57 -1.27
N THR K 269 -16.26 -7.08 -0.73
CA THR K 269 -16.49 -8.50 -0.67
C THR K 269 -16.50 -9.09 -2.09
N SER K 270 -17.12 -8.39 -3.05
CA SER K 270 -17.20 -8.95 -4.39
C SER K 270 -17.09 -7.85 -5.47
N THR K 271 -15.84 -7.52 -5.80
CA THR K 271 -15.53 -6.53 -6.83
C THR K 271 -16.12 -6.94 -8.17
N GLU K 272 -16.49 -5.93 -8.96
CA GLU K 272 -17.04 -6.15 -10.29
C GLU K 272 -16.50 -5.08 -11.23
N PRO K 273 -15.92 -5.50 -12.38
CA PRO K 273 -15.63 -4.59 -13.50
C PRO K 273 -16.88 -3.88 -14.02
N GLY K 274 -16.69 -2.74 -14.64
CA GLY K 274 -17.75 -2.05 -15.37
C GLY K 274 -18.65 -1.18 -14.47
N GLY K 275 -18.13 -0.66 -13.35
CA GLY K 275 -18.95 0.13 -12.44
C GLY K 275 -18.62 1.63 -12.47
N LEU K 276 -19.13 2.34 -11.46
CA LEU K 276 -19.01 3.77 -11.40
C LEU K 276 -17.56 4.17 -11.18
N GLU K 277 -17.19 5.31 -11.76
CA GLU K 277 -15.97 6.00 -11.40
C GLU K 277 -16.27 6.86 -10.18
N SER K 278 -15.21 7.19 -9.44
CA SER K 278 -15.33 7.99 -8.23
C SER K 278 -15.90 9.36 -8.55
N ARG K 279 -15.53 9.99 -9.67
CA ARG K 279 -16.05 11.33 -9.94
C ARG K 279 -17.56 11.31 -10.16
N GLU K 280 -18.08 10.15 -10.63
CA GLU K 280 -19.48 9.97 -10.94
C GLU K 280 -20.23 9.86 -9.62
N MET K 281 -19.68 9.08 -8.68
CA MET K 281 -20.28 8.95 -7.36
C MET K 281 -20.28 10.30 -6.63
N MET K 282 -19.26 11.14 -6.84
CA MET K 282 -19.20 12.40 -6.12
C MET K 282 -20.27 13.36 -6.64
N ARG K 283 -20.56 13.28 -7.95
CA ARG K 283 -21.64 14.07 -8.51
C ARG K 283 -22.97 13.57 -7.93
N ILE K 284 -23.15 12.24 -7.92
CA ILE K 284 -24.37 11.62 -7.44
C ILE K 284 -24.63 12.01 -5.98
N VAL K 285 -23.56 12.06 -5.17
CA VAL K 285 -23.69 12.45 -3.78
C VAL K 285 -24.24 13.86 -3.67
N ASP K 286 -23.70 14.82 -4.44
CA ASP K 286 -24.20 16.19 -4.39
C ASP K 286 -25.65 16.25 -4.83
N MET K 287 -26.05 15.40 -5.78
CA MET K 287 -27.41 15.38 -6.29
C MET K 287 -28.36 14.93 -5.17
N ILE K 288 -27.92 13.96 -4.36
CA ILE K 288 -28.71 13.47 -3.26
C ILE K 288 -28.84 14.56 -2.20
N ALA K 289 -27.74 15.27 -1.94
CA ALA K 289 -27.69 16.27 -0.88
C ALA K 289 -28.61 17.46 -1.18
N LYS K 290 -28.93 17.68 -2.47
CA LYS K 290 -29.82 18.75 -2.87
C LYS K 290 -31.19 18.62 -2.20
N ARG K 291 -31.58 17.38 -1.85
CA ARG K 291 -32.88 17.08 -1.25
C ARG K 291 -32.90 17.35 0.26
N GLY K 292 -31.81 17.89 0.82
CA GLY K 292 -31.84 18.47 2.15
C GLY K 292 -32.14 17.50 3.30
N GLY K 293 -31.90 16.19 3.14
CA GLY K 293 -31.92 15.29 4.27
C GLY K 293 -32.04 13.81 3.90
N VAL K 294 -31.66 12.94 4.84
CA VAL K 294 -31.77 11.49 4.77
C VAL K 294 -31.93 10.99 6.19
N SER K 295 -32.52 9.79 6.37
CA SER K 295 -32.89 9.31 7.69
C SER K 295 -31.86 8.33 8.25
N VAL K 296 -31.33 7.48 7.34
CA VAL K 296 -30.39 6.43 7.69
C VAL K 296 -29.39 6.28 6.53
N ILE K 297 -28.10 6.18 6.88
CA ILE K 297 -27.04 5.96 5.90
C ILE K 297 -26.34 4.67 6.30
N ASP K 298 -26.31 3.71 5.37
CA ASP K 298 -25.61 2.45 5.60
C ASP K 298 -24.49 2.29 4.57
N LEU K 299 -23.42 1.60 4.97
CA LEU K 299 -22.42 1.09 4.03
C LEU K 299 -22.01 -0.29 4.51
N THR K 300 -22.10 -1.26 3.61
CA THR K 300 -21.77 -2.64 3.92
C THR K 300 -20.78 -3.21 2.90
N GLU K 301 -20.14 -4.32 3.28
CA GLU K 301 -19.41 -5.21 2.40
C GLU K 301 -18.03 -4.67 2.05
N LEU K 302 -17.56 -3.63 2.76
CA LEU K 302 -16.15 -3.29 2.75
C LEU K 302 -15.38 -4.51 3.24
N CYS K 303 -14.21 -4.79 2.64
CA CYS K 303 -13.50 -6.02 2.90
C CYS K 303 -12.01 -5.73 2.87
N PRO K 304 -11.46 -5.10 3.95
CA PRO K 304 -10.10 -4.54 3.95
C PRO K 304 -8.92 -5.48 3.69
N ILE K 305 -9.11 -6.79 3.93
CA ILE K 305 -8.06 -7.76 3.69
C ILE K 305 -7.69 -7.79 2.20
N PHE K 306 -8.58 -7.32 1.33
CA PHE K 306 -8.33 -7.32 -0.10
C PHE K 306 -8.02 -5.92 -0.62
N ASP K 307 -7.71 -4.97 0.26
CA ASP K 307 -7.60 -3.57 -0.14
C ASP K 307 -6.12 -3.22 -0.25
N ILE K 308 -5.79 -2.34 -1.20
CA ILE K 308 -4.41 -1.97 -1.43
C ILE K 308 -4.31 -0.45 -1.24
N SER K 309 -3.60 -0.09 -0.17
CA SER K 309 -3.45 1.30 0.23
C SER K 309 -4.78 1.85 0.70
N GLY K 310 -5.68 0.96 1.14
CA GLY K 310 -6.99 1.37 1.62
C GLY K 310 -7.80 2.15 0.59
N THR K 311 -7.74 1.71 -0.67
CA THR K 311 -8.38 2.40 -1.79
C THR K 311 -9.90 2.43 -1.59
N ALA K 312 -10.50 1.26 -1.35
CA ALA K 312 -11.93 1.13 -1.18
C ALA K 312 -12.39 1.90 0.06
N ALA K 313 -11.74 1.61 1.19
CA ALA K 313 -12.11 2.19 2.46
C ALA K 313 -12.01 3.71 2.39
N ARG K 314 -10.97 4.21 1.72
CA ARG K 314 -10.75 5.64 1.60
C ARG K 314 -11.81 6.25 0.70
N LEU K 315 -12.29 5.49 -0.28
CA LEU K 315 -13.30 6.00 -1.19
C LEU K 315 -14.63 6.07 -0.45
N ALA K 316 -14.98 5.01 0.28
CA ALA K 316 -16.15 5.00 1.13
C ALA K 316 -16.14 6.22 2.04
N ALA K 317 -15.01 6.45 2.69
CA ALA K 317 -14.89 7.54 3.64
C ALA K 317 -15.15 8.87 2.93
N CYS K 318 -14.55 9.06 1.75
CA CYS K 318 -14.70 10.31 1.01
C CYS K 318 -16.16 10.50 0.63
N VAL K 319 -16.83 9.39 0.29
CA VAL K 319 -18.22 9.44 -0.13
C VAL K 319 -19.09 9.87 1.06
N ILE K 320 -18.92 9.20 2.20
CA ILE K 320 -19.77 9.45 3.36
C ILE K 320 -19.56 10.88 3.86
N MET K 321 -18.30 11.33 3.91
CA MET K 321 -18.00 12.62 4.50
C MET K 321 -18.40 13.73 3.54
N ARG K 322 -18.34 13.46 2.22
CA ARG K 322 -18.72 14.44 1.21
C ARG K 322 -20.24 14.64 1.26
N LEU K 323 -20.98 13.52 1.41
CA LEU K 323 -22.41 13.59 1.62
C LEU K 323 -22.72 14.49 2.82
N MET K 324 -21.99 14.30 3.93
CA MET K 324 -22.27 15.05 5.14
C MET K 324 -22.01 16.53 4.84
N ALA K 325 -20.86 16.82 4.24
CA ALA K 325 -20.47 18.19 3.99
C ALA K 325 -21.40 18.83 2.97
N SER K 326 -21.91 18.02 2.03
CA SER K 326 -22.79 18.54 1.00
C SER K 326 -24.17 18.89 1.56
N LEU K 327 -24.69 18.03 2.45
CA LEU K 327 -25.95 18.30 3.15
C LEU K 327 -25.80 19.62 3.91
N ALA K 328 -24.72 19.74 4.68
CA ALA K 328 -24.46 20.92 5.48
C ALA K 328 -24.47 22.18 4.61
N ALA K 329 -23.83 22.13 3.44
CA ALA K 329 -23.81 23.28 2.54
C ALA K 329 -25.24 23.62 2.08
N GLN K 330 -26.04 22.58 1.83
CA GLN K 330 -27.42 22.74 1.40
C GLN K 330 -28.25 23.38 2.52
N ASP K 331 -27.87 23.13 3.79
CA ASP K 331 -28.56 23.66 4.95
C ASP K 331 -28.12 25.10 5.25
N GLY K 332 -27.14 25.61 4.49
CA GLY K 332 -26.53 26.90 4.80
C GLY K 332 -25.60 26.84 6.03
N ASP K 333 -25.38 25.64 6.55
CA ASP K 333 -24.58 25.42 7.75
C ASP K 333 -23.08 25.50 7.42
N VAL K 334 -22.62 26.67 6.96
CA VAL K 334 -21.23 26.88 6.56
C VAL K 334 -20.48 27.57 7.69
N ILE K 335 -19.22 27.89 7.43
CA ILE K 335 -18.36 28.65 8.32
C ILE K 335 -18.15 30.04 7.73
N ASP K 336 -17.79 31.01 8.57
CA ASP K 336 -17.42 32.34 8.11
C ASP K 336 -16.32 32.22 7.06
N ASP K 337 -16.35 33.09 6.04
CA ASP K 337 -15.28 33.21 5.06
C ASP K 337 -14.08 33.93 5.69
N LYS K 338 -14.39 34.98 6.47
CA LYS K 338 -13.42 36.01 6.84
C LYS K 338 -12.46 35.52 7.91
N LEU K 339 -12.82 34.44 8.61
CA LEU K 339 -11.92 33.76 9.54
C LEU K 339 -10.55 33.52 8.90
N ARG K 340 -9.50 33.73 9.71
CA ARG K 340 -8.12 33.62 9.29
C ARG K 340 -7.27 33.11 10.44
N ARG K 341 -6.20 32.41 10.11
CA ARG K 341 -5.34 31.76 11.09
C ARG K 341 -4.77 32.84 12.03
N THR K 342 -4.50 34.03 11.47
CA THR K 342 -3.85 35.12 12.15
C THR K 342 -4.71 35.73 13.28
N ASP K 343 -5.96 35.28 13.43
CA ASP K 343 -6.83 35.75 14.50
C ASP K 343 -6.35 35.16 15.84
N SER L 6 31.62 1.18 85.76
CA SER L 6 32.61 1.75 84.80
C SER L 6 32.45 1.10 83.43
N TYR L 7 33.26 1.55 82.47
CA TYR L 7 33.20 1.06 81.10
C TYR L 7 34.60 0.65 80.64
N ALA L 8 35.42 0.14 81.57
CA ALA L 8 36.79 -0.22 81.28
C ALA L 8 36.85 -1.45 80.38
N HIS L 9 35.81 -2.30 80.50
CA HIS L 9 35.72 -3.54 79.75
C HIS L 9 35.53 -3.29 78.25
N LEU L 10 34.97 -2.12 77.88
CA LEU L 10 34.77 -1.76 76.48
C LEU L 10 36.09 -1.53 75.76
N PHE L 11 37.18 -1.26 76.50
CA PHE L 11 38.37 -0.71 75.91
C PHE L 11 39.57 -1.59 76.20
N SER L 12 40.61 -1.42 75.38
CA SER L 12 41.86 -2.13 75.57
C SER L 12 42.34 -1.85 76.99
N PRO L 13 42.93 -2.83 77.71
CA PRO L 13 43.30 -2.68 79.12
C PRO L 13 44.37 -1.60 79.37
N LEU L 14 44.24 -0.90 80.50
CA LEU L 14 45.10 0.24 80.84
C LEU L 14 46.47 -0.24 81.32
N GLY L 15 46.50 -1.32 82.12
CA GLY L 15 47.75 -1.87 82.61
C GLY L 15 48.23 -1.26 83.94
N GLY L 16 47.85 -1.88 85.06
CA GLY L 16 48.36 -1.48 86.36
C GLY L 16 48.08 -2.54 87.41
N ALA L 24 40.90 -13.37 90.69
CA ALA L 24 39.73 -14.26 90.91
C ALA L 24 39.55 -15.18 89.71
N PRO L 25 40.20 -16.38 89.69
CA PRO L 25 40.07 -17.31 88.57
C PRO L 25 38.62 -17.38 88.10
N GLY L 26 38.40 -17.12 86.81
CA GLY L 26 37.06 -17.03 86.27
C GLY L 26 36.28 -18.33 86.41
N LEU L 27 35.00 -18.21 86.80
CA LEU L 27 34.07 -19.33 86.77
C LEU L 27 33.65 -19.52 85.31
N ILE L 28 33.68 -20.76 84.81
CA ILE L 28 33.33 -21.03 83.42
C ILE L 28 31.91 -20.57 83.14
N THR L 29 31.72 -19.37 82.58
CA THR L 29 30.36 -18.91 82.31
C THR L 29 30.25 -18.34 80.91
N PHE L 30 29.09 -18.60 80.31
CA PHE L 30 28.68 -17.94 79.08
C PHE L 30 29.02 -16.45 79.15
N LEU L 31 29.97 -16.03 78.29
CA LEU L 31 30.30 -14.63 78.08
C LEU L 31 30.90 -13.98 79.33
N ARG L 32 31.52 -14.79 80.21
CA ARG L 32 32.10 -14.27 81.44
C ARG L 32 31.02 -13.58 82.27
N SER L 33 29.79 -14.11 82.21
CA SER L 33 28.65 -13.52 82.89
C SER L 33 28.58 -14.00 84.33
N ALA L 34 27.87 -13.22 85.16
CA ALA L 34 27.64 -13.61 86.55
C ALA L 34 26.87 -14.92 86.59
N HIS L 35 27.12 -15.71 87.65
CA HIS L 35 26.26 -16.84 87.98
C HIS L 35 25.05 -16.31 88.74
N VAL L 36 23.89 -16.94 88.50
CA VAL L 36 22.67 -16.71 89.25
C VAL L 36 21.95 -18.06 89.34
N PRO L 37 21.48 -18.51 90.53
CA PRO L 37 20.85 -19.83 90.65
C PRO L 37 19.62 -19.93 89.76
N LEU L 38 19.23 -21.18 89.45
CA LEU L 38 18.07 -21.42 88.61
C LEU L 38 16.82 -21.25 89.46
N ASN L 39 16.46 -19.99 89.67
CA ASN L 39 15.42 -19.57 90.61
C ASN L 39 14.74 -18.33 90.04
N ALA L 40 13.41 -18.39 89.89
CA ALA L 40 12.67 -17.33 89.20
C ALA L 40 12.95 -15.96 89.83
N GLU L 41 12.97 -15.90 91.17
CA GLU L 41 13.02 -14.64 91.88
C GLU L 41 14.42 -14.02 91.80
N ALA L 42 15.46 -14.85 91.97
CA ALA L 42 16.83 -14.38 91.82
C ALA L 42 17.05 -13.86 90.39
N LEU L 43 16.49 -14.59 89.41
CA LEU L 43 16.65 -14.24 88.00
C LEU L 43 16.00 -12.88 87.73
N LYS L 44 14.76 -12.69 88.24
CA LYS L 44 14.05 -11.42 88.16
C LYS L 44 14.91 -10.25 88.66
N ALA L 45 15.61 -10.46 89.78
CA ALA L 45 16.31 -9.38 90.46
C ALA L 45 17.65 -9.06 89.81
N CYS L 46 18.25 -10.04 89.11
CA CYS L 46 19.63 -9.91 88.66
C CYS L 46 19.78 -8.82 87.59
N GLY L 47 18.73 -8.56 86.80
CA GLY L 47 18.70 -7.45 85.85
C GLY L 47 19.15 -7.86 84.43
N ALA L 48 19.19 -9.16 84.15
CA ALA L 48 19.58 -9.66 82.85
C ALA L 48 18.34 -10.01 82.04
N LYS L 49 18.53 -10.06 80.71
CA LYS L 49 17.46 -10.39 79.78
C LYS L 49 17.53 -11.86 79.38
N TYR L 50 18.72 -12.48 79.50
CA TYR L 50 18.92 -13.85 79.09
C TYR L 50 19.52 -14.66 80.24
N ALA L 51 19.14 -15.94 80.34
CA ALA L 51 19.78 -16.86 81.26
C ALA L 51 20.27 -18.08 80.48
N PHE L 52 21.57 -18.31 80.54
CA PHE L 52 22.17 -19.48 79.91
C PHE L 52 21.93 -20.71 80.78
N VAL L 53 21.45 -21.79 80.15
CA VAL L 53 21.23 -23.04 80.84
C VAL L 53 21.91 -24.14 80.02
N GLY L 54 22.94 -24.77 80.58
CA GLY L 54 23.54 -25.93 79.94
C GLY L 54 22.69 -27.17 80.18
N VAL L 55 22.62 -28.05 79.18
CA VAL L 55 21.82 -29.26 79.30
C VAL L 55 22.62 -30.41 78.71
N PRO L 56 23.67 -30.88 79.41
CA PRO L 56 24.56 -31.91 78.89
C PRO L 56 23.90 -33.30 78.87
N PHE L 57 22.91 -33.44 77.98
CA PHE L 57 22.07 -34.64 77.90
C PHE L 57 22.25 -35.32 76.55
N ASP L 58 22.61 -36.61 76.57
CA ASP L 58 23.12 -37.31 75.38
C ASP L 58 22.13 -38.38 74.93
N GLU L 59 21.05 -38.62 75.69
CA GLU L 59 20.38 -39.92 75.68
C GLU L 59 19.24 -40.01 74.66
N GLY L 60 18.96 -38.93 73.94
CA GLY L 60 18.10 -39.01 72.76
C GLY L 60 18.89 -39.24 71.47
N ASN L 61 20.23 -39.23 71.55
CA ASN L 61 21.09 -39.22 70.37
C ASN L 61 21.29 -40.66 69.90
N ILE L 62 20.89 -40.93 68.66
CA ILE L 62 21.04 -42.25 68.05
C ILE L 62 22.39 -42.35 67.33
N GLY L 63 23.07 -41.21 67.14
CA GLY L 63 24.22 -41.16 66.25
C GLY L 63 25.54 -41.09 67.03
N LYS L 64 26.47 -40.27 66.53
CA LYS L 64 27.82 -40.22 67.07
C LYS L 64 27.78 -39.48 68.40
N PRO L 65 28.51 -39.95 69.43
CA PRO L 65 28.50 -39.30 70.73
C PRO L 65 29.36 -38.04 70.74
N GLY L 66 29.09 -37.15 71.71
CA GLY L 66 30.01 -36.07 72.03
C GLY L 66 29.33 -34.78 72.47
N SER L 67 28.01 -34.66 72.24
CA SER L 67 27.31 -33.41 72.50
C SER L 67 27.30 -33.05 73.99
N GLU L 68 27.60 -33.98 74.90
CA GLU L 68 27.45 -33.66 76.31
C GLU L 68 28.59 -32.75 76.77
N ASP L 69 29.66 -32.63 75.97
CA ASP L 69 30.73 -31.72 76.29
C ASP L 69 30.49 -30.33 75.69
N ALA L 70 29.38 -30.14 74.96
CA ALA L 70 29.16 -28.91 74.20
C ALA L 70 29.01 -27.71 75.14
N PRO L 71 28.20 -27.79 76.23
CA PRO L 71 28.02 -26.63 77.10
C PRO L 71 29.33 -26.09 77.63
N ARG L 72 30.25 -26.96 78.07
CA ARG L 72 31.54 -26.49 78.55
C ARG L 72 32.29 -25.80 77.41
N GLU L 73 32.44 -26.47 76.26
CA GLU L 73 33.19 -25.92 75.15
C GLU L 73 32.58 -24.61 74.65
N PHE L 74 31.24 -24.56 74.59
CA PHE L 74 30.55 -23.36 74.15
C PHE L 74 30.89 -22.20 75.09
N ARG L 75 30.74 -22.42 76.41
CA ARG L 75 31.08 -21.39 77.38
C ARG L 75 32.51 -20.89 77.11
N LEU L 76 33.47 -21.81 77.00
CA LEU L 76 34.87 -21.44 76.91
C LEU L 76 35.11 -20.56 75.69
N ILE L 77 34.53 -20.95 74.54
CA ILE L 77 34.71 -20.19 73.32
C ILE L 77 34.20 -18.76 73.51
N THR L 78 33.06 -18.61 74.21
CA THR L 78 32.43 -17.31 74.37
C THR L 78 33.28 -16.38 75.26
N GLN L 79 34.18 -16.97 76.06
CA GLN L 79 35.04 -16.20 76.95
C GLN L 79 36.06 -15.38 76.17
N GLU L 80 36.29 -15.74 74.91
CA GLU L 80 37.39 -15.18 74.14
C GLU L 80 37.00 -13.88 73.44
N TYR L 81 35.68 -13.58 73.43
CA TYR L 81 35.19 -12.39 72.74
C TYR L 81 35.01 -11.27 73.77
N PHE L 82 35.29 -10.03 73.33
CA PHE L 82 34.86 -8.86 74.07
C PHE L 82 33.33 -8.84 74.12
N SER L 83 32.80 -8.11 75.11
CA SER L 83 31.36 -7.93 75.20
C SER L 83 30.90 -6.81 74.26
N TYR L 84 31.83 -5.99 73.73
CA TYR L 84 31.49 -4.91 72.84
C TYR L 84 31.60 -5.31 71.35
N TRP L 85 30.52 -5.06 70.61
CA TRP L 85 30.39 -5.46 69.21
C TRP L 85 30.24 -4.20 68.36
N PHE L 86 31.36 -3.73 67.79
CA PHE L 86 31.46 -2.41 67.17
C PHE L 86 30.47 -2.28 66.01
N GLU L 87 30.17 -3.39 65.33
CA GLU L 87 29.28 -3.38 64.18
C GLU L 87 27.90 -2.89 64.60
N TYR L 88 27.52 -3.14 65.86
CA TYR L 88 26.20 -2.78 66.36
C TYR L 88 26.28 -1.63 67.36
N ASN L 89 27.49 -1.27 67.79
CA ASN L 89 27.72 -0.31 68.86
C ASN L 89 26.94 -0.74 70.11
N VAL L 90 27.03 -2.03 70.44
CA VAL L 90 26.29 -2.60 71.56
C VAL L 90 27.30 -3.26 72.48
N ASP L 91 27.03 -3.21 73.79
CA ASP L 91 27.77 -3.95 74.80
C ASP L 91 26.83 -5.02 75.39
N LEU L 92 27.35 -6.25 75.51
CA LEU L 92 26.54 -7.37 75.95
C LEU L 92 26.72 -7.59 77.45
N HIS L 93 27.65 -6.84 78.06
CA HIS L 93 27.90 -7.00 79.48
C HIS L 93 26.58 -6.82 80.23
N GLY L 94 26.28 -7.80 81.09
CA GLY L 94 25.13 -7.73 81.98
C GLY L 94 23.84 -8.22 81.34
N LYS L 95 23.82 -8.42 80.01
CA LYS L 95 22.59 -8.80 79.33
C LYS L 95 22.23 -10.25 79.63
N ALA L 96 23.22 -11.08 79.99
CA ALA L 96 22.96 -12.47 80.29
C ALA L 96 23.53 -12.84 81.65
N VAL L 97 23.02 -13.95 82.19
CA VAL L 97 23.62 -14.62 83.34
C VAL L 97 23.69 -16.12 82.99
N ASP L 98 24.55 -16.83 83.71
CA ASP L 98 24.72 -18.26 83.53
C ASP L 98 24.16 -18.95 84.77
N CYS L 99 23.21 -19.86 84.55
CA CYS L 99 22.56 -20.58 85.64
C CYS L 99 23.28 -21.91 85.90
N GLY L 100 24.37 -22.18 85.17
CA GLY L 100 24.99 -23.49 85.23
C GLY L 100 24.18 -24.53 84.48
N ASP L 101 24.28 -25.79 84.89
CA ASP L 101 23.78 -26.92 84.14
C ASP L 101 22.57 -27.53 84.84
N VAL L 102 21.77 -28.30 84.11
CA VAL L 102 20.71 -29.11 84.69
C VAL L 102 21.31 -30.43 85.14
N SER L 103 21.11 -30.79 86.43
CA SER L 103 21.61 -32.03 87.01
C SER L 103 21.12 -33.25 86.24
N MET L 104 22.05 -33.98 85.62
CA MET L 104 21.71 -35.11 84.78
C MET L 104 21.82 -36.40 85.61
N PRO L 105 20.74 -37.21 85.73
CA PRO L 105 20.72 -38.38 86.62
C PRO L 105 21.37 -39.66 86.11
N LYS L 106 21.01 -40.79 86.74
CA LYS L 106 21.55 -42.10 86.40
C LYS L 106 20.78 -42.70 85.23
N VAL L 107 21.21 -42.42 83.99
CA VAL L 107 20.59 -42.99 82.81
C VAL L 107 19.08 -43.10 83.04
N SER L 108 18.47 -41.99 83.49
CA SER L 108 17.04 -41.94 83.72
C SER L 108 16.42 -40.89 82.80
N PRO L 109 16.19 -41.20 81.51
CA PRO L 109 15.75 -40.21 80.53
C PRO L 109 14.50 -39.45 80.97
N GLU L 110 13.46 -40.19 81.39
CA GLU L 110 12.19 -39.59 81.75
C GLU L 110 12.43 -38.53 82.84
N VAL L 111 13.15 -38.92 83.90
CA VAL L 111 13.43 -38.01 85.00
C VAL L 111 14.28 -36.85 84.49
N ALA L 112 15.33 -37.17 83.70
CA ALA L 112 16.16 -36.16 83.08
C ALA L 112 15.30 -35.10 82.41
N HIS L 113 14.41 -35.54 81.50
CA HIS L 113 13.49 -34.63 80.82
C HIS L 113 12.73 -33.80 81.85
N GLU L 114 12.09 -34.47 82.81
CA GLU L 114 11.28 -33.79 83.82
C GLU L 114 12.09 -32.63 84.40
N ARG L 115 13.39 -32.84 84.64
CA ARG L 115 14.22 -31.81 85.23
C ARG L 115 14.45 -30.65 84.26
N ILE L 116 14.61 -30.98 82.96
CA ILE L 116 14.79 -29.96 81.94
C ILE L 116 13.54 -29.09 81.88
N TYR L 117 12.38 -29.75 81.80
CA TYR L 117 11.07 -29.12 81.82
C TYR L 117 11.00 -28.07 82.94
N ARG L 118 11.27 -28.51 84.18
CA ARG L 118 11.17 -27.66 85.35
C ARG L 118 12.12 -26.47 85.24
N ALA L 119 13.34 -26.72 84.78
CA ALA L 119 14.36 -25.68 84.64
C ALA L 119 13.90 -24.60 83.67
N VAL L 120 13.30 -25.00 82.55
CA VAL L 120 12.84 -24.02 81.57
C VAL L 120 11.64 -23.24 82.11
N ARG L 121 10.65 -23.94 82.70
CA ARG L 121 9.51 -23.28 83.31
C ARG L 121 9.99 -22.22 84.30
N GLU L 122 10.97 -22.57 85.13
CA GLU L 122 11.50 -21.64 86.12
C GLU L 122 12.03 -20.40 85.42
N VAL L 123 12.88 -20.60 84.41
CA VAL L 123 13.47 -19.47 83.70
C VAL L 123 12.35 -18.62 83.10
N LEU L 124 11.38 -19.28 82.46
CA LEU L 124 10.31 -18.55 81.80
C LEU L 124 9.49 -17.75 82.83
N LYS L 125 9.25 -18.34 84.01
CA LYS L 125 8.60 -17.63 85.11
C LYS L 125 9.34 -16.32 85.41
N SER L 126 10.67 -16.33 85.30
CA SER L 126 11.48 -15.18 85.65
C SER L 126 11.25 -14.00 84.70
N GLY L 127 10.70 -14.28 83.51
CA GLY L 127 10.61 -13.27 82.47
C GLY L 127 11.88 -13.13 81.63
N LEU L 128 12.90 -13.96 81.89
CA LEU L 128 14.14 -13.92 81.11
C LEU L 128 14.08 -14.94 79.98
N ILE L 129 14.89 -14.70 78.94
CA ILE L 129 14.94 -15.58 77.80
C ILE L 129 15.95 -16.68 78.13
N PRO L 130 15.54 -17.95 78.16
CA PRO L 130 16.49 -19.05 78.32
C PRO L 130 17.28 -19.22 77.02
N ILE L 131 18.61 -19.35 77.16
CA ILE L 131 19.47 -19.84 76.10
C ILE L 131 19.87 -21.24 76.52
N ILE L 132 19.29 -22.23 75.84
CA ILE L 132 19.43 -23.62 76.20
C ILE L 132 20.47 -24.27 75.29
N CYS L 133 21.59 -24.73 75.88
CA CYS L 133 22.66 -25.34 75.12
C CYS L 133 22.70 -26.84 75.38
N GLY L 134 22.34 -27.62 74.35
CA GLY L 134 22.48 -29.07 74.40
C GLY L 134 23.95 -29.47 74.29
N GLY L 135 24.21 -30.79 74.22
CA GLY L 135 23.19 -31.83 74.38
C GLY L 135 22.51 -32.16 73.05
N ASP L 136 21.72 -33.24 73.02
CA ASP L 136 21.12 -33.69 71.77
C ASP L 136 19.81 -32.94 71.53
N ARG L 137 19.28 -33.12 70.31
CA ARG L 137 18.19 -32.34 69.76
C ARG L 137 16.85 -32.67 70.43
N SER L 138 16.74 -33.83 71.08
CA SER L 138 15.51 -34.20 71.78
C SER L 138 15.23 -33.26 72.95
N ILE L 139 16.23 -32.53 73.45
CA ILE L 139 15.96 -31.63 74.56
C ILE L 139 15.02 -30.51 74.10
N SER L 140 14.90 -30.32 72.79
CA SER L 140 14.03 -29.28 72.25
C SER L 140 12.57 -29.65 72.47
N ILE L 141 12.27 -30.95 72.43
CA ILE L 141 10.91 -31.44 72.68
C ILE L 141 10.39 -30.87 74.00
N THR L 142 11.15 -31.00 75.09
CA THR L 142 10.65 -30.69 76.41
C THR L 142 10.85 -29.21 76.72
N ALA L 143 11.76 -28.52 76.02
CA ALA L 143 11.89 -27.08 76.23
C ALA L 143 10.74 -26.37 75.52
N ALA L 144 10.32 -26.93 74.38
CA ALA L 144 9.20 -26.39 73.62
C ALA L 144 7.89 -26.66 74.35
N ARG L 145 7.78 -27.84 74.97
CA ARG L 145 6.60 -28.18 75.76
C ARG L 145 6.51 -27.22 76.94
N ALA L 146 7.65 -26.82 77.50
CA ALA L 146 7.68 -25.92 78.64
C ALA L 146 7.18 -24.52 78.25
N LEU L 147 7.52 -24.07 77.05
CA LEU L 147 7.06 -22.77 76.60
C LEU L 147 5.56 -22.85 76.28
N SER L 148 5.14 -24.00 75.74
CA SER L 148 3.75 -24.27 75.42
C SER L 148 2.90 -24.15 76.68
N ASP L 149 3.34 -24.82 77.76
CA ASP L 149 2.64 -24.84 79.03
C ASP L 149 2.72 -23.47 79.67
N HIS L 150 3.88 -22.83 79.61
CA HIS L 150 4.07 -21.52 80.23
C HIS L 150 3.03 -20.53 79.71
N ILE L 151 2.85 -20.49 78.39
CA ILE L 151 2.03 -19.46 77.77
C ILE L 151 0.55 -19.84 77.88
N GLY L 152 0.24 -21.14 77.88
CA GLY L 152 -1.10 -21.65 78.14
C GLY L 152 -1.98 -21.66 76.89
N PRO L 153 -3.19 -22.26 76.96
CA PRO L 153 -4.01 -22.52 75.78
C PRO L 153 -4.69 -21.29 75.18
N GLN L 154 -4.56 -20.13 75.84
CA GLN L 154 -5.15 -18.90 75.37
C GLN L 154 -4.20 -18.16 74.44
N LYS L 155 -2.99 -18.69 74.22
CA LYS L 155 -1.96 -17.97 73.50
C LYS L 155 -1.45 -18.79 72.31
N LYS L 156 -0.80 -18.09 71.38
CA LYS L 156 -0.26 -18.70 70.18
C LYS L 156 1.27 -18.67 70.22
N MET L 157 1.85 -19.85 69.96
CA MET L 157 3.29 -20.05 69.94
C MET L 157 3.75 -20.18 68.47
N GLY L 158 4.92 -19.58 68.16
CA GLY L 158 5.63 -19.84 66.92
C GLY L 158 6.93 -20.61 67.16
N TYR L 159 7.32 -21.44 66.18
CA TYR L 159 8.49 -22.30 66.27
C TYR L 159 9.30 -22.22 64.98
N MET L 160 10.60 -21.93 65.12
CA MET L 160 11.54 -21.94 64.01
C MET L 160 12.80 -22.72 64.40
N HIS L 161 13.14 -23.70 63.55
CA HIS L 161 14.34 -24.50 63.76
C HIS L 161 15.15 -24.56 62.46
N PHE L 162 16.48 -24.45 62.61
CA PHE L 162 17.42 -24.60 61.50
C PHE L 162 18.06 -25.97 61.59
N GLY L 163 18.03 -26.76 60.51
CA GLY L 163 18.65 -28.08 60.55
C GLY L 163 18.55 -28.85 59.24
N ALA L 164 19.44 -29.82 59.04
CA ALA L 164 19.49 -30.60 57.81
C ALA L 164 18.47 -31.75 57.86
N GLN L 165 18.03 -32.10 59.08
CA GLN L 165 17.15 -33.23 59.29
C GLN L 165 15.80 -32.72 59.79
N LEU L 166 14.72 -33.27 59.24
CA LEU L 166 13.37 -32.86 59.62
C LEU L 166 13.06 -33.31 61.05
N ASP L 167 13.53 -34.51 61.41
CA ASP L 167 13.31 -35.12 62.71
C ASP L 167 11.81 -35.30 62.92
N MET L 168 11.14 -35.93 61.94
CA MET L 168 9.69 -36.11 61.99
C MET L 168 9.37 -37.62 62.00
N ALA L 169 10.10 -38.37 62.85
CA ALA L 169 9.77 -39.76 63.12
C ALA L 169 8.65 -39.83 64.16
N ASP L 170 7.48 -40.30 63.72
CA ASP L 170 6.35 -40.54 64.60
C ASP L 170 6.85 -41.43 65.75
N SER L 171 7.60 -42.49 65.39
CA SER L 171 8.39 -43.23 66.36
C SER L 171 9.70 -43.71 65.72
N TRP L 172 10.72 -43.86 66.55
CA TRP L 172 12.06 -44.27 66.14
C TRP L 172 12.53 -45.42 67.02
N ALA L 173 12.74 -46.59 66.40
CA ALA L 173 13.15 -47.78 67.12
C ALA L 173 12.19 -48.04 68.28
N GLY L 174 10.88 -48.01 67.96
CA GLY L 174 9.83 -48.27 68.93
C GLY L 174 9.72 -47.18 70.01
N GLU L 175 10.51 -46.10 69.91
CA GLU L 175 10.53 -45.07 70.93
C GLU L 175 9.95 -43.78 70.35
N ARG L 176 9.64 -42.78 71.18
CA ARG L 176 8.83 -41.65 70.74
C ARG L 176 9.43 -40.30 71.12
N ASN L 177 10.55 -40.26 71.86
CA ASN L 177 11.12 -38.99 72.32
C ASN L 177 12.62 -38.90 72.05
N LEU L 178 13.11 -39.66 71.06
CA LEU L 178 14.48 -39.54 70.64
C LEU L 178 14.63 -38.32 69.74
N ALA L 179 15.87 -37.95 69.42
CA ALA L 179 16.13 -36.74 68.64
C ALA L 179 15.43 -36.81 67.28
N PRO L 180 15.42 -37.96 66.54
CA PRO L 180 14.70 -38.03 65.26
C PRO L 180 13.19 -37.92 65.33
N CYS L 181 12.62 -37.86 66.54
CA CYS L 181 11.19 -37.71 66.75
C CYS L 181 10.80 -36.26 67.07
N ALA L 182 11.80 -35.38 67.21
CA ALA L 182 11.64 -34.14 67.96
C ALA L 182 10.55 -33.27 67.35
N MET L 183 10.52 -33.24 66.01
CA MET L 183 9.57 -32.39 65.30
C MET L 183 8.17 -33.02 65.33
N ALA L 184 8.10 -34.36 65.28
CA ALA L 184 6.82 -35.06 65.38
C ALA L 184 6.14 -34.74 66.72
N ARG L 185 6.92 -34.63 67.80
CA ARG L 185 6.33 -34.27 69.09
C ARG L 185 5.98 -32.79 69.10
N ILE L 186 6.91 -31.91 68.68
CA ILE L 186 6.73 -30.47 68.81
C ILE L 186 5.51 -29.98 68.02
N THR L 187 5.24 -30.59 66.85
CA THR L 187 4.10 -30.19 66.04
C THR L 187 2.79 -30.79 66.58
N GLU L 188 2.83 -31.46 67.74
CA GLU L 188 1.64 -31.95 68.40
C GLU L 188 1.21 -31.01 69.53
N LEU L 189 2.02 -29.98 69.82
CA LEU L 189 1.69 -29.05 70.87
C LEU L 189 0.41 -28.30 70.50
N PRO L 190 -0.58 -28.26 71.42
CA PRO L 190 -1.91 -27.78 71.09
C PRO L 190 -2.00 -26.29 70.73
N ASN L 191 -1.12 -25.44 71.29
CA ASN L 191 -1.12 -24.02 70.96
C ASN L 191 -0.04 -23.66 69.93
N LEU L 192 0.49 -24.68 69.21
CA LEU L 192 1.42 -24.43 68.12
C LEU L 192 0.77 -24.87 66.80
N ASP L 193 0.14 -23.92 66.12
CA ASP L 193 -0.46 -24.15 64.83
C ASP L 193 0.63 -24.41 63.78
N ILE L 194 0.43 -25.43 62.95
CA ILE L 194 1.44 -25.84 61.98
C ILE L 194 1.86 -24.65 61.13
N ARG L 195 0.93 -23.71 60.87
CA ARG L 195 1.21 -22.56 60.03
C ARG L 195 2.12 -21.55 60.73
N ASN L 196 2.35 -21.72 62.04
CA ASN L 196 3.31 -20.88 62.75
C ASN L 196 4.63 -21.64 62.99
N VAL L 197 4.88 -22.70 62.23
CA VAL L 197 6.08 -23.51 62.37
C VAL L 197 6.96 -23.33 61.13
N ALA L 198 8.27 -23.09 61.34
CA ALA L 198 9.24 -23.03 60.26
C ALA L 198 10.34 -24.05 60.52
N HIS L 199 10.80 -24.70 59.45
CA HIS L 199 11.96 -25.59 59.50
C HIS L 199 12.82 -25.35 58.26
N LEU L 200 14.08 -24.94 58.48
CA LEU L 200 14.93 -24.49 57.39
C LEU L 200 16.21 -25.33 57.33
N GLY L 201 16.47 -25.90 56.15
CA GLY L 201 17.79 -26.41 55.81
C GLY L 201 17.78 -27.89 55.40
N ALA L 202 16.62 -28.52 55.38
CA ALA L 202 16.56 -29.96 55.19
C ALA L 202 17.26 -30.34 53.89
N ARG L 203 18.13 -31.35 53.95
CA ARG L 203 18.79 -31.84 52.76
C ARG L 203 19.37 -33.21 53.01
N ASN L 204 19.72 -33.92 51.93
CA ASN L 204 20.50 -35.15 51.95
C ASN L 204 19.70 -36.28 52.61
N ALA L 205 20.37 -37.39 52.96
CA ALA L 205 19.68 -38.67 53.05
C ALA L 205 19.34 -39.06 54.48
N MET L 206 19.56 -38.20 55.48
CA MET L 206 19.15 -38.49 56.86
C MET L 206 17.69 -38.09 57.07
N ASN L 207 16.83 -38.37 56.09
CA ASN L 207 15.45 -37.90 56.10
C ASN L 207 14.57 -38.98 55.48
N PRO L 208 14.22 -40.04 56.26
CA PRO L 208 13.50 -41.20 55.71
C PRO L 208 12.09 -40.81 55.25
N LYS L 209 11.53 -41.65 54.37
CA LYS L 209 10.30 -41.32 53.65
C LYS L 209 9.16 -40.94 54.61
N ASP L 210 9.06 -41.63 55.75
CA ASP L 210 7.98 -41.38 56.69
C ASP L 210 8.06 -39.95 57.26
N HIS L 211 9.26 -39.36 57.33
CA HIS L 211 9.39 -38.00 57.85
C HIS L 211 8.75 -37.01 56.88
N ILE L 212 8.91 -37.31 55.58
CA ILE L 212 8.33 -36.48 54.53
C ILE L 212 6.80 -36.65 54.59
N ASP L 213 6.36 -37.92 54.53
CA ASP L 213 4.95 -38.29 54.54
C ASP L 213 4.22 -37.57 55.68
N LEU L 214 4.73 -37.69 56.91
CA LEU L 214 4.09 -37.08 58.06
C LEU L 214 4.01 -35.56 57.91
N SER L 215 5.07 -34.95 57.38
CA SER L 215 5.13 -33.51 57.19
C SER L 215 4.00 -33.05 56.25
N LYS L 216 3.81 -33.79 55.16
CA LYS L 216 2.77 -33.49 54.19
C LYS L 216 1.39 -33.71 54.82
N GLU L 217 1.24 -34.81 55.57
CA GLU L 217 0.01 -35.08 56.29
C GLU L 217 -0.37 -33.87 57.17
N ARG L 218 0.59 -33.32 57.91
CA ARG L 218 0.28 -32.27 58.87
C ARG L 218 0.38 -30.87 58.25
N GLY L 219 0.83 -30.80 56.99
CA GLY L 219 1.05 -29.52 56.31
C GLY L 219 2.23 -28.74 56.89
N LEU L 220 3.31 -29.44 57.25
CA LEU L 220 4.52 -28.77 57.69
C LEU L 220 5.19 -28.19 56.45
N GLN L 221 5.30 -26.85 56.40
CA GLN L 221 5.85 -26.15 55.26
C GLN L 221 7.33 -25.90 55.50
N TYR L 222 8.11 -26.97 55.45
CA TYR L 222 9.56 -26.85 55.65
C TYR L 222 10.19 -26.25 54.40
N ASP L 223 11.23 -25.44 54.62
CA ASP L 223 12.04 -24.85 53.58
C ASP L 223 13.31 -25.68 53.43
N SER L 224 13.29 -26.61 52.46
CA SER L 224 14.47 -27.41 52.20
C SER L 224 15.60 -26.48 51.78
N MET L 225 16.84 -26.96 51.89
CA MET L 225 17.98 -26.15 51.53
C MET L 225 17.91 -25.79 50.05
N PHE L 226 17.42 -26.69 49.20
CA PHE L 226 17.40 -26.39 47.78
C PHE L 226 16.26 -25.41 47.46
N ASP L 227 15.12 -25.45 48.16
CA ASP L 227 14.13 -24.39 48.04
C ASP L 227 14.73 -23.04 48.42
N LEU L 228 15.55 -23.02 49.47
CA LEU L 228 16.20 -21.79 49.90
C LEU L 228 17.16 -21.28 48.83
N PHE L 229 18.02 -22.15 48.29
CA PHE L 229 18.98 -21.72 47.28
C PHE L 229 18.25 -21.21 46.04
N ASP L 230 17.20 -21.92 45.61
CA ASP L 230 16.43 -21.53 44.43
C ASP L 230 15.81 -20.15 44.60
N ALA L 231 15.45 -19.78 45.84
CA ALA L 231 14.80 -18.51 46.13
C ALA L 231 15.80 -17.39 46.42
N GLY L 232 17.10 -17.67 46.34
CA GLY L 232 18.10 -16.71 46.81
C GLY L 232 18.14 -16.59 48.34
N ILE L 233 17.61 -17.61 49.05
CA ILE L 233 17.62 -17.73 50.50
C ILE L 233 16.71 -16.70 51.17
N TYR L 234 17.10 -15.43 51.16
CA TYR L 234 16.55 -14.46 52.10
C TYR L 234 15.06 -14.19 51.88
N PRO L 235 14.57 -14.05 50.63
CA PRO L 235 13.13 -13.91 50.41
C PRO L 235 12.25 -14.98 51.07
N LEU L 236 12.70 -16.24 51.04
CA LEU L 236 11.91 -17.33 51.58
C LEU L 236 12.09 -17.39 53.10
N VAL L 237 13.26 -17.05 53.62
CA VAL L 237 13.48 -16.93 55.05
C VAL L 237 12.54 -15.87 55.62
N GLU L 238 12.44 -14.73 54.93
CA GLU L 238 11.58 -13.64 55.39
C GLU L 238 10.14 -14.10 55.52
N ARG L 239 9.65 -14.87 54.54
CA ARG L 239 8.28 -15.34 54.58
C ARG L 239 8.09 -16.32 55.75
N SER L 240 9.11 -17.10 56.10
CA SER L 240 9.01 -18.06 57.18
C SER L 240 9.14 -17.38 58.54
N ILE L 241 9.93 -16.30 58.60
CA ILE L 241 10.02 -15.48 59.80
C ILE L 241 8.63 -14.90 60.06
N ASP L 242 7.97 -14.43 59.01
CA ASP L 242 6.69 -13.74 59.16
C ASP L 242 5.65 -14.73 59.69
N ARG L 243 5.62 -15.94 59.13
CA ARG L 243 4.69 -16.96 59.55
C ARG L 243 4.86 -17.29 61.05
N VAL L 244 6.10 -17.17 61.56
CA VAL L 244 6.43 -17.62 62.91
C VAL L 244 6.24 -16.49 63.92
N TRP L 245 6.51 -15.24 63.51
CA TRP L 245 6.46 -14.11 64.43
C TRP L 245 5.16 -13.31 64.31
N SER L 246 4.49 -13.31 63.16
CA SER L 246 3.31 -12.51 62.97
C SER L 246 2.10 -13.22 63.57
N GLY L 247 1.48 -12.57 64.57
CA GLY L 247 0.28 -13.06 65.22
C GLY L 247 0.56 -14.11 66.29
N THR L 248 1.80 -14.17 66.80
CA THR L 248 2.13 -15.10 67.87
C THR L 248 2.57 -14.31 69.11
N ASP L 249 2.36 -14.93 70.26
CA ASP L 249 2.65 -14.34 71.56
C ASP L 249 4.06 -14.70 71.99
N ALA L 250 4.50 -15.92 71.64
CA ALA L 250 5.83 -16.38 71.99
C ALA L 250 6.44 -17.18 70.83
N GLN L 251 7.78 -17.09 70.68
CA GLN L 251 8.48 -17.78 69.62
C GLN L 251 9.67 -18.55 70.17
N TYR L 252 9.76 -19.80 69.71
CA TYR L 252 10.87 -20.69 70.00
C TYR L 252 11.78 -20.74 68.77
N LEU L 253 13.07 -20.44 68.99
CA LEU L 253 14.09 -20.45 67.95
C LEU L 253 15.16 -21.49 68.31
N GLY L 254 15.34 -22.49 67.44
CA GLY L 254 16.32 -23.53 67.67
C GLY L 254 17.29 -23.72 66.49
N PHE L 255 18.50 -24.16 66.81
CA PHE L 255 19.60 -24.32 65.89
C PHE L 255 20.26 -25.68 66.08
N ASN L 256 20.31 -26.45 65.00
CA ASN L 256 21.28 -27.52 64.83
C ASN L 256 22.25 -27.03 63.76
N PHE L 257 23.52 -26.90 64.11
CA PHE L 257 24.42 -26.20 63.22
C PHE L 257 24.89 -27.11 62.08
N ASN L 258 24.27 -28.29 61.91
CA ASN L 258 24.45 -29.00 60.67
C ASN L 258 23.58 -28.33 59.60
N VAL L 259 22.86 -27.27 59.95
CA VAL L 259 22.26 -26.44 58.91
C VAL L 259 23.38 -25.84 58.05
N MET L 260 24.54 -25.60 58.67
CA MET L 260 25.67 -24.96 58.00
C MET L 260 26.37 -25.96 57.11
N ASP L 261 27.11 -25.45 56.11
CA ASP L 261 27.98 -26.30 55.31
C ASP L 261 29.04 -26.90 56.23
N SER L 262 29.40 -28.17 55.97
CA SER L 262 30.39 -28.92 56.73
C SER L 262 31.63 -28.11 57.12
N SER L 263 32.21 -27.49 56.09
CA SER L 263 33.44 -26.73 56.20
C SER L 263 33.34 -25.62 57.24
N THR L 264 32.12 -25.09 57.43
CA THR L 264 31.82 -24.02 58.37
C THR L 264 31.56 -24.51 59.79
N ALA L 265 31.16 -25.79 59.93
CA ALA L 265 30.78 -26.36 61.22
C ALA L 265 30.99 -27.88 61.21
N PRO L 266 32.26 -28.34 61.26
CA PRO L 266 32.56 -29.78 61.36
C PRO L 266 32.22 -30.41 62.72
N GLY L 267 32.39 -29.63 63.79
CA GLY L 267 32.12 -30.12 65.14
C GLY L 267 30.64 -30.14 65.48
N VAL L 268 29.90 -31.02 64.81
CA VAL L 268 28.47 -31.18 65.05
C VAL L 268 28.21 -32.68 64.91
N THR L 269 27.10 -33.16 65.47
CA THR L 269 26.87 -34.59 65.57
C THR L 269 26.81 -35.20 64.16
N SER L 270 26.18 -34.53 63.20
CA SER L 270 26.06 -35.04 61.85
C SER L 270 26.23 -33.92 60.83
N THR L 271 27.46 -33.68 60.39
CA THR L 271 27.73 -32.68 59.38
C THR L 271 27.10 -33.09 58.05
N GLU L 272 26.75 -32.10 57.23
CA GLU L 272 26.15 -32.35 55.94
C GLU L 272 26.70 -31.34 54.92
N PRO L 273 27.20 -31.80 53.75
CA PRO L 273 27.54 -30.88 52.67
C PRO L 273 26.32 -30.13 52.15
N GLY L 274 26.57 -28.96 51.56
CA GLY L 274 25.55 -28.22 50.83
C GLY L 274 24.70 -27.34 51.75
N GLY L 275 25.25 -26.86 52.86
CA GLY L 275 24.48 -26.04 53.78
C GLY L 275 24.82 -24.54 53.70
N LEU L 276 24.35 -23.78 54.69
CA LEU L 276 24.50 -22.34 54.71
C LEU L 276 25.96 -21.97 54.91
N GLU L 277 26.33 -20.82 54.37
CA GLU L 277 27.60 -20.19 54.69
C GLU L 277 27.40 -19.30 55.90
N SER L 278 28.50 -18.98 56.60
CA SER L 278 28.42 -18.18 57.82
C SER L 278 27.91 -16.77 57.52
N ARG L 279 28.27 -16.18 56.37
CA ARG L 279 27.77 -14.85 56.05
C ARG L 279 26.24 -14.85 55.85
N GLU L 280 25.72 -15.99 55.38
CA GLU L 280 24.31 -16.14 55.12
C GLU L 280 23.56 -16.22 56.44
N MET L 281 24.11 -16.99 57.37
CA MET L 281 23.48 -17.14 58.67
C MET L 281 23.50 -15.79 59.39
N MET L 282 24.55 -14.97 59.20
CA MET L 282 24.63 -13.70 59.91
C MET L 282 23.56 -12.76 59.38
N ARG L 283 23.35 -12.75 58.07
CA ARG L 283 22.28 -11.95 57.51
C ARG L 283 20.93 -12.43 58.08
N ILE L 284 20.69 -13.75 58.07
CA ILE L 284 19.46 -14.32 58.59
C ILE L 284 19.23 -13.93 60.06
N VAL L 285 20.29 -13.95 60.86
CA VAL L 285 20.25 -13.51 62.25
C VAL L 285 19.67 -12.09 62.35
N ASP L 286 20.13 -11.17 61.51
CA ASP L 286 19.64 -9.80 61.58
C ASP L 286 18.17 -9.73 61.16
N MET L 287 17.80 -10.59 60.20
CA MET L 287 16.43 -10.60 59.74
C MET L 287 15.51 -11.07 60.88
N ILE L 288 15.99 -12.01 61.71
CA ILE L 288 15.22 -12.49 62.83
C ILE L 288 15.10 -11.39 63.88
N ALA L 289 16.20 -10.65 64.08
CA ALA L 289 16.26 -9.65 65.13
C ALA L 289 15.34 -8.45 64.82
N LYS L 290 15.01 -8.24 63.55
CA LYS L 290 14.12 -7.13 63.19
C LYS L 290 12.74 -7.28 63.85
N ARG L 291 12.34 -8.50 64.23
CA ARG L 291 11.06 -8.74 64.88
C ARG L 291 11.11 -8.37 66.36
N GLY L 292 12.28 -8.07 66.91
CA GLY L 292 12.38 -7.41 68.20
C GLY L 292 12.06 -8.32 69.39
N GLY L 293 12.20 -9.65 69.25
CA GLY L 293 12.17 -10.50 70.42
C GLY L 293 12.05 -11.99 70.11
N VAL L 294 12.39 -12.77 71.15
CA VAL L 294 12.40 -14.22 71.13
C VAL L 294 12.05 -14.69 72.55
N SER L 295 11.46 -15.89 72.67
CA SER L 295 11.04 -16.39 73.96
C SER L 295 12.03 -17.42 74.50
N VAL L 296 12.53 -18.27 73.60
CA VAL L 296 13.47 -19.34 73.93
C VAL L 296 14.46 -19.48 72.76
N ILE L 297 15.75 -19.58 73.09
CA ILE L 297 16.80 -19.81 72.11
C ILE L 297 17.49 -21.12 72.49
N ASP L 298 17.53 -22.04 71.53
CA ASP L 298 18.14 -23.34 71.76
C ASP L 298 19.25 -23.54 70.73
N LEU L 299 20.32 -24.22 71.14
CA LEU L 299 21.27 -24.78 70.19
C LEU L 299 21.63 -26.17 70.68
N THR L 300 21.49 -27.16 69.80
CA THR L 300 21.82 -28.53 70.13
C THR L 300 22.79 -29.12 69.10
N GLU L 301 23.41 -30.23 69.49
CA GLU L 301 24.11 -31.14 68.58
C GLU L 301 25.49 -30.59 68.22
N LEU L 302 25.99 -29.57 68.93
CA LEU L 302 27.40 -29.26 68.90
C LEU L 302 28.15 -30.49 69.41
N CYS L 303 29.30 -30.81 68.81
CA CYS L 303 29.96 -32.06 69.08
C CYS L 303 31.48 -31.83 69.05
N PRO L 304 32.04 -31.21 70.11
CA PRO L 304 33.41 -30.66 70.07
C PRO L 304 34.57 -31.60 69.78
N ILE L 305 34.41 -32.91 70.02
CA ILE L 305 35.53 -33.81 69.78
C ILE L 305 35.71 -34.03 68.28
N PHE L 306 34.78 -33.55 67.45
CA PHE L 306 34.95 -33.62 66.01
C PHE L 306 35.33 -32.25 65.43
N ASP L 307 35.73 -31.30 66.28
CA ASP L 307 35.87 -29.91 65.87
C ASP L 307 37.36 -29.59 65.77
N ILE L 308 37.71 -28.77 64.78
CA ILE L 308 39.10 -28.47 64.52
C ILE L 308 39.28 -26.96 64.65
N SER L 309 40.04 -26.59 65.68
CA SER L 309 40.27 -25.21 66.03
C SER L 309 38.96 -24.53 66.42
N GLY L 310 38.04 -25.32 66.98
CA GLY L 310 36.81 -24.80 67.56
C GLY L 310 35.88 -24.18 66.52
N THR L 311 35.94 -24.63 65.25
CA THR L 311 35.28 -23.95 64.16
C THR L 311 33.77 -23.86 64.39
N ALA L 312 33.12 -25.00 64.64
CA ALA L 312 31.68 -25.07 64.86
C ALA L 312 31.27 -24.27 66.09
N ALA L 313 31.95 -24.52 67.21
CA ALA L 313 31.60 -23.93 68.48
C ALA L 313 31.73 -22.40 68.37
N ARG L 314 32.78 -21.97 67.65
CA ARG L 314 33.06 -20.56 67.48
C ARG L 314 31.97 -19.95 66.60
N LEU L 315 31.47 -20.71 65.64
CA LEU L 315 30.45 -20.16 64.76
C LEU L 315 29.14 -20.03 65.52
N ALA L 316 28.78 -21.06 66.29
CA ALA L 316 27.61 -21.00 67.15
C ALA L 316 27.69 -19.77 68.04
N ALA L 317 28.85 -19.56 68.67
CA ALA L 317 29.02 -18.46 69.59
C ALA L 317 28.79 -17.14 68.87
N CYS L 318 29.36 -16.97 67.67
CA CYS L 318 29.16 -15.73 66.95
C CYS L 318 27.69 -15.56 66.58
N VAL L 319 27.02 -16.66 66.22
CA VAL L 319 25.61 -16.61 65.88
C VAL L 319 24.77 -16.15 67.08
N ILE L 320 24.96 -16.79 68.25
CA ILE L 320 24.15 -16.51 69.43
C ILE L 320 24.42 -15.07 69.87
N MET L 321 25.69 -14.64 69.83
CA MET L 321 26.06 -13.34 70.39
C MET L 321 25.62 -12.23 69.45
N ARG L 322 25.64 -12.50 68.14
CA ARG L 322 25.23 -11.52 67.16
C ARG L 322 23.72 -11.32 67.20
N LEU L 323 22.98 -12.40 67.41
CA LEU L 323 21.54 -12.30 67.65
C LEU L 323 21.27 -11.42 68.87
N MET L 324 22.04 -11.60 69.95
CA MET L 324 21.84 -10.81 71.16
C MET L 324 22.12 -9.35 70.82
N ALA L 325 23.26 -9.11 70.16
CA ALA L 325 23.67 -7.75 69.86
C ALA L 325 22.70 -7.12 68.89
N SER L 326 22.12 -7.93 67.99
CA SER L 326 21.26 -7.40 66.95
C SER L 326 19.90 -7.02 67.54
N LEU L 327 19.40 -7.81 68.48
CA LEU L 327 18.15 -7.50 69.19
C LEU L 327 18.33 -6.21 69.99
N ALA L 328 19.49 -6.06 70.61
CA ALA L 328 19.78 -4.86 71.40
C ALA L 328 19.83 -3.65 70.49
N ALA L 329 20.42 -3.77 69.29
CA ALA L 329 20.51 -2.63 68.40
C ALA L 329 19.11 -2.22 67.95
N GLN L 330 18.26 -3.22 67.66
CA GLN L 330 16.90 -3.03 67.20
C GLN L 330 16.07 -2.34 68.28
N ASP L 331 16.38 -2.68 69.54
CA ASP L 331 15.65 -2.21 70.71
C ASP L 331 16.14 -0.81 71.09
N GLY L 332 17.14 -0.28 70.39
CA GLY L 332 17.69 1.02 70.70
C GLY L 332 18.68 1.01 71.86
N ASP L 333 18.88 -0.17 72.49
CA ASP L 333 19.76 -0.30 73.64
C ASP L 333 21.23 -0.30 73.21
N VAL L 334 21.71 0.87 72.76
CA VAL L 334 23.07 1.01 72.26
C VAL L 334 23.90 1.69 73.34
N ILE L 335 25.17 1.95 72.97
CA ILE L 335 26.15 2.56 73.86
C ILE L 335 26.39 4.00 73.38
N ASP L 336 26.87 4.85 74.29
CA ASP L 336 27.19 6.23 73.93
C ASP L 336 28.39 6.23 72.99
N ASP L 337 28.19 6.66 71.73
CA ASP L 337 29.27 6.70 70.75
C ASP L 337 30.42 7.60 71.21
N LYS L 338 30.09 8.62 72.02
CA LYS L 338 31.01 9.70 72.33
C LYS L 338 32.06 9.27 73.34
N LEU L 339 31.77 8.20 74.09
CA LEU L 339 32.64 7.64 75.12
C LEU L 339 34.00 7.27 74.52
N ARG L 340 35.08 7.63 75.24
CA ARG L 340 36.44 7.33 74.79
C ARG L 340 37.25 6.76 75.95
N ARG L 341 38.31 6.04 75.58
CA ARG L 341 39.18 5.34 76.50
C ARG L 341 39.88 6.33 77.44
N THR L 342 40.14 7.55 76.95
CA THR L 342 40.87 8.55 77.70
C THR L 342 40.04 9.20 78.81
N ASP L 343 38.77 8.81 78.98
CA ASP L 343 37.96 9.31 80.08
C ASP L 343 38.51 8.85 81.43
NI NI M . -0.19 16.33 -2.39
NI NI N . 1.81 18.50 -2.18
NI NI O . 43.88 -10.29 63.29
NI NI P . 45.93 -8.14 63.38
NI NI Q . 18.71 -26.34 -6.58
NI NI R . 20.55 -26.54 -8.85
NI NI S . 20.48 41.24 67.07
NI NI T . 22.28 40.96 64.80
#